data_4Z5R
#
_entry.id   4Z5R
#
_cell.length_a   90.829
_cell.length_b   331.864
_cell.length_c   98.142
_cell.angle_alpha   90.00
_cell.angle_beta   111.28
_cell.angle_gamma   90.00
#
_symmetry.space_group_name_H-M   'P 1 21 1'
#
loop_
_entity.id
_entity.type
_entity.pdbx_description
1 polymer 'Interferon alpha-2'
2 polymer 'anti-IFN-a antibody rontalizumab light chain'
3 polymer 'anti-IFN-a antibody rontalizumab heavy chain modules VH and CH1 (Fab)'
4 non-polymer 'SULFATE ION'
#
loop_
_entity_poly.entity_id
_entity_poly.type
_entity_poly.pdbx_seq_one_letter_code
_entity_poly.pdbx_strand_id
1 'polypeptide(L)'
;CDLPQTHSLGSRRTLMLLAQMRKISLFSCLKDRHDFGFPQEEFGNQFQKAETIPVLHEMIQQIFNLFSTKDSSAAWDETL
LDKFYTELYQQLNDLEACVIQGVGVTETPLMKEDSILAVRKYFQRITLYLKEKKYSPCAWEVVRAEIMRSFSLSTNLQES
LRSKE
;
D,E,F,G,H,I,X,N
2 'polypeptide(L)'
;DIQMTQSPSSLSASVGDRVTITCRASQSVSTSSYSYMHWYQQKPGKAPKVLISYASNLESGVPSRFSGSGSGTDFTLTIS
SLQPEDFATYYCQHSWGIPRTFGQGTKVEIKRTVAAPSVFIFPPSDEQLKSGTASVVCLLNNFYPREAKVQWKVDNALQS
GNSQESVTEQDSKDSTYSLSSTLTLSKADYEKHKVYACEVTHQGLSSPVTKSFNRGEC
;
J,L,V,P,R,T,Y,A
3 'polypeptide(L)'
;EVQLVESGGGLVQPGGSLRLSCATSGYTFTEYIIHWVRQAPGKGLEWVASINPDYDITNYNQRFKGRFTISLDKSKRTAY
LQMNSLRAEDTAVYYCASWISDFFDYWGQGTLVTVSSASTKGPSVFPLAPSSKSTSGGTAALGCLVKDYFPEPVTVSWNS
GALTSGVHTFPAVLQSSGLYSLSSVVTVPSSSLGTQTYICNVNHKPSNTKVDKKVEPKSCDKTHT
;
K,M,W,Q,S,U,Z,B
#
# COMPACT_ATOMS: atom_id res chain seq x y z
N LEU A 9 39.15 1.93 77.32
CA LEU A 9 38.45 1.25 76.20
C LEU A 9 37.75 -0.07 76.64
N GLY A 10 36.96 -0.03 77.73
CA GLY A 10 35.86 -0.98 77.91
C GLY A 10 34.64 -0.49 77.13
N SER A 11 34.82 0.61 76.40
CA SER A 11 33.87 1.04 75.37
C SER A 11 34.11 0.28 74.06
N ARG A 12 35.37 -0.10 73.84
CA ARG A 12 35.73 -0.98 72.72
C ARG A 12 34.96 -2.30 72.79
N ARG A 13 34.67 -2.70 74.03
CA ARG A 13 33.93 -3.90 74.31
C ARG A 13 32.47 -3.79 73.89
N THR A 14 31.91 -2.59 74.08
CA THR A 14 30.51 -2.31 73.75
C THR A 14 30.25 -2.38 72.26
N LEU A 15 31.19 -1.87 71.47
CA LEU A 15 31.13 -1.95 70.01
C LEU A 15 31.29 -3.37 69.50
N MET A 16 32.20 -4.10 70.13
CA MET A 16 32.44 -5.47 69.76
C MET A 16 31.17 -6.29 69.91
N LEU A 17 30.43 -6.05 70.99
CA LEU A 17 29.19 -6.76 71.24
C LEU A 17 28.11 -6.40 70.22
N LEU A 18 27.96 -5.10 69.98
CA LEU A 18 27.04 -4.65 68.95
C LEU A 18 27.34 -5.29 67.60
N ALA A 19 28.61 -5.49 67.29
CA ALA A 19 29.00 -6.12 66.04
C ALA A 19 28.46 -7.53 65.97
N GLN A 20 28.62 -8.25 67.07
CA GLN A 20 28.28 -9.66 67.11
C GLN A 20 26.79 -9.88 67.02
N MET A 21 26.04 -8.86 67.40
CA MET A 21 24.58 -8.92 67.34
C MET A 21 24.05 -8.89 65.91
N ARG A 22 24.86 -8.48 64.95
CA ARG A 22 24.40 -8.41 63.58
C ARG A 22 23.87 -9.75 63.13
N LYS A 23 22.72 -9.72 62.48
CA LYS A 23 22.09 -10.90 61.94
C LYS A 23 21.96 -10.82 60.43
N ILE A 24 21.60 -9.65 59.90
CA ILE A 24 21.41 -9.47 58.45
C ILE A 24 22.26 -8.33 57.89
N SER A 25 22.58 -8.42 56.59
CA SER A 25 23.38 -7.39 55.95
C SER A 25 22.54 -6.19 55.57
N LEU A 26 23.12 -5.02 55.76
CA LEU A 26 22.53 -3.76 55.38
C LEU A 26 22.35 -3.68 53.87
N PHE A 27 23.09 -4.50 53.15
CA PHE A 27 23.01 -4.48 51.71
C PHE A 27 21.72 -5.10 51.18
N SER A 28 21.08 -5.91 51.99
CA SER A 28 19.75 -6.40 51.67
C SER A 28 18.66 -5.44 52.16
N CYS A 29 19.06 -4.41 52.90
CA CYS A 29 18.13 -3.42 53.44
C CYS A 29 18.30 -2.03 52.85
N LEU A 30 18.77 -1.94 51.63
CA LEU A 30 19.09 -0.62 51.10
C LEU A 30 17.85 0.24 50.93
N LYS A 31 16.73 -0.38 50.61
CA LYS A 31 15.44 0.31 50.60
C LYS A 31 15.18 1.12 51.86
N ASP A 32 15.64 0.61 53.01
CA ASP A 32 15.31 1.18 54.33
C ASP A 32 16.34 2.12 54.98
N ARG A 33 17.41 2.46 54.28
CA ARG A 33 18.43 3.35 54.87
C ARG A 33 17.82 4.70 55.18
N HIS A 34 18.42 5.40 56.15
CA HIS A 34 17.80 6.56 56.72
C HIS A 34 18.83 7.47 57.34
N ASP A 35 18.69 8.77 57.13
CA ASP A 35 19.55 9.74 57.81
C ASP A 35 18.85 10.24 59.07
N PHE A 36 19.47 9.95 60.23
CA PHE A 36 18.89 10.29 61.53
C PHE A 36 19.38 11.62 62.08
N GLY A 37 20.33 12.24 61.42
CA GLY A 37 20.86 13.54 61.86
C GLY A 37 21.45 13.51 63.25
N PHE A 38 22.47 12.68 63.45
CA PHE A 38 23.16 12.59 64.72
C PHE A 38 23.81 13.94 65.09
N PRO A 39 23.47 14.51 66.26
CA PRO A 39 23.97 15.83 66.65
C PRO A 39 25.41 15.78 67.13
N GLN A 40 26.32 15.59 66.19
CA GLN A 40 27.72 15.33 66.49
C GLN A 40 28.43 16.55 67.03
N GLU A 41 28.03 17.72 66.56
CA GLU A 41 28.58 19.00 67.01
C GLU A 41 28.66 19.06 68.54
N GLU A 42 27.73 18.38 69.19
CA GLU A 42 27.60 18.41 70.64
C GLU A 42 28.67 17.66 71.45
N PHE A 43 29.60 16.98 70.77
CA PHE A 43 30.63 16.17 71.45
C PHE A 43 32.07 16.69 71.24
N GLY A 44 32.85 15.98 70.42
CA GLY A 44 34.32 15.98 70.46
C GLY A 44 35.05 17.31 70.54
N ASN A 45 34.59 18.25 69.72
CA ASN A 45 35.35 19.48 69.44
C ASN A 45 35.16 20.58 70.49
N GLN A 46 36.08 21.55 70.45
CA GLN A 46 35.97 22.86 71.13
C GLN A 46 35.94 22.69 72.65
N PHE A 47 34.74 22.41 73.16
CA PHE A 47 34.56 21.99 74.53
C PHE A 47 35.01 20.51 74.56
N GLN A 48 36.33 20.31 74.56
CA GLN A 48 36.97 19.00 74.32
C GLN A 48 36.74 18.01 75.47
N LYS A 49 37.51 16.92 75.48
CA LYS A 49 37.43 15.89 76.54
C LYS A 49 37.01 16.47 77.89
N ALA A 50 35.88 16.00 78.43
CA ALA A 50 35.51 16.20 79.84
C ALA A 50 34.35 17.16 80.08
N GLU A 51 34.22 18.18 79.24
CA GLU A 51 33.03 19.04 79.28
C GLU A 51 31.84 18.37 78.57
N THR A 52 32.07 17.20 77.96
CA THR A 52 31.05 16.48 77.19
C THR A 52 30.61 15.19 77.85
N ILE A 53 30.89 15.08 79.14
CA ILE A 53 30.47 13.94 79.94
C ILE A 53 28.93 13.83 79.99
N PRO A 54 28.24 14.90 80.42
CA PRO A 54 26.78 14.81 80.57
C PRO A 54 26.04 14.40 79.29
N VAL A 55 26.61 14.76 78.15
CA VAL A 55 26.02 14.43 76.86
C VAL A 55 26.24 12.97 76.58
N LEU A 56 27.46 12.53 76.86
CA LEU A 56 27.82 11.16 76.68
C LEU A 56 27.03 10.29 77.64
N HIS A 57 26.83 10.78 78.86
CA HIS A 57 25.99 10.12 79.85
C HIS A 57 24.57 9.90 79.34
N GLU A 58 24.01 10.92 78.71
CA GLU A 58 22.67 10.80 78.19
C GLU A 58 22.61 9.80 77.03
N MET A 59 23.66 9.77 76.23
CA MET A 59 23.73 8.84 75.13
C MET A 59 23.58 7.41 75.60
N ILE A 60 24.45 7.03 76.53
CA ILE A 60 24.50 5.67 77.04
C ILE A 60 23.12 5.34 77.58
N GLN A 61 22.62 6.21 78.44
CA GLN A 61 21.25 6.15 78.93
C GLN A 61 20.25 5.77 77.87
N GLN A 62 20.25 6.53 76.79
CA GLN A 62 19.28 6.33 75.73
C GLN A 62 19.44 4.99 75.05
N ILE A 63 20.69 4.59 74.82
CA ILE A 63 21.00 3.32 74.20
C ILE A 63 20.47 2.20 75.07
N PHE A 64 20.78 2.30 76.36
CA PHE A 64 20.36 1.31 77.32
C PHE A 64 18.84 1.17 77.31
N ASN A 65 18.16 2.31 77.27
CA ASN A 65 16.70 2.35 77.19
C ASN A 65 16.22 1.64 75.93
N LEU A 66 16.85 1.99 74.82
CA LEU A 66 16.49 1.46 73.49
C LEU A 66 16.54 -0.06 73.41
N PHE A 67 17.65 -0.62 73.85
CA PHE A 67 17.90 -2.05 73.69
C PHE A 67 17.34 -2.88 74.82
N SER A 68 16.62 -2.26 75.74
CA SER A 68 16.00 -2.98 76.84
C SER A 68 14.53 -3.31 76.58
N THR A 69 13.96 -2.75 75.51
CA THR A 69 12.54 -2.96 75.21
C THR A 69 12.27 -4.41 74.84
N LYS A 70 11.04 -4.86 75.03
CA LYS A 70 10.67 -6.22 74.65
C LYS A 70 10.76 -6.41 73.13
N ASP A 71 10.67 -5.31 72.40
CA ASP A 71 10.90 -5.31 70.95
C ASP A 71 12.35 -5.60 70.57
N SER A 72 13.27 -5.06 71.37
CA SER A 72 14.68 -5.29 71.21
C SER A 72 15.04 -6.73 71.53
N SER A 73 14.45 -7.27 72.59
CA SER A 73 14.66 -8.69 72.94
C SER A 73 14.26 -9.60 71.79
N ALA A 74 13.14 -9.27 71.17
CA ALA A 74 12.63 -10.02 70.02
C ALA A 74 13.57 -9.94 68.83
N ALA A 75 14.30 -8.84 68.73
CA ALA A 75 15.17 -8.59 67.58
C ALA A 75 16.54 -9.23 67.72
N TRP A 76 17.08 -9.26 68.94
CA TRP A 76 18.49 -9.65 69.15
C TRP A 76 18.69 -10.81 70.10
N ASP A 77 19.87 -11.42 70.00
CA ASP A 77 20.22 -12.58 70.79
C ASP A 77 20.19 -12.28 72.28
N GLU A 78 19.40 -13.04 73.03
CA GLU A 78 19.24 -12.83 74.47
C GLU A 78 20.58 -12.86 75.23
N THR A 79 21.47 -13.76 74.87
CA THR A 79 22.78 -13.89 75.54
C THR A 79 23.65 -12.65 75.34
N LEU A 80 23.66 -12.13 74.12
CA LEU A 80 24.50 -10.99 73.78
C LEU A 80 23.96 -9.72 74.41
N LEU A 81 22.63 -9.57 74.39
CA LEU A 81 21.97 -8.43 75.05
C LEU A 81 22.35 -8.33 76.51
N ASP A 82 22.51 -9.47 77.17
CA ASP A 82 22.92 -9.48 78.57
C ASP A 82 24.33 -8.92 78.76
N LYS A 83 25.29 -9.49 78.05
CA LYS A 83 26.68 -9.02 78.10
C LYS A 83 26.73 -7.54 77.77
N PHE A 84 25.86 -7.14 76.84
CA PHE A 84 25.72 -5.75 76.41
C PHE A 84 25.24 -4.84 77.54
N TYR A 85 24.19 -5.24 78.26
CA TYR A 85 23.67 -4.43 79.37
C TYR A 85 24.70 -4.26 80.47
N THR A 86 25.34 -5.37 80.85
CA THR A 86 26.46 -5.35 81.79
C THR A 86 27.42 -4.23 81.41
N GLU A 87 27.75 -4.15 80.13
CA GLU A 87 28.75 -3.21 79.66
C GLU A 87 28.26 -1.78 79.72
N LEU A 88 27.01 -1.57 79.32
CA LEU A 88 26.38 -0.25 79.40
C LEU A 88 26.29 0.24 80.83
N TYR A 89 25.78 -0.62 81.72
CA TYR A 89 25.71 -0.28 83.15
C TYR A 89 27.02 0.26 83.66
N GLN A 90 28.08 -0.50 83.41
CA GLN A 90 29.42 -0.14 83.85
C GLN A 90 29.70 1.31 83.53
N GLN A 91 29.46 1.67 82.27
CA GLN A 91 29.75 3.02 81.79
C GLN A 91 28.75 4.01 82.34
N LEU A 92 27.47 3.67 82.17
CA LEU A 92 26.37 4.46 82.70
C LEU A 92 26.61 4.90 84.15
N ASN A 93 27.06 3.96 84.97
CA ASN A 93 27.31 4.25 86.38
C ASN A 93 28.50 5.16 86.60
N ASP A 94 29.56 4.92 85.84
CA ASP A 94 30.78 5.71 85.99
C ASP A 94 30.55 7.15 85.58
N LEU A 95 29.86 7.31 84.45
CA LEU A 95 29.54 8.64 83.95
C LEU A 95 28.61 9.38 84.89
N GLU A 96 27.62 8.67 85.43
CA GLU A 96 26.71 9.30 86.34
C GLU A 96 27.45 9.83 87.55
N ALA A 97 28.35 9.03 88.11
CA ALA A 97 29.17 9.47 89.25
C ALA A 97 29.90 10.77 89.01
N CYS A 98 30.35 10.97 87.77
CA CYS A 98 31.03 12.20 87.41
C CYS A 98 30.09 13.38 87.29
N VAL A 99 28.98 13.17 86.60
CA VAL A 99 27.90 14.16 86.52
C VAL A 99 27.46 14.60 87.91
N ILE A 100 27.28 13.62 88.81
CA ILE A 100 26.94 13.88 90.20
C ILE A 100 27.95 14.82 90.80
N GLN A 101 29.22 14.48 90.64
CA GLN A 101 30.31 15.29 91.16
C GLN A 101 30.43 16.58 90.37
N GLY A 102 31.38 17.42 90.75
CA GLY A 102 31.61 18.71 90.10
C GLY A 102 31.47 18.67 88.58
N VAL A 103 32.48 18.11 87.90
CA VAL A 103 32.58 18.25 86.44
C VAL A 103 31.84 17.09 85.73
N MET A 111 24.79 25.97 77.77
CA MET A 111 23.70 25.22 77.13
C MET A 111 24.01 23.71 77.09
N LYS A 112 24.31 23.14 78.25
CA LYS A 112 24.43 21.67 78.42
C LYS A 112 23.06 20.99 78.28
N GLU A 113 22.01 21.72 78.63
CA GLU A 113 20.63 21.27 78.47
C GLU A 113 20.26 21.11 77.00
N ASP A 114 20.60 22.11 76.19
CA ASP A 114 20.45 22.03 74.72
C ASP A 114 21.14 20.80 74.12
N SER A 115 22.34 20.48 74.62
CA SER A 115 23.08 19.32 74.17
C SER A 115 22.36 18.03 74.48
N ILE A 116 21.90 17.91 75.71
CA ILE A 116 21.13 16.74 76.15
C ILE A 116 19.82 16.62 75.37
N LEU A 117 19.13 17.74 75.20
CA LEU A 117 17.90 17.79 74.41
C LEU A 117 18.14 17.27 72.99
N ALA A 118 19.25 17.68 72.39
CA ALA A 118 19.62 17.24 71.05
C ALA A 118 19.76 15.73 70.98
N VAL A 119 20.41 15.14 71.97
CA VAL A 119 20.61 13.70 71.99
C VAL A 119 19.28 12.99 72.09
N ARG A 120 18.43 13.48 72.97
CA ARG A 120 17.14 12.86 73.20
C ARG A 120 16.25 12.92 71.97
N LYS A 121 16.24 14.05 71.30
CA LYS A 121 15.53 14.18 70.03
C LYS A 121 16.02 13.20 68.97
N TYR A 122 17.33 12.98 68.95
CA TYR A 122 17.96 12.00 68.07
C TYR A 122 17.36 10.62 68.32
N PHE A 123 17.33 10.19 69.57
CA PHE A 123 16.79 8.86 69.87
C PHE A 123 15.30 8.76 69.68
N GLN A 124 14.61 9.89 69.82
CA GLN A 124 13.20 9.94 69.53
C GLN A 124 13.00 9.61 68.05
N ARG A 125 13.79 10.24 67.19
CA ARG A 125 13.75 9.98 65.76
C ARG A 125 14.00 8.52 65.45
N ILE A 126 14.94 7.92 66.16
CA ILE A 126 15.27 6.51 65.97
C ILE A 126 14.09 5.63 66.32
N THR A 127 13.48 5.91 67.46
CA THR A 127 12.32 5.17 67.92
C THR A 127 11.12 5.27 66.97
N LEU A 128 10.84 6.48 66.52
CA LEU A 128 9.71 6.68 65.62
C LEU A 128 9.96 5.94 64.32
N TYR A 129 11.21 5.93 63.88
CA TYR A 129 11.63 5.18 62.68
C TYR A 129 11.28 3.69 62.80
N LEU A 130 11.46 3.12 63.98
CA LEU A 130 11.18 1.71 64.18
C LEU A 130 9.68 1.44 64.25
N LYS A 131 8.96 2.26 64.98
CA LYS A 131 7.50 2.17 65.02
C LYS A 131 6.95 2.21 63.60
N GLU A 132 7.45 3.15 62.80
CA GLU A 132 7.01 3.33 61.41
C GLU A 132 7.25 2.12 60.56
N LYS A 133 8.42 1.51 60.73
CA LYS A 133 8.83 0.33 59.98
C LYS A 133 8.29 -0.96 60.58
N LYS A 134 7.55 -0.85 61.67
CA LYS A 134 6.98 -1.99 62.39
C LYS A 134 8.06 -2.97 62.82
N TYR A 135 9.15 -2.40 63.32
CA TYR A 135 10.26 -3.16 63.91
C TYR A 135 10.75 -4.30 63.03
N SER A 136 10.80 -4.07 61.73
CA SER A 136 11.28 -5.10 60.81
C SER A 136 12.76 -5.36 61.10
N PRO A 137 13.25 -6.57 60.77
CA PRO A 137 14.67 -6.92 60.89
C PRO A 137 15.61 -5.91 60.22
N CYS A 138 15.18 -5.42 59.06
CA CYS A 138 15.92 -4.43 58.32
C CYS A 138 16.02 -3.11 59.06
N ALA A 139 14.88 -2.64 59.56
CA ALA A 139 14.83 -1.42 60.34
C ALA A 139 15.81 -1.56 61.50
N TRP A 140 15.73 -2.70 62.17
CA TRP A 140 16.62 -2.98 63.27
C TRP A 140 18.07 -2.96 62.87
N GLU A 141 18.37 -3.47 61.68
CA GLU A 141 19.74 -3.50 61.20
C GLU A 141 20.26 -2.11 60.91
N VAL A 142 19.44 -1.30 60.24
CA VAL A 142 19.74 0.13 60.03
C VAL A 142 20.06 0.82 61.34
N VAL A 143 19.21 0.60 62.33
CA VAL A 143 19.39 1.26 63.61
C VAL A 143 20.66 0.80 64.29
N ARG A 144 20.87 -0.52 64.33
CA ARG A 144 22.09 -1.11 64.90
C ARG A 144 23.32 -0.46 64.28
N ALA A 145 23.34 -0.38 62.95
CA ALA A 145 24.46 0.19 62.24
C ALA A 145 24.70 1.64 62.58
N GLU A 146 23.61 2.38 62.87
CA GLU A 146 23.70 3.81 63.17
C GLU A 146 24.34 4.00 64.53
N ILE A 147 23.75 3.32 65.49
CA ILE A 147 24.20 3.46 66.86
C ILE A 147 25.65 3.12 66.91
N MET A 148 25.97 2.03 66.24
CA MET A 148 27.33 1.57 66.07
C MET A 148 28.22 2.72 65.61
N ARG A 149 27.82 3.40 64.55
CA ARG A 149 28.59 4.50 64.04
C ARG A 149 28.62 5.68 64.97
N SER A 150 27.44 6.13 65.36
CA SER A 150 27.33 7.35 66.16
C SER A 150 27.94 7.17 67.55
N PHE A 151 27.99 5.95 68.04
CA PHE A 151 28.72 5.67 69.28
C PHE A 151 30.22 5.88 69.11
N SER A 152 30.79 5.38 68.01
CA SER A 152 32.21 5.55 67.76
C SER A 152 32.56 7.02 67.69
N LEU A 153 31.68 7.78 67.06
CA LEU A 153 31.89 9.22 66.92
C LEU A 153 31.90 9.88 68.26
N SER A 154 30.90 9.56 69.09
CA SER A 154 30.84 10.00 70.49
C SER A 154 32.15 9.81 71.25
N THR A 155 32.83 8.69 71.02
CA THR A 155 33.92 8.28 71.90
C THR A 155 35.33 8.38 71.31
N ASN A 156 35.46 8.37 69.99
CA ASN A 156 36.76 8.34 69.34
C ASN A 156 37.00 9.60 68.54
N ASP B 1 38.96 17.44 61.22
CA ASP B 1 37.95 16.54 60.57
C ASP B 1 38.59 15.73 59.46
N ILE B 2 37.85 14.77 58.93
CA ILE B 2 38.45 13.69 58.14
C ILE B 2 38.77 14.14 56.73
N GLN B 3 40.05 14.04 56.40
CA GLN B 3 40.55 14.42 55.09
C GLN B 3 40.94 13.15 54.37
N MET B 4 40.89 13.17 53.04
CA MET B 4 41.31 12.00 52.25
C MET B 4 42.19 12.34 51.06
N THR B 5 43.14 11.45 50.83
CA THR B 5 44.16 11.63 49.81
C THR B 5 44.09 10.51 48.81
N GLN B 6 43.74 10.81 47.56
CA GLN B 6 43.74 9.82 46.50
C GLN B 6 45.09 9.76 45.83
N SER B 7 45.36 8.62 45.22
CA SER B 7 46.58 8.42 44.47
C SER B 7 46.36 7.33 43.43
N PRO B 8 46.84 7.56 42.20
CA PRO B 8 47.58 8.75 41.78
C PRO B 8 46.63 9.92 41.59
N SER B 9 47.18 11.12 41.42
CA SER B 9 46.37 12.30 41.10
C SER B 9 45.86 12.20 39.67
N SER B 10 46.66 11.55 38.83
CA SER B 10 46.48 11.54 37.40
C SER B 10 47.10 10.27 36.82
N LEU B 11 46.53 9.78 35.74
CA LEU B 11 46.74 8.40 35.33
C LEU B 11 46.32 8.13 33.90
N SER B 12 47.11 7.31 33.23
CA SER B 12 46.90 7.00 31.84
C SER B 12 46.99 5.51 31.60
N ALA B 13 46.07 4.96 30.80
CA ALA B 13 45.99 3.52 30.57
C ALA B 13 45.24 3.18 29.28
N SER B 14 45.60 2.06 28.66
CA SER B 14 45.01 1.67 27.39
C SER B 14 43.69 0.98 27.65
N VAL B 15 42.83 0.95 26.63
CA VAL B 15 41.53 0.26 26.75
C VAL B 15 41.80 -1.21 27.03
N GLY B 16 41.05 -1.76 27.98
CA GLY B 16 41.20 -3.14 28.38
C GLY B 16 42.01 -3.26 29.65
N ASP B 17 42.84 -2.27 29.92
CA ASP B 17 43.72 -2.32 31.07
C ASP B 17 42.98 -2.33 32.38
N ARG B 18 43.65 -2.89 33.38
CA ARG B 18 43.18 -2.88 34.75
C ARG B 18 43.67 -1.61 35.41
N VAL B 19 42.79 -0.93 36.11
CA VAL B 19 43.17 0.34 36.70
C VAL B 19 42.82 0.34 38.17
N THR B 20 43.69 0.95 38.96
CA THR B 20 43.53 0.97 40.40
C THR B 20 43.78 2.35 40.97
N ILE B 21 42.78 2.86 41.68
CA ILE B 21 42.86 4.15 42.35
C ILE B 21 42.68 3.89 43.81
N THR B 22 43.47 4.53 44.66
CA THR B 22 43.34 4.31 46.10
C THR B 22 42.97 5.61 46.76
N CYS B 23 42.41 5.50 47.96
CA CYS B 23 41.95 6.65 48.73
C CYS B 23 42.32 6.41 50.18
N ARG B 24 42.92 7.38 50.84
CA ARG B 24 43.47 7.20 52.18
C ARG B 24 42.89 8.20 53.17
N ALA B 25 42.11 7.71 54.11
CA ALA B 25 41.45 8.59 55.05
C ALA B 25 42.39 8.90 56.21
N SER B 26 42.34 10.14 56.67
CA SER B 26 43.17 10.58 57.78
C SER B 26 42.87 9.84 59.09
N GLN B 27 41.74 9.13 59.16
CA GLN B 27 41.42 8.24 60.32
C GLN B 27 40.32 7.20 59.99
N SER B 28 40.11 6.13 60.81
CA SER B 28 39.11 5.11 60.41
C SER B 28 37.73 5.71 60.14
N VAL B 29 37.18 5.22 59.02
CA VAL B 29 35.90 5.60 58.43
C VAL B 29 35.11 4.28 58.44
N SER B 30 35.59 3.32 59.26
CA SER B 30 34.92 2.05 59.44
C SER B 30 34.49 1.68 60.88
N THR B 31 33.36 0.98 60.86
CA THR B 31 32.83 0.08 61.86
C THR B 31 33.39 -1.31 61.51
N SER B 32 33.39 -2.24 62.47
CA SER B 32 33.87 -3.61 62.19
C SER B 32 33.03 -4.31 61.10
N SER B 33 31.81 -3.82 60.88
CA SER B 33 30.86 -4.40 59.93
C SER B 33 30.70 -3.59 58.62
N TYR B 34 30.81 -2.26 58.67
CA TYR B 34 30.63 -1.43 57.45
C TYR B 34 31.63 -0.28 57.32
N SER B 35 32.00 0.01 56.09
CA SER B 35 32.85 1.14 55.75
C SER B 35 32.01 2.20 55.07
N TYR B 36 32.12 3.44 55.57
CA TYR B 36 31.33 4.56 55.09
C TYR B 36 32.15 5.46 54.16
N MET B 37 32.58 4.85 53.06
CA MET B 37 33.34 5.51 52.01
C MET B 37 32.71 5.17 50.67
N HIS B 38 32.51 6.17 49.84
CA HIS B 38 31.84 5.98 48.55
C HIS B 38 32.68 6.55 47.42
N TRP B 39 32.50 6.02 46.21
CA TRP B 39 33.20 6.49 45.03
C TRP B 39 32.27 7.10 43.98
N TYR B 40 32.64 8.25 43.44
CA TYR B 40 31.92 8.88 42.34
C TYR B 40 32.76 9.01 41.07
N GLN B 41 32.07 9.25 39.97
CA GLN B 41 32.69 9.49 38.68
C GLN B 41 32.15 10.78 38.15
N GLN B 42 33.04 11.70 37.79
CA GLN B 42 32.61 12.96 37.17
C GLN B 42 33.23 13.12 35.78
N LYS B 43 32.37 13.11 34.78
CA LYS B 43 32.78 13.37 33.43
C LYS B 43 32.78 14.87 33.25
N PRO B 44 33.61 15.37 32.34
CA PRO B 44 33.77 16.82 32.26
C PRO B 44 32.47 17.54 31.97
N GLY B 45 32.25 18.65 32.68
CA GLY B 45 31.11 19.50 32.50
C GLY B 45 29.81 18.83 32.98
N LYS B 46 29.94 17.88 33.89
CA LYS B 46 28.79 17.14 34.35
C LYS B 46 28.86 16.91 35.85
N ALA B 47 27.71 16.70 36.47
CA ALA B 47 27.63 16.44 37.88
C ALA B 47 28.18 15.07 38.11
N PRO B 48 28.75 14.81 39.30
CA PRO B 48 29.20 13.49 39.67
C PRO B 48 28.10 12.44 39.63
N LYS B 49 28.54 11.19 39.64
CA LYS B 49 27.64 10.05 39.57
C LYS B 49 28.21 8.97 40.45
N VAL B 50 27.43 8.54 41.44
CA VAL B 50 27.88 7.52 42.36
C VAL B 50 28.09 6.20 41.61
N LEU B 51 29.14 5.49 41.99
CA LEU B 51 29.47 4.20 41.39
C LEU B 51 29.41 3.07 42.41
N ILE B 52 30.14 3.26 43.50
CA ILE B 52 30.27 2.28 44.57
C ILE B 52 29.76 2.98 45.81
N SER B 53 28.90 2.31 46.54
CA SER B 53 28.51 2.79 47.85
C SER B 53 29.05 1.83 48.93
N TYR B 54 29.28 2.39 50.12
CA TYR B 54 29.86 1.70 51.25
C TYR B 54 31.06 0.81 50.88
N ALA B 55 32.02 1.43 50.23
CA ALA B 55 33.32 0.79 49.91
C ALA B 55 33.34 -0.27 48.82
N SER B 56 32.28 -1.09 48.75
CA SER B 56 32.24 -2.23 47.83
C SER B 56 30.89 -2.57 47.20
N ASN B 57 29.83 -1.85 47.56
CA ASN B 57 28.50 -2.15 47.03
C ASN B 57 28.31 -1.44 45.71
N LEU B 58 28.25 -2.22 44.64
CA LEU B 58 28.17 -1.65 43.31
C LEU B 58 26.78 -1.11 43.09
N GLU B 59 26.70 0.16 42.73
CA GLU B 59 25.39 0.78 42.58
C GLU B 59 24.67 0.28 41.36
N SER B 60 23.34 0.39 41.44
CA SER B 60 22.46 -0.11 40.39
C SER B 60 22.73 0.57 39.07
N GLY B 61 22.93 -0.23 38.03
CA GLY B 61 23.14 0.30 36.67
C GLY B 61 24.59 0.56 36.31
N VAL B 62 25.49 0.50 37.28
CA VAL B 62 26.91 0.68 37.02
C VAL B 62 27.46 -0.61 36.42
N PRO B 63 28.31 -0.50 35.36
CA PRO B 63 28.98 -1.64 34.74
C PRO B 63 29.85 -2.43 35.69
N SER B 64 29.91 -3.72 35.44
CA SER B 64 30.56 -4.65 36.36
C SER B 64 32.09 -4.53 36.45
N ARG B 65 32.73 -3.92 35.46
CA ARG B 65 34.17 -3.68 35.55
C ARG B 65 34.53 -2.84 36.76
N PHE B 66 33.59 -2.09 37.29
CA PHE B 66 33.81 -1.30 38.49
C PHE B 66 33.66 -2.14 39.76
N SER B 67 34.57 -1.93 40.69
CA SER B 67 34.49 -2.58 41.99
C SER B 67 35.30 -1.78 43.00
N GLY B 68 34.93 -1.94 44.26
CA GLY B 68 35.62 -1.27 45.36
C GLY B 68 35.93 -2.25 46.47
N SER B 69 37.14 -2.16 47.01
CA SER B 69 37.51 -2.91 48.21
C SER B 69 38.07 -1.96 49.22
N GLY B 70 38.33 -2.47 50.42
CA GLY B 70 39.00 -1.71 51.46
C GLY B 70 38.20 -1.60 52.74
N SER B 71 38.88 -1.25 53.81
CA SER B 71 38.24 -0.91 55.07
C SER B 71 39.20 -0.13 55.96
N GLY B 72 38.63 0.52 56.97
CA GLY B 72 39.39 1.34 57.90
C GLY B 72 39.72 2.66 57.25
N THR B 73 40.98 2.83 56.87
CA THR B 73 41.45 4.06 56.28
C THR B 73 41.86 3.92 54.82
N ASP B 74 42.04 2.69 54.32
CA ASP B 74 42.62 2.47 52.97
C ASP B 74 41.63 1.78 52.04
N PHE B 75 41.29 2.47 50.95
CA PHE B 75 40.23 2.04 50.03
C PHE B 75 40.71 2.12 48.59
N THR B 76 40.07 1.31 47.75
CA THR B 76 40.53 1.07 46.39
C THR B 76 39.36 0.96 45.42
N LEU B 77 39.34 1.84 44.44
CA LEU B 77 38.50 1.64 43.29
C LEU B 77 39.27 0.93 42.18
N THR B 78 38.65 -0.09 41.61
CA THR B 78 39.26 -0.84 40.53
C THR B 78 38.37 -0.91 39.30
N ILE B 79 38.89 -0.46 38.17
CA ILE B 79 38.26 -0.70 36.88
C ILE B 79 39.01 -1.83 36.18
N SER B 80 38.36 -2.97 36.01
CA SER B 80 39.06 -4.16 35.55
C SER B 80 39.35 -4.17 34.05
N SER B 81 38.53 -3.50 33.25
CA SER B 81 38.69 -3.47 31.80
C SER B 81 38.36 -2.08 31.30
N LEU B 82 39.34 -1.19 31.33
CA LEU B 82 39.13 0.20 31.05
C LEU B 82 38.56 0.43 29.65
N GLN B 83 37.58 1.35 29.56
CA GLN B 83 36.87 1.67 28.31
C GLN B 83 36.96 3.15 28.00
N PRO B 84 36.81 3.54 26.73
CA PRO B 84 36.93 4.94 26.34
C PRO B 84 35.97 5.86 27.06
N GLU B 85 34.74 5.39 27.28
CA GLU B 85 33.70 6.14 28.00
C GLU B 85 33.97 6.32 29.50
N ASP B 86 34.98 5.62 30.00
CA ASP B 86 35.39 5.71 31.41
C ASP B 86 36.35 6.87 31.69
N PHE B 87 36.70 7.63 30.65
CA PHE B 87 37.43 8.89 30.86
C PHE B 87 36.59 9.85 31.74
N ALA B 88 37.17 10.15 32.90
CA ALA B 88 36.57 11.04 33.88
C ALA B 88 37.54 11.21 35.06
N THR B 89 37.14 12.09 35.99
CA THR B 89 37.81 12.22 37.27
C THR B 89 37.00 11.48 38.31
N TYR B 90 37.70 10.79 39.21
CA TYR B 90 37.08 9.92 40.20
C TYR B 90 37.40 10.44 41.58
N TYR B 91 36.35 10.51 42.40
CA TYR B 91 36.43 11.04 43.76
C TYR B 91 35.95 10.01 44.77
N CYS B 92 36.54 10.04 45.95
CA CYS B 92 36.02 9.30 47.08
C CYS B 92 35.41 10.31 48.03
N GLN B 93 34.34 9.92 48.73
CA GLN B 93 33.88 10.68 49.90
C GLN B 93 33.46 9.77 51.02
N HIS B 94 33.47 10.32 52.23
CA HIS B 94 33.04 9.62 53.43
C HIS B 94 31.77 10.21 54.02
N SER B 95 31.03 9.37 54.73
CA SER B 95 29.84 9.74 55.47
C SER B 95 29.98 9.28 56.91
N TRP B 96 31.23 9.34 57.39
CA TRP B 96 31.55 9.12 58.79
C TRP B 96 31.43 10.44 59.52
N GLY B 97 30.19 10.86 59.70
CA GLY B 97 29.91 12.09 60.40
C GLY B 97 30.13 13.30 59.55
N ILE B 98 30.46 14.41 60.20
CA ILE B 98 30.44 15.74 59.62
C ILE B 98 31.76 16.46 59.94
N PRO B 99 32.28 17.21 58.98
CA PRO B 99 31.78 17.43 57.65
C PRO B 99 32.09 16.31 56.67
N ARG B 100 31.27 16.26 55.62
CA ARG B 100 31.46 15.34 54.53
C ARG B 100 32.55 15.93 53.69
N THR B 101 33.53 15.12 53.33
CA THR B 101 34.65 15.61 52.53
C THR B 101 34.95 14.64 51.41
N PHE B 102 35.42 15.20 50.31
CA PHE B 102 35.84 14.40 49.18
C PHE B 102 37.36 14.33 49.13
N GLY B 103 37.87 13.41 48.32
CA GLY B 103 39.28 13.42 47.97
C GLY B 103 39.53 14.43 46.88
N GLN B 104 40.80 14.67 46.56
CA GLN B 104 41.15 15.69 45.54
C GLN B 104 40.83 15.24 44.13
N GLY B 105 40.64 13.95 43.94
CA GLY B 105 40.20 13.41 42.67
C GLY B 105 41.33 12.81 41.92
N THR B 106 41.01 11.87 41.03
CA THR B 106 42.00 11.21 40.20
C THR B 106 41.58 11.23 38.73
N LYS B 107 42.29 12.01 37.92
CA LYS B 107 42.06 12.08 36.49
C LYS B 107 42.51 10.80 35.79
N VAL B 108 41.59 10.19 35.06
CA VAL B 108 41.90 8.98 34.29
C VAL B 108 41.76 9.29 32.82
N GLU B 109 42.87 9.17 32.10
CA GLU B 109 42.87 9.40 30.66
C GLU B 109 43.24 8.14 29.91
N ILE B 110 42.64 8.03 28.72
CA ILE B 110 42.75 6.81 27.90
C ILE B 110 43.93 6.94 26.97
N LYS B 111 44.71 5.87 26.89
CA LYS B 111 45.82 5.78 25.98
C LYS B 111 45.26 5.11 24.73
N ARG B 112 45.50 5.69 23.56
CA ARG B 112 45.04 5.07 22.30
C ARG B 112 46.09 5.19 21.17
N THR B 113 45.83 4.60 20.01
CA THR B 113 46.78 4.77 18.94
C THR B 113 46.94 6.24 18.61
N VAL B 114 48.10 6.53 18.02
CA VAL B 114 48.45 7.86 17.56
C VAL B 114 47.43 8.23 16.51
N ALA B 115 47.01 9.48 16.50
CA ALA B 115 46.24 9.99 15.36
C ALA B 115 46.73 11.38 15.04
N ALA B 116 47.03 11.62 13.78
CA ALA B 116 47.56 12.92 13.39
C ALA B 116 46.35 13.85 13.30
N PRO B 117 46.53 15.13 13.64
CA PRO B 117 45.45 16.08 13.54
C PRO B 117 45.16 16.44 12.09
N SER B 118 43.98 17.03 11.89
CA SER B 118 43.65 17.71 10.63
C SER B 118 43.57 19.21 10.88
N VAL B 119 44.43 19.94 10.16
CA VAL B 119 44.62 21.36 10.38
C VAL B 119 43.79 22.17 9.41
N PHE B 120 43.07 23.15 9.96
CA PHE B 120 42.34 24.13 9.17
C PHE B 120 42.83 25.49 9.63
N ILE B 121 42.83 26.48 8.74
CA ILE B 121 43.13 27.84 9.16
C ILE B 121 42.05 28.80 8.67
N PHE B 122 41.74 29.76 9.54
CA PHE B 122 40.69 30.72 9.30
C PHE B 122 41.20 32.13 9.36
N PRO B 123 40.96 32.90 8.28
CA PRO B 123 41.27 34.32 8.37
C PRO B 123 40.15 35.03 9.14
N PRO B 124 40.45 36.22 9.65
CA PRO B 124 39.44 36.97 10.36
C PRO B 124 38.33 37.33 9.41
N SER B 125 37.13 37.40 9.95
CA SER B 125 35.99 37.82 9.18
C SER B 125 36.15 39.28 8.80
N ASP B 126 35.33 39.70 7.85
CA ASP B 126 35.29 41.09 7.46
C ASP B 126 34.55 41.92 8.48
N GLU B 127 33.57 41.34 9.15
CA GLU B 127 32.85 42.16 10.11
C GLU B 127 33.68 42.43 11.37
N GLN B 128 34.61 41.55 11.69
CA GLN B 128 35.55 41.79 12.79
C GLN B 128 36.56 42.86 12.45
N LEU B 129 37.24 42.67 11.33
CA LEU B 129 38.18 43.66 10.84
C LEU B 129 37.58 45.05 10.76
N LYS B 130 36.27 45.16 10.60
CA LYS B 130 35.60 46.47 10.56
C LYS B 130 35.80 47.15 11.90
N SER B 131 35.59 46.42 12.98
CA SER B 131 36.06 46.85 14.30
C SER B 131 37.58 46.71 14.30
N GLY B 132 38.26 47.33 15.25
CA GLY B 132 39.73 47.44 15.16
C GLY B 132 40.62 46.19 15.01
N THR B 133 40.11 45.01 15.35
CA THR B 133 40.93 43.81 15.58
C THR B 133 40.90 42.78 14.49
N ALA B 134 41.81 41.81 14.60
CA ALA B 134 41.87 40.67 13.67
C ALA B 134 42.34 39.38 14.36
N SER B 135 41.51 38.36 14.27
CA SER B 135 41.76 37.09 14.91
C SER B 135 42.04 36.08 13.82
N VAL B 136 43.08 35.28 13.99
CA VAL B 136 43.35 34.22 13.04
C VAL B 136 43.34 32.91 13.78
N VAL B 137 42.57 31.97 13.26
CA VAL B 137 42.34 30.74 13.98
C VAL B 137 43.04 29.61 13.26
N CYS B 138 43.61 28.73 14.04
CA CYS B 138 44.16 27.54 13.53
C CYS B 138 43.53 26.47 14.37
N LEU B 139 42.90 25.52 13.71
CA LEU B 139 42.22 24.41 14.38
C LEU B 139 42.85 23.05 14.02
N LEU B 140 43.06 22.22 15.02
CA LEU B 140 43.55 20.83 14.86
C LEU B 140 42.49 19.82 15.27
N ASN B 141 42.04 18.98 14.35
CA ASN B 141 40.97 18.08 14.72
C ASN B 141 41.40 16.66 14.97
N ASN B 142 40.90 16.11 16.07
CA ASN B 142 40.99 14.67 16.34
C ASN B 142 42.35 14.03 16.18
N PHE B 143 43.19 14.24 17.19
CA PHE B 143 44.53 13.74 17.28
C PHE B 143 44.80 13.20 18.67
N TYR B 144 45.78 12.33 18.76
CA TYR B 144 46.31 11.84 20.01
C TYR B 144 47.78 11.53 19.75
N PRO B 145 48.68 11.80 20.74
CA PRO B 145 48.58 12.31 22.13
C PRO B 145 48.28 13.78 22.23
N ARG B 146 47.97 14.27 23.44
CA ARG B 146 47.51 15.66 23.59
C ARG B 146 48.63 16.61 23.22
N GLU B 147 49.87 16.16 23.43
CA GLU B 147 51.08 16.93 23.11
C GLU B 147 51.16 17.30 21.63
N ALA B 148 51.01 18.58 21.33
CA ALA B 148 51.25 19.09 20.01
C ALA B 148 51.90 20.45 20.15
N LYS B 149 52.28 21.05 19.03
CA LYS B 149 52.97 22.32 19.06
C LYS B 149 52.58 23.12 17.83
N VAL B 150 51.76 24.15 18.07
CA VAL B 150 51.45 25.15 17.05
C VAL B 150 52.48 26.26 17.07
N GLN B 151 52.64 26.90 15.92
CA GLN B 151 53.67 27.88 15.71
C GLN B 151 53.14 28.82 14.62
N TRP B 152 52.97 30.10 14.95
CA TRP B 152 52.45 31.03 13.96
C TRP B 152 53.60 31.69 13.24
N LYS B 153 53.34 32.03 11.97
CA LYS B 153 54.25 32.79 11.12
C LYS B 153 53.50 33.81 10.26
N VAL B 154 54.07 35.00 10.12
CA VAL B 154 53.50 36.07 9.31
C VAL B 154 54.57 36.58 8.38
N ASP B 155 54.30 36.56 7.08
CA ASP B 155 55.31 36.85 6.07
C ASP B 155 56.59 36.10 6.48
N ASN B 156 56.40 34.84 6.88
CA ASN B 156 57.47 33.94 7.30
C ASN B 156 58.13 34.26 8.64
N ALA B 157 57.67 35.27 9.38
CA ALA B 157 58.24 35.58 10.70
C ALA B 157 57.61 34.74 11.81
N LEU B 158 58.42 34.28 12.75
CA LEU B 158 57.91 33.56 13.91
C LEU B 158 57.23 34.53 14.82
N GLN B 159 56.21 34.06 15.51
CA GLN B 159 55.42 34.92 16.38
C GLN B 159 55.61 34.48 17.79
N SER B 160 55.17 35.29 18.74
CA SER B 160 55.26 34.89 20.14
C SER B 160 54.35 35.72 21.06
N GLY B 161 53.85 35.07 22.11
CA GLY B 161 53.08 35.72 23.15
C GLY B 161 52.05 36.67 22.59
N ASN B 162 51.56 36.37 21.40
CA ASN B 162 50.46 37.13 20.79
C ASN B 162 49.36 36.17 20.35
N SER B 163 49.39 34.96 20.93
CA SER B 163 48.48 33.88 20.57
C SER B 163 48.12 33.05 21.82
N GLN B 164 46.93 32.46 21.81
CA GLN B 164 46.45 31.63 22.93
C GLN B 164 45.87 30.36 22.34
N GLU B 165 46.01 29.24 23.07
CA GLU B 165 45.39 27.98 22.64
C GLU B 165 44.49 27.31 23.70
N SER B 166 43.53 26.52 23.21
CA SER B 166 42.55 25.86 24.05
C SER B 166 42.34 24.46 23.51
N VAL B 167 42.15 23.49 24.41
CA VAL B 167 42.07 22.06 24.05
C VAL B 167 40.79 21.41 24.62
N THR B 168 40.10 20.64 23.79
CA THR B 168 38.96 19.87 24.27
C THR B 168 39.38 18.80 25.29
N GLU B 169 38.46 18.43 26.17
CA GLU B 169 38.69 17.27 27.03
C GLU B 169 38.78 16.06 26.09
N GLN B 170 39.25 14.93 26.60
CA GLN B 170 39.39 13.77 25.73
C GLN B 170 38.02 13.22 25.29
N ASP B 171 37.84 12.93 24.02
CA ASP B 171 36.56 12.41 23.53
C ASP B 171 36.24 11.06 24.17
N SER B 172 35.04 10.94 24.70
CA SER B 172 34.64 9.76 25.43
C SER B 172 34.12 8.66 24.51
N LYS B 173 34.18 8.88 23.20
CA LYS B 173 33.90 7.81 22.24
C LYS B 173 35.18 7.32 21.64
N ASP B 174 35.94 8.23 21.04
CA ASP B 174 37.12 7.84 20.24
C ASP B 174 38.48 8.22 20.85
N SER B 175 38.45 8.88 22.00
CA SER B 175 39.62 9.12 22.85
C SER B 175 40.60 10.15 22.29
N THR B 176 40.11 11.07 21.48
CA THR B 176 40.99 12.03 20.81
C THR B 176 40.82 13.41 21.40
N TYR B 177 41.77 14.28 21.08
CA TYR B 177 41.67 15.69 21.47
C TYR B 177 41.58 16.54 20.22
N SER B 178 40.99 17.72 20.39
CA SER B 178 41.00 18.75 19.36
C SER B 178 41.42 20.05 20.01
N LEU B 179 41.99 20.94 19.21
CA LEU B 179 42.59 22.15 19.71
C LEU B 179 42.43 23.28 18.73
N SER B 180 42.36 24.49 19.27
CA SER B 180 42.32 25.70 18.45
C SER B 180 43.27 26.74 19.01
N SER B 181 43.87 27.50 18.09
CA SER B 181 44.81 28.56 18.44
C SER B 181 44.39 29.88 17.77
N THR B 182 44.50 30.98 18.50
CA THR B 182 44.03 32.24 17.98
C THR B 182 45.15 33.25 17.97
N LEU B 183 45.62 33.62 16.77
CA LEU B 183 46.51 34.77 16.63
C LEU B 183 45.68 36.03 16.61
N THR B 184 46.16 37.08 17.26
CA THR B 184 45.41 38.32 17.36
C THR B 184 46.29 39.55 17.11
N LEU B 185 45.83 40.37 16.19
CA LEU B 185 46.51 41.57 15.76
C LEU B 185 45.52 42.70 15.56
N SER B 186 45.98 43.94 15.54
CA SER B 186 45.13 45.03 15.11
C SER B 186 44.85 44.84 13.64
N LYS B 187 43.77 45.43 13.16
CA LYS B 187 43.49 45.44 11.74
C LYS B 187 44.69 46.07 11.10
N ALA B 188 45.07 47.23 11.62
CA ALA B 188 46.18 47.99 11.08
C ALA B 188 47.40 47.09 10.89
N ASP B 189 47.78 46.35 11.93
CA ASP B 189 48.88 45.41 11.84
C ASP B 189 48.59 44.30 10.84
N TYR B 190 47.38 43.76 10.93
CA TYR B 190 46.96 42.69 10.03
C TYR B 190 47.13 43.07 8.57
N GLU B 191 46.77 44.29 8.23
CA GLU B 191 46.82 44.71 6.84
C GLU B 191 48.23 44.96 6.33
N LYS B 192 49.19 45.07 7.24
CA LYS B 192 50.56 45.29 6.85
C LYS B 192 51.30 44.02 6.41
N HIS B 193 50.60 42.90 6.23
CA HIS B 193 51.28 41.64 5.93
C HIS B 193 50.47 40.77 5.01
N LYS B 194 51.12 40.00 4.13
CA LYS B 194 50.39 39.10 3.22
C LYS B 194 50.20 37.67 3.77
N VAL B 195 51.26 36.89 3.89
CA VAL B 195 51.16 35.46 4.24
C VAL B 195 50.94 35.19 5.72
N TYR B 196 49.90 34.41 6.04
CA TYR B 196 49.60 34.00 7.41
C TYR B 196 49.49 32.48 7.47
N ALA B 197 50.16 31.88 8.44
CA ALA B 197 50.38 30.44 8.48
C ALA B 197 50.51 29.90 9.90
N CYS B 198 50.14 28.64 10.10
CA CYS B 198 50.47 27.93 11.34
C CYS B 198 51.26 26.69 10.99
N GLU B 199 52.39 26.51 11.67
CA GLU B 199 53.21 25.29 11.55
C GLU B 199 53.01 24.32 12.73
N VAL B 200 52.33 23.22 12.43
CA VAL B 200 51.89 22.27 13.46
C VAL B 200 52.89 21.16 13.59
N THR B 201 53.22 20.85 14.84
CA THR B 201 54.16 19.81 15.14
C THR B 201 53.51 18.81 16.10
N HIS B 202 53.21 17.64 15.57
CA HIS B 202 52.70 16.52 16.32
C HIS B 202 53.57 15.26 16.10
N GLN B 203 53.34 14.27 16.94
CA GLN B 203 54.00 13.00 16.84
C GLN B 203 53.51 12.18 15.66
N GLY B 204 52.22 12.29 15.41
CA GLY B 204 51.57 11.66 14.28
C GLY B 204 51.95 12.27 12.94
N LEU B 205 52.76 13.32 12.93
CA LEU B 205 53.29 13.84 11.68
C LEU B 205 54.79 13.52 11.62
N SER B 206 55.18 12.86 10.55
CA SER B 206 56.58 12.57 10.32
C SER B 206 57.35 13.85 10.06
N SER B 207 56.61 14.93 9.82
CA SER B 207 57.20 16.26 9.63
C SER B 207 56.16 17.36 9.78
N PRO B 208 56.56 18.51 10.37
CA PRO B 208 55.60 19.55 10.71
C PRO B 208 54.85 20.07 9.51
N VAL B 209 53.57 20.37 9.69
CA VAL B 209 52.66 20.72 8.61
C VAL B 209 52.17 22.17 8.70
N THR B 210 52.30 22.89 7.59
CA THR B 210 51.94 24.30 7.53
C THR B 210 50.73 24.51 6.64
N LYS B 211 49.62 24.89 7.26
CA LYS B 211 48.51 25.49 6.53
C LYS B 211 48.78 26.98 6.47
N SER B 212 48.44 27.60 5.35
CA SER B 212 48.66 29.02 5.16
C SER B 212 47.66 29.66 4.21
N PHE B 213 47.46 30.96 4.38
CA PHE B 213 46.69 31.77 3.41
C PHE B 213 47.39 33.09 3.13
N ASN B 214 47.03 33.72 2.00
CA ASN B 214 47.50 35.05 1.69
C ASN B 214 46.38 36.02 1.91
N ARG B 215 46.69 37.14 2.51
CA ARG B 215 45.69 38.11 2.88
C ARG B 215 45.07 38.69 1.62
N GLY B 216 43.77 38.95 1.65
CA GLY B 216 43.08 39.59 0.52
C GLY B 216 42.88 38.70 -0.69
N GLU B 217 42.34 37.50 -0.47
CA GLU B 217 42.22 36.47 -1.50
C GLU B 217 40.76 36.06 -1.69
N GLU C 1 10.07 11.04 38.00
CA GLU C 1 11.47 11.21 37.57
C GLU C 1 12.11 12.37 38.31
N VAL C 2 13.11 12.08 39.13
CA VAL C 2 13.69 13.05 40.04
C VAL C 2 14.43 14.09 39.24
N GLN C 3 14.30 15.33 39.68
CA GLN C 3 14.90 16.44 38.97
C GLN C 3 15.17 17.61 39.91
N LEU C 4 16.43 18.06 39.90
CA LEU C 4 16.93 19.12 40.75
C LEU C 4 17.41 20.24 39.85
N VAL C 5 16.89 21.45 40.11
CA VAL C 5 17.15 22.57 39.24
C VAL C 5 17.62 23.73 40.07
N GLU C 6 18.92 24.01 40.04
CA GLU C 6 19.46 25.16 40.74
C GLU C 6 19.47 26.35 39.81
N SER C 7 19.27 27.54 40.40
CA SER C 7 19.20 28.81 39.66
C SER C 7 19.58 29.95 40.59
N GLY C 8 19.78 31.12 40.01
CA GLY C 8 20.22 32.30 40.78
C GLY C 8 21.72 32.56 40.74
N GLY C 9 22.47 31.74 39.99
CA GLY C 9 23.90 31.96 39.82
C GLY C 9 24.19 33.17 38.97
N GLY C 10 25.42 33.63 38.99
CA GLY C 10 25.84 34.78 38.18
C GLY C 10 27.10 35.48 38.70
N LEU C 11 27.12 36.79 38.56
CA LEU C 11 28.25 37.63 38.96
C LEU C 11 27.92 38.47 40.19
N VAL C 12 28.85 38.52 41.13
CA VAL C 12 28.75 39.43 42.25
C VAL C 12 30.10 40.01 42.57
N GLN C 13 30.11 41.23 43.05
CA GLN C 13 31.38 41.77 43.50
C GLN C 13 31.74 41.18 44.82
N PRO C 14 33.03 41.25 45.16
CA PRO C 14 33.46 40.75 46.45
C PRO C 14 32.80 41.51 47.58
N GLY C 15 32.48 40.81 48.66
CA GLY C 15 31.77 41.41 49.79
C GLY C 15 30.26 41.40 49.59
N GLY C 16 29.83 41.14 48.35
CA GLY C 16 28.43 41.10 48.03
C GLY C 16 27.80 39.80 48.48
N SER C 17 26.51 39.67 48.22
CA SER C 17 25.73 38.52 48.65
C SER C 17 24.91 37.94 47.50
N LEU C 18 24.54 36.68 47.61
CA LEU C 18 23.77 35.99 46.58
C LEU C 18 22.83 34.98 47.19
N ARG C 19 21.75 34.65 46.47
CA ARG C 19 20.85 33.60 46.92
C ARG C 19 20.56 32.60 45.85
N LEU C 20 21.12 31.41 46.04
CA LEU C 20 20.89 30.28 45.14
C LEU C 20 19.67 29.54 45.60
N SER C 21 18.90 29.07 44.64
CA SER C 21 17.71 28.30 44.92
C SER C 21 17.81 27.00 44.13
N CYS C 22 17.20 25.95 44.69
CA CYS C 22 17.14 24.66 44.05
C CYS C 22 15.73 24.12 44.08
N ALA C 23 15.12 23.98 42.92
CA ALA C 23 13.73 23.56 42.83
C ALA C 23 13.67 22.11 42.50
N THR C 24 13.01 21.31 43.35
CA THR C 24 13.02 19.88 43.16
C THR C 24 11.72 19.40 42.57
N SER C 25 11.70 18.17 42.06
CA SER C 25 10.50 17.56 41.48
C SER C 25 10.68 16.05 41.28
N GLY C 26 9.57 15.31 41.31
CA GLY C 26 9.53 13.90 40.93
C GLY C 26 9.73 12.88 42.03
N TYR C 27 9.62 13.31 43.28
CA TYR C 27 9.76 12.42 44.44
C TYR C 27 9.06 13.05 45.62
N THR C 28 8.80 12.28 46.67
CA THR C 28 8.18 12.85 47.89
C THR C 28 9.18 13.75 48.62
N PHE C 29 8.85 15.03 48.70
CA PHE C 29 9.79 16.05 49.14
C PHE C 29 10.53 15.72 50.43
N THR C 30 9.79 15.24 51.44
CA THR C 30 10.33 15.01 52.78
C THR C 30 11.26 13.79 52.86
N GLU C 31 11.37 13.05 51.76
CA GLU C 31 12.15 11.83 51.77
C GLU C 31 13.65 12.02 51.55
N TYR C 32 14.03 13.09 50.87
CA TYR C 32 15.42 13.31 50.57
C TYR C 32 15.96 14.51 51.30
N ILE C 33 17.21 14.37 51.73
CA ILE C 33 18.02 15.48 52.23
C ILE C 33 18.66 16.20 51.07
N ILE C 34 18.59 17.51 51.09
CA ILE C 34 19.11 18.32 50.02
C ILE C 34 20.40 18.95 50.47
N HIS C 35 21.36 18.94 49.55
CA HIS C 35 22.69 19.40 49.83
C HIS C 35 23.08 20.46 48.85
N TRP C 36 24.04 21.27 49.25
CA TRP C 36 24.78 22.08 48.31
C TRP C 36 26.24 21.62 48.32
N VAL C 37 26.78 21.45 47.12
CA VAL C 37 28.17 21.04 46.94
C VAL C 37 28.74 21.90 45.84
N ARG C 38 29.90 22.48 46.09
CA ARG C 38 30.51 23.34 45.09
C ARG C 38 31.80 22.79 44.58
N GLN C 39 32.24 23.37 43.46
CA GLN C 39 33.45 22.96 42.76
C GLN C 39 34.08 24.13 42.05
N ALA C 40 35.21 24.59 42.57
CA ALA C 40 35.97 25.66 41.90
C ALA C 40 36.44 25.17 40.55
N PRO C 41 36.50 26.08 39.55
CA PRO C 41 36.86 25.63 38.19
C PRO C 41 38.25 24.99 38.13
N GLY C 42 38.27 23.75 37.64
CA GLY C 42 39.48 22.96 37.60
C GLY C 42 39.69 22.17 38.87
N LYS C 43 39.16 22.64 39.99
CA LYS C 43 39.43 22.04 41.29
C LYS C 43 38.44 20.94 41.67
N GLY C 44 38.62 20.42 42.89
CA GLY C 44 37.82 19.34 43.40
C GLY C 44 36.51 19.79 44.03
N LEU C 45 35.87 18.84 44.70
CA LEU C 45 34.52 19.00 45.21
C LEU C 45 34.53 19.37 46.68
N GLU C 46 33.60 20.22 47.07
CA GLU C 46 33.53 20.68 48.44
C GLU C 46 32.11 20.75 48.92
N TRP C 47 31.81 20.03 49.99
CA TRP C 47 30.48 20.02 50.60
C TRP C 47 30.27 21.30 51.38
N VAL C 48 29.13 21.92 51.17
CA VAL C 48 28.85 23.20 51.79
C VAL C 48 27.90 23.06 52.98
N ALA C 49 26.70 22.53 52.70
CA ALA C 49 25.68 22.40 53.71
C ALA C 49 24.60 21.44 53.26
N SER C 50 23.83 20.95 54.22
CA SER C 50 22.67 20.11 53.96
C SER C 50 21.51 20.50 54.87
N ILE C 51 20.31 20.21 54.39
CA ILE C 51 19.07 20.44 55.16
C ILE C 51 18.10 19.26 55.03
N ASN C 52 17.47 18.90 56.14
CA ASN C 52 16.55 17.77 56.22
C ASN C 52 15.10 18.25 56.35
N PRO C 53 14.33 18.12 55.26
CA PRO C 53 12.99 18.64 55.23
C PRO C 53 12.00 17.89 56.12
N ASP C 54 12.30 16.63 56.42
CA ASP C 54 11.41 15.78 57.18
C ASP C 54 11.41 16.24 58.61
N TYR C 55 12.60 16.35 59.16
CA TYR C 55 12.77 16.91 60.49
C TYR C 55 12.92 18.40 60.27
N ASP C 56 14.00 19.00 60.74
CA ASP C 56 14.34 20.37 60.32
C ASP C 56 15.81 20.63 60.52
N ILE C 57 16.60 19.56 60.52
CA ILE C 57 18.01 19.62 60.87
C ILE C 57 18.76 20.23 59.72
N THR C 58 19.78 21.02 60.04
CA THR C 58 20.71 21.53 59.03
C THR C 58 22.12 21.25 59.49
N ASN C 59 23.03 21.18 58.54
CA ASN C 59 24.42 20.99 58.85
C ASN C 59 25.26 21.81 57.93
N TYR C 60 26.38 22.29 58.45
CA TYR C 60 27.26 23.18 57.70
C TYR C 60 28.68 22.71 57.75
N ASN C 61 29.41 22.94 56.67
CA ASN C 61 30.85 22.87 56.69
C ASN C 61 31.34 24.08 57.49
N GLN C 62 32.16 23.86 58.51
CA GLN C 62 32.60 24.94 59.40
C GLN C 62 33.20 26.16 58.71
N ARG C 63 33.82 25.96 57.55
CA ARG C 63 34.32 27.06 56.74
C ARG C 63 33.25 28.14 56.48
N PHE C 64 32.03 27.70 56.21
CA PHE C 64 30.95 28.60 55.79
C PHE C 64 29.91 28.93 56.88
N LYS C 65 30.20 28.54 58.12
CA LYS C 65 29.25 28.69 59.23
C LYS C 65 28.73 30.12 59.35
N GLY C 66 29.65 31.07 59.36
CA GLY C 66 29.29 32.47 59.52
C GLY C 66 28.51 33.07 58.37
N ARG C 67 28.85 32.69 57.14
CA ARG C 67 28.43 33.46 55.97
C ARG C 67 27.24 32.86 55.24
N PHE C 68 27.22 31.53 55.12
CA PHE C 68 26.22 30.86 54.30
C PHE C 68 25.06 30.37 55.16
N THR C 69 23.85 30.46 54.62
CA THR C 69 22.65 29.93 55.28
C THR C 69 21.82 29.10 54.33
N ILE C 70 21.52 27.88 54.73
CA ILE C 70 20.68 27.01 53.95
C ILE C 70 19.34 26.99 54.63
N SER C 71 18.28 26.88 53.85
CA SER C 71 16.92 27.00 54.35
C SER C 71 16.02 26.50 53.26
N LEU C 72 14.73 26.33 53.55
CA LEU C 72 13.82 25.85 52.50
C LEU C 72 12.40 26.28 52.62
N ASP C 73 11.69 26.10 51.51
CA ASP C 73 10.26 26.35 51.45
C ASP C 73 9.58 25.08 50.94
N LYS C 74 8.93 24.38 51.87
CA LYS C 74 8.33 23.09 51.58
C LYS C 74 7.20 23.17 50.57
N SER C 75 6.36 24.20 50.69
CA SER C 75 5.27 24.39 49.73
C SER C 75 5.82 24.54 48.32
N LYS C 76 6.92 25.26 48.15
CA LYS C 76 7.52 25.46 46.84
C LYS C 76 8.49 24.34 46.44
N ARG C 77 8.60 23.31 47.27
CA ARG C 77 9.55 22.22 47.04
C ARG C 77 10.93 22.77 46.67
N THR C 78 11.37 23.77 47.42
CA THR C 78 12.56 24.49 47.04
C THR C 78 13.47 24.75 48.22
N ALA C 79 14.76 24.48 48.02
CA ALA C 79 15.81 24.80 48.99
C ALA C 79 16.64 25.99 48.52
N TYR C 80 17.15 26.75 49.47
CA TYR C 80 17.87 27.99 49.19
C TYR C 80 19.19 27.99 49.89
N LEU C 81 20.19 28.58 49.22
CA LEU C 81 21.48 28.84 49.84
C LEU C 81 21.78 30.32 49.75
N GLN C 82 21.74 30.99 50.89
CA GLN C 82 22.06 32.40 50.99
C GLN C 82 23.54 32.56 51.31
N MET C 83 24.25 33.19 50.39
CA MET C 83 25.66 33.44 50.58
C MET C 83 25.91 34.92 50.83
N ASN C 84 26.78 35.19 51.80
CA ASN C 84 27.17 36.55 52.20
C ASN C 84 28.67 36.80 52.17
N SER C 85 29.05 38.08 52.18
CA SER C 85 30.44 38.49 52.26
C SER C 85 31.32 37.63 51.37
N LEU C 86 30.90 37.51 50.12
CA LEU C 86 31.55 36.62 49.18
C LEU C 86 32.98 37.08 48.87
N ARG C 87 33.91 36.15 49.07
CA ARG C 87 35.30 36.33 48.68
C ARG C 87 35.49 35.82 47.25
N ALA C 88 36.65 36.08 46.67
CA ALA C 88 36.94 35.61 45.31
C ALA C 88 37.14 34.10 45.25
N GLU C 89 37.50 33.48 46.38
CA GLU C 89 37.68 32.02 46.45
C GLU C 89 36.37 31.28 46.52
N ASP C 90 35.26 32.00 46.48
CA ASP C 90 33.95 31.37 46.49
C ASP C 90 33.43 31.17 45.09
N THR C 91 34.15 31.71 44.11
CA THR C 91 33.85 31.42 42.70
C THR C 91 33.91 29.90 42.47
N ALA C 92 32.77 29.35 42.11
CA ALA C 92 32.66 27.92 41.84
C ALA C 92 31.30 27.60 41.21
N VAL C 93 31.18 26.38 40.70
CA VAL C 93 29.90 25.88 40.26
C VAL C 93 29.26 25.30 41.49
N TYR C 94 28.01 25.68 41.72
CA TYR C 94 27.32 25.19 42.89
C TYR C 94 26.29 24.16 42.48
N TYR C 95 26.50 22.94 42.95
CA TYR C 95 25.58 21.86 42.68
C TYR C 95 24.58 21.75 43.81
N CYS C 96 23.36 21.44 43.43
CA CYS C 96 22.33 21.03 44.33
C CYS C 96 22.33 19.53 44.23
N ALA C 97 22.39 18.84 45.35
CA ALA C 97 22.41 17.35 45.35
C ALA C 97 21.48 16.80 46.43
N SER C 98 21.03 15.56 46.24
CA SER C 98 20.12 14.91 47.18
C SER C 98 20.63 13.53 47.59
N TRP C 99 20.21 13.12 48.77
CA TRP C 99 20.45 11.76 49.18
C TRP C 99 19.42 11.31 50.19
N ILE C 100 19.28 10.00 50.32
CA ILE C 100 18.49 9.42 51.39
C ILE C 100 19.40 9.25 52.57
N SER C 101 20.59 8.73 52.31
CA SER C 101 21.61 8.57 53.34
C SER C 101 22.96 8.23 52.77
N ASP C 102 23.99 8.78 53.41
CA ASP C 102 25.42 8.45 53.17
C ASP C 102 26.04 8.93 51.85
N PHE C 103 25.39 8.63 50.73
CA PHE C 103 25.90 8.99 49.42
C PHE C 103 24.79 9.63 48.56
N PHE C 104 25.22 10.42 47.58
CA PHE C 104 24.32 11.22 46.76
C PHE C 104 23.67 10.44 45.65
N ASP C 105 22.33 10.52 45.63
CA ASP C 105 21.51 9.80 44.64
C ASP C 105 21.25 10.65 43.40
N TYR C 106 21.13 11.96 43.58
CA TYR C 106 20.77 12.88 42.48
C TYR C 106 21.53 14.22 42.52
N TRP C 107 21.58 14.88 41.37
CA TRP C 107 22.32 16.11 41.23
C TRP C 107 21.60 17.06 40.30
N GLY C 108 21.89 18.34 40.45
CA GLY C 108 21.52 19.34 39.47
C GLY C 108 22.55 19.39 38.36
N GLN C 109 22.38 20.35 37.46
CA GLN C 109 23.32 20.58 36.37
C GLN C 109 24.42 21.56 36.82
N GLY C 110 24.23 22.18 37.98
CA GLY C 110 25.18 23.13 38.52
C GLY C 110 24.84 24.54 38.07
N THR C 111 25.16 25.55 38.87
CA THR C 111 24.96 26.96 38.50
C THR C 111 26.21 27.71 38.89
N LEU C 112 26.76 28.51 37.96
CA LEU C 112 28.08 29.13 38.15
C LEU C 112 28.00 30.46 38.85
N VAL C 113 28.72 30.57 39.95
CA VAL C 113 28.83 31.81 40.71
C VAL C 113 30.24 32.37 40.55
N THR C 114 30.31 33.61 40.05
CA THR C 114 31.58 34.28 39.78
C THR C 114 31.67 35.50 40.66
N VAL C 115 32.69 35.52 41.53
CA VAL C 115 32.93 36.65 42.41
C VAL C 115 34.05 37.53 41.84
N SER C 116 33.68 38.69 41.28
CA SER C 116 34.65 39.56 40.65
C SER C 116 34.20 41.01 40.61
N SER C 117 35.17 41.91 40.66
CA SER C 117 34.92 43.36 40.60
C SER C 117 34.80 43.86 39.15
N ALA C 118 35.17 43.02 38.17
CA ALA C 118 35.16 43.42 36.77
C ALA C 118 33.73 43.47 36.35
N SER C 119 33.42 44.22 35.30
CA SER C 119 32.01 44.36 34.93
C SER C 119 31.67 43.49 33.73
N THR C 120 30.38 43.20 33.62
CA THR C 120 29.87 42.20 32.68
C THR C 120 29.88 42.79 31.30
N LYS C 121 30.04 41.94 30.29
CA LYS C 121 30.18 42.38 28.90
C LYS C 121 29.74 41.28 27.94
N GLY C 122 28.95 41.64 26.94
CA GLY C 122 28.40 40.67 26.04
C GLY C 122 29.41 40.47 24.95
N PRO C 123 29.48 39.25 24.38
CA PRO C 123 30.43 38.99 23.32
C PRO C 123 29.91 39.46 22.00
N SER C 124 30.82 39.62 21.05
CA SER C 124 30.46 39.67 19.66
C SER C 124 30.88 38.35 19.00
N VAL C 125 30.12 38.00 17.96
CA VAL C 125 30.20 36.71 17.34
C VAL C 125 30.63 36.82 15.88
N PHE C 126 31.70 36.14 15.49
CA PHE C 126 32.14 36.21 14.12
C PHE C 126 32.17 34.84 13.52
N PRO C 127 32.08 34.75 12.20
CA PRO C 127 32.22 33.49 11.46
C PRO C 127 33.66 32.96 11.35
N LEU C 128 33.77 31.64 11.28
CA LEU C 128 34.97 31.00 10.81
C LEU C 128 34.57 30.33 9.52
N ALA C 129 34.60 31.11 8.45
CA ALA C 129 34.09 30.62 7.18
C ALA C 129 34.97 29.49 6.65
N PRO C 130 34.33 28.48 6.04
CA PRO C 130 35.08 27.33 5.59
C PRO C 130 36.01 27.66 4.43
N SER C 131 37.12 26.94 4.34
CA SER C 131 38.10 27.15 3.26
C SER C 131 37.57 26.69 1.90
N SER C 132 36.82 25.58 1.88
CA SER C 132 36.22 25.04 0.65
C SER C 132 37.24 24.98 -0.53
N GLY C 137 38.01 18.53 -2.23
CA GLY C 137 37.45 18.54 -0.87
C GLY C 137 36.70 17.26 -0.48
N GLY C 138 37.10 16.67 0.65
CA GLY C 138 36.43 15.51 1.28
C GLY C 138 35.41 16.01 2.30
N THR C 139 35.85 16.26 3.54
CA THR C 139 35.06 17.07 4.51
C THR C 139 35.76 18.41 4.81
N ALA C 140 34.96 19.36 5.29
CA ALA C 140 35.39 20.74 5.53
C ALA C 140 34.96 21.19 6.93
N ALA C 141 35.52 22.32 7.39
CA ALA C 141 35.29 22.81 8.75
C ALA C 141 34.85 24.27 8.76
N LEU C 142 33.92 24.58 9.65
CA LEU C 142 33.48 25.96 9.83
C LEU C 142 33.17 26.18 11.28
N GLY C 143 33.13 27.44 11.69
CA GLY C 143 32.86 27.73 13.07
C GLY C 143 32.38 29.12 13.40
N CYS C 144 32.41 29.39 14.70
CA CYS C 144 31.96 30.62 15.28
C CYS C 144 32.94 31.10 16.32
N LEU C 145 33.40 32.33 16.16
CA LEU C 145 34.24 32.94 17.13
C LEU C 145 33.39 33.81 18.04
N VAL C 146 33.42 33.45 19.32
CA VAL C 146 32.69 34.15 20.37
C VAL C 146 33.74 34.86 21.25
N LYS C 147 33.92 36.14 20.99
CA LYS C 147 35.04 36.88 21.51
C LYS C 147 34.60 38.02 22.45
N ASP C 148 35.35 38.19 23.54
CA ASP C 148 35.27 39.39 24.37
C ASP C 148 33.98 39.54 25.20
N TYR C 149 33.86 38.66 26.19
CA TYR C 149 32.75 38.70 27.11
C TYR C 149 33.19 38.33 28.50
N PHE C 150 32.35 38.67 29.46
CA PHE C 150 32.56 38.29 30.82
C PHE C 150 31.22 38.44 31.54
N PRO C 151 30.95 37.56 32.51
CA PRO C 151 31.69 36.41 32.93
C PRO C 151 31.27 35.19 32.13
N GLU C 152 31.79 34.03 32.51
CA GLU C 152 31.23 32.78 32.00
C GLU C 152 29.78 32.65 32.49
N PRO C 153 29.00 31.73 31.91
CA PRO C 153 29.24 30.98 30.71
C PRO C 153 28.46 31.48 29.52
N VAL C 154 28.90 30.97 28.38
CA VAL C 154 28.32 31.20 27.09
C VAL C 154 27.84 29.82 26.59
N THR C 155 26.79 29.77 25.78
CA THR C 155 26.31 28.48 25.27
C THR C 155 26.25 28.50 23.77
N VAL C 156 26.82 27.48 23.15
CA VAL C 156 26.80 27.39 21.70
C VAL C 156 26.17 26.11 21.18
N SER C 157 25.13 26.27 20.38
CA SER C 157 24.57 25.16 19.65
C SER C 157 24.59 25.47 18.16
N TRP C 158 24.29 24.45 17.37
CA TRP C 158 24.35 24.55 15.92
C TRP C 158 23.03 24.09 15.33
N ASN C 159 22.46 24.95 14.50
CA ASN C 159 21.17 24.67 13.88
C ASN C 159 20.09 24.32 14.91
N SER C 160 19.97 25.16 15.95
CA SER C 160 18.94 25.01 17.00
C SER C 160 18.98 23.66 17.70
N GLY C 161 20.20 23.15 17.89
CA GLY C 161 20.42 21.85 18.53
C GLY C 161 20.44 20.68 17.58
N ALA C 162 20.10 20.92 16.33
CA ALA C 162 19.85 19.83 15.39
C ALA C 162 21.13 19.27 14.80
N LEU C 163 22.25 19.91 15.13
CA LEU C 163 23.52 19.43 14.70
C LEU C 163 24.51 19.29 15.87
N THR C 164 24.86 18.06 16.15
CA THR C 164 25.74 17.74 17.25
C THR C 164 26.99 17.03 16.75
N SER C 165 26.78 16.02 15.91
CA SER C 165 27.89 15.16 15.50
C SER C 165 29.05 15.97 14.93
N GLY C 166 30.24 15.75 15.48
CA GLY C 166 31.47 16.39 15.00
C GLY C 166 31.62 17.84 15.39
N VAL C 167 30.93 18.24 16.45
CA VAL C 167 30.93 19.62 16.93
C VAL C 167 31.91 19.70 18.05
N HIS C 168 32.64 20.81 18.13
CA HIS C 168 33.72 20.97 19.09
C HIS C 168 33.73 22.39 19.60
N THR C 169 33.35 22.55 20.87
CA THR C 169 33.35 23.86 21.51
C THR C 169 34.50 23.88 22.51
N PHE C 170 35.37 24.87 22.39
CA PHE C 170 36.58 24.87 23.17
C PHE C 170 36.36 25.52 24.51
N PRO C 171 37.17 25.09 25.49
CA PRO C 171 37.24 25.85 26.72
C PRO C 171 37.55 27.30 26.39
N ALA C 172 36.83 28.22 27.02
CA ALA C 172 37.17 29.63 26.99
C ALA C 172 38.60 29.88 27.51
N VAL C 173 39.21 30.94 27.00
CA VAL C 173 40.53 31.35 27.39
C VAL C 173 40.45 32.80 27.68
N LEU C 174 41.19 33.21 28.68
CA LEU C 174 41.02 34.51 29.25
C LEU C 174 42.11 35.34 28.64
N GLN C 175 41.72 36.29 27.82
CA GLN C 175 42.65 37.17 27.18
C GLN C 175 43.29 38.10 28.18
N SER C 176 44.34 38.77 27.72
CA SER C 176 45.14 39.62 28.59
C SER C 176 44.28 40.80 29.02
N SER C 177 43.26 41.08 28.22
CA SER C 177 42.24 42.09 28.52
C SER C 177 41.29 41.69 29.65
N GLY C 178 41.39 40.48 30.17
CA GLY C 178 40.48 40.06 31.22
C GLY C 178 39.13 39.61 30.68
N LEU C 179 38.99 39.62 29.36
CA LEU C 179 37.85 39.03 28.74
C LEU C 179 38.14 37.64 28.21
N TYR C 180 37.11 36.81 28.25
CA TYR C 180 37.16 35.52 27.63
C TYR C 180 36.90 35.64 26.14
N SER C 181 37.29 34.58 25.46
CA SER C 181 37.02 34.40 24.06
C SER C 181 36.96 32.89 23.88
N LEU C 182 36.24 32.46 22.85
CA LEU C 182 35.83 31.07 22.69
C LEU C 182 35.46 30.84 21.26
N SER C 183 35.72 29.63 20.79
CA SER C 183 35.36 29.27 19.42
C SER C 183 34.68 27.94 19.42
N SER C 184 33.73 27.79 18.50
CA SER C 184 33.03 26.52 18.30
C SER C 184 33.19 26.13 16.84
N VAL C 185 33.66 24.92 16.59
CA VAL C 185 33.73 24.43 15.22
C VAL C 185 32.80 23.25 15.03
N VAL C 186 32.60 22.89 13.76
CA VAL C 186 31.85 21.70 13.38
C VAL C 186 32.41 21.22 12.02
N THR C 187 32.60 19.91 11.88
CA THR C 187 33.07 19.34 10.62
C THR C 187 31.88 18.82 9.82
N VAL C 188 31.79 19.25 8.56
CA VAL C 188 30.78 18.75 7.65
C VAL C 188 31.37 18.34 6.30
N PRO C 189 30.71 17.41 5.60
CA PRO C 189 31.00 17.10 4.20
C PRO C 189 30.99 18.30 3.28
N SER C 190 31.91 18.35 2.33
CA SER C 190 32.03 19.51 1.45
C SER C 190 30.81 19.79 0.58
N SER C 191 30.17 18.74 0.07
CA SER C 191 29.06 18.95 -0.84
C SER C 191 27.85 19.59 -0.16
N SER C 192 27.83 19.51 1.18
CA SER C 192 26.77 20.18 1.95
C SER C 192 26.90 21.69 1.89
N LEU C 193 28.11 22.20 1.73
CA LEU C 193 28.34 23.64 1.65
C LEU C 193 27.53 24.30 0.52
N GLY C 194 26.86 25.40 0.84
CA GLY C 194 26.07 26.13 -0.18
C GLY C 194 24.71 25.50 -0.45
N THR C 195 24.54 24.28 0.03
CA THR C 195 23.28 23.57 0.00
C THR C 195 22.71 23.62 1.41
N GLN C 196 23.46 23.04 2.32
CA GLN C 196 23.05 22.93 3.69
C GLN C 196 23.45 24.19 4.41
N THR C 197 22.55 24.63 5.27
CA THR C 197 22.70 25.86 6.03
C THR C 197 23.21 25.55 7.42
N TYR C 198 24.22 26.31 7.84
CA TYR C 198 24.84 26.15 9.13
C TYR C 198 24.78 27.44 9.92
N ILE C 199 24.15 27.36 11.08
CA ILE C 199 23.92 28.52 11.92
C ILE C 199 24.43 28.12 13.26
N CYS C 200 25.20 29.01 13.86
CA CYS C 200 25.62 28.75 15.21
C CYS C 200 24.91 29.69 16.16
N ASN C 201 24.34 29.10 17.19
CA ASN C 201 23.47 29.78 18.14
C ASN C 201 24.23 30.05 19.43
N VAL C 202 24.55 31.32 19.66
CA VAL C 202 25.23 31.72 20.87
C VAL C 202 24.30 32.44 21.84
N ASN C 203 24.31 31.97 23.09
CA ASN C 203 23.68 32.69 24.16
C ASN C 203 24.70 32.98 25.28
N HIS C 204 24.68 34.21 25.79
CA HIS C 204 25.44 34.62 26.98
C HIS C 204 24.45 35.29 27.94
N LYS C 205 23.77 34.44 28.70
CA LYS C 205 22.75 34.88 29.65
C LYS C 205 23.12 36.07 30.52
N PRO C 206 24.39 36.14 30.98
CA PRO C 206 24.79 37.23 31.86
C PRO C 206 24.72 38.63 31.26
N SER C 207 24.53 38.73 29.96
CA SER C 207 24.31 40.01 29.32
C SER C 207 23.02 39.96 28.50
N ASN C 208 22.13 39.02 28.82
CA ASN C 208 20.99 38.72 27.96
C ASN C 208 21.37 38.92 26.48
N THR C 209 22.46 38.30 26.08
CA THR C 209 22.95 38.38 24.71
C THR C 209 22.61 37.07 24.03
N LYS C 210 21.83 37.15 22.95
CA LYS C 210 21.43 35.97 22.18
C LYS C 210 21.76 36.24 20.71
N VAL C 211 22.51 35.36 20.07
CA VAL C 211 22.98 35.62 18.71
C VAL C 211 22.90 34.36 17.87
N ASP C 212 22.40 34.53 16.65
CA ASP C 212 22.29 33.46 15.66
C ASP C 212 23.10 33.87 14.43
N LYS C 213 24.29 33.33 14.29
CA LYS C 213 25.15 33.70 13.16
C LYS C 213 25.15 32.60 12.09
N LYS C 214 25.12 33.03 10.84
CA LYS C 214 24.91 32.17 9.72
C LYS C 214 26.21 32.09 8.99
N VAL C 215 26.91 30.97 9.15
CA VAL C 215 28.27 30.85 8.66
C VAL C 215 28.29 30.33 7.23
N GLU C 216 28.94 31.08 6.34
CA GLU C 216 28.85 30.85 4.89
C GLU C 216 30.23 30.84 4.23
N PRO C 217 30.32 30.30 3.01
CA PRO C 217 31.55 30.38 2.21
C PRO C 217 31.64 31.64 1.36
N LEU D 9 -8.33 4.30 88.45
CA LEU D 9 -9.35 4.31 89.55
C LEU D 9 -10.25 3.06 89.52
N GLY D 10 -11.16 3.04 90.48
CA GLY D 10 -12.29 2.11 90.49
C GLY D 10 -13.48 2.64 89.67
N SER D 11 -13.25 3.71 88.92
CA SER D 11 -14.17 4.15 87.87
C SER D 11 -13.87 3.37 86.59
N ARG D 12 -12.62 2.97 86.40
CA ARG D 12 -12.22 2.09 85.30
C ARG D 12 -13.02 0.79 85.37
N ARG D 13 -13.34 0.40 86.59
CA ARG D 13 -14.11 -0.80 86.88
C ARG D 13 -15.57 -0.68 86.40
N THR D 14 -16.11 0.51 86.53
CA THR D 14 -17.49 0.81 86.14
C THR D 14 -17.70 0.74 84.62
N LEU D 15 -16.72 1.22 83.87
CA LEU D 15 -16.73 1.13 82.42
C LEU D 15 -16.57 -0.31 81.95
N MET D 16 -15.69 -1.04 82.62
CA MET D 16 -15.46 -2.43 82.28
C MET D 16 -16.75 -3.22 82.39
N LEU D 17 -17.51 -2.96 83.44
CA LEU D 17 -18.79 -3.65 83.66
C LEU D 17 -19.82 -3.26 82.62
N LEU D 18 -19.94 -1.96 82.35
CA LEU D 18 -20.80 -1.52 81.27
C LEU D 18 -20.46 -2.19 79.93
N ALA D 19 -19.18 -2.43 79.68
CA ALA D 19 -18.75 -3.07 78.45
C ALA D 19 -19.29 -4.48 78.38
N GLN D 20 -19.20 -5.18 79.50
CA GLN D 20 -19.56 -6.60 79.55
C GLN D 20 -21.05 -6.80 79.42
N MET D 21 -21.81 -5.76 79.76
CA MET D 21 -23.25 -5.81 79.62
C MET D 21 -23.73 -5.82 78.17
N ARG D 22 -22.88 -5.44 77.23
CA ARG D 22 -23.30 -5.37 75.84
C ARG D 22 -23.82 -6.69 75.38
N LYS D 23 -24.96 -6.66 74.70
CA LYS D 23 -25.57 -7.84 74.14
C LYS D 23 -25.63 -7.77 72.61
N ILE D 24 -25.95 -6.60 72.06
CA ILE D 24 -26.08 -6.44 70.61
C ILE D 24 -25.22 -5.30 70.06
N SER D 25 -24.85 -5.41 68.80
CA SER D 25 -24.01 -4.42 68.15
C SER D 25 -24.82 -3.20 67.73
N LEU D 26 -24.21 -2.05 67.92
CA LEU D 26 -24.78 -0.78 67.51
C LEU D 26 -24.90 -0.71 66.00
N PHE D 27 -24.15 -1.56 65.31
CA PHE D 27 -24.18 -1.56 63.87
C PHE D 27 -25.45 -2.18 63.31
N SER D 28 -26.15 -2.96 64.12
CA SER D 28 -27.48 -3.44 63.74
C SER D 28 -28.57 -2.45 64.18
N CYS D 29 -28.19 -1.42 64.93
CA CYS D 29 -29.13 -0.42 65.43
C CYS D 29 -28.95 0.95 64.80
N LEU D 30 -28.40 1.03 63.61
CA LEU D 30 -28.04 2.34 63.09
C LEU D 30 -29.24 3.23 62.86
N LYS D 31 -30.38 2.63 62.51
CA LYS D 31 -31.67 3.32 62.43
C LYS D 31 -31.97 4.14 63.68
N ASP D 32 -31.54 3.65 64.84
CA ASP D 32 -31.94 4.23 66.15
C ASP D 32 -30.92 5.16 66.82
N ARG D 33 -29.81 5.47 66.15
CA ARG D 33 -28.80 6.36 66.77
C ARG D 33 -29.40 7.73 67.03
N HIS D 34 -28.82 8.43 68.00
CA HIS D 34 -29.45 9.62 68.54
C HIS D 34 -28.42 10.51 69.19
N ASP D 35 -28.56 11.82 68.99
CA ASP D 35 -27.72 12.79 69.68
C ASP D 35 -28.44 13.31 70.91
N PHE D 36 -27.87 13.03 72.07
CA PHE D 36 -28.48 13.39 73.36
C PHE D 36 -28.02 14.72 73.93
N GLY D 37 -27.04 15.35 73.29
CA GLY D 37 -26.52 16.62 73.73
C GLY D 37 -25.98 16.59 75.13
N PHE D 38 -24.98 15.74 75.38
CA PHE D 38 -24.33 15.68 76.67
C PHE D 38 -23.70 17.02 77.04
N PRO D 39 -24.08 17.61 78.19
CA PRO D 39 -23.58 18.92 78.59
C PRO D 39 -22.14 18.84 79.14
N GLN D 40 -21.20 18.64 78.22
CA GLN D 40 -19.82 18.37 78.57
C GLN D 40 -19.12 19.59 79.15
N GLU D 41 -19.47 20.76 78.63
CA GLU D 41 -18.92 22.06 79.10
C GLU D 41 -18.89 22.14 80.63
N GLU D 42 -19.85 21.47 81.25
CA GLU D 42 -20.04 21.51 82.69
C GLU D 42 -19.01 20.74 83.54
N PHE D 43 -18.07 20.06 82.90
CA PHE D 43 -17.08 19.25 83.62
C PHE D 43 -15.62 19.76 83.46
N GLY D 44 -14.82 19.06 82.64
CA GLY D 44 -13.34 19.04 82.74
C GLY D 44 -12.49 20.31 82.73
N ASN D 45 -12.86 21.28 81.89
CA ASN D 45 -12.03 22.46 81.65
C ASN D 45 -12.17 23.54 82.72
N GLN D 46 -11.34 24.59 82.64
CA GLN D 46 -11.63 25.96 83.15
C GLN D 46 -12.27 25.98 84.55
N PHE D 47 -13.50 25.45 84.63
CA PHE D 47 -14.13 25.06 85.88
C PHE D 47 -13.51 23.71 86.30
N GLN D 48 -12.19 23.73 86.56
CA GLN D 48 -11.31 22.52 86.47
C GLN D 48 -11.60 21.38 87.47
N LYS D 49 -10.58 20.59 87.80
CA LYS D 49 -10.68 19.53 88.81
C LYS D 49 -11.31 20.04 90.13
N ALA D 50 -12.15 19.20 90.76
CA ALA D 50 -12.54 19.36 92.19
C ALA D 50 -13.70 20.31 92.39
N GLU D 51 -13.78 21.34 91.55
CA GLU D 51 -14.96 22.21 91.53
C GLU D 51 -16.12 21.54 90.78
N THR D 52 -15.87 20.36 90.19
CA THR D 52 -16.87 19.64 89.38
C THR D 52 -17.37 18.38 90.06
N ILE D 53 -17.12 18.28 91.35
CA ILE D 53 -17.59 17.15 92.14
C ILE D 53 -19.12 17.04 92.15
N PRO D 54 -19.82 18.13 92.53
CA PRO D 54 -21.29 18.06 92.61
C PRO D 54 -21.97 17.65 91.31
N VAL D 55 -21.34 17.98 90.18
CA VAL D 55 -21.89 17.64 88.88
C VAL D 55 -21.67 16.18 88.63
N LEU D 56 -20.48 15.71 88.96
CA LEU D 56 -20.15 14.33 88.82
C LEU D 56 -20.99 13.49 89.73
N HIS D 57 -21.19 13.98 90.94
CA HIS D 57 -22.08 13.35 91.92
C HIS D 57 -23.47 13.14 91.36
N GLU D 58 -24.01 14.16 90.69
CA GLU D 58 -25.33 14.04 90.14
C GLU D 58 -25.36 13.03 89.01
N MET D 59 -24.28 12.99 88.24
CA MET D 59 -24.16 12.04 87.14
C MET D 59 -24.33 10.62 87.61
N ILE D 60 -23.52 10.26 88.59
CA ILE D 60 -23.52 8.90 89.11
C ILE D 60 -24.92 8.57 89.60
N GLN D 61 -25.44 9.46 90.44
CA GLN D 61 -26.83 9.41 90.89
C GLN D 61 -27.78 9.03 89.76
N GLN D 62 -27.74 9.78 88.68
CA GLN D 62 -28.68 9.59 87.60
C GLN D 62 -28.51 8.25 86.93
N ILE D 63 -27.26 7.82 86.77
CA ILE D 63 -26.94 6.53 86.17
C ILE D 63 -27.48 5.41 87.05
N PHE D 64 -27.23 5.53 88.35
CA PHE D 64 -27.72 4.57 89.31
C PHE D 64 -29.24 4.45 89.25
N ASN D 65 -29.91 5.61 89.17
CA ASN D 65 -31.36 5.65 89.00
C ASN D 65 -31.82 4.95 87.76
N LEU D 66 -31.17 5.29 86.66
CA LEU D 66 -31.46 4.73 85.34
C LEU D 66 -31.42 3.20 85.29
N PHE D 67 -30.33 2.64 85.77
CA PHE D 67 -30.07 1.22 85.63
C PHE D 67 -30.70 0.40 86.73
N SER D 68 -31.44 1.04 87.62
CA SER D 68 -32.10 0.34 88.71
C SER D 68 -33.56 0.03 88.40
N THR D 69 -34.09 0.57 87.30
CA THR D 69 -35.50 0.37 86.96
C THR D 69 -35.76 -1.10 86.60
N LYS D 70 -37.01 -1.51 86.74
CA LYS D 70 -37.39 -2.88 86.36
C LYS D 70 -37.26 -3.07 84.85
N ASP D 71 -37.30 -1.98 84.11
CA ASP D 71 -37.02 -2.00 82.67
C ASP D 71 -35.55 -2.30 82.37
N SER D 72 -34.67 -1.77 83.21
CA SER D 72 -33.26 -2.02 83.10
C SER D 72 -32.92 -3.46 83.44
N SER D 73 -33.55 -3.99 84.48
CA SER D 73 -33.38 -5.40 84.82
C SER D 73 -33.72 -6.32 83.68
N ALA D 74 -34.83 -6.01 83.01
CA ALA D 74 -35.31 -6.77 81.87
C ALA D 74 -34.32 -6.69 80.72
N ALA D 75 -33.58 -5.58 80.63
CA ALA D 75 -32.66 -5.36 79.52
C ALA D 75 -31.28 -6.00 79.69
N TRP D 76 -30.79 -6.06 80.93
CA TRP D 76 -29.41 -6.44 81.21
C TRP D 76 -29.27 -7.59 82.19
N ASP D 77 -28.10 -8.22 82.14
CA ASP D 77 -27.77 -9.38 82.95
C ASP D 77 -27.83 -9.03 84.43
N GLU D 78 -28.65 -9.79 85.16
CA GLU D 78 -28.87 -9.57 86.59
C GLU D 78 -27.56 -9.60 87.40
N THR D 79 -26.66 -10.52 87.07
CA THR D 79 -25.39 -10.65 87.80
C THR D 79 -24.51 -9.44 87.60
N LEU D 80 -24.45 -8.95 86.38
CA LEU D 80 -23.60 -7.81 86.06
C LEU D 80 -24.14 -6.54 86.66
N LEU D 81 -25.46 -6.36 86.58
CA LEU D 81 -26.12 -5.20 87.20
C LEU D 81 -25.79 -5.08 88.68
N ASP D 82 -25.69 -6.22 89.36
CA ASP D 82 -25.32 -6.23 90.79
C ASP D 82 -23.92 -5.66 91.04
N LYS D 83 -22.94 -6.26 90.38
CA LYS D 83 -21.54 -5.80 90.46
C LYS D 83 -21.45 -4.32 90.10
N PHE D 84 -22.29 -3.92 89.14
CA PHE D 84 -22.40 -2.53 88.68
C PHE D 84 -22.92 -1.60 89.79
N TYR D 85 -23.99 -2.00 90.47
CA TYR D 85 -24.55 -1.17 91.53
C TYR D 85 -23.55 -0.98 92.66
N THR D 86 -22.94 -2.10 93.07
CA THR D 86 -21.86 -2.06 94.06
C THR D 86 -20.87 -0.96 93.72
N GLU D 87 -20.50 -0.91 92.45
CA GLU D 87 -19.48 0.00 92.02
C GLU D 87 -19.95 1.44 92.05
N LEU D 88 -21.18 1.66 91.59
CA LEU D 88 -21.81 2.99 91.61
C LEU D 88 -21.95 3.50 93.04
N TYR D 89 -22.48 2.65 93.92
CA TYR D 89 -22.60 2.99 95.33
C TYR D 89 -21.30 3.51 95.91
N GLN D 90 -20.23 2.74 95.71
CA GLN D 90 -18.91 3.11 96.18
C GLN D 90 -18.60 4.56 95.85
N GLN D 91 -18.78 4.90 94.58
CA GLN D 91 -18.48 6.24 94.10
C GLN D 91 -19.50 7.25 94.57
N LEU D 92 -20.77 6.92 94.38
CA LEU D 92 -21.88 7.73 94.85
C LEU D 92 -21.69 8.19 96.30
N ASN D 93 -21.29 7.26 97.16
CA ASN D 93 -21.07 7.55 98.58
C ASN D 93 -19.87 8.45 98.84
N ASP D 94 -18.78 8.19 98.12
CA ASP D 94 -17.57 8.98 98.30
C ASP D 94 -17.77 10.42 97.85
N LEU D 95 -18.43 10.58 96.71
CA LEU D 95 -18.71 11.89 96.16
C LEU D 95 -19.66 12.65 97.05
N GLU D 96 -20.68 11.97 97.57
CA GLU D 96 -21.63 12.61 98.44
C GLU D 96 -20.92 13.16 99.67
N ALA D 97 -20.06 12.35 100.29
CA ALA D 97 -19.28 12.79 101.46
C ALA D 97 -18.52 14.09 101.22
N CYS D 98 -18.03 14.26 99.99
CA CYS D 98 -17.31 15.48 99.63
C CYS D 98 -18.23 16.67 99.46
N VAL D 99 -19.33 16.45 98.75
CA VAL D 99 -20.40 17.46 98.61
C VAL D 99 -20.89 17.92 99.99
N ILE D 100 -21.11 16.97 100.90
CA ILE D 100 -21.50 17.26 102.27
C ILE D 100 -20.50 18.20 102.93
N GLN D 101 -19.22 17.84 102.81
CA GLN D 101 -18.13 18.65 103.36
C GLN D 101 -17.98 19.94 102.56
N GLY D 102 -17.02 20.75 102.96
CA GLY D 102 -16.75 22.03 102.29
C GLY D 102 -16.76 21.97 100.76
N VAL D 103 -15.66 21.44 100.21
CA VAL D 103 -15.36 21.53 98.77
C VAL D 103 -16.33 20.68 97.93
N MET D 111 -23.34 29.22 90.17
CA MET D 111 -24.19 28.55 89.18
C MET D 111 -23.96 27.03 89.09
N LYS D 112 -23.58 26.39 90.20
CA LYS D 112 -23.44 24.91 90.23
C LYS D 112 -24.80 24.19 90.23
N GLU D 113 -25.87 24.97 90.44
CA GLU D 113 -27.26 24.54 90.23
C GLU D 113 -27.59 24.37 88.74
N ASP D 114 -27.20 25.36 87.93
CA ASP D 114 -27.29 25.27 86.45
C ASP D 114 -26.60 24.03 85.89
N SER D 115 -25.44 23.70 86.45
CA SER D 115 -24.69 22.51 86.04
C SER D 115 -25.44 21.23 86.35
N ILE D 116 -25.95 21.14 87.56
CA ILE D 116 -26.74 19.99 87.98
C ILE D 116 -28.03 19.87 87.17
N LEU D 117 -28.69 20.99 86.95
CA LEU D 117 -29.89 21.05 86.10
C LEU D 117 -29.61 20.50 84.69
N ALA D 118 -28.47 20.87 84.13
CA ALA D 118 -28.06 20.42 82.82
C ALA D 118 -27.92 18.90 82.76
N VAL D 119 -27.30 18.33 83.78
CA VAL D 119 -27.12 16.88 83.84
C VAL D 119 -28.49 16.21 83.88
N ARG D 120 -29.36 16.72 84.73
CA ARG D 120 -30.67 16.12 84.91
C ARG D 120 -31.50 16.17 83.65
N LYS D 121 -31.48 17.30 82.97
CA LYS D 121 -32.15 17.41 81.68
C LYS D 121 -31.62 16.39 80.67
N TYR D 122 -30.31 16.16 80.71
CA TYR D 122 -29.68 15.16 79.86
C TYR D 122 -30.27 13.78 80.09
N PHE D 123 -30.36 13.38 81.34
CA PHE D 123 -30.92 12.07 81.63
C PHE D 123 -32.42 11.97 81.39
N GLN D 124 -33.10 13.12 81.51
CA GLN D 124 -34.50 13.20 81.14
C GLN D 124 -34.66 12.85 79.66
N ARG D 125 -33.82 13.46 78.82
CA ARG D 125 -33.80 13.17 77.39
C ARG D 125 -33.53 11.70 77.10
N ILE D 126 -32.63 11.10 77.87
CA ILE D 126 -32.33 9.68 77.70
C ILE D 126 -33.53 8.82 78.01
N THR D 127 -34.16 9.11 79.13
CA THR D 127 -35.36 8.38 79.56
C THR D 127 -36.50 8.51 78.55
N LEU D 128 -36.76 9.72 78.10
CA LEU D 128 -37.85 9.92 77.15
C LEU D 128 -37.57 9.16 75.88
N TYR D 129 -36.31 9.13 75.47
CA TYR D 129 -35.87 8.37 74.31
C TYR D 129 -36.27 6.90 74.42
N LEU D 130 -36.11 6.33 75.61
CA LEU D 130 -36.40 4.92 75.83
C LEU D 130 -37.89 4.64 75.86
N LYS D 131 -38.63 5.50 76.54
CA LYS D 131 -40.10 5.42 76.52
C LYS D 131 -40.60 5.46 75.08
N GLU D 132 -40.08 6.40 74.30
CA GLU D 132 -40.47 6.55 72.89
C GLU D 132 -40.19 5.31 72.04
N LYS D 133 -39.03 4.70 72.28
CA LYS D 133 -38.59 3.50 71.55
C LYS D 133 -39.16 2.20 72.15
N LYS D 134 -39.95 2.34 73.20
CA LYS D 134 -40.57 1.23 73.92
C LYS D 134 -39.51 0.25 74.40
N TYR D 135 -38.43 0.81 74.94
CA TYR D 135 -37.37 0.05 75.58
C TYR D 135 -36.89 -1.11 74.73
N SER D 136 -36.77 -0.89 73.43
CA SER D 136 -36.24 -1.94 72.55
C SER D 136 -34.79 -2.21 72.90
N PRO D 137 -34.30 -3.43 72.60
CA PRO D 137 -32.88 -3.80 72.77
C PRO D 137 -31.91 -2.84 72.10
N CYS D 138 -32.29 -2.35 70.93
CA CYS D 138 -31.51 -1.35 70.21
C CYS D 138 -31.42 -0.05 70.95
N ALA D 139 -32.58 0.46 71.38
CA ALA D 139 -32.64 1.70 72.16
C ALA D 139 -31.75 1.57 73.36
N TRP D 140 -31.84 0.43 74.03
CA TRP D 140 -30.99 0.16 75.17
C TRP D 140 -29.51 0.13 74.83
N GLU D 141 -29.18 -0.37 73.65
CA GLU D 141 -27.80 -0.40 73.22
C GLU D 141 -27.27 1.00 72.96
N VAL D 142 -28.05 1.80 72.24
CA VAL D 142 -27.72 3.20 72.03
C VAL D 142 -27.44 3.92 73.33
N VAL D 143 -28.30 3.70 74.29
CA VAL D 143 -28.17 4.38 75.57
C VAL D 143 -26.93 3.90 76.30
N ARG D 144 -26.74 2.58 76.35
CA ARG D 144 -25.54 2.00 76.96
C ARG D 144 -24.27 2.62 76.36
N ALA D 145 -24.22 2.70 75.05
CA ALA D 145 -23.07 3.25 74.38
C ALA D 145 -22.83 4.71 74.71
N GLU D 146 -23.92 5.44 74.96
CA GLU D 146 -23.83 6.88 75.24
C GLU D 146 -23.24 7.07 76.61
N ILE D 147 -23.89 6.44 77.58
CA ILE D 147 -23.47 6.57 78.97
C ILE D 147 -22.02 6.20 79.07
N MET D 148 -21.69 5.09 78.41
CA MET D 148 -20.34 4.62 78.31
C MET D 148 -19.43 5.76 77.87
N ARG D 149 -19.78 6.42 76.80
CA ARG D 149 -18.96 7.50 76.30
C ARG D 149 -18.96 8.69 77.21
N SER D 150 -20.15 9.17 77.57
CA SER D 150 -20.29 10.39 78.36
C SER D 150 -19.72 10.24 79.76
N PHE D 151 -19.70 9.02 80.27
CA PHE D 151 -19.03 8.76 81.53
C PHE D 151 -17.52 8.96 81.41
N SER D 152 -16.91 8.41 80.35
CA SER D 152 -15.47 8.58 80.14
C SER D 152 -15.11 10.04 80.06
N LEU D 153 -15.96 10.81 79.39
CA LEU D 153 -15.74 12.25 79.24
C LEU D 153 -15.77 12.95 80.59
N SER D 154 -16.79 12.62 81.38
CA SER D 154 -16.91 13.08 82.75
C SER D 154 -15.64 12.90 83.57
N THR D 155 -14.96 11.78 83.37
CA THR D 155 -13.89 11.37 84.29
C THR D 155 -12.42 11.39 83.79
N ASN D 156 -12.12 11.05 82.54
CA ASN D 156 -10.79 10.46 82.22
C ASN D 156 -9.63 11.43 82.00
N ASP E 1 -8.53 20.34 73.60
CA ASP E 1 -9.50 19.44 72.90
C ASP E 1 -8.80 18.60 71.83
N ILE E 2 -9.54 17.63 71.29
CA ILE E 2 -8.91 16.55 70.55
C ILE E 2 -8.51 16.97 69.14
N GLN E 3 -7.20 16.86 68.87
CA GLN E 3 -6.63 17.21 67.59
C GLN E 3 -6.21 15.94 66.89
N MET E 4 -6.20 15.94 65.57
CA MET E 4 -5.76 14.75 64.84
C MET E 4 -4.85 15.06 63.68
N THR E 5 -3.87 14.17 63.52
CA THR E 5 -2.81 14.33 62.53
C THR E 5 -2.85 13.16 61.54
N GLN E 6 -3.12 13.47 60.29
CA GLN E 6 -3.07 12.45 59.26
C GLN E 6 -1.68 12.39 58.64
N SER E 7 -1.38 11.25 58.06
CA SER E 7 -0.13 11.04 57.37
C SER E 7 -0.31 9.92 56.35
N PRO E 8 0.23 10.14 55.13
CA PRO E 8 1.01 11.30 54.73
C PRO E 8 0.10 12.48 54.44
N SER E 9 0.65 13.67 54.29
CA SER E 9 -0.14 14.83 53.91
C SER E 9 -0.61 14.70 52.47
N SER E 10 0.21 14.02 51.69
CA SER E 10 0.08 14.01 50.26
C SER E 10 0.72 12.73 49.75
N LEU E 11 0.18 12.22 48.66
CA LEU E 11 0.42 10.83 48.27
C LEU E 11 0.09 10.55 46.82
N SER E 12 0.90 9.70 46.20
CA SER E 12 0.75 9.37 44.80
C SER E 12 0.84 7.86 44.62
N ALA E 13 -0.05 7.32 43.78
CA ALA E 13 -0.08 5.87 43.56
C ALA E 13 -0.79 5.50 42.24
N SER E 14 -0.40 4.36 41.66
CA SER E 14 -0.90 3.97 40.35
C SER E 14 -2.22 3.27 40.54
N VAL E 15 -3.02 3.22 39.48
CA VAL E 15 -4.31 2.56 39.55
C VAL E 15 -4.05 1.11 39.90
N GLY E 16 -4.89 0.58 40.81
CA GLY E 16 -4.79 -0.80 41.25
C GLY E 16 -4.07 -0.93 42.57
N ASP E 17 -3.22 0.05 42.87
CA ASP E 17 -2.37 0.00 44.05
C ASP E 17 -3.18 0.01 45.31
N ARG E 18 -2.56 -0.51 46.34
CA ARG E 18 -3.10 -0.46 47.69
C ARG E 18 -2.64 0.80 48.35
N VAL E 19 -3.54 1.52 48.98
CA VAL E 19 -3.19 2.79 49.59
C VAL E 19 -3.61 2.81 51.05
N THR E 20 -2.80 3.47 51.88
CA THR E 20 -3.03 3.51 53.31
C THR E 20 -2.79 4.90 53.85
N ILE E 21 -3.81 5.41 54.52
CA ILE E 21 -3.78 6.71 55.16
C ILE E 21 -4.00 6.43 56.62
N THR E 22 -3.25 7.10 57.50
CA THR E 22 -3.44 6.93 58.93
C THR E 22 -3.85 8.25 59.54
N CYS E 23 -4.47 8.16 60.71
CA CYS E 23 -4.98 9.32 61.42
C CYS E 23 -4.67 9.08 62.88
N ARG E 24 -4.10 10.07 63.55
CA ARG E 24 -3.63 9.91 64.92
C ARG E 24 -4.26 10.95 65.83
N ALA E 25 -5.08 10.48 66.76
CA ALA E 25 -5.76 11.37 67.70
C ALA E 25 -4.86 11.71 68.90
N SER E 26 -4.96 12.95 69.35
CA SER E 26 -4.18 13.42 70.48
C SER E 26 -4.53 12.71 71.79
N GLN E 27 -5.67 12.01 71.83
CA GLN E 27 -6.04 11.12 72.96
C GLN E 27 -7.12 10.06 72.60
N SER E 28 -7.36 9.02 73.42
CA SER E 28 -8.35 7.99 72.99
C SER E 28 -9.74 8.58 72.65
N VAL E 29 -10.26 8.09 71.53
CA VAL E 29 -11.51 8.46 70.88
C VAL E 29 -12.31 7.14 70.88
N SER E 30 -11.87 6.23 71.75
CA SER E 30 -12.53 4.94 71.91
C SER E 30 -12.97 4.56 73.33
N THR E 31 -14.11 3.88 73.27
CA THR E 31 -14.71 2.99 74.24
C THR E 31 -14.12 1.60 73.96
N SER E 32 -14.18 0.69 74.92
CA SER E 32 -13.71 -0.69 74.68
C SER E 32 -14.49 -1.40 73.56
N SER E 33 -15.70 -0.92 73.28
CA SER E 33 -16.61 -1.52 72.29
C SER E 33 -16.72 -0.74 70.96
N TYR E 34 -16.62 0.60 70.98
CA TYR E 34 -16.72 1.43 69.74
C TYR E 34 -15.70 2.55 69.63
N SER E 35 -15.28 2.85 68.40
CA SER E 35 -14.39 3.98 68.12
C SER E 35 -15.15 5.04 67.35
N TYR E 36 -15.07 6.27 67.84
CA TYR E 36 -15.89 7.37 67.31
C TYR E 36 -15.08 8.26 66.39
N MET E 37 -14.56 7.62 65.35
CA MET E 37 -13.74 8.26 64.33
C MET E 37 -14.31 7.90 62.96
N HIS E 38 -14.46 8.90 62.10
CA HIS E 38 -15.07 8.69 60.78
C HIS E 38 -14.22 9.26 59.68
N TRP E 39 -14.32 8.69 58.48
CA TRP E 39 -13.52 9.13 57.33
C TRP E 39 -14.37 9.70 56.22
N TYR E 40 -13.95 10.83 55.67
CA TYR E 40 -14.67 11.45 54.54
C TYR E 40 -13.79 11.58 53.32
N GLN E 41 -14.44 11.81 52.17
CA GLN E 41 -13.76 12.04 50.92
C GLN E 41 -14.27 13.34 50.36
N GLN E 42 -13.38 14.25 50.02
CA GLN E 42 -13.76 15.48 49.36
C GLN E 42 -13.08 15.63 48.00
N LYS E 43 -13.91 15.59 46.96
CA LYS E 43 -13.43 15.83 45.62
C LYS E 43 -13.39 17.34 45.40
N PRO E 44 -12.49 17.81 44.51
CA PRO E 44 -12.30 19.25 44.42
C PRO E 44 -13.57 19.97 44.02
N GLY E 45 -13.83 21.07 44.72
CA GLY E 45 -14.97 21.92 44.49
C GLY E 45 -16.26 21.26 44.92
N LYS E 46 -16.18 20.32 45.84
CA LYS E 46 -17.36 19.61 46.26
C LYS E 46 -17.38 19.41 47.77
N ALA E 47 -18.58 19.23 48.33
CA ALA E 47 -18.72 18.95 49.74
C ALA E 47 -18.14 17.56 50.04
N PRO E 48 -17.66 17.35 51.27
CA PRO E 48 -17.25 16.03 51.68
C PRO E 48 -18.36 15.01 51.59
N LYS E 49 -17.98 13.75 51.66
CA LYS E 49 -18.87 12.62 51.57
C LYS E 49 -18.33 11.55 52.51
N VAL E 50 -19.15 11.13 53.46
CA VAL E 50 -18.72 10.13 54.41
C VAL E 50 -18.47 8.81 53.71
N LEU E 51 -17.43 8.10 54.14
CA LEU E 51 -17.08 6.81 53.56
C LEU E 51 -17.19 5.70 54.61
N ILE E 52 -16.48 5.89 55.71
CA ILE E 52 -16.43 4.92 56.79
C ILE E 52 -16.98 5.64 57.97
N SER E 53 -17.88 5.00 58.70
CA SER E 53 -18.34 5.50 59.98
C SER E 53 -17.82 4.56 61.07
N TYR E 54 -17.69 5.13 62.28
CA TYR E 54 -17.18 4.46 63.46
C TYR E 54 -15.98 3.57 63.16
N ALA E 55 -14.97 4.18 62.55
CA ALA E 55 -13.67 3.54 62.31
C ALA E 55 -13.63 2.48 61.22
N SER E 56 -14.67 1.65 61.12
CA SER E 56 -14.65 0.49 60.23
C SER E 56 -15.96 0.14 59.54
N ASN E 57 -17.05 0.84 59.86
CA ASN E 57 -18.35 0.56 59.26
C ASN E 57 -18.46 1.25 57.93
N LEU E 58 -18.48 0.47 56.86
CA LEU E 58 -18.49 1.00 55.50
C LEU E 58 -19.88 1.55 55.20
N GLU E 59 -19.93 2.82 54.83
CA GLU E 59 -21.22 3.43 54.61
C GLU E 59 -21.89 2.91 53.38
N SER E 60 -23.22 3.02 53.38
CA SER E 60 -24.05 2.49 52.30
C SER E 60 -23.67 3.15 50.98
N GLY E 61 -23.47 2.34 49.96
CA GLY E 61 -23.19 2.84 48.61
C GLY E 61 -21.72 3.11 48.31
N VAL E 62 -20.87 3.03 49.33
CA VAL E 62 -19.44 3.19 49.14
C VAL E 62 -18.86 1.89 48.57
N PRO E 63 -17.98 1.98 47.55
CA PRO E 63 -17.28 0.83 46.99
C PRO E 63 -16.44 0.03 48.01
N SER E 64 -16.34 -1.26 47.77
CA SER E 64 -15.74 -2.18 48.74
C SER E 64 -14.21 -2.06 48.90
N ARG E 65 -13.54 -1.46 47.94
CA ARG E 65 -12.12 -1.21 48.08
C ARG E 65 -11.81 -0.36 49.31
N PHE E 66 -12.79 0.40 49.77
CA PHE E 66 -12.62 1.22 50.96
C PHE E 66 -12.88 0.43 52.24
N SER E 67 -12.00 0.63 53.21
CA SER E 67 -12.13 0.00 54.50
C SER E 67 -11.37 0.78 55.53
N GLY E 68 -11.81 0.67 56.79
CA GLY E 68 -11.16 1.34 57.89
C GLY E 68 -10.90 0.38 59.02
N SER E 69 -9.71 0.46 59.62
CA SER E 69 -9.42 -0.27 60.85
C SER E 69 -8.90 0.72 61.87
N GLY E 70 -8.69 0.23 63.10
CA GLY E 70 -8.07 1.01 64.17
C GLY E 70 -8.94 1.18 65.41
N SER E 71 -8.30 1.54 66.51
CA SER E 71 -8.99 1.89 67.73
C SER E 71 -8.08 2.70 68.65
N GLY E 72 -8.70 3.34 69.64
CA GLY E 72 -7.98 4.17 70.57
C GLY E 72 -7.60 5.49 69.91
N THR E 73 -6.32 5.64 69.60
CA THR E 73 -5.81 6.86 69.00
C THR E 73 -5.34 6.69 67.56
N ASP E 74 -5.14 5.46 67.10
CA ASP E 74 -4.51 5.21 65.78
C ASP E 74 -5.44 4.52 64.81
N PHE E 75 -5.76 5.20 63.72
CA PHE E 75 -6.76 4.75 62.74
C PHE E 75 -6.23 4.82 61.32
N THR E 76 -6.80 3.98 60.47
CA THR E 76 -6.30 3.72 59.13
C THR E 76 -7.42 3.58 58.12
N LEU E 77 -7.43 4.46 57.13
CA LEU E 77 -8.21 4.24 55.92
C LEU E 77 -7.40 3.53 54.85
N THR E 78 -7.97 2.49 54.26
CA THR E 78 -7.29 1.72 53.24
C THR E 78 -8.13 1.61 51.99
N ILE E 79 -7.55 2.04 50.87
CA ILE E 79 -8.10 1.78 49.55
C ILE E 79 -7.31 0.66 48.92
N SER E 80 -7.95 -0.49 48.75
CA SER E 80 -7.23 -1.69 48.34
C SER E 80 -6.85 -1.71 46.85
N SER E 81 -7.64 -1.07 46.00
CA SER E 81 -7.43 -1.07 44.55
C SER E 81 -7.73 0.32 43.98
N LEU E 82 -6.75 1.19 44.05
CA LEU E 82 -6.95 2.58 43.74
C LEU E 82 -7.47 2.79 42.33
N GLN E 83 -8.44 3.70 42.18
CA GLN E 83 -9.07 4.00 40.91
C GLN E 83 -8.92 5.47 40.58
N PRO E 84 -9.04 5.84 39.28
CA PRO E 84 -8.92 7.24 38.88
C PRO E 84 -9.90 8.16 39.55
N GLU E 85 -11.13 7.70 39.71
CA GLU E 85 -12.21 8.47 40.35
C GLU E 85 -11.99 8.68 41.85
N ASP E 86 -11.00 7.98 42.41
CA ASP E 86 -10.65 8.09 43.84
C ASP E 86 -9.70 9.23 44.13
N PHE E 87 -9.33 9.99 43.11
CA PHE E 87 -8.62 11.26 43.33
C PHE E 87 -9.50 12.19 44.17
N ALA E 88 -8.99 12.53 45.36
CA ALA E 88 -9.60 13.45 46.28
C ALA E 88 -8.70 13.69 47.52
N THR E 89 -9.15 14.55 48.40
CA THR E 89 -8.53 14.70 49.71
C THR E 89 -9.39 13.98 50.74
N TYR E 90 -8.74 13.30 51.66
CA TYR E 90 -9.43 12.47 52.63
C TYR E 90 -9.16 13.01 54.02
N TYR E 91 -10.25 13.09 54.80
CA TYR E 91 -10.23 13.64 56.17
C TYR E 91 -10.73 12.62 57.17
N CYS E 92 -10.21 12.68 58.38
CA CYS E 92 -10.78 11.94 59.49
C CYS E 92 -11.40 12.97 60.43
N GLN E 93 -12.53 12.62 61.05
CA GLN E 93 -13.07 13.40 62.18
C GLN E 93 -13.58 12.53 63.28
N HIS E 94 -13.60 13.10 64.47
CA HIS E 94 -14.08 12.41 65.66
C HIS E 94 -15.38 13.02 66.18
N SER E 95 -16.16 12.17 66.85
CA SER E 95 -17.37 12.59 67.54
C SER E 95 -17.28 12.11 68.97
N TRP E 96 -16.06 12.17 69.51
CA TRP E 96 -15.80 11.99 70.93
C TRP E 96 -15.94 13.33 71.67
N GLY E 97 -17.19 13.77 71.79
CA GLY E 97 -17.51 15.00 72.46
C GLY E 97 -17.26 16.20 71.60
N ILE E 98 -16.97 17.31 72.26
CA ILE E 98 -16.94 18.63 71.64
C ILE E 98 -15.64 19.35 72.00
N PRO E 99 -15.05 20.09 71.06
CA PRO E 99 -15.49 20.28 69.68
C PRO E 99 -15.15 19.13 68.73
N ARG E 100 -15.90 19.08 67.64
CA ARG E 100 -15.67 18.16 66.58
C ARG E 100 -14.56 18.73 65.78
N THR E 101 -13.56 17.91 65.49
CA THR E 101 -12.41 18.37 64.74
C THR E 101 -12.11 17.38 63.67
N PHE E 102 -11.55 17.90 62.58
CA PHE E 102 -11.07 17.09 61.47
C PHE E 102 -9.55 17.02 61.49
N GLY E 103 -8.99 16.11 60.72
CA GLY E 103 -7.57 16.10 60.45
C GLY E 103 -7.28 17.12 59.37
N GLN E 104 -6.01 17.33 59.07
CA GLN E 104 -5.61 18.33 58.05
C GLN E 104 -5.92 17.87 56.63
N GLY E 105 -6.10 16.57 56.46
CA GLY E 105 -6.43 16.00 55.17
C GLY E 105 -5.23 15.37 54.47
N THR E 106 -5.51 14.44 53.58
CA THR E 106 -4.47 13.75 52.84
C THR E 106 -4.85 13.76 51.37
N LYS E 107 -4.07 14.49 50.58
CA LYS E 107 -4.24 14.52 49.13
C LYS E 107 -3.77 13.22 48.48
N VAL E 108 -4.66 12.61 47.72
CA VAL E 108 -4.34 11.40 46.99
C VAL E 108 -4.39 11.69 45.51
N GLU E 109 -3.24 11.54 44.84
CA GLU E 109 -3.15 11.74 43.40
C GLU E 109 -2.75 10.46 42.68
N ILE E 110 -3.26 10.32 41.47
CA ILE E 110 -3.13 9.10 40.69
C ILE E 110 -1.89 9.15 39.84
N LYS E 111 -1.19 8.03 39.77
CA LYS E 111 -0.03 7.85 38.92
C LYS E 111 -0.47 7.09 37.66
N ARG E 112 -0.06 7.60 36.50
CA ARG E 112 -0.44 7.04 35.19
C ARG E 112 0.65 7.27 34.14
N THR E 113 0.57 6.58 33.00
CA THR E 113 1.61 6.74 31.98
C THR E 113 1.72 8.17 31.48
N VAL E 114 2.87 8.49 30.88
CA VAL E 114 3.15 9.85 30.42
C VAL E 114 2.32 10.30 29.20
N ALA E 115 1.84 11.55 29.26
CA ALA E 115 1.10 12.14 28.18
C ALA E 115 1.61 13.55 27.92
N ALA E 116 1.89 13.85 26.66
CA ALA E 116 2.27 15.18 26.29
C ALA E 116 1.05 16.08 26.30
N PRO E 117 1.30 17.37 26.42
CA PRO E 117 0.23 18.30 26.25
C PRO E 117 -0.12 18.50 24.80
N SER E 118 -1.33 18.95 24.55
CA SER E 118 -1.68 19.55 23.29
C SER E 118 -1.57 21.06 23.49
N VAL E 119 -0.67 21.70 22.77
CA VAL E 119 -0.40 23.13 22.93
C VAL E 119 -1.27 24.01 21.99
N PHE E 120 -1.98 24.99 22.56
CA PHE E 120 -2.73 25.98 21.76
C PHE E 120 -2.39 27.41 22.16
N ILE E 121 -2.39 28.36 21.23
CA ILE E 121 -2.16 29.76 21.61
C ILE E 121 -3.23 30.67 21.03
N PHE E 122 -3.55 31.72 21.77
CA PHE E 122 -4.62 32.65 21.47
C PHE E 122 -4.18 34.08 21.59
N PRO E 123 -4.30 34.83 20.49
CA PRO E 123 -4.01 36.25 20.58
C PRO E 123 -5.18 37.03 21.23
N PRO E 124 -4.96 38.29 21.56
CA PRO E 124 -6.00 39.10 22.16
C PRO E 124 -7.12 39.44 21.21
N SER E 125 -8.33 39.35 21.74
CA SER E 125 -9.52 39.81 21.07
C SER E 125 -9.46 41.29 20.77
N ASP E 126 -9.85 41.65 19.56
CA ASP E 126 -9.76 43.05 19.17
C ASP E 126 -10.56 43.89 20.13
N GLU E 127 -11.59 43.30 20.72
CA GLU E 127 -12.40 44.02 21.67
C GLU E 127 -11.65 44.38 22.94
N GLN E 128 -10.79 43.49 23.43
CA GLN E 128 -9.92 43.78 24.58
C GLN E 128 -8.95 44.88 24.26
N LEU E 129 -8.25 44.70 23.13
CA LEU E 129 -7.31 45.67 22.63
C LEU E 129 -7.85 47.10 22.54
N LYS E 130 -9.16 47.27 22.35
CA LYS E 130 -9.81 48.59 22.37
C LYS E 130 -9.76 49.19 23.77
N SER E 131 -9.94 48.36 24.79
CA SER E 131 -9.58 48.74 26.16
C SER E 131 -8.08 48.69 26.22
N GLY E 132 -7.50 49.44 27.15
CA GLY E 132 -6.02 49.52 27.22
C GLY E 132 -5.04 48.35 26.91
N THR E 133 -5.48 47.10 27.11
CA THR E 133 -4.58 45.95 27.27
C THR E 133 -4.73 44.88 26.21
N ALA E 134 -3.74 43.97 26.23
CA ALA E 134 -3.75 42.72 25.46
C ALA E 134 -3.44 41.56 26.39
N SER E 135 -4.03 40.38 26.09
CA SER E 135 -3.75 39.14 26.79
C SER E 135 -3.43 38.01 25.82
N VAL E 136 -2.40 37.25 26.11
CA VAL E 136 -1.98 36.18 25.22
C VAL E 136 -1.92 34.89 26.01
N VAL E 137 -2.69 33.89 25.57
CA VAL E 137 -2.91 32.68 26.35
C VAL E 137 -2.28 31.52 25.63
N CYS E 138 -1.53 30.74 26.37
CA CYS E 138 -0.97 29.53 25.87
C CYS E 138 -1.59 28.46 26.70
N LEU E 139 -2.18 27.47 26.05
CA LEU E 139 -2.93 26.43 26.75
C LEU E 139 -2.29 25.07 26.49
N LEU E 140 -2.15 24.28 27.54
CA LEU E 140 -1.69 22.89 27.41
C LEU E 140 -2.82 21.98 27.81
N ASN E 141 -3.24 21.09 26.92
CA ASN E 141 -4.32 20.24 27.29
C ASN E 141 -3.87 18.82 27.51
N ASN E 142 -4.27 18.28 28.65
CA ASN E 142 -4.38 16.85 28.88
C ASN E 142 -3.06 16.11 28.83
N PHE E 143 -2.22 16.48 29.79
CA PHE E 143 -0.87 15.94 29.91
C PHE E 143 -0.60 15.38 31.28
N TYR E 144 0.34 14.46 31.35
CA TYR E 144 0.83 14.00 32.63
C TYR E 144 2.27 13.59 32.47
N PRO E 145 3.15 13.90 33.44
CA PRO E 145 2.98 14.50 34.78
C PRO E 145 2.69 15.99 34.81
N ARG E 146 2.36 16.52 35.98
CA ARG E 146 1.96 17.93 36.11
C ARG E 146 3.08 18.88 35.75
N GLU E 147 4.31 18.41 35.99
CA GLU E 147 5.52 19.23 35.89
C GLU E 147 5.82 19.57 34.40
N ALA E 148 5.78 20.86 34.08
CA ALA E 148 5.87 21.33 32.71
C ALA E 148 6.50 22.68 32.76
N LYS E 149 6.92 23.21 31.63
CA LYS E 149 7.62 24.45 31.65
C LYS E 149 7.22 25.22 30.42
N VAL E 150 6.44 26.26 30.65
CA VAL E 150 6.05 27.20 29.65
C VAL E 150 7.10 28.28 29.67
N GLN E 151 7.19 29.03 28.58
CA GLN E 151 8.34 29.86 28.33
C GLN E 151 7.88 30.82 27.26
N TRP E 152 7.84 32.11 27.56
CA TRP E 152 7.34 33.08 26.58
C TRP E 152 8.50 33.78 25.94
N LYS E 153 8.43 33.81 24.62
CA LYS E 153 9.28 34.60 23.76
C LYS E 153 8.41 35.58 22.94
N VAL E 154 8.86 36.83 22.87
CA VAL E 154 8.27 37.85 21.99
C VAL E 154 9.39 38.34 21.11
N ASP E 155 9.16 38.34 19.79
CA ASP E 155 10.24 38.56 18.84
C ASP E 155 11.49 37.77 19.30
N ASN E 156 11.25 36.59 19.87
CA ASN E 156 12.31 35.70 20.28
C ASN E 156 13.12 36.13 21.51
N ALA E 157 12.68 37.20 22.18
CA ALA E 157 13.25 37.62 23.46
C ALA E 157 12.44 36.99 24.58
N LEU E 158 13.12 36.37 25.54
CA LEU E 158 12.42 35.79 26.68
C LEU E 158 11.62 36.77 27.51
N GLN E 159 10.47 36.31 27.98
CA GLN E 159 9.68 37.11 28.88
C GLN E 159 9.84 36.53 30.25
N SER E 160 9.91 37.39 31.26
CA SER E 160 9.79 36.92 32.63
C SER E 160 9.04 37.89 33.54
N GLY E 161 8.36 37.31 34.53
CA GLY E 161 7.63 38.05 35.55
C GLY E 161 6.42 38.80 35.04
N ASN E 162 5.93 38.42 33.86
CA ASN E 162 4.79 39.10 33.22
C ASN E 162 3.69 38.16 32.79
N SER E 163 3.78 36.92 33.24
CA SER E 163 2.81 35.89 32.94
C SER E 163 2.36 35.30 34.26
N GLN E 164 1.22 34.63 34.22
CA GLN E 164 0.69 33.93 35.36
C GLN E 164 0.09 32.69 34.79
N GLU E 165 0.23 31.56 35.48
CA GLU E 165 -0.39 30.33 34.97
C GLU E 165 -1.36 29.69 35.94
N SER E 166 -2.11 28.73 35.43
CA SER E 166 -3.04 27.99 36.27
C SER E 166 -3.07 26.54 35.80
N VAL E 167 -3.25 25.64 36.77
CA VAL E 167 -3.39 24.21 36.56
C VAL E 167 -4.78 23.72 37.00
N THR E 168 -5.33 22.75 36.27
CA THR E 168 -6.52 22.03 36.72
C THR E 168 -6.19 20.95 37.76
N GLU E 169 -7.17 20.56 38.55
CA GLU E 169 -7.02 19.43 39.44
C GLU E 169 -7.10 18.21 38.53
N GLN E 170 -6.23 17.25 38.79
CA GLN E 170 -6.11 16.02 38.03
C GLN E 170 -7.42 15.38 37.59
N ASP E 171 -7.57 15.08 36.30
CA ASP E 171 -8.82 14.53 35.77
C ASP E 171 -9.20 13.29 36.54
N SER E 172 -10.48 13.12 36.83
CA SER E 172 -10.88 12.01 37.68
C SER E 172 -11.28 10.81 36.86
N LYS E 173 -11.07 10.88 35.55
CA LYS E 173 -11.37 9.75 34.66
C LYS E 173 -10.13 9.15 34.03
N ASP E 174 -9.27 10.03 33.55
CA ASP E 174 -8.12 9.62 32.82
C ASP E 174 -6.82 10.23 33.41
N SER E 175 -6.98 10.93 34.51
CA SER E 175 -5.92 11.36 35.39
C SER E 175 -4.99 12.45 34.91
N THR E 176 -5.35 13.15 33.84
CA THR E 176 -4.51 14.20 33.29
C THR E 176 -4.61 15.55 33.97
N TYR E 177 -3.71 16.46 33.57
CA TYR E 177 -3.78 17.88 33.92
C TYR E 177 -3.84 18.72 32.67
N SER E 178 -4.25 19.96 32.82
CA SER E 178 -4.24 20.92 31.76
C SER E 178 -3.68 22.17 32.42
N LEU E 179 -2.95 22.98 31.65
CA LEU E 179 -2.42 24.23 32.18
C LEU E 179 -2.66 25.34 31.17
N SER E 180 -3.12 26.50 31.66
CA SER E 180 -3.11 27.75 30.88
C SER E 180 -2.08 28.73 31.46
N SER E 181 -1.44 29.49 30.57
CA SER E 181 -0.52 30.58 30.93
C SER E 181 -0.98 31.85 30.21
N THR E 182 -0.91 33.01 30.88
CA THR E 182 -1.42 34.23 30.31
C THR E 182 -0.41 35.36 30.38
N LEU E 183 0.17 35.73 29.23
CA LEU E 183 1.08 36.88 29.15
C LEU E 183 0.29 38.17 28.99
N THR E 184 0.58 39.20 29.79
CA THR E 184 -0.24 40.42 29.76
C THR E 184 0.62 41.65 29.47
N LEU E 185 0.28 42.35 28.39
CA LEU E 185 0.86 43.64 28.04
C LEU E 185 -0.18 44.69 27.77
N SER E 186 0.24 45.94 27.80
CA SER E 186 -0.60 47.01 27.32
C SER E 186 -0.68 46.87 25.81
N LYS E 187 -1.69 47.50 25.23
CA LYS E 187 -1.91 47.49 23.80
C LYS E 187 -0.74 48.11 23.10
N ALA E 188 -0.41 49.34 23.54
CA ALA E 188 0.62 50.13 22.92
C ALA E 188 1.83 49.26 22.82
N ASP E 189 2.20 48.66 23.94
CA ASP E 189 3.30 47.74 23.97
C ASP E 189 3.13 46.55 23.04
N TYR E 190 1.96 45.92 23.06
CA TYR E 190 1.67 44.78 22.19
C TYR E 190 1.91 45.07 20.69
N GLU E 191 1.55 46.28 20.27
CA GLU E 191 1.62 46.61 18.85
C GLU E 191 3.02 46.92 18.41
N LYS E 192 3.97 46.93 19.34
CA LYS E 192 5.35 47.18 18.97
C LYS E 192 6.07 45.92 18.57
N HIS E 193 5.41 44.78 18.68
CA HIS E 193 6.07 43.50 18.40
C HIS E 193 5.30 42.66 17.41
N LYS E 194 6.00 41.78 16.72
CA LYS E 194 5.36 41.01 15.70
C LYS E 194 5.06 39.59 16.15
N VAL E 195 6.10 38.85 16.51
CA VAL E 195 5.99 37.42 16.75
C VAL E 195 5.78 37.15 18.22
N TYR E 196 4.68 36.46 18.52
CA TYR E 196 4.33 36.09 19.88
C TYR E 196 4.20 34.56 19.93
N ALA E 197 4.90 33.97 20.91
CA ALA E 197 5.18 32.52 20.99
C ALA E 197 5.27 31.98 22.45
N CYS E 198 4.83 30.73 22.62
CA CYS E 198 5.03 29.99 23.87
C CYS E 198 5.66 28.62 23.64
N GLU E 199 6.71 28.39 24.43
CA GLU E 199 7.61 27.27 24.28
C GLU E 199 7.53 26.29 25.45
N VAL E 200 6.83 25.20 25.20
CA VAL E 200 6.45 24.30 26.25
C VAL E 200 7.51 23.23 26.33
N THR E 201 7.99 23.02 27.54
CA THR E 201 8.83 21.87 27.85
C THR E 201 8.12 20.86 28.73
N HIS E 202 8.32 19.58 28.42
CA HIS E 202 7.66 18.50 29.12
C HIS E 202 8.32 17.16 28.81
N GLN E 203 8.19 16.24 29.78
CA GLN E 203 8.74 14.89 29.72
C GLN E 203 8.21 14.03 28.56
N GLY E 204 6.96 14.29 28.17
CA GLY E 204 6.26 13.60 27.08
C GLY E 204 6.56 14.17 25.71
N LEU E 205 7.45 15.18 25.66
CA LEU E 205 7.95 15.77 24.42
C LEU E 205 9.44 15.54 24.34
N SER E 206 9.88 14.83 23.31
CA SER E 206 11.29 14.50 23.14
C SER E 206 12.15 15.74 22.98
N SER E 207 11.54 16.83 22.52
CA SER E 207 12.17 18.16 22.61
C SER E 207 11.12 19.25 22.43
N PRO E 208 11.37 20.44 23.02
CA PRO E 208 10.35 21.47 23.29
C PRO E 208 9.53 21.95 22.11
N VAL E 209 8.23 21.74 22.19
CA VAL E 209 7.26 22.33 21.28
C VAL E 209 6.98 23.80 21.54
N THR E 210 6.76 24.52 20.44
CA THR E 210 6.57 25.96 20.40
C THR E 210 5.49 26.25 19.38
N LYS E 211 4.39 26.81 19.88
CA LYS E 211 3.34 27.41 19.06
C LYS E 211 3.58 28.89 19.07
N SER E 212 3.16 29.58 18.03
CA SER E 212 3.43 30.99 17.89
C SER E 212 2.50 31.64 16.88
N PHE E 213 2.42 32.96 16.91
CA PHE E 213 1.66 33.71 15.91
C PHE E 213 2.31 35.05 15.63
N ASN E 214 1.97 35.63 14.48
CA ASN E 214 2.41 36.96 14.13
C ASN E 214 1.24 37.92 14.21
N ARG E 215 1.38 38.95 15.03
CA ARG E 215 0.34 39.96 15.23
C ARG E 215 -0.37 40.36 13.92
N GLY E 216 -1.69 40.22 13.88
CA GLY E 216 -2.48 40.52 12.67
C GLY E 216 -2.28 39.55 11.51
N GLU E 217 -2.53 38.27 11.77
CA GLU E 217 -2.30 37.19 10.79
C GLU E 217 -3.58 36.41 10.55
N GLU F 1 -36.39 13.86 49.43
CA GLU F 1 -34.96 13.98 49.04
C GLU F 1 -34.31 15.16 49.77
N VAL F 2 -33.33 14.84 50.61
CA VAL F 2 -32.80 15.83 51.54
C VAL F 2 -32.02 16.85 50.76
N GLN F 3 -32.14 18.11 51.18
CA GLN F 3 -31.50 19.19 50.47
C GLN F 3 -31.28 20.38 51.39
N LEU F 4 -30.02 20.81 51.45
CA LEU F 4 -29.57 21.91 52.30
C LEU F 4 -29.04 23.01 51.40
N VAL F 5 -29.56 24.22 51.61
CA VAL F 5 -29.26 25.33 50.73
C VAL F 5 -28.81 26.52 51.52
N GLU F 6 -27.51 26.76 51.55
CA GLU F 6 -26.97 27.91 52.25
C GLU F 6 -26.90 29.09 51.30
N SER F 7 -27.13 30.29 51.86
CA SER F 7 -27.14 31.54 51.11
C SER F 7 -26.76 32.68 52.03
N GLY F 8 -26.52 33.86 51.44
CA GLY F 8 -26.14 35.04 52.23
C GLY F 8 -24.64 35.28 52.26
N GLY F 9 -23.90 34.48 51.50
CA GLY F 9 -22.45 34.65 51.39
C GLY F 9 -22.12 35.85 50.54
N GLY F 10 -20.87 36.30 50.61
CA GLY F 10 -20.43 37.44 49.79
C GLY F 10 -19.20 38.14 50.37
N LEU F 11 -19.17 39.46 50.21
CA LEU F 11 -18.04 40.27 50.61
C LEU F 11 -18.41 41.13 51.82
N VAL F 12 -17.52 41.19 52.80
CA VAL F 12 -17.63 42.12 53.89
C VAL F 12 -16.29 42.69 54.25
N GLN F 13 -16.28 43.93 54.72
CA GLN F 13 -15.04 44.48 55.22
C GLN F 13 -14.72 43.91 56.58
N PRO F 14 -13.44 43.96 56.95
CA PRO F 14 -13.07 43.47 58.27
C PRO F 14 -13.76 44.27 59.36
N GLY F 15 -14.10 43.60 60.44
CA GLY F 15 -14.86 44.23 61.52
C GLY F 15 -16.35 44.23 61.25
N GLY F 16 -16.74 43.96 60.01
CA GLY F 16 -18.14 43.91 59.63
C GLY F 16 -18.82 42.64 60.09
N SER F 17 -20.11 42.52 59.77
CA SER F 17 -20.90 41.38 60.18
C SER F 17 -21.72 40.80 59.01
N LEU F 18 -22.06 39.53 59.12
CA LEU F 18 -22.79 38.81 58.08
C LEU F 18 -23.77 37.83 58.68
N ARG F 19 -24.81 37.51 57.92
CA ARG F 19 -25.75 36.48 58.33
C ARG F 19 -25.97 35.44 57.26
N LEU F 20 -25.44 34.24 57.51
CA LEU F 20 -25.66 33.10 56.65
C LEU F 20 -26.91 32.39 57.07
N SER F 21 -27.65 31.89 56.09
CA SER F 21 -28.87 31.14 56.35
C SER F 21 -28.77 29.84 55.58
N CYS F 22 -29.40 28.81 56.12
CA CYS F 22 -29.44 27.51 55.51
C CYS F 22 -30.86 27.00 55.50
N ALA F 23 -31.44 26.87 54.31
CA ALA F 23 -32.82 26.43 54.16
C ALA F 23 -32.87 24.95 53.82
N THR F 24 -33.53 24.17 54.66
CA THR F 24 -33.55 22.72 54.50
C THR F 24 -34.85 22.25 53.88
N SER F 25 -34.85 21.01 53.40
CA SER F 25 -36.04 20.41 52.80
C SER F 25 -35.85 18.90 52.62
N GLY F 26 -36.97 18.18 52.63
CA GLY F 26 -36.97 16.75 52.27
C GLY F 26 -36.83 15.75 53.40
N TYR F 27 -37.00 16.21 54.64
CA TYR F 27 -36.93 15.33 55.82
C TYR F 27 -37.67 16.00 56.98
N THR F 28 -38.01 15.25 58.02
CA THR F 28 -38.68 15.84 59.19
C THR F 28 -37.68 16.73 59.94
N PHE F 29 -38.01 18.02 60.00
CA PHE F 29 -37.06 19.05 60.44
C PHE F 29 -36.38 18.75 61.78
N THR F 30 -37.16 18.31 62.76
CA THR F 30 -36.67 18.10 64.12
C THR F 30 -35.74 16.89 64.24
N GLU F 31 -35.62 16.11 63.18
CA GLU F 31 -34.87 14.88 63.26
C GLU F 31 -33.38 15.06 63.11
N TYR F 32 -32.96 16.11 62.40
CA TYR F 32 -31.54 16.32 62.15
C TYR F 32 -30.99 17.53 62.85
N ILE F 33 -29.79 17.37 63.38
CA ILE F 33 -29.00 18.47 63.89
C ILE F 33 -28.30 19.16 62.74
N ILE F 34 -28.37 20.48 62.74
CA ILE F 34 -27.79 21.27 61.68
C ILE F 34 -26.50 21.90 62.19
N HIS F 35 -25.50 21.84 61.32
CA HIS F 35 -24.16 22.29 61.61
C HIS F 35 -23.72 23.33 60.62
N TRP F 36 -22.74 24.12 61.04
CA TRP F 36 -21.98 24.92 60.11
C TRP F 36 -20.53 24.47 60.21
N VAL F 37 -19.94 24.26 59.03
CA VAL F 37 -18.56 23.82 58.92
C VAL F 37 -17.95 24.64 57.84
N ARG F 38 -16.79 25.22 58.12
CA ARG F 38 -16.14 26.06 57.11
C ARG F 38 -14.80 25.48 56.67
N GLN F 39 -14.32 26.04 55.56
CA GLN F 39 -13.10 25.60 54.91
C GLN F 39 -12.47 26.80 54.22
N ALA F 40 -11.31 27.22 54.74
CA ALA F 40 -10.51 28.27 54.08
C ALA F 40 -9.99 27.75 52.75
N PRO F 41 -9.88 28.65 51.76
CA PRO F 41 -9.50 28.18 50.42
C PRO F 41 -8.13 27.53 50.43
N GLY F 42 -8.10 26.30 49.94
CA GLY F 42 -6.89 25.48 49.98
C GLY F 42 -6.70 24.69 51.27
N LYS F 43 -7.27 25.17 52.36
CA LYS F 43 -7.03 24.60 53.69
C LYS F 43 -8.02 23.48 54.04
N GLY F 44 -7.93 23.02 55.28
CA GLY F 44 -8.80 21.96 55.78
C GLY F 44 -10.13 22.43 56.33
N LEU F 45 -10.78 21.51 57.01
CA LEU F 45 -12.17 21.69 57.48
C LEU F 45 -12.22 22.06 58.95
N GLU F 46 -13.13 22.96 59.28
CA GLU F 46 -13.25 23.45 60.64
C GLU F 46 -14.70 23.55 61.06
N TRP F 47 -15.04 22.84 62.10
CA TRP F 47 -16.39 22.86 62.65
C TRP F 47 -16.60 24.17 63.36
N VAL F 48 -17.77 24.77 63.14
CA VAL F 48 -18.06 26.06 63.72
C VAL F 48 -19.05 25.93 64.87
N ALA F 49 -20.23 25.43 64.55
CA ALA F 49 -21.31 25.34 65.54
C ALA F 49 -22.38 24.38 65.07
N SER F 50 -23.18 23.91 66.02
CA SER F 50 -24.33 23.08 65.71
C SER F 50 -25.54 23.50 66.53
N ILE F 51 -26.72 23.21 66.02
CA ILE F 51 -27.98 23.46 66.73
C ILE F 51 -28.95 22.29 66.59
N ASN F 52 -29.65 21.98 67.69
CA ASN F 52 -30.59 20.86 67.77
C ASN F 52 -32.04 21.34 67.83
N PRO F 53 -32.76 21.19 66.72
CA PRO F 53 -34.11 21.73 66.61
C PRO F 53 -35.13 21.00 67.47
N ASP F 54 -34.84 19.75 67.81
CA ASP F 54 -35.79 18.92 68.56
C ASP F 54 -35.83 19.41 69.98
N TYR F 55 -34.65 19.51 70.58
CA TYR F 55 -34.52 20.10 71.90
C TYR F 55 -34.32 21.58 71.65
N ASP F 56 -33.26 22.19 72.17
CA ASP F 56 -32.90 23.54 71.73
C ASP F 56 -31.43 23.80 72.00
N ILE F 57 -30.67 22.71 72.03
CA ILE F 57 -29.29 22.77 72.45
C ILE F 57 -28.50 23.34 71.31
N THR F 58 -27.47 24.12 71.66
CA THR F 58 -26.50 24.62 70.69
C THR F 58 -25.10 24.34 71.21
N ASN F 59 -24.16 24.23 70.28
CA ASN F 59 -22.78 24.04 70.64
C ASN F 59 -21.90 24.86 69.74
N TYR F 60 -20.79 25.32 70.30
CA TYR F 60 -19.87 26.17 69.56
C TYR F 60 -18.43 25.66 69.67
N ASN F 61 -17.67 25.87 68.62
CA ASN F 61 -16.25 25.80 68.71
C ASN F 61 -15.78 27.03 69.49
N GLN F 62 -15.01 26.82 70.56
CA GLN F 62 -14.59 27.93 71.44
C GLN F 62 -13.94 29.12 70.74
N ARG F 63 -13.27 28.88 69.62
CA ARG F 63 -12.74 29.98 68.82
C ARG F 63 -13.79 31.07 68.48
N PHE F 64 -15.01 30.64 68.18
CA PHE F 64 -16.06 31.54 67.71
C PHE F 64 -17.13 31.88 68.77
N LYS F 65 -16.89 31.51 70.01
CA LYS F 65 -17.89 31.69 71.07
C LYS F 65 -18.41 33.13 71.16
N GLY F 66 -17.49 34.08 71.17
CA GLY F 66 -17.84 35.50 71.29
C GLY F 66 -18.57 36.09 70.10
N ARG F 67 -18.18 35.68 68.89
CA ARG F 67 -18.54 36.42 67.69
C ARG F 67 -19.73 35.83 66.94
N PHE F 68 -19.75 34.50 66.83
CA PHE F 68 -20.73 33.82 65.99
C PHE F 68 -21.92 33.36 66.83
N THR F 69 -23.11 33.43 66.23
CA THR F 69 -24.33 32.93 66.85
C THR F 69 -25.13 32.10 65.87
N ILE F 70 -25.45 30.88 66.29
CA ILE F 70 -26.26 29.99 65.49
C ILE F 70 -27.64 30.03 66.12
N SER F 71 -28.66 29.90 65.29
CA SER F 71 -30.03 30.04 65.73
C SER F 71 -30.90 29.50 64.62
N LEU F 72 -32.22 29.37 64.86
CA LEU F 72 -33.07 28.88 63.79
C LEU F 72 -34.50 29.31 63.84
N ASP F 73 -35.18 29.12 62.71
CA ASP F 73 -36.58 29.39 62.58
C ASP F 73 -37.28 28.14 62.05
N LYS F 74 -37.95 27.45 62.96
CA LYS F 74 -38.53 26.14 62.69
C LYS F 74 -39.62 26.22 61.63
N SER F 75 -40.46 27.26 61.70
CA SER F 75 -41.52 27.44 60.70
C SER F 75 -40.94 27.58 59.30
N LYS F 76 -39.82 28.27 59.18
CA LYS F 76 -39.16 28.45 57.88
C LYS F 76 -38.17 27.33 57.54
N ARG F 77 -38.11 26.30 58.39
CA ARG F 77 -37.17 25.19 58.22
C ARG F 77 -35.78 25.73 57.90
N THR F 78 -35.34 26.72 58.66
CA THR F 78 -34.13 27.44 58.33
C THR F 78 -33.25 27.71 59.52
N ALA F 79 -31.96 27.42 59.36
CA ALA F 79 -30.94 27.76 60.37
C ALA F 79 -30.06 28.92 59.90
N TYR F 80 -29.58 29.70 60.86
CA TYR F 80 -28.87 30.93 60.58
C TYR F 80 -27.58 30.91 61.32
N LEU F 81 -26.55 31.47 60.69
CA LEU F 81 -25.28 31.75 61.37
C LEU F 81 -24.94 33.23 61.26
N GLN F 82 -25.03 33.91 62.40
CA GLN F 82 -24.70 35.31 62.50
C GLN F 82 -23.22 35.45 62.84
N MET F 83 -22.48 36.07 61.94
CA MET F 83 -21.09 36.31 62.20
C MET F 83 -20.81 37.78 62.44
N ASN F 84 -19.98 38.07 63.43
CA ASN F 84 -19.62 39.43 63.80
C ASN F 84 -18.12 39.67 63.83
N SER F 85 -17.73 40.95 63.84
CA SER F 85 -16.33 41.35 63.99
C SER F 85 -15.43 40.47 63.13
N LEU F 86 -15.80 40.33 61.87
CA LEU F 86 -15.10 39.42 60.98
C LEU F 86 -13.67 39.86 60.71
N ARG F 87 -12.74 38.94 60.96
CA ARG F 87 -11.34 39.11 60.64
C ARG F 87 -11.12 38.56 59.25
N ALA F 88 -9.93 38.79 58.70
CA ALA F 88 -9.59 38.28 57.37
C ALA F 88 -9.41 36.76 57.34
N GLU F 89 -9.12 36.16 58.50
CA GLU F 89 -8.93 34.71 58.60
C GLU F 89 -10.25 33.97 58.65
N ASP F 90 -11.36 34.70 58.54
CA ASP F 90 -12.67 34.08 58.49
C ASP F 90 -13.11 33.82 57.08
N THR F 91 -12.35 34.35 56.12
CA THR F 91 -12.61 34.04 54.71
C THR F 91 -12.56 32.54 54.50
N ALA F 92 -13.70 31.99 54.11
CA ALA F 92 -13.80 30.58 53.86
C ALA F 92 -15.13 30.27 53.18
N VAL F 93 -15.24 29.04 52.68
CA VAL F 93 -16.52 28.52 52.20
C VAL F 93 -17.22 27.99 53.42
N TYR F 94 -18.48 28.38 53.59
CA TYR F 94 -19.26 27.95 54.75
C TYR F 94 -20.27 26.90 54.31
N TYR F 95 -20.09 25.69 54.82
CA TYR F 95 -20.97 24.60 54.51
C TYR F 95 -22.01 24.52 55.59
N CYS F 96 -23.21 24.18 55.16
CA CYS F 96 -24.29 23.81 56.04
C CYS F 96 -24.30 22.30 55.97
N ALA F 97 -24.28 21.63 57.11
CA ALA F 97 -24.28 20.16 57.14
C ALA F 97 -25.22 19.62 58.20
N SER F 98 -25.68 18.39 58.00
CA SER F 98 -26.65 17.78 58.92
C SER F 98 -26.18 16.41 59.36
N TRP F 99 -26.66 16.00 60.53
CA TRP F 99 -26.45 14.66 60.98
C TRP F 99 -27.55 14.24 61.95
N ILE F 100 -27.69 12.94 62.11
CA ILE F 100 -28.53 12.40 63.16
C ILE F 100 -27.67 12.25 64.39
N SER F 101 -26.48 11.69 64.19
CA SER F 101 -25.51 11.54 65.26
C SER F 101 -24.14 11.15 64.74
N ASP F 102 -23.12 11.73 65.39
CA ASP F 102 -21.70 11.39 65.21
C ASP F 102 -21.04 11.84 63.92
N PHE F 103 -21.66 11.53 62.79
CA PHE F 103 -21.09 11.85 61.50
C PHE F 103 -22.14 12.48 60.57
N PHE F 104 -21.66 13.25 59.61
CA PHE F 104 -22.51 14.04 58.75
C PHE F 104 -23.12 13.24 57.63
N ASP F 105 -24.44 13.30 57.55
CA ASP F 105 -25.23 12.59 56.54
C ASP F 105 -25.41 13.40 55.25
N TYR F 106 -25.55 14.74 55.39
CA TYR F 106 -25.85 15.63 54.27
C TYR F 106 -25.12 16.96 54.35
N TRP F 107 -24.99 17.60 53.19
CA TRP F 107 -24.23 18.84 53.02
C TRP F 107 -24.93 19.81 52.08
N GLY F 108 -24.60 21.09 52.21
CA GLY F 108 -24.93 22.06 51.20
C GLY F 108 -23.87 22.07 50.12
N GLN F 109 -23.98 23.02 49.19
CA GLN F 109 -23.00 23.21 48.14
C GLN F 109 -21.90 24.17 48.61
N GLY F 110 -22.12 24.82 49.74
CA GLY F 110 -21.17 25.79 50.28
C GLY F 110 -21.50 27.20 49.79
N THR F 111 -21.19 28.20 50.61
CA THR F 111 -21.36 29.61 50.23
C THR F 111 -20.06 30.33 50.64
N LEU F 112 -19.51 31.12 49.72
CA LEU F 112 -18.21 31.74 49.94
C LEU F 112 -18.34 33.11 50.63
N VAL F 113 -17.63 33.23 51.75
CA VAL F 113 -17.55 34.48 52.49
C VAL F 113 -16.15 35.04 52.37
N THR F 114 -16.04 36.26 51.83
CA THR F 114 -14.76 36.92 51.61
C THR F 114 -14.68 38.17 52.48
N VAL F 115 -13.71 38.19 53.39
CA VAL F 115 -13.49 39.34 54.27
C VAL F 115 -12.34 40.19 53.74
N SER F 116 -12.67 41.34 53.15
CA SER F 116 -11.65 42.18 52.54
C SER F 116 -12.11 43.62 52.45
N SER F 117 -11.14 44.53 52.51
CA SER F 117 -11.37 45.97 52.40
C SER F 117 -11.48 46.47 50.95
N ALA F 118 -11.20 45.63 49.96
CA ALA F 118 -11.22 46.07 48.56
C ALA F 118 -12.62 45.97 47.99
N SER F 119 -12.98 46.82 47.02
CA SER F 119 -14.37 46.82 46.56
C SER F 119 -14.62 45.93 45.35
N THR F 120 -15.83 45.36 45.34
CA THR F 120 -16.36 44.48 44.30
C THR F 120 -16.20 45.06 42.88
N LYS F 121 -16.06 44.15 41.91
CA LYS F 121 -15.76 44.54 40.53
C LYS F 121 -16.12 43.43 39.55
N GLY F 122 -16.92 43.78 38.55
CA GLY F 122 -17.28 42.85 37.50
C GLY F 122 -16.09 42.54 36.59
N PRO F 123 -16.08 41.33 36.00
CA PRO F 123 -15.12 41.00 34.98
C PRO F 123 -15.54 41.51 33.62
N SER F 124 -14.57 41.71 32.75
CA SER F 124 -14.82 41.73 31.32
C SER F 124 -14.72 40.29 30.87
N VAL F 125 -15.29 39.99 29.71
CA VAL F 125 -15.22 38.66 29.15
C VAL F 125 -14.78 38.74 27.70
N PHE F 126 -13.78 37.95 27.36
CA PHE F 126 -13.15 38.08 26.06
C PHE F 126 -13.11 36.73 25.38
N PRO F 127 -13.34 36.71 24.06
CA PRO F 127 -13.21 35.45 23.35
C PRO F 127 -11.77 34.97 23.32
N LEU F 128 -11.63 33.66 23.17
CA LEU F 128 -10.35 33.05 22.83
C LEU F 128 -10.63 32.28 21.58
N ALA F 129 -10.56 32.98 20.46
CA ALA F 129 -11.05 32.45 19.20
C ALA F 129 -10.22 31.26 18.75
N PRO F 130 -10.88 30.25 18.18
CA PRO F 130 -10.20 29.06 17.70
C PRO F 130 -9.38 29.34 16.47
N SER F 131 -8.20 28.72 16.40
CA SER F 131 -7.27 28.91 15.28
C SER F 131 -7.53 28.00 14.06
N SER F 132 -8.37 26.96 14.24
CA SER F 132 -8.76 26.05 13.16
C SER F 132 -7.55 25.41 12.45
N GLY F 137 -8.94 20.07 9.59
CA GLY F 137 -9.98 19.16 10.06
C GLY F 137 -9.49 18.09 11.03
N GLY F 138 -9.19 18.51 12.27
CA GLY F 138 -8.86 17.60 13.40
C GLY F 138 -9.78 17.91 14.57
N THR F 139 -9.22 18.41 15.67
CA THR F 139 -10.04 19.07 16.71
C THR F 139 -9.42 20.39 17.17
N ALA F 140 -10.26 21.33 17.56
CA ALA F 140 -9.83 22.67 17.88
C ALA F 140 -10.36 23.13 19.24
N ALA F 141 -9.75 24.19 19.73
CA ALA F 141 -9.97 24.67 21.07
C ALA F 141 -10.31 26.16 21.09
N LEU F 142 -11.10 26.53 22.06
CA LEU F 142 -11.64 27.88 22.11
C LEU F 142 -12.10 28.12 23.51
N GLY F 143 -12.15 29.38 23.92
CA GLY F 143 -12.51 29.66 25.28
C GLY F 143 -12.93 31.06 25.58
N CYS F 144 -13.00 31.36 26.86
CA CYS F 144 -13.39 32.67 27.33
C CYS F 144 -12.39 33.21 28.27
N LEU F 145 -12.12 34.49 28.17
CA LEU F 145 -11.24 35.10 29.10
C LEU F 145 -12.05 35.99 30.03
N VAL F 146 -12.13 35.56 31.29
CA VAL F 146 -12.84 36.28 32.33
C VAL F 146 -11.82 36.98 33.20
N LYS F 147 -11.74 38.28 32.97
CA LYS F 147 -10.66 39.06 33.43
C LYS F 147 -11.14 40.21 34.31
N ASP F 148 -10.49 40.34 35.46
CA ASP F 148 -10.43 41.55 36.25
C ASP F 148 -11.63 41.69 37.14
N TYR F 149 -11.76 40.76 38.07
CA TYR F 149 -12.90 40.72 38.92
C TYR F 149 -12.63 40.42 40.37
N PHE F 150 -13.35 41.10 41.24
CA PHE F 150 -13.33 40.78 42.65
C PHE F 150 -14.75 40.86 43.17
N PRO F 151 -15.11 40.01 44.15
CA PRO F 151 -14.39 38.91 44.77
C PRO F 151 -14.63 37.62 44.01
N GLU F 152 -14.17 36.50 44.54
CA GLU F 152 -14.65 35.23 44.05
C GLU F 152 -16.11 35.07 44.50
N PRO F 153 -16.84 34.13 43.89
CA PRO F 153 -16.52 33.34 42.73
C PRO F 153 -17.29 33.83 41.52
N VAL F 154 -16.79 33.43 40.35
CA VAL F 154 -17.54 33.56 39.10
C VAL F 154 -17.85 32.16 38.57
N THR F 155 -18.92 31.98 37.80
CA THR F 155 -19.25 30.63 37.32
C THR F 155 -19.51 30.57 35.83
N VAL F 156 -18.59 29.89 35.12
CA VAL F 156 -18.69 29.77 33.69
C VAL F 156 -19.30 28.47 33.25
N SER F 157 -20.31 28.56 32.38
CA SER F 157 -20.80 27.41 31.61
C SER F 157 -20.84 27.67 30.07
N TRP F 158 -21.17 26.62 29.32
CA TRP F 158 -21.17 26.65 27.87
C TRP F 158 -22.52 26.18 27.29
N ASN F 159 -23.07 26.97 26.36
CA ASN F 159 -24.31 26.62 25.72
C ASN F 159 -25.37 26.27 26.75
N SER F 160 -25.43 27.08 27.81
CA SER F 160 -26.36 26.91 28.95
C SER F 160 -26.19 25.61 29.73
N GLY F 161 -24.99 25.03 29.65
CA GLY F 161 -24.66 23.77 30.28
C GLY F 161 -24.98 22.54 29.45
N ALA F 162 -25.43 22.78 28.22
CA ALA F 162 -25.61 21.71 27.25
C ALA F 162 -24.24 21.25 26.71
N LEU F 163 -23.19 21.97 27.06
CA LEU F 163 -21.85 21.55 26.74
C LEU F 163 -20.94 21.47 27.97
N THR F 164 -20.72 20.24 28.39
CA THR F 164 -19.88 19.93 29.54
C THR F 164 -18.63 19.12 29.14
N SER F 165 -18.76 18.27 28.13
CA SER F 165 -17.69 17.41 27.72
C SER F 165 -16.59 18.19 26.97
N GLY F 166 -15.35 18.12 27.47
CA GLY F 166 -14.21 18.83 26.86
C GLY F 166 -13.77 20.07 27.62
N VAL F 167 -14.48 20.39 28.69
CA VAL F 167 -14.41 21.72 29.31
C VAL F 167 -13.42 21.80 30.48
N HIS F 168 -12.68 22.91 30.53
CA HIS F 168 -11.77 23.18 31.64
C HIS F 168 -11.95 24.60 32.11
N THR F 169 -12.35 24.75 33.36
CA THR F 169 -12.55 26.07 33.88
C THR F 169 -11.44 26.18 34.88
N PHE F 170 -10.40 26.93 34.53
CA PHE F 170 -9.18 26.97 35.32
C PHE F 170 -9.38 27.76 36.63
N PRO F 171 -8.72 27.33 37.72
CA PRO F 171 -8.71 28.13 38.90
C PRO F 171 -8.21 29.53 38.68
N ALA F 172 -9.03 30.49 39.10
CA ALA F 172 -8.68 31.91 39.09
C ALA F 172 -7.25 32.16 39.59
N VAL F 173 -6.59 33.12 38.98
CA VAL F 173 -5.32 33.61 39.48
C VAL F 173 -5.52 35.04 39.88
N LEU F 174 -4.76 35.45 40.88
CA LEU F 174 -4.88 36.77 41.47
C LEU F 174 -3.81 37.60 40.82
N GLN F 175 -4.20 38.72 40.26
CA GLN F 175 -3.29 39.54 39.51
C GLN F 175 -2.56 40.46 40.44
N SER F 176 -1.56 41.15 39.93
CA SER F 176 -0.73 41.97 40.80
C SER F 176 -1.60 43.11 41.23
N SER F 177 -2.61 43.40 40.40
CA SER F 177 -3.68 44.36 40.68
C SER F 177 -4.68 43.94 41.75
N GLY F 178 -4.54 42.74 42.27
CA GLY F 178 -5.45 42.25 43.29
C GLY F 178 -6.82 41.87 42.73
N LEU F 179 -6.88 41.65 41.43
CA LEU F 179 -8.11 41.15 40.83
C LEU F 179 -7.88 39.78 40.32
N TYR F 180 -8.99 39.11 40.11
CA TYR F 180 -8.99 37.75 39.71
C TYR F 180 -9.17 37.75 38.25
N SER F 181 -8.88 36.61 37.66
CA SER F 181 -8.85 36.46 36.23
C SER F 181 -8.70 34.96 35.99
N LEU F 182 -9.49 34.47 35.04
CA LEU F 182 -9.77 33.06 34.88
C LEU F 182 -10.12 32.83 33.42
N SER F 183 -9.65 31.70 32.89
CA SER F 183 -10.04 31.30 31.54
C SER F 183 -10.71 29.91 31.52
N SER F 184 -11.62 29.77 30.58
CA SER F 184 -12.36 28.53 30.36
C SER F 184 -12.29 28.12 28.90
N VAL F 185 -11.64 26.99 28.64
CA VAL F 185 -11.60 26.43 27.31
C VAL F 185 -12.33 25.11 27.20
N VAL F 186 -12.66 24.80 25.97
CA VAL F 186 -13.43 23.62 25.60
C VAL F 186 -12.79 23.11 24.28
N THR F 187 -12.72 21.80 24.12
CA THR F 187 -12.10 21.22 22.92
C THR F 187 -13.22 20.55 22.12
N VAL F 188 -13.21 20.78 20.80
CA VAL F 188 -14.26 20.29 19.89
C VAL F 188 -13.69 19.95 18.53
N PRO F 189 -14.41 19.14 17.72
CA PRO F 189 -14.04 18.86 16.34
C PRO F 189 -13.96 20.12 15.50
N SER F 190 -13.03 20.13 14.56
CA SER F 190 -12.82 21.32 13.74
C SER F 190 -14.01 21.52 12.84
N SER F 191 -14.54 20.43 12.31
CA SER F 191 -15.63 20.50 11.34
C SER F 191 -16.81 21.27 11.90
N SER F 192 -17.00 21.17 13.22
CA SER F 192 -18.09 21.85 13.92
C SER F 192 -18.02 23.37 13.83
N LEU F 193 -16.83 23.94 13.89
CA LEU F 193 -16.68 25.39 13.75
C LEU F 193 -17.36 25.88 12.50
N GLY F 194 -18.04 27.02 12.60
CA GLY F 194 -18.78 27.57 11.47
C GLY F 194 -20.21 27.11 11.50
N THR F 195 -20.42 25.88 11.95
CA THR F 195 -21.76 25.33 12.12
C THR F 195 -22.25 25.48 13.53
N GLN F 196 -21.67 24.72 14.46
CA GLN F 196 -22.09 24.76 15.84
C GLN F 196 -21.65 26.06 16.48
N THR F 197 -22.62 26.72 17.11
CA THR F 197 -22.40 27.87 17.94
C THR F 197 -21.89 27.43 19.28
N TYR F 198 -20.87 28.14 19.78
CA TYR F 198 -20.31 27.96 21.12
C TYR F 198 -20.40 29.29 21.87
N ILE F 199 -21.14 29.31 22.99
CA ILE F 199 -21.28 30.48 23.85
C ILE F 199 -20.77 30.16 25.25
N CYS F 200 -20.07 31.09 25.87
CA CYS F 200 -19.78 30.89 27.25
C CYS F 200 -20.55 31.86 28.15
N ASN F 201 -21.23 31.27 29.13
CA ASN F 201 -22.22 31.92 29.99
C ASN F 201 -21.55 32.25 31.30
N VAL F 202 -21.33 33.53 31.55
CA VAL F 202 -20.62 33.89 32.76
C VAL F 202 -21.53 34.67 33.71
N ASN F 203 -21.63 34.16 34.94
CA ASN F 203 -22.33 34.83 36.00
C ASN F 203 -21.43 35.07 37.20
N HIS F 204 -21.23 36.34 37.53
CA HIS F 204 -20.61 36.80 38.77
C HIS F 204 -21.62 37.47 39.67
N LYS F 205 -22.24 36.69 40.56
CA LYS F 205 -23.27 37.18 41.50
C LYS F 205 -22.98 38.49 42.24
N PRO F 206 -21.84 38.59 42.93
CA PRO F 206 -21.52 39.78 43.72
C PRO F 206 -21.74 41.12 43.03
N SER F 207 -21.59 41.16 41.72
CA SER F 207 -21.76 42.36 40.93
C SER F 207 -23.00 42.25 40.03
N ASN F 208 -23.76 41.17 40.17
CA ASN F 208 -24.86 40.87 39.26
C ASN F 208 -24.46 41.00 37.80
N THR F 209 -23.27 40.49 37.49
CA THR F 209 -22.76 40.51 36.14
C THR F 209 -23.03 39.15 35.53
N LYS F 210 -23.98 39.14 34.61
CA LYS F 210 -24.34 37.96 33.85
C LYS F 210 -24.15 38.34 32.40
N VAL F 211 -23.50 37.47 31.67
CA VAL F 211 -22.91 37.81 30.39
C VAL F 211 -22.85 36.54 29.56
N ASP F 212 -23.35 36.62 28.34
CA ASP F 212 -23.34 35.50 27.42
C ASP F 212 -22.52 35.98 26.24
N LYS F 213 -21.40 35.32 25.98
CA LYS F 213 -20.47 35.79 24.93
C LYS F 213 -20.22 34.70 23.89
N LYS F 214 -20.41 35.05 22.61
CA LYS F 214 -20.17 34.12 21.49
C LYS F 214 -18.70 34.08 21.04
N VAL F 215 -18.13 32.88 20.98
CA VAL F 215 -16.77 32.68 20.48
C VAL F 215 -16.79 32.26 19.02
N GLU F 216 -16.04 32.97 18.17
CA GLU F 216 -16.01 32.71 16.73
C GLU F 216 -14.62 32.87 16.11
N PRO F 217 -14.41 32.24 14.95
CA PRO F 217 -13.23 32.48 14.13
C PRO F 217 -13.36 33.74 13.28
N LEU G 9 19.22 -3.11 -19.42
CA LEU G 9 19.15 -2.50 -18.04
C LEU G 9 19.82 -1.11 -18.00
N GLY G 10 19.25 -0.22 -18.81
CA GLY G 10 19.45 1.23 -18.74
C GLY G 10 18.63 1.82 -17.59
N SER G 11 18.08 0.95 -16.74
CA SER G 11 17.55 1.32 -15.43
C SER G 11 18.68 1.40 -14.40
N ARG G 12 19.72 0.59 -14.61
CA ARG G 12 20.95 0.67 -13.80
C ARG G 12 21.55 2.08 -13.89
N ARG G 13 21.37 2.68 -15.06
CA ARG G 13 21.83 4.02 -15.35
C ARG G 13 21.08 5.07 -14.52
N THR G 14 19.79 4.83 -14.30
CA THR G 14 18.95 5.75 -13.54
C THR G 14 19.34 5.81 -12.06
N LEU G 15 19.67 4.66 -11.50
CA LEU G 15 20.12 4.58 -10.12
C LEU G 15 21.49 5.22 -9.96
N MET G 16 22.35 4.99 -10.92
CA MET G 16 23.69 5.57 -10.90
C MET G 16 23.59 7.09 -10.81
N LEU G 17 22.69 7.68 -11.58
CA LEU G 17 22.50 9.12 -11.60
C LEU G 17 21.93 9.63 -10.29
N LEU G 18 20.92 8.94 -9.78
CA LEU G 18 20.39 9.27 -8.47
C LEU G 18 21.45 9.24 -7.38
N ALA G 19 22.40 8.32 -7.51
CA ALA G 19 23.51 8.22 -6.54
C ALA G 19 24.36 9.45 -6.58
N GLN G 20 24.70 9.89 -7.78
CA GLN G 20 25.60 11.01 -7.96
C GLN G 20 24.99 12.33 -7.51
N MET G 21 23.67 12.38 -7.47
CA MET G 21 22.98 13.57 -7.03
C MET G 21 23.09 13.80 -5.53
N ARG G 22 23.49 12.79 -4.77
CA ARG G 22 23.59 12.95 -3.33
C ARG G 22 24.51 14.11 -3.00
N LYS G 23 24.06 14.93 -2.06
CA LYS G 23 24.84 16.05 -1.56
C LYS G 23 25.17 15.90 -0.09
N ILE G 24 24.21 15.42 0.71
CA ILE G 24 24.42 15.28 2.15
C ILE G 24 24.13 13.87 2.65
N SER G 25 24.78 13.51 3.76
CA SER G 25 24.59 12.20 4.35
C SER G 25 23.32 12.12 5.17
N LEU G 26 22.66 10.99 5.03
CA LEU G 26 21.46 10.68 5.78
C LEU G 26 21.77 10.59 7.27
N PHE G 27 23.03 10.36 7.59
CA PHE G 27 23.42 10.23 8.98
C PHE G 27 23.38 11.56 9.73
N SER G 28 23.41 12.66 8.99
CA SER G 28 23.20 13.96 9.59
C SER G 28 21.72 14.33 9.61
N CYS G 29 20.89 13.50 8.98
CA CYS G 29 19.45 13.77 8.90
C CYS G 29 18.61 12.75 9.66
N LEU G 30 19.16 12.14 10.69
CA LEU G 30 18.46 11.02 11.32
C LEU G 30 17.18 11.46 11.97
N LYS G 31 17.16 12.70 12.47
CA LYS G 31 15.92 13.32 12.96
C LYS G 31 14.74 13.22 11.98
N ASP G 32 15.03 13.29 10.68
CA ASP G 32 14.01 13.41 9.65
C ASP G 32 13.60 12.12 8.94
N ARG G 33 14.13 10.98 9.37
CA ARG G 33 13.81 9.71 8.68
C ARG G 33 12.32 9.43 8.79
N HIS G 34 11.80 8.67 7.84
CA HIS G 34 10.38 8.55 7.66
C HIS G 34 10.03 7.26 6.94
N ASP G 35 8.96 6.60 7.39
CA ASP G 35 8.46 5.43 6.69
C ASP G 35 7.32 5.84 5.77
N PHE G 36 7.52 5.66 4.46
CA PHE G 36 6.57 6.08 3.45
C PHE G 36 5.63 4.97 2.98
N GLY G 37 5.82 3.76 3.49
CA GLY G 37 4.94 2.66 3.18
C GLY G 37 4.84 2.42 1.69
N PHE G 38 5.97 2.11 1.07
CA PHE G 38 6.02 1.77 -0.36
C PHE G 38 5.21 0.51 -0.63
N PRO G 39 4.21 0.59 -1.55
CA PRO G 39 3.31 -0.54 -1.82
C PRO G 39 3.99 -1.57 -2.71
N GLN G 40 4.90 -2.32 -2.10
CA GLN G 40 5.76 -3.25 -2.81
C GLN G 40 4.97 -4.46 -3.31
N GLU G 41 4.00 -4.90 -2.54
CA GLU G 41 3.13 -6.05 -2.90
C GLU G 41 2.66 -5.96 -4.36
N GLU G 42 2.51 -4.74 -4.83
CA GLU G 42 1.97 -4.44 -6.16
C GLU G 42 2.91 -4.75 -7.35
N PHE G 43 4.13 -5.19 -7.08
CA PHE G 43 5.10 -5.45 -8.15
C PHE G 43 5.50 -6.94 -8.26
N GLY G 44 6.75 -7.26 -7.89
CA GLY G 44 7.45 -8.49 -8.32
C GLY G 44 6.67 -9.79 -8.48
N PHE G 47 3.31 -12.54 -9.97
CA PHE G 47 3.17 -11.69 -11.16
C PHE G 47 4.35 -11.93 -12.14
N GLN G 48 5.55 -11.50 -11.72
CA GLN G 48 6.80 -11.53 -12.51
C GLN G 48 6.76 -10.69 -13.78
N LYS G 49 7.94 -10.21 -14.19
CA LYS G 49 8.04 -9.17 -15.21
C LYS G 49 7.01 -9.41 -16.30
N ALA G 50 5.99 -8.54 -16.30
CA ALA G 50 5.09 -8.31 -17.44
C ALA G 50 3.65 -7.90 -17.12
N GLU G 51 3.04 -8.53 -16.12
CA GLU G 51 1.71 -8.07 -15.68
C GLU G 51 1.82 -6.83 -14.80
N THR G 52 3.04 -6.40 -14.51
CA THR G 52 3.32 -5.26 -13.62
C THR G 52 3.88 -4.05 -14.36
N ILE G 53 3.72 -4.06 -15.67
CA ILE G 53 4.15 -2.95 -16.50
C ILE G 53 3.41 -1.64 -16.16
N PRO G 54 2.07 -1.66 -16.18
CA PRO G 54 1.32 -0.42 -15.90
C PRO G 54 1.64 0.24 -14.56
N VAL G 55 2.02 -0.56 -13.57
CA VAL G 55 2.35 -0.07 -12.24
C VAL G 55 3.73 0.58 -12.31
N LEU G 56 4.62 -0.10 -13.02
CA LEU G 56 5.96 0.40 -13.19
C LEU G 56 5.93 1.66 -14.01
N HIS G 57 5.06 1.67 -15.02
CA HIS G 57 4.83 2.86 -15.83
C HIS G 57 4.41 4.05 -14.99
N GLU G 58 3.51 3.82 -14.04
CA GLU G 58 3.05 4.91 -13.20
C GLU G 58 4.14 5.39 -12.27
N MET G 59 4.99 4.46 -11.84
CA MET G 59 6.11 4.81 -10.99
C MET G 59 7.03 5.83 -11.62
N ILE G 60 7.49 5.48 -12.81
CA ILE G 60 8.43 6.31 -13.54
C ILE G 60 7.81 7.67 -13.73
N GLN G 61 6.58 7.66 -14.24
CA GLN G 61 5.76 8.87 -14.34
C GLN G 61 5.87 9.74 -13.11
N GLN G 62 5.61 9.15 -11.96
CA GLN G 62 5.56 9.91 -10.73
C GLN G 62 6.90 10.49 -10.36
N ILE G 63 7.94 9.70 -10.58
CA ILE G 63 9.32 10.12 -10.31
C ILE G 63 9.68 11.30 -11.19
N PHE G 64 9.35 11.17 -12.46
CA PHE G 64 9.60 12.21 -13.44
C PHE G 64 8.90 13.50 -13.00
N ASN G 65 7.65 13.37 -12.57
CA ASN G 65 6.87 14.50 -12.08
C ASN G 65 7.57 15.13 -10.90
N LEU G 66 7.95 14.29 -9.96
CA LEU G 66 8.59 14.72 -8.73
C LEU G 66 9.84 15.56 -8.93
N PHE G 67 10.73 15.06 -9.77
CA PHE G 67 12.05 15.67 -9.94
C PHE G 67 12.08 16.76 -10.99
N SER G 68 10.92 17.10 -11.54
CA SER G 68 10.82 18.16 -12.53
C SER G 68 10.40 19.49 -11.91
N THR G 69 9.97 19.48 -10.66
CA THR G 69 9.47 20.70 -10.01
C THR G 69 10.59 21.71 -9.87
N LYS G 70 10.23 22.98 -9.77
CA LYS G 70 11.22 24.03 -9.54
C LYS G 70 11.86 23.87 -8.15
N ASP G 71 11.17 23.20 -7.24
CA ASP G 71 11.73 22.86 -5.95
C ASP G 71 12.84 21.81 -6.06
N SER G 72 12.66 20.88 -6.99
CA SER G 72 13.66 19.84 -7.27
C SER G 72 14.89 20.45 -7.93
N SER G 73 14.68 21.36 -8.86
CA SER G 73 15.80 22.07 -9.48
C SER G 73 16.66 22.75 -8.43
N ALA G 74 15.99 23.39 -7.47
CA ALA G 74 16.67 24.10 -6.38
C ALA G 74 17.48 23.14 -5.52
N ALA G 75 17.02 21.90 -5.43
CA ALA G 75 17.62 20.93 -4.55
C ALA G 75 18.82 20.22 -5.19
N TRP G 76 18.76 19.98 -6.49
CA TRP G 76 19.74 19.10 -7.15
C TRP G 76 20.49 19.75 -8.30
N ASP G 77 21.61 19.13 -8.65
CA ASP G 77 22.48 19.63 -9.70
C ASP G 77 21.76 19.66 -11.06
N GLU G 78 21.71 20.83 -11.67
CA GLU G 78 21.02 21.02 -12.94
C GLU G 78 21.52 20.05 -14.03
N THR G 79 22.83 19.83 -14.10
CA THR G 79 23.40 18.96 -15.13
C THR G 79 22.92 17.53 -14.96
N LEU G 80 22.91 17.07 -13.72
CA LEU G 80 22.56 15.69 -13.43
C LEU G 80 21.10 15.44 -13.65
N LEU G 81 20.27 16.39 -13.23
CA LEU G 81 18.83 16.33 -13.46
C LEU G 81 18.50 16.15 -14.94
N ASP G 82 19.27 16.80 -15.81
CA ASP G 82 19.07 16.67 -17.25
C ASP G 82 19.31 15.24 -17.72
N LYS G 83 20.50 14.71 -17.45
CA LYS G 83 20.84 13.33 -17.79
C LYS G 83 19.77 12.39 -17.23
N PHE G 84 19.29 12.72 -16.04
CA PHE G 84 18.27 11.96 -15.35
C PHE G 84 16.94 11.95 -16.12
N TYR G 85 16.48 13.11 -16.55
CA TYR G 85 15.23 13.19 -17.31
C TYR G 85 15.30 12.42 -18.63
N THR G 86 16.41 12.59 -19.34
CA THR G 86 16.70 11.80 -20.55
C THR G 86 16.43 10.33 -20.28
N GLU G 87 16.93 9.86 -19.14
CA GLU G 87 16.87 8.45 -18.80
C GLU G 87 15.46 8.00 -18.45
N LEU G 88 14.76 8.82 -17.67
CA LEU G 88 13.37 8.56 -17.34
C LEU G 88 12.54 8.53 -18.61
N TYR G 89 12.66 9.54 -19.45
CA TYR G 89 11.91 9.60 -20.71
C TYR G 89 12.02 8.31 -21.49
N GLN G 90 13.26 7.87 -21.69
CA GLN G 90 13.55 6.65 -22.41
C GLN G 90 12.64 5.52 -21.92
N GLN G 91 12.61 5.33 -20.61
CA GLN G 91 11.84 4.25 -19.99
C GLN G 91 10.36 4.56 -20.04
N LEU G 92 10.00 5.75 -19.59
CA LEU G 92 8.62 6.24 -19.63
C LEU G 92 7.96 5.99 -20.99
N ASN G 93 8.67 6.30 -22.06
CA ASN G 93 8.16 6.10 -23.41
C ASN G 93 8.02 4.63 -23.79
N ASP G 94 9.00 3.81 -23.43
CA ASP G 94 8.96 2.39 -23.77
C ASP G 94 7.84 1.69 -23.06
N LEU G 95 7.68 2.02 -21.78
CA LEU G 95 6.62 1.43 -20.96
C LEU G 95 5.26 1.83 -21.45
N GLU G 96 5.12 3.10 -21.81
CA GLU G 96 3.84 3.59 -22.29
C GLU G 96 3.42 2.85 -23.56
N ALA G 97 4.37 2.69 -24.49
CA ALA G 97 4.13 1.92 -25.72
C ALA G 97 3.55 0.53 -25.44
N CYS G 98 4.02 -0.10 -24.38
CA CYS G 98 3.53 -1.43 -24.00
C CYS G 98 2.12 -1.36 -23.42
N VAL G 99 1.92 -0.42 -22.51
CA VAL G 99 0.60 -0.16 -21.94
C VAL G 99 -0.40 0.11 -23.04
N ILE G 100 -0.01 0.93 -24.02
CA ILE G 100 -0.85 1.23 -25.19
C ILE G 100 -1.25 -0.06 -25.89
N GLN G 101 -0.26 -0.89 -26.17
CA GLN G 101 -0.48 -2.18 -26.82
C GLN G 101 -1.23 -3.12 -25.89
N GLY G 102 -1.46 -4.34 -26.34
CA GLY G 102 -2.12 -5.38 -25.53
C GLY G 102 -1.76 -5.40 -24.03
N VAL G 103 -0.65 -6.02 -23.64
CA VAL G 103 -0.27 -6.14 -22.21
C VAL G 103 -1.44 -5.91 -21.24
N LEU G 110 -9.73 -5.47 -12.71
CA LEU G 110 -10.18 -4.55 -11.68
C LEU G 110 -9.02 -3.83 -10.98
N MET G 111 -8.08 -4.59 -10.43
CA MET G 111 -7.09 -4.03 -9.48
C MET G 111 -5.66 -3.72 -10.01
N LYS G 112 -5.56 -3.51 -11.33
CA LYS G 112 -4.43 -2.74 -11.94
C LYS G 112 -4.69 -1.23 -11.76
N GLU G 113 -5.97 -0.87 -11.54
CA GLU G 113 -6.36 0.46 -11.06
C GLU G 113 -5.98 0.66 -9.58
N ASP G 114 -6.35 -0.31 -8.74
CA ASP G 114 -5.93 -0.34 -7.32
C ASP G 114 -4.41 -0.25 -7.19
N SER G 115 -3.69 -0.95 -8.05
CA SER G 115 -2.23 -0.92 -8.04
C SER G 115 -1.69 0.45 -8.37
N ILE G 116 -2.23 1.05 -9.41
CA ILE G 116 -1.84 2.39 -9.82
C ILE G 116 -2.20 3.41 -8.73
N LEU G 117 -3.40 3.29 -8.19
CA LEU G 117 -3.84 4.14 -7.08
C LEU G 117 -2.87 4.09 -5.90
N ALA G 118 -2.41 2.89 -5.58
CA ALA G 118 -1.45 2.67 -4.48
C ALA G 118 -0.18 3.45 -4.72
N VAL G 119 0.34 3.38 -5.94
CA VAL G 119 1.57 4.07 -6.29
C VAL G 119 1.40 5.57 -6.14
N ARG G 120 0.30 6.08 -6.64
CA ARG G 120 0.03 7.50 -6.58
C ARG G 120 -0.07 8.01 -5.17
N LYS G 121 -0.79 7.28 -4.33
CA LYS G 121 -0.90 7.61 -2.91
C LYS G 121 0.48 7.67 -2.26
N TYR G 122 1.34 6.73 -2.64
CA TYR G 122 2.72 6.68 -2.15
C TYR G 122 3.45 7.97 -2.47
N PHE G 123 3.38 8.42 -3.70
CA PHE G 123 4.02 9.69 -4.08
C PHE G 123 3.34 10.92 -3.51
N GLN G 124 2.05 10.80 -3.24
CA GLN G 124 1.35 11.87 -2.54
C GLN G 124 1.96 12.04 -1.15
N ARG G 125 2.17 10.92 -0.46
CA ARG G 125 2.79 10.93 0.85
C ARG G 125 4.16 11.56 0.83
N ILE G 126 4.92 11.24 -0.21
CA ILE G 126 6.26 11.79 -0.38
C ILE G 126 6.21 13.31 -0.52
N THR G 127 5.36 13.76 -1.41
CA THR G 127 5.17 15.19 -1.65
C THR G 127 4.75 15.96 -0.40
N LEU G 128 3.76 15.44 0.33
CA LEU G 128 3.27 16.10 1.55
C LEU G 128 4.39 16.15 2.60
N TYR G 129 5.20 15.09 2.64
CA TYR G 129 6.38 15.07 3.50
C TYR G 129 7.30 16.25 3.25
N LEU G 130 7.50 16.58 1.97
CA LEU G 130 8.42 17.64 1.60
C LEU G 130 7.86 19.02 1.89
N LYS G 131 6.58 19.20 1.58
CA LYS G 131 5.86 20.40 1.94
C LYS G 131 5.96 20.64 3.44
N GLU G 132 5.72 19.59 4.22
CA GLU G 132 5.78 19.68 5.67
C GLU G 132 7.11 20.09 6.20
N LYS G 133 8.16 19.54 5.59
CA LYS G 133 9.56 19.79 5.98
C LYS G 133 10.14 21.05 5.32
N LYS G 134 9.30 21.73 4.54
CA LYS G 134 9.67 22.96 3.83
C LYS G 134 10.88 22.72 2.94
N TYR G 135 10.86 21.57 2.27
CA TYR G 135 11.87 21.21 1.27
C TYR G 135 13.30 21.38 1.75
N SER G 136 13.53 21.04 3.02
CA SER G 136 14.89 21.13 3.56
C SER G 136 15.77 20.13 2.84
N PRO G 137 17.10 20.40 2.80
CA PRO G 137 18.10 19.50 2.21
C PRO G 137 18.02 18.08 2.75
N CYS G 138 17.74 17.99 4.05
CA CYS G 138 17.56 16.71 4.73
C CYS G 138 16.35 15.95 4.24
N ALA G 139 15.23 16.64 4.18
CA ALA G 139 14.00 16.07 3.65
C ALA G 139 14.25 15.53 2.25
N TRP G 140 14.91 16.33 1.45
CA TRP G 140 15.28 15.91 0.12
C TRP G 140 16.21 14.71 0.10
N GLU G 141 17.10 14.61 1.06
CA GLU G 141 17.99 13.48 1.13
C GLU G 141 17.26 12.22 1.49
N VAL G 142 16.39 12.30 2.49
CA VAL G 142 15.49 11.19 2.84
C VAL G 142 14.67 10.67 1.64
N VAL G 143 14.10 11.61 0.90
CA VAL G 143 13.30 11.27 -0.24
C VAL G 143 14.15 10.62 -1.32
N ARG G 144 15.28 11.24 -1.62
CA ARG G 144 16.22 10.66 -2.59
C ARG G 144 16.57 9.22 -2.22
N ALA G 145 16.90 8.99 -0.97
CA ALA G 145 17.26 7.66 -0.51
C ALA G 145 16.11 6.67 -0.64
N GLU G 146 14.88 7.14 -0.51
CA GLU G 146 13.73 6.28 -0.55
C GLU G 146 13.54 5.82 -1.97
N ILE G 147 13.43 6.80 -2.86
CA ILE G 147 13.14 6.53 -4.27
C ILE G 147 14.18 5.60 -4.79
N MET G 148 15.41 5.89 -4.41
CA MET G 148 16.53 5.06 -4.73
C MET G 148 16.24 3.62 -4.37
N ARG G 149 15.79 3.41 -3.14
CA ARG G 149 15.50 2.06 -2.66
C ARG G 149 14.29 1.46 -3.35
N SER G 150 13.19 2.19 -3.30
CA SER G 150 11.92 1.69 -3.82
C SER G 150 11.95 1.49 -5.32
N PHE G 151 12.84 2.20 -6.01
CA PHE G 151 13.06 1.94 -7.42
C PHE G 151 13.72 0.58 -7.64
N SER G 152 14.75 0.29 -6.85
CA SER G 152 15.45 -0.98 -6.99
C SER G 152 14.48 -2.11 -6.77
N LEU G 153 13.60 -1.94 -5.79
CA LEU G 153 12.63 -2.98 -5.46
C LEU G 153 11.69 -3.22 -6.64
N SER G 154 11.18 -2.12 -7.18
CA SER G 154 10.36 -2.14 -8.39
C SER G 154 10.98 -2.96 -9.52
N THR G 155 12.29 -2.89 -9.68
CA THR G 155 12.90 -3.42 -10.90
C THR G 155 13.66 -4.76 -10.81
N ASN G 156 13.77 -5.40 -9.65
CA ASN G 156 14.53 -6.65 -9.60
C ASN G 156 13.66 -7.85 -9.20
N ASP H 1 12.17 -14.12 -0.83
CA ASP H 1 12.50 -12.88 -0.06
C ASP H 1 13.80 -13.05 0.72
N ILE H 2 14.29 -11.96 1.28
CA ILE H 2 15.67 -11.90 1.72
C ILE H 2 15.86 -12.63 3.04
N GLN H 3 16.75 -13.61 3.02
CA GLN H 3 17.07 -14.42 4.19
C GLN H 3 18.49 -14.08 4.59
N MET H 4 18.81 -14.23 5.86
CA MET H 4 20.18 -13.96 6.34
C MET H 4 20.70 -15.01 7.28
N THR H 5 21.99 -15.27 7.13
CA THR H 5 22.69 -16.32 7.86
C THR H 5 23.81 -15.72 8.69
N GLN H 6 23.72 -15.83 10.00
CA GLN H 6 24.79 -15.37 10.86
C GLN H 6 25.74 -16.50 11.16
N SER H 7 26.96 -16.11 11.51
CA SER H 7 27.99 -17.08 11.86
C SER H 7 29.00 -16.40 12.75
N PRO H 8 29.44 -17.08 13.81
CA PRO H 8 29.03 -18.42 14.17
C PRO H 8 27.65 -18.40 14.79
N SER H 9 27.04 -19.57 14.97
CA SER H 9 25.75 -19.66 15.68
C SER H 9 25.92 -19.41 17.15
N SER H 10 27.10 -19.75 17.66
CA SER H 10 27.37 -19.77 19.07
C SER H 10 28.87 -19.58 19.27
N LEU H 11 29.24 -18.98 20.38
CA LEU H 11 30.56 -18.39 20.51
C LEU H 11 30.92 -18.08 21.94
N SER H 12 32.20 -18.29 22.26
CA SER H 12 32.69 -18.13 23.61
C SER H 12 34.02 -17.38 23.60
N ALA H 13 34.16 -16.45 24.53
CA ALA H 13 35.34 -15.56 24.58
C ALA H 13 35.53 -14.93 25.95
N SER H 14 36.77 -14.62 26.29
CA SER H 14 37.09 -14.07 27.61
C SER H 14 36.85 -12.57 27.64
N VAL H 15 36.67 -12.03 28.85
CA VAL H 15 36.48 -10.59 28.99
C VAL H 15 37.71 -9.88 28.43
N GLY H 16 37.46 -8.84 27.65
CA GLY H 16 38.49 -8.03 27.05
C GLY H 16 38.68 -8.39 25.60
N ASP H 17 38.31 -9.62 25.24
CA ASP H 17 38.56 -10.13 23.90
C ASP H 17 37.77 -9.37 22.85
N ARG H 18 38.29 -9.45 21.65
CA ARG H 18 37.66 -8.90 20.48
C ARG H 18 36.80 -9.96 19.88
N VAL H 19 35.57 -9.61 19.55
CA VAL H 19 34.61 -10.57 19.06
C VAL H 19 34.03 -10.10 17.73
N THR H 20 33.80 -11.05 16.83
CA THR H 20 33.30 -10.75 15.52
C THR H 20 32.20 -11.71 15.10
N ILE H 21 31.07 -11.12 14.73
CA ILE H 21 29.92 -11.86 14.26
C ILE H 21 29.68 -11.35 12.86
N THR H 22 29.38 -12.24 11.95
CA THR H 22 29.06 -11.82 10.59
C THR H 22 27.63 -12.23 10.22
N CYS H 23 27.09 -11.53 9.23
CA CYS H 23 25.72 -11.73 8.79
C CYS H 23 25.76 -11.67 7.28
N ARG H 24 25.13 -12.64 6.64
CA ARG H 24 25.19 -12.78 5.19
C ARG H 24 23.81 -12.79 4.56
N ALA H 25 23.50 -11.76 3.80
CA ALA H 25 22.19 -11.64 3.16
C ALA H 25 22.15 -12.44 1.87
N SER H 26 21.00 -13.04 1.59
CA SER H 26 20.81 -13.83 0.38
C SER H 26 20.92 -12.99 -0.90
N GLN H 27 20.80 -11.66 -0.78
CA GLN H 27 21.03 -10.71 -1.91
C GLN H 27 21.35 -9.25 -1.45
N SER H 28 21.85 -8.35 -2.32
CA SER H 28 22.21 -7.00 -1.81
C SER H 28 21.05 -6.29 -1.09
N VAL H 29 21.42 -5.69 0.03
CA VAL H 29 20.57 -4.99 0.99
C VAL H 29 21.16 -3.57 1.00
N SER H 30 21.94 -3.28 -0.05
CA SER H 30 22.55 -1.97 -0.21
C SER H 30 22.27 -1.25 -1.52
N THR H 31 22.21 0.06 -1.31
CA THR H 31 22.35 1.18 -2.23
C THR H 31 23.84 1.50 -2.24
N SER H 32 24.32 2.20 -3.26
CA SER H 32 25.74 2.59 -3.31
C SER H 32 26.13 3.53 -2.15
N SER H 33 25.13 4.16 -1.54
CA SER H 33 25.32 5.13 -0.45
C SER H 33 24.93 4.62 0.94
N TYR H 34 23.95 3.74 1.05
CA TYR H 34 23.51 3.21 2.38
C TYR H 34 23.21 1.70 2.39
N SER H 35 23.48 1.08 3.52
CA SER H 35 23.16 -0.33 3.74
C SER H 35 22.06 -0.40 4.78
N TYR H 36 20.99 -1.13 4.45
CA TYR H 36 19.80 -1.22 5.28
C TYR H 36 19.79 -2.51 6.08
N MET H 37 20.80 -2.64 6.93
CA MET H 37 21.00 -3.79 7.80
C MET H 37 21.29 -3.27 9.19
N HIS H 38 20.63 -3.86 10.19
CA HIS H 38 20.73 -3.37 11.58
C HIS H 38 21.01 -4.53 12.52
N TRP H 39 21.62 -4.22 13.65
CA TRP H 39 21.98 -5.24 14.64
C TRP H 39 21.26 -5.01 15.96
N TYR H 40 20.75 -6.08 16.56
CA TYR H 40 20.14 -6.00 17.89
C TYR H 40 20.83 -6.89 18.89
N GLN H 41 20.54 -6.61 20.16
CA GLN H 41 21.03 -7.45 21.25
C GLN H 41 19.83 -7.90 22.07
N GLN H 42 19.73 -9.19 22.32
CA GLN H 42 18.68 -9.68 23.19
C GLN H 42 19.24 -10.45 24.36
N LYS H 43 19.06 -9.88 25.54
CA LYS H 43 19.43 -10.54 26.76
C LYS H 43 18.31 -11.49 27.15
N PRO H 44 18.64 -12.59 27.84
CA PRO H 44 17.60 -13.58 28.08
C PRO H 44 16.39 -13.04 28.83
N GLY H 45 15.22 -13.42 28.34
CA GLY H 45 13.97 -13.03 28.94
C GLY H 45 13.64 -11.57 28.73
N LYS H 46 14.23 -10.97 27.70
CA LYS H 46 14.06 -9.56 27.46
C LYS H 46 13.90 -9.26 25.98
N ALA H 47 13.23 -8.15 25.69
CA ALA H 47 13.03 -7.75 24.31
C ALA H 47 14.36 -7.34 23.75
N PRO H 48 14.53 -7.47 22.44
CA PRO H 48 15.72 -6.96 21.79
C PRO H 48 15.96 -5.49 21.98
N LYS H 49 17.17 -5.07 21.67
CA LYS H 49 17.58 -3.70 21.83
C LYS H 49 18.53 -3.37 20.69
N VAL H 50 18.18 -2.36 19.90
CA VAL H 50 19.00 -2.00 18.75
C VAL H 50 20.34 -1.48 19.22
N LEU H 51 21.38 -1.85 18.49
CA LEU H 51 22.75 -1.43 18.78
C LEU H 51 23.33 -0.57 17.65
N ILE H 52 23.28 -1.12 16.44
CA ILE H 52 23.85 -0.47 15.27
C ILE H 52 22.69 -0.32 14.33
N SER H 53 22.55 0.87 13.77
CA SER H 53 21.60 1.07 12.69
C SER H 53 22.34 1.39 11.40
N TYR H 54 21.71 1.00 10.30
CA TYR H 54 22.27 1.12 8.94
C TYR H 54 23.70 0.64 8.83
N ALA H 55 23.94 -0.58 9.29
CA ALA H 55 25.24 -1.27 9.18
C ALA H 55 26.36 -0.77 10.10
N SER H 56 26.45 0.53 10.32
CA SER H 56 27.58 1.12 11.02
C SER H 56 27.29 2.30 11.89
N ASN H 57 26.04 2.75 11.95
CA ASN H 57 25.70 3.89 12.78
C ASN H 57 25.39 3.43 14.17
N LEU H 58 26.25 3.80 15.11
CA LEU H 58 26.12 3.36 16.50
C LEU H 58 24.99 4.11 17.14
N GLU H 59 24.04 3.38 17.68
CA GLU H 59 22.88 4.00 18.26
C GLU H 59 23.19 4.73 19.54
N SER H 60 22.34 5.72 19.84
CA SER H 60 22.54 6.57 21.00
C SER H 60 22.49 5.76 22.28
N GLY H 61 23.51 5.93 23.12
CA GLY H 61 23.57 5.28 24.43
C GLY H 61 24.26 3.95 24.43
N VAL H 62 24.57 3.41 23.26
CA VAL H 62 25.30 2.14 23.15
C VAL H 62 26.80 2.39 23.41
N PRO H 63 27.43 1.53 24.21
CA PRO H 63 28.86 1.58 24.44
C PRO H 63 29.71 1.47 23.17
N SER H 64 30.86 2.12 23.21
CA SER H 64 31.69 2.31 22.03
C SER H 64 32.43 1.05 21.56
N ARG H 65 32.55 0.05 22.41
CA ARG H 65 33.14 -1.21 21.99
C ARG H 65 32.36 -1.85 20.85
N PHE H 66 31.09 -1.49 20.72
CA PHE H 66 30.24 -1.96 19.62
C PHE H 66 30.41 -1.15 18.35
N SER H 67 30.56 -1.86 17.24
CA SER H 67 30.70 -1.24 15.94
C SER H 67 30.22 -2.20 14.88
N GLY H 68 29.81 -1.64 13.75
CA GLY H 68 29.42 -2.43 12.59
C GLY H 68 30.10 -1.97 11.30
N SER H 69 30.53 -2.92 10.49
CA SER H 69 30.97 -2.60 9.15
C SER H 69 30.24 -3.48 8.16
N GLY H 70 30.45 -3.21 6.88
CA GLY H 70 29.95 -4.06 5.81
C GLY H 70 29.09 -3.32 4.83
N SER H 71 28.90 -3.93 3.67
CA SER H 71 27.94 -3.44 2.70
C SER H 71 27.59 -4.55 1.70
N GLY H 72 26.50 -4.35 0.98
CA GLY H 72 26.03 -5.31 0.00
C GLY H 72 25.35 -6.46 0.67
N THR H 73 26.03 -7.60 0.72
CA THR H 73 25.49 -8.80 1.34
C THR H 73 26.21 -9.25 2.61
N ASP H 74 27.41 -8.74 2.86
CA ASP H 74 28.25 -9.23 3.97
C ASP H 74 28.51 -8.17 5.03
N PHE H 75 28.04 -8.44 6.24
CA PHE H 75 28.08 -7.47 7.35
C PHE H 75 28.67 -8.07 8.61
N THR H 76 29.20 -7.20 9.46
CA THR H 76 29.99 -7.61 10.61
C THR H 76 29.73 -6.76 11.84
N LEU H 77 29.24 -7.39 12.89
CA LEU H 77 29.23 -6.78 14.18
C LEU H 77 30.53 -7.12 14.91
N THR H 78 31.14 -6.11 15.51
CA THR H 78 32.36 -6.28 16.28
C THR H 78 32.22 -5.69 17.68
N ILE H 79 32.50 -6.51 18.69
CA ILE H 79 32.67 -6.04 20.07
C ILE H 79 34.14 -6.06 20.40
N SER H 80 34.75 -4.90 20.55
CA SER H 80 36.21 -4.81 20.64
C SER H 80 36.80 -5.23 21.98
N SER H 81 36.01 -5.08 23.05
CA SER H 81 36.45 -5.42 24.40
C SER H 81 35.30 -6.07 25.17
N LEU H 82 35.14 -7.35 24.99
CA LEU H 82 34.00 -8.06 25.52
C LEU H 82 33.87 -7.94 27.02
N GLN H 83 32.64 -7.70 27.49
CA GLN H 83 32.33 -7.52 28.90
C GLN H 83 31.31 -8.53 29.37
N PRO H 84 31.28 -8.81 30.70
CA PRO H 84 30.33 -9.79 31.22
C PRO H 84 28.87 -9.49 30.89
N GLU H 85 28.51 -8.21 30.98
CA GLU H 85 27.15 -7.73 30.68
C GLU H 85 26.77 -7.87 29.21
N ASP H 86 27.74 -8.19 28.36
CA ASP H 86 27.52 -8.38 26.92
C ASP H 86 27.04 -9.78 26.56
N PHE H 87 26.90 -10.64 27.57
CA PHE H 87 26.26 -11.93 27.36
C PHE H 87 24.82 -11.71 26.85
N ALA H 88 24.59 -12.18 25.63
CA ALA H 88 23.28 -12.12 24.98
C ALA H 88 23.34 -12.83 23.64
N THR H 89 22.20 -12.91 22.98
CA THR H 89 22.13 -13.35 21.59
C THR H 89 21.95 -12.11 20.70
N TYR H 90 22.66 -12.13 19.58
CA TYR H 90 22.72 -10.99 18.69
C TYR H 90 22.12 -11.35 17.36
N TYR H 91 21.28 -10.45 16.85
CA TYR H 91 20.55 -10.66 15.60
C TYR H 91 20.87 -9.54 14.62
N CYS H 92 20.78 -9.86 13.34
CA CYS H 92 20.80 -8.86 12.28
C CYS H 92 19.41 -8.86 11.66
N GLN H 93 18.91 -7.69 11.27
CA GLN H 93 17.75 -7.62 10.39
C GLN H 93 17.92 -6.56 9.31
N HIS H 94 17.19 -6.76 8.22
CA HIS H 94 17.19 -5.83 7.11
C HIS H 94 15.86 -5.09 6.95
N SER H 95 15.94 -3.90 6.38
CA SER H 95 14.78 -3.10 6.02
C SER H 95 14.87 -2.73 4.53
N TRP H 96 15.36 -3.69 3.75
CA TRP H 96 15.34 -3.63 2.31
C TRP H 96 14.02 -4.22 1.83
N GLY H 97 12.95 -3.47 2.03
CA GLY H 97 11.65 -3.89 1.60
C GLY H 97 11.01 -4.88 2.54
N ILE H 98 10.13 -5.71 1.97
CA ILE H 98 9.25 -6.58 2.73
C ILE H 98 9.32 -8.00 2.17
N PRO H 99 9.29 -9.01 3.06
CA PRO H 99 9.18 -8.93 4.50
C PRO H 99 10.50 -8.61 5.18
N ARG H 100 10.36 -8.11 6.40
CA ARG H 100 11.50 -7.87 7.27
C ARG H 100 11.88 -9.20 7.87
N THR H 101 13.15 -9.54 7.80
CA THR H 101 13.58 -10.81 8.34
C THR H 101 14.81 -10.59 9.19
N PHE H 102 14.94 -11.45 10.19
CA PHE H 102 16.10 -11.46 11.06
C PHE H 102 16.98 -12.65 10.71
N GLY H 103 18.20 -12.64 11.22
CA GLY H 103 19.07 -13.80 11.16
C GLY H 103 18.68 -14.75 12.26
N GLN H 104 19.28 -15.93 12.27
CA GLN H 104 18.94 -16.95 13.30
C GLN H 104 19.47 -16.58 14.69
N GLY H 105 20.47 -15.71 14.73
CA GLY H 105 21.01 -15.22 15.99
C GLY H 105 22.35 -15.88 16.29
N THR H 106 23.13 -15.19 17.11
CA THR H 106 24.44 -15.68 17.55
C THR H 106 24.57 -15.54 19.07
N LYS H 107 24.56 -16.68 19.76
CA LYS H 107 24.77 -16.72 21.20
C LYS H 107 26.20 -16.40 21.55
N VAL H 108 26.38 -15.42 22.41
CA VAL H 108 27.72 -15.05 22.88
C VAL H 108 27.83 -15.32 24.38
N GLU H 109 28.71 -16.24 24.75
CA GLU H 109 28.93 -16.57 26.14
C GLU H 109 30.32 -16.19 26.59
N ILE H 110 30.42 -15.83 27.85
CA ILE H 110 31.66 -15.27 28.41
C ILE H 110 32.50 -16.35 29.02
N LYS H 111 33.80 -16.17 28.89
CA LYS H 111 34.78 -17.08 29.43
C LYS H 111 35.43 -16.42 30.65
N ARG H 112 35.76 -17.24 31.63
CA ARG H 112 36.26 -16.75 32.92
C ARG H 112 36.84 -17.91 33.68
N THR H 113 37.58 -17.59 34.74
CA THR H 113 38.25 -18.61 35.54
C THR H 113 37.26 -19.59 36.10
N VAL H 114 37.76 -20.74 36.47
CA VAL H 114 36.94 -21.77 37.05
C VAL H 114 36.45 -21.29 38.39
N ALA H 115 35.15 -21.53 38.63
CA ALA H 115 34.58 -21.43 39.94
C ALA H 115 33.95 -22.77 40.27
N ALA H 116 34.07 -23.19 41.53
CA ALA H 116 33.44 -24.42 41.98
C ALA H 116 32.05 -24.11 42.53
N PRO H 117 31.13 -25.08 42.38
CA PRO H 117 29.80 -24.89 42.91
C PRO H 117 29.75 -25.10 44.39
N SER H 118 28.67 -24.60 44.99
CA SER H 118 28.31 -24.88 46.37
C SER H 118 27.04 -25.71 46.31
N VAL H 119 27.06 -26.84 46.98
CA VAL H 119 26.04 -27.85 46.82
C VAL H 119 25.10 -27.78 47.99
N PHE H 120 23.81 -27.67 47.68
CA PHE H 120 22.81 -27.70 48.69
C PHE H 120 21.92 -28.82 48.26
N ILE H 121 21.32 -29.50 49.23
CA ILE H 121 20.38 -30.58 48.96
C ILE H 121 19.13 -30.29 49.78
N PHE H 122 17.97 -30.57 49.21
CA PHE H 122 16.71 -30.31 49.88
C PHE H 122 15.81 -31.51 49.91
N PRO H 123 15.29 -31.85 51.10
CA PRO H 123 14.34 -32.94 51.18
C PRO H 123 12.95 -32.44 50.79
N PRO H 124 12.02 -33.37 50.52
CA PRO H 124 10.64 -32.99 50.17
C PRO H 124 9.93 -32.44 51.36
N SER H 125 9.01 -31.52 51.12
CA SER H 125 8.26 -30.90 52.20
C SER H 125 7.28 -31.91 52.71
N ASP H 126 6.86 -31.73 53.95
CA ASP H 126 5.85 -32.60 54.56
C ASP H 126 4.48 -32.41 53.91
N GLU H 127 4.20 -31.22 53.41
CA GLU H 127 2.92 -31.02 52.76
C GLU H 127 2.87 -31.59 51.35
N GLN H 128 4.00 -31.85 50.72
CA GLN H 128 4.00 -32.50 49.41
C GLN H 128 3.77 -33.98 49.54
N LEU H 129 4.34 -34.55 50.59
CA LEU H 129 4.18 -35.95 50.89
C LEU H 129 2.75 -36.25 51.33
N LYS H 130 2.00 -35.24 51.76
CA LYS H 130 0.58 -35.45 52.07
C LYS H 130 -0.20 -35.69 50.77
N SER H 131 0.20 -35.06 49.66
CA SER H 131 -0.17 -35.54 48.32
C SER H 131 0.61 -36.83 48.08
N GLY H 132 0.62 -37.36 46.86
CA GLY H 132 1.29 -38.64 46.64
C GLY H 132 2.81 -38.64 46.46
N THR H 133 3.38 -37.47 46.17
CA THR H 133 4.73 -37.35 45.63
C THR H 133 5.75 -36.85 46.60
N ALA H 134 6.99 -36.89 46.12
CA ALA H 134 8.15 -36.42 46.85
C ALA H 134 9.24 -35.98 45.87
N SER H 135 9.69 -34.74 46.01
CA SER H 135 10.68 -34.19 45.12
C SER H 135 11.89 -33.84 45.95
N VAL H 136 13.06 -34.39 45.59
CA VAL H 136 14.30 -34.06 46.30
C VAL H 136 15.12 -33.18 45.41
N VAL H 137 15.65 -32.10 45.98
CA VAL H 137 16.33 -31.11 45.17
C VAL H 137 17.79 -30.88 45.54
N CYS H 138 18.62 -31.01 44.54
CA CYS H 138 20.01 -30.74 44.67
C CYS H 138 20.26 -29.42 43.93
N LEU H 139 20.67 -28.40 44.67
CA LEU H 139 21.06 -27.13 44.06
C LEU H 139 22.59 -26.97 44.07
N LEU H 140 23.16 -26.69 42.89
CA LEU H 140 24.57 -26.37 42.75
C LEU H 140 24.71 -24.90 42.42
N ASN H 141 25.58 -24.20 43.14
CA ASN H 141 25.59 -22.77 42.95
C ASN H 141 26.89 -22.12 42.52
N ASN H 142 26.82 -21.39 41.41
CA ASN H 142 27.71 -20.28 41.10
C ASN H 142 29.09 -20.78 40.77
N PHE H 143 29.11 -21.44 39.62
CA PHE H 143 30.24 -22.16 39.13
C PHE H 143 30.46 -21.84 37.67
N TYR H 144 31.62 -22.21 37.19
CA TYR H 144 31.96 -22.12 35.78
C TYR H 144 33.02 -23.15 35.66
N PRO H 145 33.04 -23.92 34.55
CA PRO H 145 32.19 -23.88 33.36
C PRO H 145 30.83 -24.55 33.53
N ARG H 146 30.01 -24.56 32.47
CA ARG H 146 28.66 -25.15 32.52
C ARG H 146 28.67 -26.64 32.78
N GLU H 147 29.69 -27.35 32.34
CA GLU H 147 29.66 -28.81 32.37
C GLU H 147 29.84 -29.32 33.79
N ALA H 148 28.77 -29.97 34.26
CA ALA H 148 28.66 -30.46 35.62
C ALA H 148 27.99 -31.81 35.58
N LYS H 149 28.39 -32.71 36.48
CA LYS H 149 27.81 -34.02 36.58
C LYS H 149 27.26 -34.20 37.98
N VAL H 150 25.94 -34.28 38.07
CA VAL H 150 25.22 -34.50 39.31
C VAL H 150 24.73 -35.93 39.30
N GLN H 151 24.93 -36.65 40.39
CA GLN H 151 24.56 -38.04 40.45
C GLN H 151 23.79 -38.31 41.73
N TRP H 152 22.62 -38.93 41.59
CA TRP H 152 21.75 -39.23 42.72
C TRP H 152 21.98 -40.67 43.18
N LYS H 153 21.96 -40.83 44.49
CA LYS H 153 22.05 -42.13 45.13
C LYS H 153 20.96 -42.22 46.19
N VAL H 154 20.32 -43.38 46.27
CA VAL H 154 19.30 -43.59 47.28
C VAL H 154 19.71 -44.85 47.96
N ASP H 155 20.06 -44.70 49.24
CA ASP H 155 20.76 -45.74 49.98
C ASP H 155 21.91 -46.27 49.14
N ASN H 156 22.72 -45.34 48.63
CA ASN H 156 23.90 -45.67 47.84
C ASN H 156 23.65 -46.59 46.64
N ALA H 157 22.46 -46.51 46.04
CA ALA H 157 22.20 -47.12 44.75
C ALA H 157 22.07 -45.98 43.76
N LEU H 158 22.79 -46.06 42.64
CA LEU H 158 22.75 -44.98 41.66
C LEU H 158 21.40 -44.92 41.04
N GLN H 159 20.77 -43.76 41.10
CA GLN H 159 19.55 -43.53 40.34
C GLN H 159 19.96 -43.24 38.91
N SER H 160 19.13 -43.65 37.95
CA SER H 160 19.21 -43.04 36.64
C SER H 160 17.82 -42.92 36.01
N GLY H 161 17.63 -41.82 35.29
CA GLY H 161 16.47 -41.61 34.44
C GLY H 161 15.30 -40.93 35.11
N ASN H 162 15.33 -40.87 36.44
CA ASN H 162 14.18 -40.43 37.23
C ASN H 162 14.34 -39.02 37.83
N SER H 163 15.42 -38.36 37.41
CA SER H 163 15.67 -36.96 37.75
C SER H 163 15.82 -36.11 36.48
N GLN H 164 15.48 -34.82 36.61
CA GLN H 164 15.59 -33.84 35.53
C GLN H 164 16.31 -32.63 36.10
N GLU H 165 17.19 -32.03 35.29
CA GLU H 165 18.01 -30.90 35.73
C GLU H 165 17.84 -29.65 34.84
N SER H 166 17.93 -28.47 35.44
CA SER H 166 17.75 -27.19 34.72
C SER H 166 18.87 -26.24 35.09
N VAL H 167 19.36 -25.51 34.10
CA VAL H 167 20.49 -24.59 34.26
C VAL H 167 20.08 -23.16 33.93
N THR H 168 20.37 -22.21 34.81
CA THR H 168 20.13 -20.82 34.52
C THR H 168 20.96 -20.34 33.35
N GLU H 169 20.58 -19.21 32.78
CA GLU H 169 21.43 -18.60 31.77
C GLU H 169 22.72 -18.13 32.45
N GLN H 170 23.71 -17.68 31.68
CA GLN H 170 24.98 -17.31 32.26
C GLN H 170 24.89 -16.01 32.99
N ASP H 171 25.39 -15.91 34.21
CA ASP H 171 25.24 -14.66 34.94
C ASP H 171 25.89 -13.50 34.21
N SER H 172 25.15 -12.40 34.14
CA SER H 172 25.60 -11.25 33.37
C SER H 172 26.48 -10.30 34.20
N LYS H 173 26.87 -10.71 35.41
CA LYS H 173 27.81 -9.94 36.24
C LYS H 173 29.08 -10.71 36.57
N ASP H 174 28.94 -11.96 37.02
CA ASP H 174 30.07 -12.79 37.45
C ASP H 174 30.37 -13.92 36.44
N SER H 175 29.61 -13.96 35.36
CA SER H 175 29.75 -14.97 34.30
C SER H 175 29.61 -16.44 34.72
N THR H 176 29.00 -16.69 35.87
CA THR H 176 28.74 -18.05 36.38
C THR H 176 27.33 -18.60 36.09
N TYR H 177 27.23 -19.93 36.11
CA TYR H 177 25.95 -20.63 36.04
C TYR H 177 25.54 -21.26 37.38
N SER H 178 24.26 -21.63 37.45
CA SER H 178 23.66 -22.40 38.56
C SER H 178 22.75 -23.46 37.95
N LEU H 179 22.52 -24.54 38.70
CA LEU H 179 21.90 -25.73 38.17
C LEU H 179 21.18 -26.42 39.29
N SER H 180 19.93 -26.81 39.03
CA SER H 180 19.12 -27.55 40.01
C SER H 180 18.77 -28.88 39.42
N SER H 181 19.00 -29.94 40.19
CA SER H 181 18.49 -31.25 39.85
C SER H 181 17.29 -31.61 40.75
N THR H 182 16.42 -32.44 40.20
CA THR H 182 15.19 -32.80 40.87
C THR H 182 14.90 -34.25 40.63
N LEU H 183 15.09 -35.03 41.68
CA LEU H 183 14.77 -36.42 41.67
C LEU H 183 13.35 -36.57 42.18
N THR H 184 12.52 -37.30 41.43
CA THR H 184 11.12 -37.45 41.78
C THR H 184 10.70 -38.90 41.99
N LEU H 185 10.00 -39.14 43.11
CA LEU H 185 9.43 -40.44 43.48
C LEU H 185 8.09 -40.28 44.18
N SER H 186 7.36 -41.37 44.31
CA SER H 186 6.13 -41.38 45.08
C SER H 186 6.44 -41.45 46.56
N LYS H 187 5.54 -40.91 47.38
CA LYS H 187 5.65 -40.92 48.84
C LYS H 187 5.85 -42.31 49.40
N ALA H 188 5.08 -43.26 48.88
CA ALA H 188 5.14 -44.63 49.36
C ALA H 188 6.51 -45.18 49.10
N ASP H 189 7.02 -44.87 47.92
CA ASP H 189 8.35 -45.26 47.48
C ASP H 189 9.47 -44.56 48.26
N TYR H 190 9.44 -43.23 48.29
CA TYR H 190 10.37 -42.44 49.08
C TYR H 190 10.61 -43.06 50.47
N GLU H 191 9.53 -43.40 51.18
CA GLU H 191 9.64 -43.89 52.55
C GLU H 191 10.42 -45.19 52.70
N LYS H 192 10.62 -45.91 51.62
CA LYS H 192 11.26 -47.20 51.71
C LYS H 192 12.77 -47.10 51.83
N HIS H 193 13.33 -45.90 51.78
CA HIS H 193 14.79 -45.70 51.85
C HIS H 193 15.14 -44.58 52.82
N LYS H 194 16.36 -44.62 53.34
CA LYS H 194 16.79 -43.67 54.37
C LYS H 194 17.75 -42.63 53.85
N VAL H 195 18.87 -43.07 53.26
CA VAL H 195 19.95 -42.17 52.84
C VAL H 195 19.74 -41.65 51.43
N TYR H 196 19.68 -40.33 51.31
CA TYR H 196 19.41 -39.64 50.05
C TYR H 196 20.50 -38.59 49.80
N ALA H 197 21.22 -38.76 48.70
CA ALA H 197 22.43 -37.99 48.40
C ALA H 197 22.46 -37.56 46.96
N CYS H 198 23.10 -36.42 46.70
CA CYS H 198 23.50 -36.06 45.34
C CYS H 198 25.01 -35.78 45.27
N GLU H 199 25.64 -36.44 44.30
CA GLU H 199 27.09 -36.48 44.15
C GLU H 199 27.59 -35.66 42.96
N VAL H 200 28.14 -34.51 43.28
CA VAL H 200 28.42 -33.52 42.27
C VAL H 200 29.87 -33.58 41.87
N THR H 201 30.09 -33.58 40.57
CA THR H 201 31.42 -33.62 39.98
C THR H 201 31.59 -32.41 39.08
N HIS H 202 32.79 -31.86 39.09
CA HIS H 202 33.07 -30.63 38.37
C HIS H 202 34.54 -30.40 38.24
N GLN H 203 34.89 -29.69 37.17
CA GLN H 203 36.27 -29.33 36.93
C GLN H 203 36.85 -28.63 38.15
N GLY H 204 36.11 -27.67 38.69
CA GLY H 204 36.53 -26.92 39.87
C GLY H 204 36.80 -27.72 41.14
N LEU H 205 36.27 -28.95 41.23
CA LEU H 205 36.39 -29.76 42.45
C LEU H 205 37.47 -30.80 42.24
N SER H 206 38.46 -30.81 43.14
CA SER H 206 39.54 -31.79 43.07
C SER H 206 39.00 -33.22 43.17
N SER H 207 37.93 -33.41 43.95
CA SER H 207 37.15 -34.65 43.88
C SER H 207 35.64 -34.37 44.13
N PRO H 208 34.78 -35.36 43.82
CA PRO H 208 33.34 -35.21 44.04
C PRO H 208 32.91 -34.73 45.44
N VAL H 209 31.93 -33.83 45.48
CA VAL H 209 31.27 -33.41 46.71
C VAL H 209 29.90 -34.07 46.79
N THR H 210 29.44 -34.32 48.01
CA THR H 210 28.21 -35.06 48.28
C THR H 210 27.45 -34.48 49.45
N LYS H 211 26.38 -33.77 49.15
CA LYS H 211 25.44 -33.40 50.19
C LYS H 211 24.40 -34.49 50.24
N SER H 212 23.86 -34.71 51.43
CA SER H 212 22.95 -35.82 51.65
C SER H 212 22.27 -35.65 52.98
N PHE H 213 21.35 -36.58 53.26
CA PHE H 213 20.51 -36.53 54.46
C PHE H 213 19.83 -37.86 54.73
N ASN H 214 19.53 -38.11 55.99
CA ASN H 214 18.75 -39.27 56.40
C ASN H 214 17.32 -38.81 56.54
N ARG H 215 16.42 -39.55 55.92
CA ARG H 215 15.01 -39.23 55.94
C ARG H 215 14.51 -39.37 57.38
N GLY H 216 13.87 -38.31 57.88
CA GLY H 216 13.51 -38.26 59.30
C GLY H 216 14.66 -37.70 60.12
N GLU H 217 14.82 -36.39 60.11
CA GLU H 217 15.81 -35.70 60.94
C GLU H 217 15.42 -34.22 61.13
N GLU I 1 7.88 9.44 28.25
CA GLU I 1 8.66 8.16 28.29
C GLU I 1 7.88 7.06 27.58
N VAL I 2 8.44 6.57 26.49
CA VAL I 2 7.72 5.68 25.61
C VAL I 2 7.52 4.36 26.29
N GLN I 3 6.34 3.79 26.10
CA GLN I 3 5.98 2.55 26.75
C GLN I 3 4.93 1.78 25.95
N LEU I 4 5.25 0.52 25.66
CA LEU I 4 4.41 -0.37 24.89
C LEU I 4 4.02 -1.53 25.78
N VAL I 5 2.72 -1.78 25.87
CA VAL I 5 2.21 -2.79 26.77
C VAL I 5 1.27 -3.73 26.06
N GLU I 6 1.78 -4.91 25.73
CA GLU I 6 0.96 -5.91 25.08
C GLU I 6 0.23 -6.72 26.16
N SER I 7 -0.95 -7.20 25.81
CA SER I 7 -1.76 -8.02 26.71
C SER I 7 -2.72 -8.86 25.88
N GLY I 8 -3.38 -9.81 26.54
CA GLY I 8 -4.31 -10.73 25.87
C GLY I 8 -3.68 -12.09 25.52
N GLY I 9 -2.43 -12.31 25.93
CA GLY I 9 -1.77 -13.60 25.71
C GLY I 9 -2.35 -14.68 26.59
N GLY I 10 -2.03 -15.94 26.29
CA GLY I 10 -2.49 -17.06 27.10
C GLY I 10 -2.52 -18.38 26.36
N LEU I 11 -3.53 -19.19 26.67
CA LEU I 11 -3.67 -20.52 26.10
C LEU I 11 -4.87 -20.57 25.14
N VAL I 12 -4.67 -21.20 23.98
CA VAL I 12 -5.77 -21.50 23.07
C VAL I 12 -5.59 -22.88 22.47
N GLN I 13 -6.70 -23.54 22.18
CA GLN I 13 -6.60 -24.80 21.46
C GLN I 13 -6.29 -24.56 20.03
N PRO I 14 -5.74 -25.58 19.36
CA PRO I 14 -5.47 -25.44 17.95
C PRO I 14 -6.75 -25.20 17.16
N GLY I 15 -6.66 -24.38 16.12
CA GLY I 15 -7.82 -23.99 15.35
C GLY I 15 -8.57 -22.83 15.97
N GLY I 16 -8.26 -22.52 17.23
CA GLY I 16 -8.88 -21.42 17.94
C GLY I 16 -8.33 -20.09 17.50
N SER I 17 -8.85 -19.03 18.10
CA SER I 17 -8.48 -17.66 17.74
C SER I 17 -8.17 -16.81 18.98
N LEU I 18 -7.37 -15.77 18.78
CA LEU I 18 -6.94 -14.90 19.88
C LEU I 18 -6.80 -13.47 19.42
N ARG I 19 -6.92 -12.54 20.36
CA ARG I 19 -6.70 -11.14 20.05
C ARG I 19 -5.73 -10.51 21.02
N LEU I 20 -4.55 -10.19 20.50
CA LEU I 20 -3.55 -9.46 21.24
C LEU I 20 -3.77 -7.99 21.05
N SER I 21 -3.54 -7.23 22.10
CA SER I 21 -3.65 -5.78 22.04
C SER I 21 -2.37 -5.19 22.62
N CYS I 22 -1.98 -4.04 22.08
CA CYS I 22 -0.80 -3.32 22.51
C CYS I 22 -1.16 -1.87 22.80
N ALA I 23 -1.06 -1.47 24.06
CA ALA I 23 -1.44 -0.13 24.47
C ALA I 23 -0.20 0.71 24.59
N THR I 24 -0.13 1.81 23.86
CA THR I 24 1.07 2.63 23.82
C THR I 24 0.88 3.89 24.65
N SER I 25 2.00 4.55 24.96
CA SER I 25 2.00 5.77 25.75
C SER I 25 3.35 6.46 25.70
N GLY I 26 3.33 7.79 25.85
CA GLY I 26 4.56 8.59 26.03
C GLY I 26 5.16 9.20 24.78
N TYR I 27 4.40 9.22 23.70
CA TYR I 27 4.85 9.81 22.43
C TYR I 27 3.62 10.17 21.58
N THR I 28 3.79 10.98 20.54
CA THR I 28 2.67 11.33 19.65
C THR I 28 2.30 10.11 18.80
N PHE I 29 1.08 9.63 18.99
CA PHE I 29 0.67 8.33 18.48
C PHE I 29 0.95 8.13 17.01
N THR I 30 0.66 9.15 16.22
CA THR I 30 0.74 9.04 14.75
C THR I 30 2.18 8.99 14.25
N GLU I 31 3.13 9.20 15.13
CA GLU I 31 4.52 9.33 14.72
C GLU I 31 5.22 8.00 14.53
N TYR I 32 4.79 6.98 15.24
CA TYR I 32 5.44 5.68 15.15
C TYR I 32 4.59 4.63 14.47
N ILE I 33 5.26 3.79 13.70
CA ILE I 33 4.66 2.59 13.15
C ILE I 33 4.74 1.51 14.18
N ILE I 34 3.64 0.79 14.36
CA ILE I 34 3.59 -0.26 15.35
C ILE I 34 3.68 -1.59 14.63
N HIS I 35 4.46 -2.47 15.23
CA HIS I 35 4.75 -3.77 14.68
C HIS I 35 4.42 -4.85 15.67
N TRP I 36 4.21 -6.04 15.14
CA TRP I 36 4.21 -7.25 15.95
C TRP I 36 5.32 -8.15 15.47
N VAL I 37 6.08 -8.64 16.41
CA VAL I 37 7.21 -9.51 16.12
C VAL I 37 7.17 -10.63 17.13
N ARG I 38 7.24 -11.86 16.64
CA ARG I 38 7.18 -13.00 17.56
C ARG I 38 8.48 -13.80 17.61
N GLN I 39 8.55 -14.65 18.63
CA GLN I 39 9.72 -15.45 18.89
C GLN I 39 9.36 -16.75 19.56
N ALA I 40 9.46 -17.86 18.83
CA ALA I 40 9.18 -19.16 19.40
C ALA I 40 10.18 -19.46 20.50
N PRO I 41 9.75 -20.18 21.54
CA PRO I 41 10.68 -20.40 22.65
C PRO I 41 11.97 -21.10 22.20
N GLY I 42 13.09 -20.47 22.49
CA GLY I 42 14.39 -20.99 22.08
C GLY I 42 14.81 -20.52 20.71
N LYS I 43 13.82 -20.19 19.87
CA LYS I 43 14.08 -19.87 18.46
C LYS I 43 14.34 -18.37 18.23
N GLY I 44 14.48 -18.04 16.95
CA GLY I 44 14.78 -16.69 16.53
C GLY I 44 13.55 -15.83 16.39
N LEU I 45 13.75 -14.68 15.78
CA LEU I 45 12.74 -13.61 15.69
C LEU I 45 12.04 -13.59 14.34
N GLU I 46 10.75 -13.34 14.35
CA GLU I 46 9.98 -13.37 13.12
C GLU I 46 9.01 -12.19 13.09
N TRP I 47 9.12 -11.38 12.06
CA TRP I 47 8.24 -10.25 11.87
C TRP I 47 6.91 -10.75 11.38
N VAL I 48 5.85 -10.20 11.98
CA VAL I 48 4.50 -10.61 11.65
C VAL I 48 3.78 -9.59 10.78
N ALA I 49 3.61 -8.38 11.31
CA ALA I 49 2.87 -7.34 10.63
C ALA I 49 3.16 -5.98 11.21
N SER I 50 2.87 -4.94 10.43
CA SER I 50 3.00 -3.58 10.91
C SER I 50 1.82 -2.77 10.45
N ILE I 51 1.52 -1.70 11.19
CA ILE I 51 0.46 -0.76 10.83
C ILE I 51 0.89 0.69 11.05
N ASN I 52 0.54 1.55 10.11
CA ASN I 52 0.92 2.97 10.12
C ASN I 52 -0.26 3.85 10.49
N PRO I 53 -0.28 4.38 11.71
CA PRO I 53 -1.42 5.16 12.21
C PRO I 53 -1.60 6.51 11.53
N ASP I 54 -0.53 7.06 10.99
CA ASP I 54 -0.56 8.39 10.39
C ASP I 54 -1.34 8.32 9.08
N TYR I 55 -0.94 7.39 8.23
CA TYR I 55 -1.65 7.12 7.01
C TYR I 55 -2.66 6.06 7.41
N ASP I 56 -2.70 4.93 6.74
CA ASP I 56 -3.48 3.79 7.24
C ASP I 56 -2.96 2.48 6.68
N ILE I 57 -1.68 2.50 6.29
CA ILE I 57 -1.08 1.40 5.56
C ILE I 57 -0.84 0.27 6.54
N THR I 58 -0.98 -0.97 6.06
CA THR I 58 -0.60 -2.13 6.82
C THR I 58 0.24 -3.02 5.95
N ASN I 59 1.07 -3.83 6.57
CA ASN I 59 1.89 -4.78 5.86
C ASN I 59 1.96 -6.08 6.63
N TYR I 60 2.06 -7.18 5.90
CA TYR I 60 2.02 -8.51 6.49
C TYR I 60 3.13 -9.37 5.96
N ASN I 61 3.64 -10.22 6.83
CA ASN I 61 4.46 -11.32 6.40
C ASN I 61 3.53 -12.29 5.68
N GLN I 62 3.86 -12.67 4.44
CA GLN I 62 2.99 -13.53 3.63
C GLN I 62 2.55 -14.83 4.30
N ARG I 63 3.37 -15.36 5.18
CA ARG I 63 2.99 -16.53 5.97
C ARG I 63 1.63 -16.35 6.67
N PHE I 64 1.39 -15.16 7.21
CA PHE I 64 0.21 -14.90 8.05
C PHE I 64 -0.91 -14.13 7.35
N LYS I 65 -0.79 -13.94 6.04
CA LYS I 65 -1.73 -13.10 5.29
C LYS I 65 -3.19 -13.51 5.51
N GLY I 66 -3.46 -14.80 5.39
CA GLY I 66 -4.81 -15.32 5.55
C GLY I 66 -5.39 -15.19 6.96
N ARG I 67 -4.56 -15.44 7.96
CA ARG I 67 -5.05 -15.74 9.31
C ARG I 67 -5.01 -14.54 10.26
N PHE I 68 -3.95 -13.77 10.19
CA PHE I 68 -3.72 -12.69 11.14
C PHE I 68 -4.21 -11.36 10.58
N THR I 69 -4.76 -10.53 11.45
CA THR I 69 -5.18 -9.17 11.08
C THR I 69 -4.67 -8.18 12.10
N ILE I 70 -3.99 -7.16 11.62
CA ILE I 70 -3.53 -6.08 12.45
C ILE I 70 -4.45 -4.91 12.18
N SER I 71 -4.71 -4.12 13.21
CA SER I 71 -5.69 -3.03 13.13
C SER I 71 -5.46 -2.17 14.35
N LEU I 72 -6.10 -1.01 14.41
CA LEU I 72 -5.91 -0.17 15.60
C LEU I 72 -7.07 0.73 15.96
N ASP I 73 -6.98 1.25 17.18
CA ASP I 73 -7.93 2.21 17.68
C ASP I 73 -7.19 3.45 18.18
N LYS I 74 -7.24 4.50 17.38
CA LYS I 74 -6.45 5.70 17.61
C LYS I 74 -6.83 6.39 18.89
N SER I 75 -8.12 6.46 19.17
CA SER I 75 -8.59 7.10 20.41
C SER I 75 -8.01 6.38 21.63
N LYS I 76 -7.94 5.05 21.57
CA LYS I 76 -7.42 4.28 22.70
C LYS I 76 -5.91 4.11 22.64
N ARG I 77 -5.26 4.74 21.66
CA ARG I 77 -3.80 4.59 21.45
C ARG I 77 -3.39 3.12 21.50
N THR I 78 -4.15 2.28 20.81
CA THR I 78 -3.98 0.84 20.93
C THR I 78 -4.01 0.13 19.59
N ALA I 79 -3.06 -0.76 19.39
CA ALA I 79 -3.03 -1.63 18.22
C ALA I 79 -3.40 -3.04 18.61
N TYR I 80 -3.98 -3.77 17.67
CA TYR I 80 -4.50 -5.11 17.92
C TYR I 80 -3.96 -6.07 16.89
N LEU I 81 -3.72 -7.30 17.32
CA LEU I 81 -3.42 -8.39 16.41
C LEU I 81 -4.40 -9.52 16.61
N GLN I 82 -5.27 -9.72 15.63
CA GLN I 82 -6.25 -10.79 15.65
C GLN I 82 -5.67 -12.01 14.95
N MET I 83 -5.55 -13.09 15.71
CA MET I 83 -5.04 -14.34 15.18
C MET I 83 -6.13 -15.38 15.09
N ASN I 84 -6.15 -16.09 13.97
CA ASN I 84 -7.14 -17.13 13.70
C ASN I 84 -6.53 -18.47 13.36
N SER I 85 -7.35 -19.51 13.41
CA SER I 85 -6.93 -20.86 12.98
C SER I 85 -5.51 -21.17 13.46
N LEU I 86 -5.27 -20.95 14.74
CA LEU I 86 -3.95 -21.08 15.31
C LEU I 86 -3.48 -22.51 15.26
N ARG I 87 -2.29 -22.70 14.69
CA ARG I 87 -1.59 -23.98 14.69
C ARG I 87 -0.70 -24.01 15.93
N ALA I 88 -0.10 -25.16 16.18
CA ALA I 88 0.82 -25.32 17.31
C ALA I 88 2.15 -24.58 17.09
N GLU I 89 2.51 -24.34 15.83
CA GLU I 89 3.75 -23.62 15.51
C GLU I 89 3.63 -22.13 15.70
N ASP I 90 2.47 -21.68 16.15
CA ASP I 90 2.26 -20.26 16.42
C ASP I 90 2.56 -19.92 17.85
N THR I 91 2.79 -20.97 18.66
CA THR I 91 3.24 -20.78 20.03
C THR I 91 4.54 -19.97 20.01
N ALA I 92 4.48 -18.78 20.61
CA ALA I 92 5.61 -17.88 20.69
C ALA I 92 5.29 -16.72 21.61
N VAL I 93 6.33 -15.98 21.98
CA VAL I 93 6.18 -14.73 22.69
C VAL I 93 5.92 -13.70 21.63
N TYR I 94 4.92 -12.88 21.83
CA TYR I 94 4.57 -11.87 20.82
C TYR I 94 4.95 -10.51 21.35
N TYR I 95 5.89 -9.88 20.64
CA TYR I 95 6.33 -8.57 21.02
C TYR I 95 5.56 -7.56 20.21
N CYS I 96 5.27 -6.44 20.88
CA CYS I 96 4.81 -5.24 20.26
C CYS I 96 6.04 -4.37 20.14
N ALA I 97 6.32 -3.84 18.95
CA ALA I 97 7.49 -2.98 18.74
C ALA I 97 7.16 -1.79 17.89
N SER I 98 7.96 -0.73 18.04
CA SER I 98 7.71 0.50 17.29
C SER I 98 8.94 0.99 16.57
N TRP I 99 8.70 1.72 15.50
CA TRP I 99 9.77 2.40 14.82
C TRP I 99 9.29 3.64 14.12
N ILE I 100 10.24 4.53 13.82
CA ILE I 100 9.97 5.65 12.95
C ILE I 100 10.25 5.18 11.55
N SER I 101 11.38 4.53 11.38
CA SER I 101 11.77 3.96 10.10
C SER I 101 12.94 3.01 10.20
N ASP I 102 12.88 1.96 9.39
CA ASP I 102 13.97 0.98 9.18
C ASP I 102 14.31 0.03 10.32
N PHE I 103 14.50 0.58 11.52
CA PHE I 103 14.86 -0.24 12.68
C PHE I 103 13.99 0.15 13.88
N PHE I 104 13.83 -0.81 14.80
CA PHE I 104 12.96 -0.68 15.96
C PHE I 104 13.55 0.12 17.09
N ASP I 105 12.79 1.14 17.49
CA ASP I 105 13.20 2.05 18.55
C ASP I 105 12.77 1.55 19.92
N TYR I 106 11.60 0.89 19.98
CA TYR I 106 10.98 0.51 21.26
C TYR I 106 10.35 -0.88 21.22
N TRP I 107 10.17 -1.47 22.39
CA TRP I 107 9.59 -2.80 22.50
C TRP I 107 8.66 -2.91 23.71
N GLY I 108 7.76 -3.88 23.65
CA GLY I 108 7.04 -4.31 24.84
C GLY I 108 7.87 -5.31 25.62
N GLN I 109 7.26 -5.89 26.65
CA GLN I 109 7.92 -6.92 27.46
C GLN I 109 7.67 -8.30 26.85
N GLY I 110 6.71 -8.36 25.92
CA GLY I 110 6.31 -9.62 25.29
C GLY I 110 5.17 -10.27 26.05
N THR I 111 4.34 -11.01 25.32
CA THR I 111 3.19 -11.72 25.90
C THR I 111 3.17 -13.13 25.29
N LEU I 112 3.08 -14.15 26.13
CA LEU I 112 3.23 -15.52 25.68
C LEU I 112 1.92 -16.12 25.23
N VAL I 113 1.92 -16.63 24.01
CA VAL I 113 0.76 -17.32 23.44
C VAL I 113 1.09 -18.78 23.27
N THR I 114 0.31 -19.65 23.90
CA THR I 114 0.54 -21.09 23.89
C THR I 114 -0.64 -21.77 23.19
N VAL I 115 -0.37 -22.45 22.10
CA VAL I 115 -1.40 -23.18 21.36
C VAL I 115 -1.31 -24.66 21.69
N SER I 116 -2.28 -25.15 22.48
CA SER I 116 -2.25 -26.53 22.96
C SER I 116 -3.63 -27.04 23.33
N SER I 117 -3.83 -28.33 23.12
CA SER I 117 -5.09 -28.98 23.45
C SER I 117 -5.13 -29.36 24.92
N ALA I 118 -3.97 -29.42 25.55
CA ALA I 118 -3.88 -29.68 26.97
C ALA I 118 -4.51 -28.53 27.74
N SER I 119 -5.16 -28.84 28.86
CA SER I 119 -5.91 -27.83 29.60
C SER I 119 -5.06 -27.21 30.71
N THR I 120 -5.41 -25.98 31.06
CA THR I 120 -4.60 -25.21 31.99
C THR I 120 -4.69 -25.71 33.41
N LYS I 121 -3.57 -25.61 34.11
CA LYS I 121 -3.41 -26.15 35.45
C LYS I 121 -2.58 -25.23 36.28
N GLY I 122 -3.05 -24.93 37.48
CA GLY I 122 -2.36 -24.05 38.38
C GLY I 122 -1.34 -24.86 39.11
N PRO I 123 -0.29 -24.21 39.64
CA PRO I 123 0.80 -24.93 40.28
C PRO I 123 0.62 -25.19 41.76
N SER I 124 1.35 -26.18 42.26
CA SER I 124 1.55 -26.34 43.69
C SER I 124 2.87 -25.67 44.04
N VAL I 125 2.94 -25.09 45.23
CA VAL I 125 4.13 -24.39 45.67
C VAL I 125 4.63 -24.96 46.96
N PHE I 126 5.88 -25.42 46.93
CA PHE I 126 6.45 -26.17 48.02
C PHE I 126 7.74 -25.53 48.53
N PRO I 127 7.91 -25.42 49.85
CA PRO I 127 9.12 -24.81 50.37
C PRO I 127 10.31 -25.69 50.10
N LEU I 128 11.46 -25.06 49.82
CA LEU I 128 12.73 -25.76 49.82
C LEU I 128 13.46 -25.34 51.09
N ALA I 129 13.26 -26.14 52.14
CA ALA I 129 13.60 -25.72 53.48
C ALA I 129 15.12 -25.60 53.71
N PRO I 130 15.57 -24.47 54.26
CA PRO I 130 17.00 -24.23 54.48
C PRO I 130 17.70 -25.32 55.30
N SER I 131 18.95 -25.62 54.96
CA SER I 131 19.70 -26.63 55.72
C SER I 131 20.05 -26.17 57.16
N SER I 132 20.58 -24.95 57.30
CA SER I 132 21.01 -24.42 58.61
C SER I 132 22.12 -25.29 59.24
N GLY I 137 27.00 -21.67 61.34
CA GLY I 137 26.93 -21.79 59.88
C GLY I 137 27.43 -20.54 59.17
N GLY I 138 27.67 -20.68 57.87
CA GLY I 138 28.26 -19.60 57.05
C GLY I 138 27.21 -18.81 56.29
N THR I 139 27.02 -19.17 55.02
CA THR I 139 25.88 -18.69 54.21
C THR I 139 24.99 -19.87 53.83
N ALA I 140 23.68 -19.67 53.82
CA ALA I 140 22.72 -20.76 53.68
C ALA I 140 21.77 -20.54 52.52
N ALA I 141 21.17 -21.64 52.04
CA ALA I 141 20.32 -21.63 50.83
C ALA I 141 18.86 -22.02 51.11
N LEU I 142 17.92 -21.44 50.39
CA LEU I 142 16.53 -21.89 50.47
C LEU I 142 15.69 -21.45 49.29
N GLY I 143 14.50 -22.00 49.13
CA GLY I 143 13.66 -21.62 47.98
C GLY I 143 12.23 -22.10 47.92
N CYS I 144 11.65 -22.05 46.74
CA CYS I 144 10.30 -22.48 46.48
C CYS I 144 10.24 -23.48 45.35
N LEU I 145 9.67 -24.64 45.58
CA LEU I 145 9.45 -25.55 44.46
C LEU I 145 8.06 -25.36 43.87
N VAL I 146 7.99 -24.91 42.61
CA VAL I 146 6.74 -24.63 41.95
C VAL I 146 6.41 -25.70 40.93
N LYS I 147 5.42 -26.52 41.26
CA LYS I 147 5.27 -27.77 40.57
C LYS I 147 3.92 -27.95 39.87
N ASP I 148 3.96 -28.60 38.71
CA ASP I 148 2.79 -29.16 38.03
C ASP I 148 1.75 -28.15 37.64
N TYR I 149 2.09 -27.39 36.60
CA TYR I 149 1.24 -26.34 36.10
C TYR I 149 1.39 -26.24 34.60
N PHE I 150 0.34 -25.78 33.96
CA PHE I 150 0.36 -25.61 32.52
C PHE I 150 -0.59 -24.50 32.20
N PRO I 151 -0.25 -23.66 31.23
CA PRO I 151 0.97 -23.55 30.44
C PRO I 151 2.06 -22.74 31.14
N GLU I 152 3.11 -22.42 30.42
CA GLU I 152 3.98 -21.32 30.83
C GLU I 152 3.20 -20.00 30.69
N PRO I 153 3.70 -18.91 31.27
CA PRO I 153 4.83 -18.79 32.18
C PRO I 153 4.34 -18.72 33.61
N VAL I 154 5.28 -18.66 34.53
CA VAL I 154 4.97 -18.37 35.91
C VAL I 154 6.03 -17.38 36.40
N THR I 155 5.67 -16.49 37.32
CA THR I 155 6.69 -15.59 37.86
C THR I 155 6.88 -15.73 39.36
N VAL I 156 8.15 -15.73 39.76
CA VAL I 156 8.51 -15.81 41.16
C VAL I 156 9.30 -14.60 41.61
N SER I 157 8.77 -13.90 42.61
CA SER I 157 9.50 -12.85 43.29
C SER I 157 9.64 -13.22 44.78
N TRP I 158 10.54 -12.53 45.47
CA TRP I 158 10.79 -12.81 46.89
C TRP I 158 10.62 -11.54 47.66
N ASN I 159 9.98 -11.67 48.80
CA ASN I 159 9.52 -10.54 49.62
C ASN I 159 8.99 -9.36 48.79
N SER I 160 8.13 -9.71 47.84
CA SER I 160 7.48 -8.73 46.97
C SER I 160 8.53 -7.82 46.33
N GLY I 161 9.48 -8.46 45.66
CA GLY I 161 10.57 -7.76 44.97
C GLY I 161 11.62 -7.04 45.81
N ALA I 162 11.65 -7.32 47.10
CA ALA I 162 12.61 -6.65 47.98
C ALA I 162 13.90 -7.40 47.90
N LEU I 163 13.79 -8.72 48.02
CA LEU I 163 14.95 -9.56 47.87
C LEU I 163 15.21 -9.89 46.40
N THR I 164 15.95 -9.03 45.72
CA THR I 164 16.33 -9.33 44.36
C THR I 164 17.71 -10.02 44.27
N SER I 165 18.60 -9.71 45.21
CA SER I 165 19.96 -10.20 45.14
C SER I 165 20.15 -11.66 45.55
N GLY I 166 20.79 -12.42 44.68
CA GLY I 166 21.18 -13.79 45.00
C GLY I 166 20.01 -14.72 44.78
N VAL I 167 19.09 -14.30 43.95
CA VAL I 167 18.02 -15.18 43.51
C VAL I 167 18.52 -15.91 42.26
N HIS I 168 18.06 -17.15 42.10
CA HIS I 168 18.01 -17.77 40.78
C HIS I 168 16.67 -18.46 40.63
N THR I 169 15.87 -17.96 39.68
CA THR I 169 14.64 -18.60 39.29
C THR I 169 14.99 -19.39 38.01
N PHE I 170 14.90 -20.72 38.06
CA PHE I 170 15.39 -21.58 36.95
C PHE I 170 14.48 -21.79 35.72
N PRO I 171 15.08 -22.02 34.53
CA PRO I 171 14.24 -22.47 33.44
C PRO I 171 13.32 -23.58 33.91
N ALA I 172 12.04 -23.48 33.56
CA ALA I 172 11.08 -24.53 33.85
C ALA I 172 11.48 -25.78 33.07
N VAL I 173 11.26 -26.97 33.64
CA VAL I 173 11.29 -28.21 32.84
C VAL I 173 9.91 -28.85 32.75
N LEU I 174 9.77 -29.67 31.72
CA LEU I 174 8.51 -30.25 31.33
C LEU I 174 8.57 -31.75 31.59
N GLN I 175 7.84 -32.18 32.60
CA GLN I 175 7.91 -33.54 33.09
C GLN I 175 7.21 -34.49 32.15
N SER I 176 7.35 -35.77 32.42
CA SER I 176 6.74 -36.80 31.59
C SER I 176 5.21 -36.73 31.60
N SER I 177 4.66 -36.13 32.65
CA SER I 177 3.22 -35.90 32.77
C SER I 177 2.75 -34.77 31.89
N GLY I 178 3.67 -34.05 31.26
CA GLY I 178 3.30 -32.95 30.37
C GLY I 178 3.05 -31.63 31.09
N LEU I 179 3.37 -31.57 32.39
CA LEU I 179 3.20 -30.36 33.18
C LEU I 179 4.57 -29.75 33.51
N TYR I 180 4.57 -28.44 33.68
CA TYR I 180 5.80 -27.71 33.93
C TYR I 180 6.17 -27.76 35.40
N SER I 181 7.45 -27.66 35.67
CA SER I 181 7.89 -27.48 37.02
C SER I 181 9.13 -26.66 37.01
N LEU I 182 9.33 -25.93 38.09
CA LEU I 182 10.33 -24.87 38.14
C LEU I 182 10.78 -24.71 39.56
N SER I 183 11.95 -24.15 39.77
CA SER I 183 12.37 -23.84 41.14
C SER I 183 13.04 -22.48 41.18
N SER I 184 12.83 -21.80 42.31
CA SER I 184 13.52 -20.55 42.59
C SER I 184 14.20 -20.71 43.93
N VAL I 185 15.48 -20.36 43.96
CA VAL I 185 16.29 -20.48 45.15
C VAL I 185 16.88 -19.13 45.43
N VAL I 186 17.10 -18.89 46.71
CA VAL I 186 17.85 -17.75 47.17
C VAL I 186 18.95 -18.20 48.17
N THR I 187 20.07 -17.51 48.19
CA THR I 187 21.11 -17.72 49.22
C THR I 187 21.01 -16.61 50.28
N VAL I 188 21.23 -16.96 51.54
CA VAL I 188 21.15 -15.98 52.63
C VAL I 188 22.19 -16.23 53.74
N PRO I 189 22.40 -15.21 54.59
CA PRO I 189 23.13 -15.37 55.82
C PRO I 189 22.50 -16.39 56.75
N SER I 190 23.29 -17.38 57.18
CA SER I 190 22.83 -18.33 58.19
C SER I 190 22.31 -17.59 59.41
N SER I 191 23.09 -16.61 59.85
CA SER I 191 22.74 -15.79 61.00
C SER I 191 21.28 -15.31 60.95
N SER I 192 20.78 -15.07 59.74
CA SER I 192 19.48 -14.43 59.56
C SER I 192 18.27 -15.33 59.74
N LEU I 193 18.49 -16.64 59.72
CA LEU I 193 17.37 -17.57 59.69
C LEU I 193 16.66 -17.66 61.02
N GLY I 194 15.32 -17.73 60.94
CA GLY I 194 14.46 -17.69 62.12
C GLY I 194 14.37 -16.30 62.67
N THR I 195 14.89 -15.34 61.91
CA THR I 195 14.84 -13.95 62.26
C THR I 195 14.21 -13.18 61.12
N GLN I 196 14.74 -13.37 59.91
CA GLN I 196 14.23 -12.71 58.73
C GLN I 196 13.31 -13.65 57.95
N THR I 197 12.18 -13.10 57.52
CA THR I 197 11.09 -13.86 56.93
C THR I 197 11.20 -13.86 55.43
N TYR I 198 11.22 -15.05 54.85
CA TYR I 198 11.44 -15.22 53.44
C TYR I 198 10.20 -15.81 52.84
N ILE I 199 9.41 -14.92 52.28
CA ILE I 199 8.20 -15.29 51.58
C ILE I 199 8.55 -15.32 50.12
N CYS I 200 7.95 -16.25 49.40
CA CYS I 200 8.10 -16.26 47.96
C CYS I 200 6.73 -16.14 47.25
N ASN I 201 6.77 -15.38 46.16
CA ASN I 201 5.60 -14.81 45.56
C ASN I 201 5.49 -15.39 44.15
N VAL I 202 4.65 -16.41 44.06
CA VAL I 202 4.30 -17.09 42.83
C VAL I 202 3.07 -16.46 42.17
N ASN I 203 3.01 -16.60 40.85
CA ASN I 203 2.02 -15.91 40.07
C ASN I 203 1.87 -16.55 38.68
N HIS I 204 1.10 -17.64 38.60
CA HIS I 204 0.68 -18.22 37.33
C HIS I 204 -0.57 -17.55 36.75
N LYS I 205 -0.37 -16.57 35.87
CA LYS I 205 -1.46 -15.78 35.32
C LYS I 205 -2.56 -16.60 34.66
N PRO I 206 -2.19 -17.61 33.83
CA PRO I 206 -3.23 -18.33 33.08
C PRO I 206 -4.23 -19.12 33.92
N SER I 207 -3.86 -19.42 35.17
CA SER I 207 -4.85 -19.91 36.11
C SER I 207 -5.18 -18.81 37.14
N ASN I 208 -5.02 -17.54 36.77
CA ASN I 208 -5.21 -16.44 37.72
C ASN I 208 -4.72 -16.88 39.11
N THR I 209 -3.63 -17.65 39.15
CA THR I 209 -3.11 -18.19 40.42
C THR I 209 -2.07 -17.24 40.94
N LYS I 210 -2.13 -17.01 42.25
CA LYS I 210 -1.24 -16.10 42.95
C LYS I 210 -1.05 -16.67 44.35
N VAL I 211 0.09 -17.32 44.56
CA VAL I 211 0.37 -17.99 45.82
C VAL I 211 1.41 -17.20 46.57
N ASP I 212 1.26 -17.13 47.90
CA ASP I 212 2.33 -16.63 48.79
C ASP I 212 2.76 -17.67 49.84
N LYS I 213 4.03 -18.13 49.75
CA LYS I 213 4.57 -19.17 50.64
C LYS I 213 5.70 -18.70 51.56
N LYS I 214 5.45 -18.75 52.86
CA LYS I 214 6.46 -18.45 53.85
C LYS I 214 7.37 -19.66 53.93
N VAL I 215 8.66 -19.45 53.72
CA VAL I 215 9.63 -20.51 53.85
C VAL I 215 10.27 -20.37 55.23
N GLU I 216 10.46 -21.51 55.89
CA GLU I 216 11.00 -21.57 57.27
C GLU I 216 11.81 -22.85 57.48
N PRO I 217 12.68 -22.86 58.51
CA PRO I 217 13.33 -24.09 58.95
C PRO I 217 12.48 -24.81 60.00
N LEU J 9 -23.81 -0.15 -7.56
CA LEU J 9 -25.20 0.29 -7.24
C LEU J 9 -25.19 1.78 -6.84
N GLY J 10 -26.12 2.53 -7.41
CA GLY J 10 -26.08 3.97 -7.26
C GLY J 10 -26.89 4.49 -6.06
N SER J 11 -27.41 3.59 -5.24
CA SER J 11 -27.91 3.94 -3.91
C SER J 11 -26.74 3.98 -2.92
N ARG J 12 -25.71 3.16 -3.14
CA ARG J 12 -24.47 3.21 -2.34
C ARG J 12 -23.87 4.62 -2.39
N ARG J 13 -24.09 5.27 -3.54
CA ARG J 13 -23.63 6.62 -3.78
C ARG J 13 -24.36 7.63 -2.91
N THR J 14 -25.65 7.39 -2.70
CA THR J 14 -26.50 8.27 -1.90
C THR J 14 -26.11 8.28 -0.41
N LEU J 15 -25.76 7.11 0.10
CA LEU J 15 -25.27 6.98 1.46
C LEU J 15 -23.92 7.63 1.64
N MET J 16 -23.05 7.45 0.66
CA MET J 16 -21.72 8.01 0.70
C MET J 16 -21.81 9.52 0.85
N LEU J 17 -22.73 10.13 0.10
CA LEU J 17 -22.91 11.59 0.11
C LEU J 17 -23.47 12.06 1.44
N LEU J 18 -24.46 11.34 1.95
CA LEU J 18 -24.97 11.64 3.28
C LEU J 18 -23.90 11.58 4.35
N ALA J 19 -22.96 10.66 4.20
CA ALA J 19 -21.83 10.52 5.13
C ALA J 19 -20.95 11.76 5.12
N GLN J 20 -20.65 12.25 3.92
CA GLN J 20 -19.75 13.36 3.74
C GLN J 20 -20.33 14.66 4.25
N MET J 21 -21.65 14.72 4.30
CA MET J 21 -22.35 15.90 4.80
C MET J 21 -22.21 16.09 6.30
N ARG J 22 -21.82 15.05 7.03
CA ARG J 22 -21.69 15.17 8.47
C ARG J 22 -20.76 16.29 8.85
N LYS J 23 -21.21 17.10 9.80
CA LYS J 23 -20.42 18.21 10.31
C LYS J 23 -20.08 18.02 11.78
N ILE J 24 -21.05 17.53 12.56
CA ILE J 24 -20.83 17.35 13.99
C ILE J 24 -21.09 15.92 14.47
N SER J 25 -20.43 15.54 15.56
CA SER J 25 -20.59 14.20 16.11
C SER J 25 -21.87 14.11 16.93
N LEU J 26 -22.53 12.98 16.78
CA LEU J 26 -23.72 12.66 17.53
C LEU J 26 -23.40 12.53 19.01
N PHE J 27 -22.12 12.29 19.31
CA PHE J 27 -21.71 12.11 20.69
C PHE J 27 -21.75 13.43 21.47
N SER J 28 -21.71 14.53 20.76
CA SER J 28 -21.92 15.82 21.40
C SER J 28 -23.41 16.20 21.43
N CYS J 29 -24.25 15.39 20.80
CA CYS J 29 -25.68 15.64 20.75
C CYS J 29 -26.52 14.63 21.51
N LEU J 30 -25.96 13.98 22.51
CA LEU J 30 -26.65 12.84 23.12
C LEU J 30 -27.93 13.25 23.82
N LYS J 31 -27.95 14.47 24.32
CA LYS J 31 -29.17 15.08 24.86
C LYS J 31 -30.35 15.04 23.89
N ASP J 32 -30.07 15.11 22.59
CA ASP J 32 -31.11 15.26 21.58
C ASP J 32 -31.55 13.98 20.86
N ARG J 33 -31.01 12.82 21.25
CA ARG J 33 -31.32 11.58 20.50
C ARG J 33 -32.81 11.32 20.64
N HIS J 34 -33.35 10.58 19.67
CA HIS J 34 -34.79 10.48 19.50
C HIS J 34 -35.16 9.24 18.73
N ASP J 35 -36.19 8.54 19.17
CA ASP J 35 -36.69 7.38 18.45
C ASP J 35 -37.84 7.81 17.54
N PHE J 36 -37.64 7.65 16.24
CA PHE J 36 -38.64 8.10 15.25
C PHE J 36 -39.58 7.00 14.79
N GLY J 37 -39.37 5.79 15.26
CA GLY J 37 -40.25 4.68 14.93
C GLY J 37 -40.38 4.44 13.46
N PHE J 38 -39.25 4.20 12.81
CA PHE J 38 -39.23 3.89 11.37
C PHE J 38 -40.08 2.63 11.08
N PRO J 39 -41.05 2.75 10.15
CA PRO J 39 -41.94 1.65 9.87
C PRO J 39 -41.29 0.63 8.95
N GLN J 40 -40.37 -0.14 9.53
CA GLN J 40 -39.52 -1.05 8.76
C GLN J 40 -40.27 -2.26 8.23
N GLU J 41 -41.25 -2.73 8.99
CA GLU J 41 -42.13 -3.85 8.61
C GLU J 41 -42.62 -3.71 7.16
N GLU J 42 -42.80 -2.47 6.73
CA GLU J 42 -43.35 -2.15 5.43
C GLU J 42 -42.44 -2.41 4.23
N PHE J 43 -41.21 -2.86 4.46
CA PHE J 43 -40.24 -3.09 3.37
C PHE J 43 -39.82 -4.57 3.22
N GLY J 44 -38.62 -4.91 3.68
CA GLY J 44 -37.82 -6.02 3.15
C GLY J 44 -38.43 -7.41 2.98
N ASN J 45 -39.25 -7.81 3.95
CA ASN J 45 -39.61 -9.23 4.18
C ASN J 45 -40.47 -9.92 3.08
N ALA J 50 -39.65 -6.06 -4.81
CA ALA J 50 -40.40 -5.66 -6.00
C ALA J 50 -41.84 -5.27 -5.70
N GLU J 51 -42.45 -5.92 -4.71
CA GLU J 51 -43.75 -5.48 -4.22
C GLU J 51 -43.62 -4.25 -3.30
N THR J 52 -42.38 -3.84 -3.01
CA THR J 52 -42.10 -2.72 -2.10
C THR J 52 -41.53 -1.51 -2.81
N ILE J 53 -41.71 -1.47 -4.12
CA ILE J 53 -41.29 -0.34 -4.91
C ILE J 53 -42.02 0.95 -4.52
N PRO J 54 -43.38 0.95 -4.53
CA PRO J 54 -44.13 2.17 -4.21
C PRO J 54 -43.79 2.79 -2.86
N VAL J 55 -43.40 1.96 -1.90
CA VAL J 55 -43.03 2.42 -0.55
C VAL J 55 -41.65 3.06 -0.60
N LEU J 56 -40.78 2.41 -1.34
CA LEU J 56 -39.45 2.92 -1.53
C LEU J 56 -39.49 4.21 -2.32
N HIS J 57 -40.35 4.23 -3.33
CA HIS J 57 -40.58 5.44 -4.09
C HIS J 57 -40.99 6.60 -3.20
N GLU J 58 -41.91 6.36 -2.27
CA GLU J 58 -42.37 7.42 -1.38
C GLU J 58 -41.27 7.89 -0.44
N MET J 59 -40.42 6.94 -0.04
CA MET J 59 -39.27 7.25 0.80
C MET J 59 -38.35 8.27 0.15
N ILE J 60 -37.94 7.98 -1.06
CA ILE J 60 -37.00 8.82 -1.77
C ILE J 60 -37.59 10.20 -1.91
N GLN J 61 -38.83 10.23 -2.39
CA GLN J 61 -39.68 11.43 -2.43
C GLN J 61 -39.60 12.27 -1.17
N GLN J 62 -39.85 11.63 -0.05
CA GLN J 62 -39.86 12.34 1.21
C GLN J 62 -38.50 12.93 1.56
N ILE J 63 -37.45 12.14 1.32
CA ILE J 63 -36.05 12.55 1.58
C ILE J 63 -35.69 13.74 0.72
N PHE J 64 -36.03 13.65 -0.55
CA PHE J 64 -35.83 14.74 -1.48
C PHE J 64 -36.53 16.01 -1.01
N ASN J 65 -37.79 15.86 -0.58
CA ASN J 65 -38.53 16.96 -0.03
C ASN J 65 -37.82 17.56 1.16
N LEU J 66 -37.45 16.70 2.08
CA LEU J 66 -36.78 17.11 3.33
C LEU J 66 -35.52 17.95 3.15
N PHE J 67 -34.64 17.48 2.28
CA PHE J 67 -33.33 18.09 2.09
C PHE J 67 -33.32 19.20 1.07
N SER J 68 -34.50 19.56 0.56
CA SER J 68 -34.60 20.64 -0.40
C SER J 68 -35.00 21.97 0.25
N THR J 69 -35.40 21.92 1.52
CA THR J 69 -35.89 23.12 2.21
C THR J 69 -34.76 24.13 2.37
N LYS J 70 -35.13 25.40 2.51
CA LYS J 70 -34.15 26.43 2.75
C LYS J 70 -33.45 26.23 4.11
N ASP J 71 -34.16 25.54 5.01
CA ASP J 71 -33.59 25.16 6.29
C ASP J 71 -32.47 24.12 6.13
N SER J 72 -32.65 23.22 5.18
CA SER J 72 -31.66 22.18 4.87
C SER J 72 -30.45 22.78 4.20
N SER J 73 -30.67 23.75 3.31
CA SER J 73 -29.56 24.47 2.69
C SER J 73 -28.68 25.12 3.74
N ALA J 74 -29.33 25.74 4.72
CA ALA J 74 -28.64 26.41 5.82
C ALA J 74 -27.79 25.42 6.63
N ALA J 75 -28.25 24.17 6.68
CA ALA J 75 -27.64 23.16 7.54
C ALA J 75 -26.46 22.46 6.88
N TRP J 76 -26.53 22.26 5.58
CA TRP J 76 -25.57 21.42 4.88
C TRP J 76 -24.87 22.10 3.72
N ASP J 77 -23.75 21.49 3.34
CA ASP J 77 -22.89 22.02 2.29
C ASP J 77 -23.59 22.08 0.93
N GLU J 78 -23.66 23.28 0.36
CA GLU J 78 -24.36 23.52 -0.89
C GLU J 78 -23.89 22.58 -2.00
N THR J 79 -22.59 22.35 -2.09
CA THR J 79 -22.02 21.51 -3.15
C THR J 79 -22.45 20.07 -3.03
N LEU J 80 -22.48 19.59 -1.79
CA LEU J 80 -22.84 18.21 -1.53
C LEU J 80 -24.30 17.98 -1.75
N LEU J 81 -25.12 18.93 -1.30
CA LEU J 81 -26.58 18.87 -1.52
C LEU J 81 -26.93 18.73 -2.98
N ASP J 82 -26.17 19.41 -3.84
CA ASP J 82 -26.39 19.29 -5.28
C ASP J 82 -26.15 17.89 -5.81
N LYS J 83 -24.96 17.35 -5.54
CA LYS J 83 -24.63 15.98 -5.94
C LYS J 83 -25.66 15.01 -5.39
N PHE J 84 -26.15 15.32 -4.18
CA PHE J 84 -27.17 14.54 -3.49
C PHE J 84 -28.47 14.54 -4.26
N TYR J 85 -28.94 15.71 -4.66
CA TYR J 85 -30.21 15.82 -5.40
C TYR J 85 -30.16 15.08 -6.72
N THR J 86 -29.07 15.29 -7.46
CA THR J 86 -28.84 14.54 -8.69
C THR J 86 -29.12 13.07 -8.42
N GLU J 87 -28.59 12.58 -7.32
CA GLU J 87 -28.63 11.16 -7.05
C GLU J 87 -30.02 10.70 -6.74
N LEU J 88 -30.71 11.49 -5.92
CA LEU J 88 -32.10 11.21 -5.55
C LEU J 88 -32.98 11.22 -6.80
N TYR J 89 -32.88 12.26 -7.61
CA TYR J 89 -33.62 12.35 -8.86
C TYR J 89 -33.50 11.09 -9.70
N GLN J 90 -32.28 10.65 -9.92
CA GLN J 90 -32.01 9.44 -10.68
C GLN J 90 -32.92 8.33 -10.21
N GLN J 91 -32.93 8.11 -8.89
CA GLN J 91 -33.66 7.01 -8.28
C GLN J 91 -35.13 7.30 -8.31
N LEU J 92 -35.49 8.48 -7.82
CA LEU J 92 -36.87 8.96 -7.83
C LEU J 92 -37.55 8.77 -9.18
N ASN J 93 -36.85 9.10 -10.25
CA ASN J 93 -37.39 8.92 -11.60
C ASN J 93 -37.54 7.47 -12.04
N ASP J 94 -36.55 6.64 -11.73
CA ASP J 94 -36.60 5.24 -12.11
C ASP J 94 -37.72 4.51 -11.39
N LEU J 95 -37.87 4.80 -10.10
CA LEU J 95 -38.90 4.19 -9.27
C LEU J 95 -40.27 4.63 -9.71
N GLU J 96 -40.41 5.90 -10.05
CA GLU J 96 -41.69 6.40 -10.51
C GLU J 96 -42.13 5.70 -11.79
N ALA J 97 -41.22 5.55 -12.74
CA ALA J 97 -41.48 4.82 -13.98
C ALA J 97 -42.04 3.42 -13.74
N CYS J 98 -41.56 2.76 -12.70
CA CYS J 98 -42.04 1.42 -12.35
C CYS J 98 -43.44 1.46 -11.76
N VAL J 99 -43.63 2.38 -10.82
CA VAL J 99 -44.94 2.63 -10.22
C VAL J 99 -45.98 2.96 -11.30
N ILE J 100 -45.59 3.79 -12.25
CA ILE J 100 -46.44 4.09 -13.40
C ILE J 100 -46.85 2.82 -14.13
N GLN J 101 -45.86 2.00 -14.45
CA GLN J 101 -46.09 0.74 -15.14
C GLN J 101 -46.83 -0.22 -14.22
N GLY J 102 -47.04 -1.45 -14.70
CA GLY J 102 -47.71 -2.51 -13.94
C GLY J 102 -47.41 -2.67 -12.44
N VAL J 103 -46.56 -3.64 -12.08
CA VAL J 103 -46.61 -4.25 -10.72
C VAL J 103 -46.36 -3.25 -9.52
N GLY J 104 -47.15 -3.47 -8.44
CA GLY J 104 -47.27 -2.57 -7.27
C GLY J 104 -48.72 -2.09 -7.10
N VAL J 105 -49.02 -0.94 -7.71
CA VAL J 105 -50.35 -0.34 -7.63
C VAL J 105 -51.45 -1.34 -7.92
N GLU J 113 -51.37 1.58 0.25
CA GLU J 113 -51.75 2.89 0.78
C GLU J 113 -51.34 3.03 2.24
N ASP J 114 -51.70 2.05 3.07
CA ASP J 114 -51.26 1.98 4.48
C ASP J 114 -49.73 2.05 4.63
N SER J 115 -49.02 1.39 3.72
CA SER J 115 -47.56 1.43 3.70
C SER J 115 -47.03 2.83 3.41
N ILE J 116 -47.57 3.45 2.38
CA ILE J 116 -47.20 4.80 2.01
C ILE J 116 -47.53 5.79 3.13
N LEU J 117 -48.74 5.66 3.68
CA LEU J 117 -49.18 6.46 4.83
C LEU J 117 -48.19 6.36 6.00
N ALA J 118 -47.73 5.15 6.27
CA ALA J 118 -46.75 4.90 7.34
C ALA J 118 -45.46 5.66 7.11
N VAL J 119 -44.99 5.66 5.86
CA VAL J 119 -43.75 6.37 5.54
C VAL J 119 -43.94 7.85 5.77
N ARG J 120 -45.04 8.38 5.28
CA ARG J 120 -45.30 9.80 5.36
C ARG J 120 -45.40 10.26 6.79
N LYS J 121 -46.10 9.50 7.62
CA LYS J 121 -46.19 9.79 9.05
C LYS J 121 -44.80 9.82 9.70
N TYR J 122 -43.94 8.90 9.29
CA TYR J 122 -42.55 8.86 9.75
C TYR J 122 -41.83 10.17 9.45
N PHE J 123 -41.92 10.66 8.23
CA PHE J 123 -41.27 11.92 7.90
C PHE J 123 -41.92 13.13 8.53
N GLN J 124 -43.23 13.03 8.78
CA GLN J 124 -43.93 14.07 9.50
C GLN J 124 -43.27 14.20 10.87
N ARG J 125 -43.06 13.06 11.53
CA ARG J 125 -42.42 13.02 12.84
C ARG J 125 -41.05 13.64 12.83
N ILE J 126 -40.31 13.36 11.76
CA ILE J 126 -38.98 13.93 11.59
C ILE J 126 -39.02 15.44 11.48
N THR J 127 -39.89 15.92 10.61
CA THR J 127 -40.10 17.36 10.44
C THR J 127 -40.51 18.10 11.71
N LEU J 128 -41.48 17.55 12.44
CA LEU J 128 -41.94 18.17 13.67
C LEU J 128 -40.82 18.20 14.70
N TYR J 129 -40.01 17.16 14.71
CA TYR J 129 -38.82 17.09 15.56
C TYR J 129 -37.90 18.28 15.31
N LEU J 130 -37.73 18.64 14.05
CA LEU J 130 -36.82 19.73 13.69
C LEU J 130 -37.38 21.09 14.01
N LYS J 131 -38.66 21.27 13.73
CA LYS J 131 -39.37 22.46 14.16
C LYS J 131 -39.24 22.66 15.68
N GLU J 132 -39.48 21.58 16.43
CA GLU J 132 -39.41 21.62 17.88
C GLU J 132 -38.04 22.04 18.40
N LYS J 133 -37.00 21.49 17.77
CA LYS J 133 -35.61 21.75 18.13
C LYS J 133 -35.06 23.03 17.52
N LYS J 134 -35.90 23.72 16.76
CA LYS J 134 -35.56 24.96 16.07
C LYS J 134 -34.38 24.77 15.13
N TYR J 135 -34.38 23.63 14.46
CA TYR J 135 -33.38 23.30 13.44
C TYR J 135 -31.95 23.48 13.91
N SER J 136 -31.67 23.10 15.16
CA SER J 136 -30.32 23.19 15.68
C SER J 136 -29.43 22.20 14.92
N PRO J 137 -28.12 22.49 14.84
CA PRO J 137 -27.13 21.57 14.24
C PRO J 137 -27.23 20.14 14.76
N CYS J 138 -27.44 20.01 16.07
CA CYS J 138 -27.59 18.70 16.69
C CYS J 138 -28.82 17.97 16.19
N ALA J 139 -29.95 18.64 16.18
CA ALA J 139 -31.19 18.09 15.64
C ALA J 139 -30.97 17.59 14.22
N TRP J 140 -30.32 18.42 13.43
CA TRP J 140 -29.95 18.05 12.09
C TRP J 140 -29.03 16.84 12.03
N GLU J 141 -28.14 16.71 13.00
CA GLU J 141 -27.25 15.56 13.01
C GLU J 141 -28.00 14.28 13.32
N VAL J 142 -28.82 14.33 14.36
CA VAL J 142 -29.73 13.22 14.70
C VAL J 142 -30.57 12.75 13.49
N VAL J 143 -31.14 13.71 12.78
CA VAL J 143 -31.96 13.39 11.64
C VAL J 143 -31.10 12.75 10.55
N ARG J 144 -29.97 13.38 10.23
CA ARG J 144 -29.04 12.85 9.22
C ARG J 144 -28.69 11.40 9.55
N ALA J 145 -28.36 11.14 10.79
CA ALA J 145 -28.02 9.82 11.21
C ALA J 145 -29.15 8.83 11.06
N GLU J 146 -30.37 9.29 11.22
CA GLU J 146 -31.52 8.40 11.18
C GLU J 146 -31.75 7.98 9.75
N ILE J 147 -31.83 9.00 8.90
CA ILE J 147 -32.15 8.79 7.49
C ILE J 147 -31.11 7.85 6.94
N MET J 148 -29.87 8.14 7.33
CA MET J 148 -28.77 7.34 6.95
C MET J 148 -29.08 5.89 7.27
N ARG J 149 -29.48 5.65 8.50
CA ARG J 149 -29.75 4.28 8.93
C ARG J 149 -30.98 3.71 8.25
N SER J 150 -32.09 4.43 8.36
CA SER J 150 -33.35 3.93 7.84
C SER J 150 -33.31 3.73 6.30
N PHE J 151 -32.46 4.47 5.62
CA PHE J 151 -32.26 4.25 4.19
C PHE J 151 -31.57 2.92 3.94
N SER J 152 -30.56 2.62 4.70
CA SER J 152 -29.86 1.34 4.52
C SER J 152 -30.79 0.20 4.72
N LEU J 153 -31.68 0.34 5.71
CA LEU J 153 -32.67 -0.70 6.02
C LEU J 153 -33.65 -0.90 4.86
N SER J 154 -34.15 0.23 4.34
CA SER J 154 -34.97 0.23 3.15
C SER J 154 -34.35 -0.60 2.02
N THR J 155 -33.05 -0.48 1.83
CA THR J 155 -32.41 -0.95 0.60
C THR J 155 -31.45 -2.13 0.70
N ASN J 156 -30.52 -2.14 1.65
CA ASN J 156 -29.53 -3.24 1.66
C ASN J 156 -30.25 -4.42 2.30
N ASP K 1 -32.73 -12.17 11.03
CA ASP K 1 -32.41 -10.91 11.78
C ASP K 1 -31.13 -11.06 12.58
N ILE K 2 -30.65 -9.97 13.15
CA ILE K 2 -29.29 -9.92 13.64
C ILE K 2 -29.13 -10.63 14.97
N GLN K 3 -28.24 -11.62 14.98
CA GLN K 3 -27.96 -12.40 16.16
C GLN K 3 -26.55 -12.05 16.59
N MET K 4 -26.26 -12.18 17.88
CA MET K 4 -24.93 -11.91 18.40
C MET K 4 -24.44 -12.95 19.37
N THR K 5 -23.14 -13.23 19.26
CA THR K 5 -22.47 -14.26 20.03
C THR K 5 -21.37 -13.63 20.88
N GLN K 6 -21.50 -13.72 22.19
CA GLN K 6 -20.44 -13.26 23.09
C GLN K 6 -19.51 -14.38 23.43
N SER K 7 -18.29 -14.01 23.81
CA SER K 7 -17.28 -14.97 24.20
C SER K 7 -16.28 -14.28 25.10
N PRO K 8 -15.91 -14.94 26.20
CA PRO K 8 -16.32 -16.28 26.55
C PRO K 8 -17.74 -16.27 27.12
N SER K 9 -18.32 -17.43 27.30
CA SER K 9 -19.61 -17.53 27.96
C SER K 9 -19.46 -17.24 29.45
N SER K 10 -18.32 -17.58 29.98
CA SER K 10 -18.10 -17.57 31.40
C SER K 10 -16.62 -17.36 31.65
N LEU K 11 -16.29 -16.76 32.78
CA LEU K 11 -14.96 -16.17 32.94
C LEU K 11 -14.62 -15.85 34.38
N SER K 12 -13.37 -16.06 34.74
CA SER K 12 -12.90 -15.87 36.09
C SER K 12 -11.60 -15.09 36.10
N ALA K 13 -11.51 -14.15 37.03
CA ALA K 13 -10.35 -13.26 37.11
C ALA K 13 -10.16 -12.66 38.50
N SER K 14 -8.93 -12.32 38.85
CA SER K 14 -8.66 -11.78 40.18
C SER K 14 -8.94 -10.28 40.18
N VAL K 15 -9.11 -9.71 41.36
CA VAL K 15 -9.31 -8.28 41.48
C VAL K 15 -8.08 -7.56 40.97
N GLY K 16 -8.30 -6.52 40.17
CA GLY K 16 -7.22 -5.74 39.60
C GLY K 16 -6.97 -6.12 38.17
N ASP K 17 -7.34 -7.36 37.80
CA ASP K 17 -7.08 -7.89 36.48
C ASP K 17 -7.83 -7.14 35.39
N ARG K 18 -7.24 -7.22 34.20
CA ARG K 18 -7.84 -6.68 33.00
C ARG K 18 -8.71 -7.75 32.39
N VAL K 19 -9.91 -7.39 32.01
CA VAL K 19 -10.85 -8.38 31.50
C VAL K 19 -11.40 -7.92 30.18
N THR K 20 -11.59 -8.88 29.28
CA THR K 20 -12.07 -8.58 27.93
C THR K 20 -13.17 -9.54 27.52
N ILE K 21 -14.29 -8.95 27.13
CA ILE K 21 -15.43 -9.69 26.60
C ILE K 21 -15.67 -9.21 25.19
N THR K 22 -15.94 -10.12 24.26
CA THR K 22 -16.20 -9.72 22.89
C THR K 22 -17.61 -10.12 22.51
N CYS K 23 -18.12 -9.45 21.49
CA CYS K 23 -19.48 -9.64 21.00
C CYS K 23 -19.47 -9.58 19.49
N ARG K 24 -20.02 -10.60 18.84
CA ARG K 24 -19.89 -10.76 17.40
C ARG K 24 -21.25 -10.76 16.74
N ALA K 25 -21.53 -9.74 15.96
CA ALA K 25 -22.82 -9.63 15.28
C ALA K 25 -22.84 -10.40 13.99
N SER K 26 -23.98 -11.03 13.69
CA SER K 26 -24.12 -11.84 12.49
C SER K 26 -24.00 -11.02 11.18
N GLN K 27 -24.11 -9.69 11.29
CA GLN K 27 -23.85 -8.74 10.17
C GLN K 27 -23.57 -7.29 10.62
N SER K 28 -23.03 -6.39 9.75
CA SER K 28 -22.68 -5.03 10.26
C SER K 28 -23.88 -4.29 10.91
N VAL K 29 -23.55 -3.70 12.05
CA VAL K 29 -24.41 -3.01 12.98
C VAL K 29 -23.83 -1.59 13.00
N SER K 30 -23.03 -1.31 11.97
CA SER K 30 -22.39 0.00 11.81
C SER K 30 -22.65 0.70 10.49
N THR K 31 -22.68 2.00 10.71
CA THR K 31 -22.50 3.11 9.78
C THR K 31 -20.99 3.42 9.78
N SER K 32 -20.51 4.10 8.75
CA SER K 32 -19.10 4.54 8.75
C SER K 32 -18.76 5.50 9.91
N SER K 33 -19.76 6.12 10.50
CA SER K 33 -19.59 7.11 11.56
C SER K 33 -20.00 6.60 12.96
N TYR K 34 -21.02 5.73 13.05
CA TYR K 34 -21.50 5.21 14.37
C TYR K 34 -21.80 3.71 14.39
N SER K 35 -21.54 3.09 15.54
CA SER K 35 -21.86 1.69 15.77
C SER K 35 -23.01 1.61 16.75
N TYR K 36 -24.06 0.88 16.40
CA TYR K 36 -25.28 0.80 17.20
C TYR K 36 -25.32 -0.49 18.00
N MET K 37 -24.32 -0.63 18.86
CA MET K 37 -24.15 -1.75 19.78
C MET K 37 -23.92 -1.21 21.19
N HIS K 38 -24.65 -1.75 22.17
CA HIS K 38 -24.56 -1.27 23.55
C HIS K 38 -24.29 -2.42 24.51
N TRP K 39 -23.68 -2.11 25.65
CA TRP K 39 -23.35 -3.12 26.66
C TRP K 39 -24.09 -2.88 27.96
N TYR K 40 -24.62 -3.93 28.55
CA TYR K 40 -25.28 -3.85 29.86
C TYR K 40 -24.60 -4.72 30.89
N GLN K 41 -24.92 -4.46 32.16
CA GLN K 41 -24.46 -5.27 33.27
C GLN K 41 -25.68 -5.69 34.06
N GLN K 42 -25.82 -6.99 34.31
CA GLN K 42 -26.88 -7.48 35.15
C GLN K 42 -26.35 -8.22 36.35
N LYS K 43 -26.59 -7.65 37.52
CA LYS K 43 -26.25 -8.30 38.76
C LYS K 43 -27.39 -9.24 39.10
N PRO K 44 -27.09 -10.29 39.88
CA PRO K 44 -28.12 -11.28 40.09
C PRO K 44 -29.37 -10.76 40.79
N GLY K 45 -30.52 -11.15 40.25
CA GLY K 45 -31.80 -10.76 40.79
C GLY K 45 -32.14 -9.31 40.58
N LYS K 46 -31.51 -8.69 39.57
CA LYS K 46 -31.65 -7.29 39.31
C LYS K 46 -31.77 -7.01 37.84
N ALA K 47 -32.41 -5.90 37.50
CA ALA K 47 -32.56 -5.52 36.12
C ALA K 47 -31.19 -5.16 35.57
N PRO K 48 -30.98 -5.32 34.27
CA PRO K 48 -29.79 -4.80 33.64
C PRO K 48 -29.57 -3.31 33.83
N LYS K 49 -28.36 -2.88 33.54
CA LYS K 49 -27.96 -1.51 33.70
C LYS K 49 -27.00 -1.21 32.58
N VAL K 50 -27.31 -0.20 31.78
CA VAL K 50 -26.45 0.14 30.64
C VAL K 50 -25.12 0.64 31.16
N LEU K 51 -24.06 0.29 30.43
CA LEU K 51 -22.70 0.72 30.77
C LEU K 51 -22.08 1.58 29.66
N ILE K 52 -22.08 1.03 28.47
CA ILE K 52 -21.51 1.65 27.30
C ILE K 52 -22.63 1.77 26.30
N SER K 53 -22.76 2.95 25.72
CA SER K 53 -23.68 3.15 24.64
C SER K 53 -22.87 3.44 23.36
N TYR K 54 -23.49 3.08 22.23
CA TYR K 54 -22.90 3.19 20.92
C TYR K 54 -21.43 2.71 20.87
N ALA K 55 -21.24 1.48 21.32
CA ALA K 55 -19.95 0.79 21.24
C ALA K 55 -18.85 1.29 22.19
N SER K 56 -18.75 2.60 22.39
CA SER K 56 -17.63 3.19 23.13
C SER K 56 -17.98 4.38 24.02
N ASN K 57 -19.23 4.85 24.00
CA ASN K 57 -19.59 5.99 24.81
C ASN K 57 -19.93 5.54 26.19
N LEU K 58 -19.10 5.92 27.15
CA LEU K 58 -19.26 5.50 28.55
C LEU K 58 -20.42 6.26 29.17
N GLU K 59 -21.40 5.54 29.68
CA GLU K 59 -22.58 6.19 30.18
C GLU K 59 -22.28 6.93 31.48
N SER K 60 -23.15 7.91 31.76
CA SER K 60 -22.99 8.78 32.92
C SER K 60 -23.06 7.96 34.20
N GLY K 61 -22.08 8.17 35.07
CA GLY K 61 -22.05 7.51 36.38
C GLY K 61 -21.37 6.16 36.41
N VAL K 62 -21.02 5.62 35.25
CA VAL K 62 -20.30 4.36 35.18
C VAL K 62 -18.84 4.62 35.46
N PRO K 63 -18.19 3.78 36.31
CA PRO K 63 -16.76 3.83 36.59
C PRO K 63 -15.89 3.71 35.36
N SER K 64 -14.77 4.40 35.41
CA SER K 64 -13.89 4.56 34.26
C SER K 64 -13.17 3.28 33.82
N ARG K 65 -13.05 2.29 34.69
CA ARG K 65 -12.46 1.01 34.29
C ARG K 65 -13.19 0.38 33.13
N PHE K 66 -14.44 0.76 32.96
CA PHE K 66 -15.26 0.26 31.85
C PHE K 66 -15.01 1.04 30.57
N SER K 67 -14.80 0.30 29.49
CA SER K 67 -14.65 0.90 28.17
C SER K 67 -15.02 -0.09 27.11
N GLY K 68 -15.45 0.44 25.97
CA GLY K 68 -15.85 -0.35 24.81
C GLY K 68 -15.12 0.10 23.56
N SER K 69 -14.72 -0.83 22.74
CA SER K 69 -14.24 -0.52 21.41
C SER K 69 -14.97 -1.40 20.42
N GLY K 70 -14.72 -1.16 19.14
CA GLY K 70 -15.18 -2.03 18.07
C GLY K 70 -16.05 -1.31 17.07
N SER K 71 -16.18 -1.91 15.90
CA SER K 71 -17.11 -1.44 14.88
C SER K 71 -17.41 -2.55 13.91
N GLY K 72 -18.47 -2.36 13.14
CA GLY K 72 -18.92 -3.33 12.15
C GLY K 72 -19.63 -4.48 12.83
N THR K 73 -18.96 -5.62 12.91
CA THR K 73 -19.51 -6.81 13.54
C THR K 73 -18.80 -7.25 14.83
N ASP K 74 -17.61 -6.73 15.12
CA ASP K 74 -16.79 -7.21 16.23
C ASP K 74 -16.59 -6.14 17.27
N PHE K 75 -17.06 -6.41 18.49
CA PHE K 75 -17.06 -5.42 19.58
C PHE K 75 -16.47 -6.03 20.84
N THR K 76 -16.01 -5.15 21.74
CA THR K 76 -15.25 -5.55 22.90
C THR K 76 -15.55 -4.69 24.11
N LEU K 77 -16.04 -5.30 25.16
CA LEU K 77 -16.10 -4.65 26.45
C LEU K 77 -14.82 -4.96 27.25
N THR K 78 -14.23 -3.92 27.82
CA THR K 78 -13.04 -4.10 28.63
C THR K 78 -13.21 -3.48 30.02
N ILE K 79 -12.98 -4.30 31.04
CA ILE K 79 -12.83 -3.83 32.41
C ILE K 79 -11.34 -3.86 32.75
N SER K 80 -10.75 -2.68 32.92
CA SER K 80 -9.30 -2.58 33.06
C SER K 80 -8.77 -2.98 34.44
N SER K 81 -9.58 -2.82 35.48
CA SER K 81 -9.18 -3.15 36.85
C SER K 81 -10.33 -3.79 37.59
N LEU K 82 -10.48 -5.09 37.43
CA LEU K 82 -11.64 -5.80 37.92
C LEU K 82 -11.83 -5.65 39.42
N GLN K 83 -13.07 -5.44 39.85
CA GLN K 83 -13.42 -5.23 41.26
C GLN K 83 -14.46 -6.24 41.71
N PRO K 84 -14.58 -6.47 43.03
CA PRO K 84 -15.51 -7.46 43.54
C PRO K 84 -16.96 -7.16 43.16
N GLU K 85 -17.33 -5.89 43.22
CA GLU K 85 -18.67 -5.41 42.88
C GLU K 85 -19.01 -5.58 41.39
N ASP K 86 -18.00 -5.91 40.58
CA ASP K 86 -18.16 -6.12 39.13
C ASP K 86 -18.60 -7.53 38.78
N PHE K 87 -18.79 -8.37 39.79
CA PHE K 87 -19.43 -9.65 39.56
C PHE K 87 -20.84 -9.43 39.00
N ALA K 88 -21.02 -9.93 37.77
CA ALA K 88 -22.30 -9.87 37.08
C ALA K 88 -22.21 -10.60 35.75
N THR K 89 -23.34 -10.68 35.06
CA THR K 89 -23.40 -11.14 33.69
C THR K 89 -23.55 -9.94 32.80
N TYR K 90 -22.82 -9.95 31.69
CA TYR K 90 -22.72 -8.81 30.79
C TYR K 90 -23.28 -9.23 29.46
N TYR K 91 -24.09 -8.34 28.88
CA TYR K 91 -24.80 -8.58 27.62
C TYR K 91 -24.45 -7.49 26.66
N CYS K 92 -24.48 -7.81 25.38
CA CYS K 92 -24.45 -6.78 24.32
C CYS K 92 -25.80 -6.79 23.61
N GLN K 93 -26.31 -5.60 23.25
CA GLN K 93 -27.44 -5.53 22.32
C GLN K 93 -27.23 -4.50 21.23
N HIS K 94 -27.93 -4.70 20.13
CA HIS K 94 -27.94 -3.79 19.01
C HIS K 94 -29.28 -3.06 18.83
N SER K 95 -29.19 -1.88 18.24
CA SER K 95 -30.34 -1.09 17.83
C SER K 95 -30.21 -0.75 16.34
N TRP K 96 -29.72 -1.71 15.58
CA TRP K 96 -29.68 -1.65 14.13
C TRP K 96 -30.96 -2.25 13.60
N GLY K 97 -32.03 -1.50 13.80
CA GLY K 97 -33.35 -1.91 13.35
C GLY K 97 -34.01 -2.90 14.29
N ILE K 98 -34.84 -3.75 13.70
CA ILE K 98 -35.75 -4.60 14.43
C ILE K 98 -35.69 -6.03 13.89
N PRO K 99 -35.74 -7.02 14.79
CA PRO K 99 -35.88 -6.91 16.22
C PRO K 99 -34.58 -6.58 16.92
N ARG K 100 -34.75 -6.07 18.12
CA ARG K 100 -33.64 -5.83 19.02
C ARG K 100 -33.28 -7.14 19.66
N THR K 101 -32.00 -7.48 19.62
CA THR K 101 -31.57 -8.76 20.17
C THR K 101 -30.38 -8.55 21.07
N PHE K 102 -30.28 -9.38 22.08
CA PHE K 102 -29.13 -9.40 22.99
C PHE K 102 -28.23 -10.58 22.69
N GLY K 103 -27.02 -10.53 23.22
CA GLY K 103 -26.15 -11.69 23.20
C GLY K 103 -26.58 -12.64 24.30
N GLN K 104 -25.97 -13.83 24.33
CA GLN K 104 -26.32 -14.84 25.36
C GLN K 104 -25.82 -14.49 26.75
N GLY K 105 -24.83 -13.60 26.82
CA GLY K 105 -24.34 -13.09 28.08
C GLY K 105 -23.04 -13.74 28.44
N THR K 106 -22.28 -13.04 29.28
CA THR K 106 -20.98 -13.54 29.75
C THR K 106 -20.91 -13.37 31.26
N LYS K 107 -20.91 -14.50 31.96
CA LYS K 107 -20.73 -14.54 33.40
C LYS K 107 -19.29 -14.20 33.79
N VAL K 108 -19.13 -13.21 34.66
CA VAL K 108 -17.84 -12.83 35.18
C VAL K 108 -17.78 -13.09 36.67
N GLU K 109 -16.92 -14.00 37.06
CA GLU K 109 -16.73 -14.30 38.47
C GLU K 109 -15.35 -13.92 38.97
N ILE K 110 -15.26 -13.55 40.23
CA ILE K 110 -14.06 -12.98 40.81
C ILE K 110 -13.33 -14.08 41.46
N LYS K 111 -12.00 -14.04 41.36
CA LYS K 111 -11.17 -15.01 42.06
C LYS K 111 -10.41 -14.32 43.20
N ARG K 112 -10.18 -15.07 44.27
CA ARG K 112 -9.64 -14.50 45.49
C ARG K 112 -9.08 -15.56 46.41
N THR K 113 -8.44 -15.09 47.47
CA THR K 113 -7.87 -15.99 48.45
C THR K 113 -8.88 -16.98 48.93
N VAL K 114 -8.43 -18.17 49.27
CA VAL K 114 -9.24 -19.20 49.90
C VAL K 114 -9.80 -18.71 51.23
N ALA K 115 -10.99 -19.21 51.55
CA ALA K 115 -11.76 -18.85 52.74
C ALA K 115 -12.50 -20.11 53.15
N ALA K 116 -12.44 -20.48 54.42
CA ALA K 116 -13.12 -21.68 54.86
C ALA K 116 -14.54 -21.35 55.29
N PRO K 117 -15.44 -22.31 55.11
CA PRO K 117 -16.81 -22.05 55.51
C PRO K 117 -16.93 -22.19 57.00
N SER K 118 -17.98 -21.61 57.56
CA SER K 118 -18.37 -21.90 58.93
C SER K 118 -19.66 -22.70 58.90
N VAL K 119 -19.60 -23.91 59.43
CA VAL K 119 -20.70 -24.84 59.32
C VAL K 119 -21.68 -24.73 60.50
N PHE K 120 -22.96 -24.83 60.17
CA PHE K 120 -24.03 -24.80 61.17
C PHE K 120 -25.08 -25.87 60.87
N ILE K 121 -25.43 -26.65 61.88
CA ILE K 121 -26.42 -27.68 61.72
C ILE K 121 -27.72 -27.30 62.45
N PHE K 122 -28.82 -27.58 61.78
CA PHE K 122 -30.11 -27.24 62.29
C PHE K 122 -31.00 -28.47 62.34
N PRO K 123 -31.47 -28.83 63.53
CA PRO K 123 -32.44 -29.90 63.59
C PRO K 123 -33.80 -29.43 63.03
N PRO K 124 -34.77 -30.35 62.87
CA PRO K 124 -36.12 -29.98 62.48
C PRO K 124 -36.91 -29.44 63.64
N SER K 125 -37.78 -28.48 63.34
CA SER K 125 -38.69 -27.88 64.31
C SER K 125 -39.74 -28.87 64.79
N ASP K 126 -40.20 -28.71 66.01
CA ASP K 126 -41.27 -29.58 66.49
C ASP K 126 -42.52 -29.42 65.63
N GLU K 127 -42.85 -28.19 65.28
CA GLU K 127 -44.09 -27.95 64.57
C GLU K 127 -44.13 -28.62 63.22
N GLN K 128 -42.96 -28.85 62.64
CA GLN K 128 -42.86 -29.51 61.35
C GLN K 128 -43.03 -30.98 61.50
N LEU K 129 -42.33 -31.53 62.48
CA LEU K 129 -42.43 -32.92 62.86
C LEU K 129 -43.86 -33.30 63.24
N LYS K 130 -44.69 -32.32 63.60
CA LYS K 130 -46.09 -32.61 63.86
C LYS K 130 -46.73 -33.21 62.60
N SER K 131 -46.62 -32.51 61.47
CA SER K 131 -46.86 -33.14 60.17
C SER K 131 -45.73 -34.17 59.93
N GLY K 132 -45.93 -35.12 59.02
CA GLY K 132 -45.10 -36.31 59.03
C GLY K 132 -43.61 -36.23 58.71
N THR K 133 -43.06 -35.03 58.54
CA THR K 133 -41.66 -34.88 58.08
C THR K 133 -40.69 -34.24 59.02
N ALA K 134 -39.44 -34.63 58.82
CA ALA K 134 -38.29 -33.88 59.32
C ALA K 134 -37.57 -33.24 58.14
N SER K 135 -37.00 -32.06 58.38
CA SER K 135 -36.02 -31.46 57.48
C SER K 135 -34.77 -31.04 58.26
N VAL K 136 -33.66 -31.68 57.94
CA VAL K 136 -32.40 -31.35 58.61
C VAL K 136 -31.59 -30.47 57.70
N VAL K 137 -31.00 -29.44 58.28
CA VAL K 137 -30.31 -28.42 57.50
C VAL K 137 -28.91 -28.11 58.04
N CYS K 138 -28.00 -28.00 57.09
CA CYS K 138 -26.62 -27.77 57.32
C CYS K 138 -26.26 -26.56 56.52
N LEU K 139 -25.84 -25.50 57.20
CA LEU K 139 -25.40 -24.28 56.52
C LEU K 139 -23.87 -24.10 56.52
N LEU K 140 -23.32 -23.67 55.38
CA LEU K 140 -21.90 -23.35 55.22
C LEU K 140 -21.70 -21.90 54.84
N ASN K 141 -20.94 -21.16 55.63
CA ASN K 141 -20.95 -19.74 55.43
C ASN K 141 -19.65 -19.06 55.05
N ASN K 142 -19.69 -18.40 53.89
CA ASN K 142 -18.75 -17.36 53.51
C ASN K 142 -17.39 -17.93 53.25
N PHE K 143 -17.35 -18.73 52.20
CA PHE K 143 -16.16 -19.48 51.84
C PHE K 143 -15.87 -19.24 50.37
N TYR K 144 -14.70 -19.68 49.95
CA TYR K 144 -14.28 -19.61 48.57
C TYR K 144 -13.18 -20.68 48.41
N PRO K 145 -13.19 -21.46 47.32
CA PRO K 145 -13.99 -21.62 46.10
C PRO K 145 -15.37 -22.17 46.29
N ARG K 146 -16.16 -22.14 45.22
CA ARG K 146 -17.52 -22.66 45.26
C ARG K 146 -17.52 -24.16 45.53
N GLU K 147 -16.46 -24.85 45.13
CA GLU K 147 -16.44 -26.31 45.15
C GLU K 147 -16.29 -26.81 46.57
N ALA K 148 -17.42 -27.15 47.19
CA ALA K 148 -17.47 -27.72 48.54
C ALA K 148 -18.12 -29.09 48.49
N LYS K 149 -17.95 -29.87 49.55
CA LYS K 149 -18.60 -31.18 49.63
C LYS K 149 -19.21 -31.40 50.99
N VAL K 150 -20.52 -31.56 50.99
CA VAL K 150 -21.32 -31.78 52.19
C VAL K 150 -21.58 -33.27 52.20
N GLN K 151 -21.63 -33.89 53.36
CA GLN K 151 -22.00 -35.29 53.42
C GLN K 151 -22.83 -35.55 54.64
N TRP K 152 -24.09 -35.94 54.44
CA TRP K 152 -24.94 -36.26 55.55
C TRP K 152 -24.59 -37.67 56.05
N LYS K 153 -24.62 -37.79 57.38
CA LYS K 153 -24.44 -39.05 58.08
C LYS K 153 -25.51 -39.19 59.15
N VAL K 154 -26.12 -40.36 59.26
CA VAL K 154 -27.16 -40.55 60.26
C VAL K 154 -26.85 -41.82 61.02
N ASP K 155 -26.58 -41.69 62.32
CA ASP K 155 -26.02 -42.77 63.11
C ASP K 155 -24.80 -43.33 62.37
N ASN K 156 -24.04 -42.41 61.79
CA ASN K 156 -22.79 -42.69 61.10
C ASN K 156 -22.96 -43.38 59.74
N ALA K 157 -24.20 -43.50 59.28
CA ALA K 157 -24.47 -44.02 57.95
C ALA K 157 -24.35 -42.90 56.93
N LEU K 158 -23.51 -43.09 55.91
CA LEU K 158 -23.47 -42.13 54.80
C LEU K 158 -24.81 -42.13 54.10
N GLN K 159 -25.30 -40.94 53.76
CA GLN K 159 -26.56 -40.81 53.04
C GLN K 159 -26.25 -40.52 51.59
N SER K 160 -27.25 -40.69 50.74
CA SER K 160 -27.19 -40.15 49.38
C SER K 160 -28.58 -40.07 48.76
N GLY K 161 -28.72 -39.14 47.81
CA GLY K 161 -29.96 -38.93 47.07
C GLY K 161 -31.19 -38.55 47.92
N ASN K 162 -30.98 -38.28 49.20
CA ASN K 162 -32.08 -37.88 50.07
C ASN K 162 -31.87 -36.46 50.55
N SER K 163 -31.05 -35.72 49.82
CA SER K 163 -30.72 -34.34 50.19
C SER K 163 -30.61 -33.47 48.95
N GLN K 164 -30.86 -32.18 49.12
CA GLN K 164 -30.65 -31.21 48.05
C GLN K 164 -29.91 -30.03 48.64
N GLU K 165 -29.14 -29.35 47.80
CA GLU K 165 -28.37 -28.23 48.26
C GLU K 165 -28.50 -27.06 47.34
N SER K 166 -28.35 -25.86 47.88
CA SER K 166 -28.43 -24.65 47.09
C SER K 166 -27.30 -23.72 47.47
N VAL K 167 -26.80 -22.98 46.50
CA VAL K 167 -25.67 -22.08 46.69
C VAL K 167 -26.12 -20.68 46.36
N THR K 168 -25.62 -19.72 47.12
CA THR K 168 -25.86 -18.33 46.81
C THR K 168 -24.93 -17.90 45.69
N GLU K 169 -25.30 -16.80 45.06
CA GLU K 169 -24.40 -16.21 44.08
C GLU K 169 -23.20 -15.69 44.86
N GLN K 170 -22.18 -15.27 44.14
CA GLN K 170 -20.99 -14.77 44.77
C GLN K 170 -21.33 -13.44 45.43
N ASP K 171 -21.02 -13.28 46.72
CA ASP K 171 -21.12 -11.98 47.40
C ASP K 171 -20.38 -10.93 46.57
N SER K 172 -20.84 -9.69 46.68
CA SER K 172 -20.40 -8.65 45.78
C SER K 172 -19.53 -7.67 46.52
N LYS K 173 -19.22 -8.01 47.76
CA LYS K 173 -18.27 -7.27 48.56
C LYS K 173 -16.98 -8.06 48.68
N ASP K 174 -17.12 -9.29 49.18
CA ASP K 174 -16.01 -10.16 49.53
C ASP K 174 -15.90 -11.39 48.65
N SER K 175 -16.77 -11.49 47.66
CA SER K 175 -16.69 -12.56 46.67
C SER K 175 -16.85 -13.98 47.19
N THR K 176 -17.57 -14.18 48.29
CA THR K 176 -17.70 -15.53 48.87
C THR K 176 -19.01 -16.13 48.46
N TYR K 177 -19.10 -17.46 48.60
CA TYR K 177 -20.35 -18.14 48.47
C TYR K 177 -20.76 -18.70 49.83
N SER K 178 -22.05 -19.01 49.94
CA SER K 178 -22.59 -19.77 51.06
C SER K 178 -23.49 -20.86 50.48
N LEU K 179 -23.80 -21.87 51.29
CA LEU K 179 -24.52 -23.05 50.84
C LEU K 179 -25.42 -23.62 51.91
N SER K 180 -26.64 -24.01 51.54
CA SER K 180 -27.49 -24.83 52.40
C SER K 180 -27.67 -26.20 51.76
N SER K 181 -27.48 -27.25 52.54
CA SER K 181 -27.89 -28.59 52.16
C SER K 181 -29.01 -28.98 53.11
N THR K 182 -29.98 -29.70 52.57
CA THR K 182 -31.18 -30.06 53.30
C THR K 182 -31.48 -31.55 53.19
N LEU K 183 -31.47 -32.23 54.34
CA LEU K 183 -31.83 -33.65 54.39
C LEU K 183 -33.31 -33.81 54.77
N THR K 184 -33.98 -34.68 54.04
CA THR K 184 -35.40 -34.85 54.20
C THR K 184 -35.76 -36.30 54.52
N LEU K 185 -36.32 -36.50 55.72
CA LEU K 185 -36.86 -37.78 56.15
C LEU K 185 -38.29 -37.66 56.64
N SER K 186 -39.03 -38.75 56.60
CA SER K 186 -40.24 -38.80 57.37
C SER K 186 -39.90 -38.74 58.87
N LYS K 187 -40.89 -38.35 59.67
CA LYS K 187 -40.73 -38.23 61.12
C LYS K 187 -40.48 -39.60 61.73
N ALA K 188 -41.39 -40.53 61.43
CA ALA K 188 -41.27 -41.90 61.89
C ALA K 188 -39.89 -42.43 61.59
N ASP K 189 -39.35 -42.05 60.42
CA ASP K 189 -38.01 -42.44 60.04
C ASP K 189 -36.96 -41.69 60.86
N TYR K 190 -36.96 -40.37 60.76
CA TYR K 190 -36.10 -39.53 61.60
C TYR K 190 -36.01 -40.04 63.05
N GLU K 191 -37.16 -40.45 63.59
CA GLU K 191 -37.25 -40.86 64.99
C GLU K 191 -36.65 -42.22 65.27
N LYS K 192 -36.19 -42.92 64.26
CA LYS K 192 -35.53 -44.20 64.47
C LYS K 192 -34.02 -44.05 64.63
N HIS K 193 -33.53 -42.81 64.64
CA HIS K 193 -32.10 -42.55 64.67
C HIS K 193 -31.80 -41.45 65.66
N LYS K 194 -30.55 -41.41 66.13
CA LYS K 194 -30.15 -40.49 67.19
C LYS K 194 -29.24 -39.38 66.70
N VAL K 195 -28.11 -39.76 66.11
CA VAL K 195 -27.05 -38.83 65.73
C VAL K 195 -27.23 -38.33 64.31
N TYR K 196 -27.17 -37.02 64.14
CA TYR K 196 -27.38 -36.37 62.85
C TYR K 196 -26.25 -35.41 62.58
N ALA K 197 -25.46 -35.68 61.54
CA ALA K 197 -24.28 -34.87 61.23
C ALA K 197 -24.14 -34.56 59.77
N CYS K 198 -23.54 -33.42 59.47
CA CYS K 198 -23.06 -33.13 58.11
C CYS K 198 -21.55 -32.90 58.19
N GLU K 199 -20.85 -33.63 57.33
CA GLU K 199 -19.42 -33.54 57.24
C GLU K 199 -19.06 -32.66 56.05
N VAL K 200 -18.31 -31.61 56.32
CA VAL K 200 -17.98 -30.63 55.30
C VAL K 200 -16.53 -30.76 54.89
N THR K 201 -16.29 -30.68 53.60
CA THR K 201 -14.96 -30.78 53.05
C THR K 201 -14.71 -29.60 52.14
N HIS K 202 -13.50 -29.05 52.20
CA HIS K 202 -13.19 -27.84 51.45
C HIS K 202 -11.71 -27.53 51.42
N GLN K 203 -11.27 -26.90 50.33
CA GLN K 203 -9.87 -26.53 50.12
C GLN K 203 -9.30 -25.76 51.31
N GLY K 204 -10.16 -24.92 51.89
CA GLY K 204 -9.81 -24.08 53.02
C GLY K 204 -9.91 -24.76 54.38
N LEU K 205 -9.99 -26.08 54.36
CA LEU K 205 -9.90 -26.89 55.57
C LEU K 205 -8.77 -27.85 55.43
N SER K 206 -7.91 -27.93 56.44
CA SER K 206 -6.82 -28.92 56.42
C SER K 206 -7.38 -30.33 56.49
N SER K 207 -8.57 -30.46 57.07
CA SER K 207 -9.32 -31.71 57.09
C SER K 207 -10.79 -31.40 57.39
N PRO K 208 -11.69 -32.34 57.07
CA PRO K 208 -13.11 -32.06 57.11
C PRO K 208 -13.60 -31.77 58.50
N VAL K 209 -14.64 -30.94 58.54
CA VAL K 209 -15.31 -30.53 59.76
C VAL K 209 -16.68 -31.16 59.83
N THR K 210 -17.10 -31.52 61.04
CA THR K 210 -18.37 -32.15 61.24
C THR K 210 -19.11 -31.45 62.32
N LYS K 211 -20.28 -30.93 61.98
CA LYS K 211 -21.23 -30.51 62.96
C LYS K 211 -22.31 -31.55 62.99
N SER K 212 -22.79 -31.84 64.19
CA SER K 212 -23.77 -32.89 64.42
C SER K 212 -24.66 -32.56 65.60
N PHE K 213 -25.65 -33.42 65.84
CA PHE K 213 -26.49 -33.33 67.04
C PHE K 213 -27.15 -34.66 67.37
N ASN K 214 -27.47 -34.85 68.66
CA ASN K 214 -28.22 -35.99 69.11
C ASN K 214 -29.69 -35.61 69.26
N ARG K 215 -30.57 -36.33 68.58
CA ARG K 215 -32.00 -36.09 68.66
C ARG K 215 -32.45 -36.11 70.11
N GLY K 216 -33.21 -35.09 70.52
CA GLY K 216 -33.64 -34.95 71.92
C GLY K 216 -32.51 -34.47 72.82
N GLU K 217 -31.99 -33.28 72.50
CA GLU K 217 -30.84 -32.70 73.19
C GLU K 217 -30.56 -31.34 72.56
N GLU L 1 -37.89 11.46 39.98
CA GLU L 1 -37.13 10.18 40.05
C GLU L 1 -37.87 9.05 39.34
N VAL L 2 -37.28 8.56 38.25
CA VAL L 2 -37.98 7.68 37.35
C VAL L 2 -38.20 6.35 38.04
N GLN L 3 -39.36 5.76 37.78
CA GLN L 3 -39.73 4.53 38.44
C GLN L 3 -40.80 3.75 37.66
N LEU L 4 -40.44 2.52 37.33
CA LEU L 4 -41.25 1.61 36.53
C LEU L 4 -41.65 0.42 37.38
N VAL L 5 -42.94 0.16 37.44
CA VAL L 5 -43.46 -0.83 38.36
C VAL L 5 -44.34 -1.76 37.59
N GLU L 6 -43.84 -2.95 37.30
CA GLU L 6 -44.64 -3.97 36.62
C GLU L 6 -45.34 -4.84 37.64
N SER L 7 -46.56 -5.27 37.29
CA SER L 7 -47.42 -6.07 38.17
C SER L 7 -48.34 -6.92 37.31
N GLY L 8 -49.03 -7.86 37.93
CA GLY L 8 -49.93 -8.75 37.22
C GLY L 8 -49.32 -10.10 36.88
N GLY L 9 -48.09 -10.33 37.33
CA GLY L 9 -47.43 -11.62 37.13
C GLY L 9 -48.05 -12.69 38.00
N GLY L 10 -47.73 -13.95 37.71
CA GLY L 10 -48.24 -15.06 38.50
C GLY L 10 -48.26 -16.38 37.75
N LEU L 11 -49.23 -17.20 38.06
CA LEU L 11 -49.35 -18.53 37.48
C LEU L 11 -50.50 -18.59 36.51
N VAL L 12 -50.26 -19.21 35.35
CA VAL L 12 -51.33 -19.52 34.39
C VAL L 12 -51.14 -20.90 33.81
N GLN L 13 -52.24 -21.56 33.48
CA GLN L 13 -52.09 -22.81 32.77
C GLN L 13 -51.76 -22.59 31.35
N PRO L 14 -51.21 -23.60 30.69
CA PRO L 14 -50.88 -23.44 29.30
C PRO L 14 -52.13 -23.20 28.48
N GLY L 15 -52.01 -22.39 27.44
CA GLY L 15 -53.18 -22.00 26.64
C GLY L 15 -53.95 -20.84 27.25
N GLY L 16 -53.66 -20.53 28.51
CA GLY L 16 -54.31 -19.44 29.19
C GLY L 16 -53.72 -18.12 28.77
N SER L 17 -54.27 -17.05 29.34
CA SER L 17 -53.88 -15.69 28.98
C SER L 17 -53.63 -14.85 30.22
N LEU L 18 -52.83 -13.80 30.07
CA LEU L 18 -52.44 -12.92 31.17
C LEU L 18 -52.35 -11.48 30.72
N ARG L 19 -52.46 -10.55 31.67
CA ARG L 19 -52.21 -9.16 31.34
C ARG L 19 -51.26 -8.53 32.33
N LEU L 20 -50.07 -8.22 31.84
CA LEU L 20 -49.09 -7.48 32.61
C LEU L 20 -49.30 -6.00 32.41
N SER L 21 -49.09 -5.26 33.48
CA SER L 21 -49.19 -3.82 33.45
C SER L 21 -47.89 -3.23 34.02
N CYS L 22 -47.50 -2.07 33.50
CA CYS L 22 -46.37 -1.33 33.96
C CYS L 22 -46.75 0.12 34.27
N ALA L 23 -46.68 0.51 35.53
CA ALA L 23 -47.07 1.85 35.95
C ALA L 23 -45.82 2.69 36.12
N THR L 24 -45.77 3.82 35.40
CA THR L 24 -44.58 4.64 35.39
C THR L 24 -44.78 5.87 36.26
N SER L 25 -43.69 6.54 36.59
CA SER L 25 -43.71 7.76 37.37
C SER L 25 -42.35 8.47 37.38
N GLY L 26 -42.36 9.79 37.51
CA GLY L 26 -41.14 10.56 37.69
C GLY L 26 -40.48 11.12 36.44
N TYR L 27 -41.22 11.17 35.33
CA TYR L 27 -40.75 11.78 34.09
C TYR L 27 -41.95 12.14 33.20
N THR L 28 -41.76 12.99 32.20
CA THR L 28 -42.86 13.33 31.27
C THR L 28 -43.16 12.09 30.42
N PHE L 29 -44.37 11.57 30.59
CA PHE L 29 -44.76 10.28 30.03
C PHE L 29 -44.42 10.09 28.54
N THR L 30 -44.70 11.12 27.73
CA THR L 30 -44.62 11.04 26.28
C THR L 30 -43.19 11.03 25.82
N GLU L 31 -42.27 11.24 26.75
CA GLU L 31 -40.87 11.34 26.38
C GLU L 31 -40.16 10.03 26.22
N TYR L 32 -40.60 8.99 26.92
CA TYR L 32 -39.95 7.69 26.83
C TYR L 32 -40.78 6.65 26.13
N ILE L 33 -40.10 5.81 25.36
CA ILE L 33 -40.67 4.60 24.81
C ILE L 33 -40.60 3.50 25.84
N ILE L 34 -41.69 2.79 25.99
CA ILE L 34 -41.77 1.74 26.98
C ILE L 34 -41.67 0.41 26.29
N HIS L 35 -40.91 -0.47 26.90
CA HIS L 35 -40.61 -1.76 26.32
C HIS L 35 -41.01 -2.81 27.30
N TRP L 36 -41.16 -4.02 26.75
CA TRP L 36 -41.19 -5.22 27.56
C TRP L 36 -40.07 -6.12 27.10
N VAL L 37 -39.33 -6.63 28.07
CA VAL L 37 -38.20 -7.49 27.83
C VAL L 37 -38.32 -8.62 28.81
N ARG L 38 -38.19 -9.86 28.34
CA ARG L 38 -38.26 -10.99 29.25
C ARG L 38 -36.94 -11.79 29.33
N GLN L 39 -36.88 -12.63 30.36
CA GLN L 39 -35.73 -13.43 30.66
C GLN L 39 -36.12 -14.71 31.32
N ALA L 40 -36.01 -15.82 30.59
CA ALA L 40 -36.29 -17.14 31.16
C ALA L 40 -35.30 -17.44 32.28
N PRO L 41 -35.74 -18.16 33.32
CA PRO L 41 -34.85 -18.37 34.48
C PRO L 41 -33.58 -19.07 34.10
N GLY L 42 -32.45 -18.45 34.40
CA GLY L 42 -31.14 -18.96 34.02
C GLY L 42 -30.70 -18.47 32.65
N LYS L 43 -31.66 -18.16 31.78
CA LYS L 43 -31.36 -17.83 30.38
C LYS L 43 -31.10 -16.34 30.15
N GLY L 44 -30.92 -16.01 28.87
CA GLY L 44 -30.61 -14.65 28.45
C GLY L 44 -31.85 -13.80 28.28
N LEU L 45 -31.62 -12.64 27.69
CA LEU L 45 -32.63 -11.59 27.58
C LEU L 45 -33.30 -11.56 26.20
N GLU L 46 -34.59 -11.31 26.18
CA GLU L 46 -35.34 -11.34 24.92
C GLU L 46 -36.31 -10.19 24.84
N TRP L 47 -36.14 -9.37 23.83
CA TRP L 47 -37.02 -8.23 23.61
C TRP L 47 -38.37 -8.70 23.07
N VAL L 48 -39.43 -8.17 23.64
CA VAL L 48 -40.75 -8.62 23.29
C VAL L 48 -41.48 -7.62 22.38
N ALA L 49 -41.66 -6.40 22.91
CA ALA L 49 -42.37 -5.34 22.20
C ALA L 49 -42.07 -3.98 22.79
N SER L 50 -42.30 -2.94 22.00
CA SER L 50 -42.23 -1.57 22.48
C SER L 50 -43.41 -0.73 21.98
N ILE L 51 -43.73 0.31 22.74
CA ILE L 51 -44.78 1.26 22.36
C ILE L 51 -44.35 2.70 22.61
N ASN L 52 -44.70 3.57 21.65
CA ASN L 52 -44.31 4.98 21.67
C ASN L 52 -45.50 5.86 22.00
N PRO L 53 -45.57 6.37 23.23
CA PRO L 53 -46.72 7.15 23.69
C PRO L 53 -46.88 8.51 23.02
N ASP L 54 -45.79 9.07 22.51
CA ASP L 54 -45.80 10.39 21.90
C ASP L 54 -46.56 10.30 20.59
N TYR L 55 -46.11 9.39 19.74
CA TYR L 55 -46.79 9.10 18.50
C TYR L 55 -47.84 8.05 18.86
N ASP L 56 -47.85 6.92 18.18
CA ASP L 56 -48.64 5.79 18.66
C ASP L 56 -48.10 4.49 18.09
N ILE L 57 -46.80 4.49 17.76
CA ILE L 57 -46.17 3.41 17.05
C ILE L 57 -46.00 2.28 18.04
N THR L 58 -46.10 1.05 17.55
CA THR L 58 -45.74 -0.13 18.32
C THR L 58 -44.86 -0.99 17.47
N ASN L 59 -44.06 -1.82 18.13
CA ASN L 59 -43.21 -2.77 17.43
C ASN L 59 -43.21 -4.06 18.19
N TYR L 60 -43.08 -5.16 17.47
CA TYR L 60 -43.09 -6.49 18.07
C TYR L 60 -41.96 -7.35 17.58
N ASN L 61 -41.48 -8.19 18.45
CA ASN L 61 -40.66 -9.31 18.03
C ASN L 61 -41.57 -10.28 17.28
N GLN L 62 -41.21 -10.63 16.05
CA GLN L 62 -42.05 -11.49 15.22
C GLN L 62 -42.51 -12.79 15.90
N ARG L 63 -41.70 -13.33 16.80
CA ARG L 63 -42.10 -14.51 17.57
C ARG L 63 -43.48 -14.35 18.22
N PHE L 64 -43.73 -13.16 18.76
CA PHE L 64 -44.94 -12.90 19.56
C PHE L 64 -46.00 -12.10 18.82
N LYS L 65 -45.85 -11.92 17.51
CA LYS L 65 -46.77 -11.10 16.74
C LYS L 65 -48.24 -11.51 16.93
N GLY L 66 -48.50 -12.80 16.81
CA GLY L 66 -49.87 -13.32 16.92
C GLY L 66 -50.49 -13.23 18.31
N ARG L 67 -49.68 -13.44 19.35
CA ARG L 67 -50.22 -13.75 20.67
C ARG L 67 -50.20 -12.56 21.61
N PHE L 68 -49.15 -11.77 21.56
CA PHE L 68 -48.94 -10.69 22.53
C PHE L 68 -49.39 -9.37 21.96
N THR L 69 -50.00 -8.54 22.81
CA THR L 69 -50.42 -7.18 22.43
C THR L 69 -50.00 -6.16 23.47
N ILE L 70 -49.27 -5.16 23.02
CA ILE L 70 -48.83 -4.07 23.87
C ILE L 70 -49.73 -2.89 23.58
N SER L 71 -50.03 -2.13 24.62
CA SER L 71 -50.98 -1.04 24.51
C SER L 71 -50.77 -0.19 25.72
N LEU L 72 -51.41 0.98 25.76
CA LEU L 72 -51.25 1.81 26.93
C LEU L 72 -52.42 2.72 27.25
N ASP L 73 -52.40 3.23 28.48
CA ASP L 73 -53.33 4.20 28.95
C ASP L 73 -52.57 5.40 29.46
N LYS L 74 -52.58 6.45 28.65
CA LYS L 74 -51.81 7.65 28.92
C LYS L 74 -52.27 8.34 30.21
N SER L 75 -53.59 8.47 30.42
CA SER L 75 -54.08 9.11 31.65
C SER L 75 -53.51 8.38 32.87
N LYS L 76 -53.47 7.05 32.84
CA LYS L 76 -53.00 6.26 33.98
C LYS L 76 -51.50 6.11 34.00
N ARG L 77 -50.81 6.73 33.03
CA ARG L 77 -49.36 6.58 32.85
C ARG L 77 -49.00 5.12 32.93
N THR L 78 -49.70 4.27 32.20
CA THR L 78 -49.53 2.83 32.34
C THR L 78 -49.49 2.13 30.99
N ALA L 79 -48.53 1.21 30.82
CA ALA L 79 -48.48 0.34 29.64
C ALA L 79 -48.83 -1.10 30.00
N TYR L 80 -49.40 -1.82 29.04
CA TYR L 80 -49.94 -3.13 29.32
C TYR L 80 -49.43 -4.09 28.30
N LEU L 81 -49.15 -5.32 28.74
CA LEU L 81 -48.81 -6.41 27.82
C LEU L 81 -49.78 -7.56 28.00
N GLN L 82 -50.65 -7.73 27.01
CA GLN L 82 -51.61 -8.80 26.99
C GLN L 82 -50.99 -10.03 26.32
N MET L 83 -50.88 -11.11 27.08
CA MET L 83 -50.37 -12.36 26.55
C MET L 83 -51.46 -13.40 26.43
N ASN L 84 -51.45 -14.10 25.29
CA ASN L 84 -52.43 -15.14 24.99
C ASN L 84 -51.79 -16.48 24.67
N SER L 85 -52.61 -17.53 24.69
CA SER L 85 -52.18 -18.87 24.28
C SER L 85 -50.79 -19.16 24.80
N LEU L 86 -50.60 -18.95 26.10
CA LEU L 86 -49.29 -19.08 26.70
C LEU L 86 -48.80 -20.51 26.66
N ARG L 87 -47.60 -20.69 26.13
CA ARG L 87 -46.90 -21.96 26.15
C ARG L 87 -46.05 -22.00 27.42
N ALA L 88 -45.46 -23.16 27.68
CA ALA L 88 -44.57 -23.31 28.82
C ALA L 88 -43.24 -22.59 28.63
N GLU L 89 -42.85 -22.32 27.40
CA GLU L 89 -41.61 -21.62 27.11
C GLU L 89 -41.74 -20.13 27.31
N ASP L 90 -42.90 -19.67 27.73
CA ASP L 90 -43.11 -18.26 27.98
C ASP L 90 -42.88 -17.93 29.42
N THR L 91 -42.65 -18.96 30.24
CA THR L 91 -42.24 -18.76 31.62
C THR L 91 -40.95 -17.94 31.67
N ALA L 92 -41.05 -16.76 32.25
CA ALA L 92 -39.91 -15.86 32.36
C ALA L 92 -40.24 -14.70 33.27
N VAL L 93 -39.20 -13.96 33.67
CA VAL L 93 -39.37 -12.71 34.35
C VAL L 93 -39.62 -11.69 33.26
N TYR L 94 -40.63 -10.87 33.44
CA TYR L 94 -40.94 -9.87 32.45
C TYR L 94 -40.55 -8.52 33.00
N TYR L 95 -39.60 -7.89 32.34
CA TYR L 95 -39.19 -6.57 32.73
C TYR L 95 -39.96 -5.56 31.88
N CYS L 96 -40.24 -4.45 32.53
CA CYS L 96 -40.70 -3.24 31.91
C CYS L 96 -39.46 -2.36 31.81
N ALA L 97 -39.17 -1.84 30.63
CA ALA L 97 -38.00 -0.98 30.44
C ALA L 97 -38.31 0.23 29.58
N SER L 98 -37.53 1.28 29.75
CA SER L 98 -37.75 2.51 29.02
C SER L 98 -36.49 3.01 28.34
N TRP L 99 -36.67 3.75 27.26
CA TRP L 99 -35.57 4.41 26.63
C TRP L 99 -36.04 5.66 25.90
N ILE L 100 -35.09 6.55 25.65
CA ILE L 100 -35.33 7.67 24.77
C ILE L 100 -35.03 7.21 23.37
N SER L 101 -33.90 6.55 23.22
CA SER L 101 -33.49 5.99 21.94
C SER L 101 -32.32 5.04 22.09
N ASP L 102 -32.35 3.98 21.29
CA ASP L 102 -31.23 3.02 21.10
C ASP L 102 -30.91 2.07 22.25
N PHE L 103 -30.79 2.60 23.46
CA PHE L 103 -30.47 1.81 24.62
C PHE L 103 -31.35 2.19 25.81
N PHE L 104 -31.51 1.24 26.73
CA PHE L 104 -32.42 1.36 27.84
C PHE L 104 -31.85 2.17 28.98
N ASP L 105 -32.61 3.18 29.37
CA ASP L 105 -32.23 4.07 30.43
C ASP L 105 -32.74 3.58 31.80
N TYR L 106 -33.90 2.92 31.83
CA TYR L 106 -34.56 2.52 33.09
C TYR L 106 -35.25 1.17 33.00
N TRP L 107 -35.47 0.57 34.17
CA TRP L 107 -36.02 -0.77 34.28
C TRP L 107 -36.98 -0.89 35.45
N GLY L 108 -37.84 -1.89 35.38
CA GLY L 108 -38.58 -2.31 36.54
C GLY L 108 -37.77 -3.32 37.34
N GLN L 109 -38.39 -3.88 38.37
CA GLN L 109 -37.77 -4.90 39.20
C GLN L 109 -38.00 -6.29 38.58
N GLY L 110 -38.92 -6.36 37.61
CA GLY L 110 -39.33 -7.62 36.97
C GLY L 110 -40.53 -8.24 37.67
N THR L 111 -41.37 -8.96 36.92
CA THR L 111 -42.50 -9.69 37.48
C THR L 111 -42.47 -11.09 36.87
N LEU L 112 -42.59 -12.12 37.70
CA LEU L 112 -42.42 -13.51 37.24
C LEU L 112 -43.74 -14.11 36.78
N VAL L 113 -43.73 -14.62 35.56
CA VAL L 113 -44.85 -15.32 34.97
C VAL L 113 -44.50 -16.77 34.80
N THR L 114 -45.31 -17.63 35.41
CA THR L 114 -45.07 -19.07 35.41
C THR L 114 -46.21 -19.74 34.66
N VAL L 115 -45.90 -20.43 33.57
CA VAL L 115 -46.90 -21.17 32.82
C VAL L 115 -46.83 -22.65 33.16
N SER L 116 -47.80 -23.14 33.93
CA SER L 116 -47.80 -24.53 34.38
C SER L 116 -49.21 -25.03 34.70
N SER L 117 -49.42 -26.32 34.49
CA SER L 117 -50.68 -26.99 34.81
C SER L 117 -50.76 -27.39 36.26
N ALA L 118 -49.63 -27.35 36.96
CA ALA L 118 -49.61 -27.63 38.39
C ALA L 118 -50.38 -26.57 39.14
N SER L 119 -51.01 -26.96 40.24
CA SER L 119 -51.76 -26.01 41.04
C SER L 119 -50.87 -25.36 42.09
N THR L 120 -51.30 -24.17 42.49
CA THR L 120 -50.55 -23.34 43.40
C THR L 120 -50.64 -23.89 44.82
N LYS L 121 -49.67 -23.51 45.64
CA LYS L 121 -49.53 -24.08 46.96
C LYS L 121 -48.81 -23.07 47.83
N GLY L 122 -49.35 -22.82 49.00
CA GLY L 122 -48.76 -21.87 49.92
C GLY L 122 -47.70 -22.63 50.65
N PRO L 123 -46.66 -21.94 51.13
CA PRO L 123 -45.58 -22.59 51.82
C PRO L 123 -45.91 -22.79 53.28
N SER L 124 -45.21 -23.73 53.90
CA SER L 124 -45.08 -23.72 55.34
C SER L 124 -43.76 -23.01 55.69
N VAL L 125 -43.67 -22.52 56.91
CA VAL L 125 -42.52 -21.75 57.38
C VAL L 125 -42.12 -22.29 58.73
N PHE L 126 -40.84 -22.63 58.87
CA PHE L 126 -40.35 -23.28 60.06
C PHE L 126 -39.07 -22.64 60.55
N PRO L 127 -38.88 -22.56 61.87
CA PRO L 127 -37.65 -21.95 62.37
C PRO L 127 -36.48 -22.87 62.16
N LEU L 128 -35.35 -22.28 61.77
CA LEU L 128 -34.06 -22.94 61.83
C LEU L 128 -33.46 -22.40 63.08
N ALA L 129 -33.70 -23.09 64.18
CA ALA L 129 -33.39 -22.59 65.50
C ALA L 129 -31.88 -22.54 65.75
N PRO L 130 -31.40 -21.43 66.34
CA PRO L 130 -29.97 -21.29 66.63
C PRO L 130 -29.49 -22.25 67.70
N SER L 131 -28.27 -22.76 67.55
CA SER L 131 -27.74 -23.79 68.47
C SER L 131 -27.14 -23.28 69.80
N SER L 132 -26.69 -22.02 69.81
CA SER L 132 -25.96 -21.38 70.93
C SER L 132 -24.44 -21.48 70.74
N GLY L 137 -19.75 -17.54 73.92
CA GLY L 137 -19.31 -16.40 73.13
C GLY L 137 -19.33 -16.71 71.64
N GLY L 138 -19.03 -15.70 70.83
CA GLY L 138 -18.87 -15.90 69.39
C GLY L 138 -20.06 -15.41 68.59
N THR L 139 -20.36 -16.08 67.49
CA THR L 139 -21.47 -15.70 66.60
C THR L 139 -22.35 -16.88 66.22
N ALA L 140 -23.65 -16.63 66.18
CA ALA L 140 -24.64 -17.68 66.08
C ALA L 140 -25.48 -17.46 64.87
N ALA L 141 -25.95 -18.54 64.28
CA ALA L 141 -26.72 -18.50 63.05
C ALA L 141 -28.09 -19.04 63.34
N LEU L 142 -29.07 -18.48 62.63
CA LEU L 142 -30.46 -18.92 62.71
C LEU L 142 -31.14 -18.51 61.43
N GLY L 143 -32.26 -19.13 61.10
CA GLY L 143 -32.96 -18.80 59.87
C GLY L 143 -34.40 -19.26 59.78
N CYS L 144 -34.89 -19.32 58.54
CA CYS L 144 -36.26 -19.74 58.26
C CYS L 144 -36.30 -20.74 57.15
N LEU L 145 -37.08 -21.79 57.36
CA LEU L 145 -37.32 -22.75 56.33
C LEU L 145 -38.72 -22.54 55.74
N VAL L 146 -38.74 -22.22 54.46
CA VAL L 146 -39.93 -21.93 53.72
C VAL L 146 -40.22 -23.08 52.79
N LYS L 147 -40.99 -24.05 53.25
CA LYS L 147 -41.07 -25.33 52.56
C LYS L 147 -42.36 -25.57 51.78
N ASP L 148 -42.22 -26.24 50.64
CA ASP L 148 -43.34 -26.86 49.91
C ASP L 148 -44.34 -25.89 49.32
N TYR L 149 -43.88 -24.98 48.48
CA TYR L 149 -44.72 -23.98 47.84
C TYR L 149 -44.62 -24.01 46.32
N PHE L 150 -45.61 -23.41 45.67
CA PHE L 150 -45.59 -23.31 44.23
C PHE L 150 -46.61 -22.28 43.82
N PRO L 151 -46.30 -21.48 42.81
CA PRO L 151 -45.04 -21.34 42.08
C PRO L 151 -44.06 -20.39 42.78
N GLU L 152 -42.89 -20.21 42.17
CA GLU L 152 -41.99 -19.12 42.54
C GLU L 152 -42.74 -17.85 42.19
N PRO L 153 -42.45 -16.72 42.87
CA PRO L 153 -41.45 -16.53 43.89
C PRO L 153 -42.04 -16.38 45.27
N VAL L 154 -41.16 -16.42 46.26
CA VAL L 154 -41.50 -16.03 47.61
C VAL L 154 -40.53 -14.93 48.00
N THR L 155 -40.85 -14.13 49.01
CA THR L 155 -39.92 -13.12 49.49
C THR L 155 -39.75 -13.19 51.00
N VAL L 156 -38.52 -13.30 51.46
CA VAL L 156 -38.23 -13.25 52.87
C VAL L 156 -37.55 -11.96 53.25
N SER L 157 -37.96 -11.37 54.37
CA SER L 157 -37.21 -10.28 55.00
C SER L 157 -37.07 -10.55 56.50
N TRP L 158 -36.23 -9.77 57.18
CA TRP L 158 -36.01 -9.98 58.59
C TRP L 158 -36.32 -8.70 59.32
N ASN L 159 -37.07 -8.84 60.41
CA ASN L 159 -37.50 -7.72 61.22
C ASN L 159 -38.12 -6.63 60.38
N SER L 160 -39.02 -7.04 59.49
CA SER L 160 -39.69 -6.16 58.55
C SER L 160 -38.72 -5.24 57.79
N GLY L 161 -37.56 -5.76 57.42
CA GLY L 161 -36.56 -4.99 56.65
C GLY L 161 -35.48 -4.33 57.47
N ALA L 162 -35.60 -4.42 58.80
CA ALA L 162 -34.62 -3.83 59.71
C ALA L 162 -33.33 -4.67 59.88
N LEU L 163 -33.31 -5.89 59.37
CA LEU L 163 -32.12 -6.71 59.45
C LEU L 163 -31.71 -7.17 58.05
N THR L 164 -30.76 -6.47 57.47
CA THR L 164 -30.25 -6.83 56.13
C THR L 164 -28.87 -7.50 56.20
N SER L 165 -28.04 -6.95 57.08
CA SER L 165 -26.67 -7.35 57.24
C SER L 165 -26.56 -8.77 57.79
N GLY L 166 -25.80 -9.60 57.07
CA GLY L 166 -25.48 -10.97 57.50
C GLY L 166 -26.52 -11.98 57.09
N VAL L 167 -27.40 -11.57 56.19
CA VAL L 167 -28.50 -12.40 55.75
C VAL L 167 -28.08 -13.12 54.48
N HIS L 168 -28.46 -14.38 54.35
CA HIS L 168 -28.41 -15.03 53.05
C HIS L 168 -29.72 -15.73 52.81
N THR L 169 -30.23 -15.55 51.59
CA THR L 169 -31.45 -16.20 51.16
C THR L 169 -31.08 -17.05 49.95
N PHE L 170 -31.37 -18.33 50.03
CA PHE L 170 -30.88 -19.24 49.05
C PHE L 170 -31.75 -19.39 47.83
N PRO L 171 -31.14 -19.60 46.65
CA PRO L 171 -31.94 -20.10 45.56
C PRO L 171 -32.82 -21.23 46.02
N ALA L 172 -34.12 -21.12 45.75
CA ALA L 172 -35.02 -22.22 45.98
C ALA L 172 -34.56 -23.45 45.19
N VAL L 173 -34.77 -24.65 45.74
CA VAL L 173 -34.60 -25.88 44.99
C VAL L 173 -35.98 -26.47 44.74
N LEU L 174 -36.07 -27.26 43.68
CA LEU L 174 -37.32 -27.81 43.24
C LEU L 174 -37.34 -29.22 43.70
N GLN L 175 -38.25 -29.56 44.60
CA GLN L 175 -38.26 -30.88 45.18
C GLN L 175 -38.83 -31.89 44.25
N SER L 176 -38.65 -33.16 44.61
CA SER L 176 -39.15 -34.24 43.77
C SER L 176 -40.68 -34.24 43.72
N SER L 177 -41.30 -33.74 44.78
CA SER L 177 -42.72 -33.46 44.77
C SER L 177 -43.08 -32.47 43.68
N GLY L 178 -42.10 -31.69 43.25
CA GLY L 178 -42.35 -30.65 42.27
C GLY L 178 -42.69 -29.34 42.97
N LEU L 179 -42.41 -29.27 44.26
CA LEU L 179 -42.65 -28.07 45.03
C LEU L 179 -41.34 -27.45 45.47
N TYR L 180 -41.34 -26.12 45.54
CA TYR L 180 -40.15 -25.38 45.94
C TYR L 180 -39.95 -25.35 47.44
N SER L 181 -38.69 -25.31 47.83
CA SER L 181 -38.30 -25.06 49.21
C SER L 181 -37.08 -24.14 49.24
N LEU L 182 -36.84 -23.55 50.40
CA LEU L 182 -35.91 -22.44 50.51
C LEU L 182 -35.60 -22.14 51.95
N SER L 183 -34.47 -21.46 52.15
CA SER L 183 -33.97 -21.16 53.49
C SER L 183 -33.33 -19.81 53.47
N SER L 184 -33.70 -19.01 54.46
CA SER L 184 -33.09 -17.72 54.69
C SER L 184 -32.41 -17.87 56.03
N VAL L 185 -31.18 -17.38 56.11
CA VAL L 185 -30.42 -17.43 57.37
C VAL L 185 -29.79 -16.08 57.63
N VAL L 186 -29.42 -15.86 58.87
CA VAL L 186 -28.73 -14.66 59.28
C VAL L 186 -27.73 -15.11 60.35
N THR L 187 -26.56 -14.48 60.42
CA THR L 187 -25.58 -14.82 61.49
C THR L 187 -25.55 -13.66 62.45
N VAL L 188 -25.69 -13.96 63.73
CA VAL L 188 -25.78 -12.91 64.76
C VAL L 188 -24.84 -13.19 65.94
N PRO L 189 -24.56 -12.17 66.77
CA PRO L 189 -23.77 -12.41 67.95
C PRO L 189 -24.54 -13.25 68.95
N SER L 190 -23.91 -14.30 69.47
CA SER L 190 -24.56 -15.16 70.45
C SER L 190 -25.21 -14.38 71.58
N SER L 191 -24.56 -13.30 72.03
CA SER L 191 -25.03 -12.58 73.21
C SER L 191 -26.41 -12.00 73.01
N SER L 192 -26.75 -11.71 71.76
CA SER L 192 -28.06 -11.16 71.43
C SER L 192 -29.20 -12.17 71.51
N LEU L 193 -28.90 -13.43 71.77
CA LEU L 193 -29.95 -14.42 71.86
C LEU L 193 -30.68 -14.32 73.18
N GLY L 194 -31.95 -14.72 73.15
CA GLY L 194 -32.86 -14.61 74.29
C GLY L 194 -33.30 -13.18 74.57
N THR L 195 -32.78 -12.24 73.78
CA THR L 195 -32.91 -10.83 74.05
C THR L 195 -33.45 -10.12 72.84
N GLN L 196 -32.71 -10.18 71.75
CA GLN L 196 -33.17 -9.62 70.50
C GLN L 196 -34.17 -10.54 69.84
N THR L 197 -35.34 -10.00 69.52
CA THR L 197 -36.34 -10.72 68.74
C THR L 197 -35.99 -10.78 67.26
N TYR L 198 -35.82 -12.00 66.75
CA TYR L 198 -35.46 -12.25 65.36
C TYR L 198 -36.63 -12.88 64.56
N ILE L 199 -37.32 -12.05 63.79
CA ILE L 199 -38.55 -12.46 63.10
C ILE L 199 -38.37 -12.42 61.61
N CYS L 200 -38.70 -13.53 60.97
CA CYS L 200 -38.54 -13.59 59.55
C CYS L 200 -39.91 -13.49 58.87
N ASN L 201 -39.97 -12.57 57.93
CA ASN L 201 -41.17 -12.16 57.25
C ASN L 201 -41.27 -12.77 55.86
N VAL L 202 -42.03 -13.85 55.77
CA VAL L 202 -42.23 -14.55 54.52
C VAL L 202 -43.52 -14.11 53.85
N ASN L 203 -43.52 -14.15 52.53
CA ASN L 203 -44.65 -13.71 51.78
C ASN L 203 -44.67 -14.23 50.33
N HIS L 204 -45.54 -15.19 50.07
CA HIS L 204 -45.70 -15.84 48.79
C HIS L 204 -46.98 -15.45 48.10
N LYS L 205 -47.00 -14.28 47.44
CA LYS L 205 -48.25 -13.69 46.90
C LYS L 205 -49.18 -14.65 46.20
N PRO L 206 -48.62 -15.55 45.35
CA PRO L 206 -49.48 -16.43 44.51
C PRO L 206 -50.55 -17.26 45.26
N SER L 207 -50.43 -17.41 46.58
CA SER L 207 -51.37 -18.11 47.44
C SER L 207 -51.64 -17.24 48.62
N ASN L 208 -51.39 -15.95 48.45
CA ASN L 208 -51.51 -14.97 49.53
C ASN L 208 -51.23 -15.52 50.91
N THR L 209 -50.03 -16.08 51.02
CA THR L 209 -49.50 -16.43 52.30
C THR L 209 -48.61 -15.28 52.72
N LYS L 210 -48.94 -14.70 53.86
CA LYS L 210 -48.11 -13.72 54.52
C LYS L 210 -47.87 -14.25 55.93
N VAL L 211 -46.60 -14.51 56.25
CA VAL L 211 -46.25 -15.11 57.53
C VAL L 211 -45.08 -14.42 58.21
N ASP L 212 -45.12 -14.36 59.54
CA ASP L 212 -44.07 -13.78 60.38
C ASP L 212 -43.73 -14.75 61.49
N LYS L 213 -42.72 -15.61 61.30
CA LYS L 213 -42.32 -16.56 62.33
C LYS L 213 -41.22 -16.00 63.26
N LYS L 214 -41.47 -16.10 64.56
CA LYS L 214 -40.51 -15.70 65.58
C LYS L 214 -39.57 -16.87 65.77
N VAL L 215 -38.28 -16.64 65.55
CA VAL L 215 -37.27 -17.68 65.75
C VAL L 215 -36.60 -17.59 67.12
N GLU L 216 -36.70 -18.65 67.90
CA GLU L 216 -36.19 -18.70 69.28
C GLU L 216 -35.40 -20.00 69.54
N PRO L 217 -34.57 -20.02 70.60
CA PRO L 217 -34.09 -21.28 71.19
C PRO L 217 -35.16 -21.96 72.05
N LEU M 9 18.81 -24.55 -79.17
CA LEU M 9 18.71 -23.47 -78.15
C LEU M 9 17.89 -22.26 -78.64
N GLY M 10 16.74 -22.46 -79.32
CA GLY M 10 15.80 -21.34 -79.52
C GLY M 10 14.82 -21.19 -78.36
N SER M 11 14.99 -22.04 -77.34
CA SER M 11 14.36 -21.87 -76.04
C SER M 11 15.19 -20.91 -75.19
N ARG M 12 16.50 -20.91 -75.41
CA ARG M 12 17.40 -19.95 -74.77
C ARG M 12 16.94 -18.53 -75.11
N ARG M 13 16.39 -18.39 -76.31
CA ARG M 13 15.89 -17.12 -76.82
C ARG M 13 14.66 -16.65 -76.03
N THR M 14 13.83 -17.59 -75.65
CA THR M 14 12.61 -17.30 -74.91
C THR M 14 12.89 -16.75 -73.50
N LEU M 15 13.88 -17.33 -72.84
CA LEU M 15 14.30 -16.87 -71.53
C LEU M 15 14.92 -15.49 -71.61
N MET M 16 15.74 -15.28 -72.63
CA MET M 16 16.40 -14.00 -72.85
C MET M 16 15.35 -12.91 -72.95
N LEU M 17 14.27 -13.19 -73.68
CA LEU M 17 13.20 -12.19 -73.87
C LEU M 17 12.43 -11.92 -72.59
N LEU M 18 12.12 -12.99 -71.87
CA LEU M 18 11.54 -12.84 -70.53
C LEU M 18 12.40 -12.01 -69.58
N ALA M 19 13.72 -12.13 -69.71
CA ALA M 19 14.63 -11.35 -68.90
C ALA M 19 14.47 -9.88 -69.19
N GLN M 20 14.43 -9.55 -70.48
CA GLN M 20 14.41 -8.15 -70.93
C GLN M 20 13.12 -7.46 -70.55
N MET M 21 12.08 -8.25 -70.38
CA MET M 21 10.78 -7.73 -69.99
C MET M 21 10.76 -7.21 -68.56
N ARG M 22 11.73 -7.59 -67.75
CA ARG M 22 11.70 -7.15 -66.36
C ARG M 22 11.68 -5.64 -66.29
N LYS M 23 10.81 -5.13 -65.42
CA LYS M 23 10.70 -3.70 -65.16
C LYS M 23 11.08 -3.33 -63.73
N ILE M 24 10.66 -4.15 -62.77
CA ILE M 24 10.93 -3.85 -61.37
C ILE M 24 11.66 -5.01 -60.68
N SER M 25 12.36 -4.68 -59.60
CA SER M 25 13.06 -5.70 -58.85
C SER M 25 12.11 -6.42 -57.89
N LEU M 26 12.34 -7.73 -57.78
CA LEU M 26 11.64 -8.59 -56.85
C LEU M 26 11.96 -8.22 -55.42
N PHE M 27 13.08 -7.52 -55.23
CA PHE M 27 13.47 -7.11 -53.89
C PHE M 27 12.60 -6.00 -53.32
N SER M 28 11.91 -5.27 -54.20
CA SER M 28 10.91 -4.31 -53.76
C SER M 28 9.52 -4.97 -53.61
N CYS M 29 9.41 -6.23 -54.02
CA CYS M 29 8.16 -6.97 -53.94
C CYS M 29 8.16 -8.14 -52.97
N LEU M 30 9.00 -8.08 -51.95
CA LEU M 30 9.17 -9.23 -51.08
C LEU M 30 7.91 -9.59 -50.32
N LYS M 31 7.12 -8.57 -50.00
CA LYS M 31 5.78 -8.78 -49.44
C LYS M 31 4.92 -9.75 -50.27
N ASP M 32 5.11 -9.76 -51.57
CA ASP M 32 4.23 -10.51 -52.49
C ASP M 32 4.74 -11.87 -52.98
N ARG M 33 5.89 -12.32 -52.48
CA ARG M 33 6.43 -13.62 -52.96
C ARG M 33 5.45 -14.74 -52.62
N HIS M 34 5.54 -15.82 -53.38
CA HIS M 34 4.51 -16.84 -53.36
C HIS M 34 5.04 -18.17 -53.85
N ASP M 35 4.65 -19.25 -53.19
CA ASP M 35 5.01 -20.56 -53.67
C ASP M 35 3.85 -21.10 -54.50
N PHE M 36 4.11 -21.36 -55.79
CA PHE M 36 3.10 -21.84 -56.72
C PHE M 36 3.07 -23.34 -56.90
N GLY M 37 4.01 -24.05 -56.29
CA GLY M 37 4.06 -25.51 -56.34
C GLY M 37 4.14 -26.04 -57.76
N PHE M 38 5.20 -25.65 -58.47
CA PHE M 38 5.43 -26.13 -59.82
C PHE M 38 5.60 -27.65 -59.83
N PRO M 39 4.76 -28.37 -60.62
CA PRO M 39 4.80 -29.83 -60.64
C PRO M 39 5.97 -30.35 -61.46
N GLN M 40 7.15 -30.22 -60.89
CA GLN M 40 8.39 -30.52 -61.57
C GLN M 40 8.60 -32.02 -61.82
N GLU M 41 8.14 -32.84 -60.88
CA GLU M 41 8.21 -34.31 -60.98
C GLU M 41 7.76 -34.80 -62.36
N GLU M 42 6.85 -34.05 -62.97
CA GLU M 42 6.23 -34.42 -64.24
C GLU M 42 7.13 -34.28 -65.48
N PHE M 43 8.35 -33.79 -65.33
CA PHE M 43 9.26 -33.54 -66.47
C PHE M 43 10.53 -34.41 -66.44
N GLY M 44 11.65 -33.78 -66.04
CA GLY M 44 13.01 -34.17 -66.44
C GLY M 44 13.51 -35.57 -66.13
N ASN M 45 12.84 -36.26 -65.21
CA ASN M 45 13.27 -37.59 -64.79
C ASN M 45 12.50 -38.74 -65.45
N GLN M 48 12.78 -39.61 -68.86
CA GLN M 48 13.89 -38.66 -68.74
C GLN M 48 13.82 -37.56 -69.80
N LYS M 49 13.35 -37.91 -70.99
CA LYS M 49 13.12 -36.95 -72.07
C LYS M 49 12.48 -37.68 -73.26
N ALA M 50 11.71 -36.91 -74.03
CA ALA M 50 10.95 -37.35 -75.22
C ALA M 50 9.58 -37.91 -74.83
N GLU M 51 9.50 -38.59 -73.69
CA GLU M 51 8.21 -39.00 -73.15
C GLU M 51 7.51 -37.82 -72.46
N THR M 52 8.19 -36.68 -72.36
CA THR M 52 7.68 -35.49 -71.66
C THR M 52 7.35 -34.36 -72.62
N ILE M 53 7.21 -34.70 -73.89
CA ILE M 53 6.82 -33.72 -74.90
C ILE M 53 5.43 -33.14 -74.64
N PRO M 54 4.40 -34.00 -74.51
CA PRO M 54 3.03 -33.48 -74.29
C PRO M 54 2.87 -32.54 -73.10
N VAL M 55 3.69 -32.75 -72.06
CA VAL M 55 3.65 -31.92 -70.86
C VAL M 55 4.27 -30.58 -71.16
N LEU M 56 5.38 -30.64 -71.88
CA LEU M 56 6.10 -29.46 -72.27
C LEU M 56 5.24 -28.67 -73.24
N HIS M 57 4.57 -29.37 -74.14
CA HIS M 57 3.64 -28.77 -75.07
C HIS M 57 2.56 -27.99 -74.34
N GLU M 58 2.01 -28.57 -73.28
CA GLU M 58 0.98 -27.88 -72.53
C GLU M 58 1.53 -26.67 -71.83
N MET M 59 2.77 -26.76 -71.37
CA MET M 59 3.41 -25.66 -70.70
C MET M 59 3.43 -24.43 -71.57
N ILE M 60 3.98 -24.61 -72.77
CA ILE M 60 4.18 -23.51 -73.70
C ILE M 60 2.81 -22.89 -73.99
N GLN M 61 1.87 -23.77 -74.34
CA GLN M 61 0.47 -23.40 -74.49
C GLN M 61 -0.01 -22.46 -73.42
N GLN M 62 0.18 -22.87 -72.16
CA GLN M 62 -0.31 -22.10 -71.03
C GLN M 62 0.37 -20.75 -70.91
N ILE M 63 1.68 -20.72 -71.16
CA ILE M 63 2.46 -19.48 -71.10
C ILE M 63 1.95 -18.53 -72.16
N PHE M 64 1.79 -19.07 -73.37
CA PHE M 64 1.29 -18.29 -74.49
C PHE M 64 -0.05 -17.68 -74.16
N ASN M 65 -0.93 -18.49 -73.58
CA ASN M 65 -2.25 -18.02 -73.12
C ASN M 65 -2.13 -16.89 -72.12
N LEU M 66 -1.28 -17.12 -71.13
CA LEU M 66 -1.04 -16.19 -70.04
C LEU M 66 -0.60 -14.81 -70.52
N PHE M 67 0.42 -14.78 -71.36
CA PHE M 67 1.02 -13.53 -71.78
C PHE M 67 0.30 -12.86 -72.95
N SER M 68 -0.81 -13.44 -73.39
CA SER M 68 -1.58 -12.88 -74.50
C SER M 68 -2.74 -12.03 -74.03
N THR M 69 -3.03 -12.07 -72.73
CA THR M 69 -4.18 -11.34 -72.20
C THR M 69 -3.96 -9.85 -72.32
N LYS M 70 -5.06 -9.09 -72.35
CA LYS M 70 -4.98 -7.63 -72.38
C LYS M 70 -4.36 -7.08 -71.08
N ASP M 71 -4.46 -7.86 -70.01
CA ASP M 71 -3.79 -7.56 -68.75
C ASP M 71 -2.29 -7.65 -68.89
N SER M 72 -1.84 -8.63 -69.66
CA SER M 72 -0.40 -8.85 -69.93
C SER M 72 0.17 -7.74 -70.81
N SER M 73 -0.60 -7.33 -71.79
CA SER M 73 -0.19 -6.21 -72.63
C SER M 73 0.02 -4.95 -71.82
N ALA M 74 -0.87 -4.73 -70.86
CA ALA M 74 -0.80 -3.59 -69.96
C ALA M 74 0.45 -3.65 -69.07
N ALA M 75 0.88 -4.87 -68.77
CA ALA M 75 2.00 -5.09 -67.85
C ALA M 75 3.35 -4.99 -68.53
N TRP M 76 3.45 -5.42 -69.78
CA TRP M 76 4.76 -5.57 -70.43
C TRP M 76 4.89 -4.84 -71.75
N ASP M 77 6.14 -4.63 -72.16
CA ASP M 77 6.48 -3.91 -73.37
C ASP M 77 5.90 -4.57 -74.60
N GLU M 78 5.11 -3.81 -75.36
CA GLU M 78 4.43 -4.33 -76.55
C GLU M 78 5.41 -4.93 -77.57
N THR M 79 6.56 -4.30 -77.77
CA THR M 79 7.55 -4.79 -78.74
C THR M 79 8.12 -6.15 -78.33
N LEU M 80 8.42 -6.29 -77.04
CA LEU M 80 9.04 -7.51 -76.53
C LEU M 80 8.04 -8.65 -76.56
N LEU M 81 6.81 -8.35 -76.16
CA LEU M 81 5.75 -9.35 -76.20
C LEU M 81 5.61 -9.95 -77.58
N ASP M 82 5.79 -9.14 -78.62
CA ASP M 82 5.71 -9.61 -80.00
C ASP M 82 6.79 -10.63 -80.34
N LYS M 83 8.04 -10.24 -80.12
CA LYS M 83 9.19 -11.13 -80.31
C LYS M 83 9.00 -12.40 -79.49
N PHE M 84 8.41 -12.23 -78.30
CA PHE M 84 8.11 -13.34 -77.41
C PHE M 84 7.10 -14.32 -78.00
N TYR M 85 6.00 -13.80 -78.54
CA TYR M 85 4.97 -14.66 -79.14
C TYR M 85 5.52 -15.43 -80.32
N THR M 86 6.25 -14.74 -81.20
CA THR M 86 6.95 -15.38 -82.30
C THR M 86 7.67 -16.60 -81.80
N GLU M 87 8.38 -16.44 -80.69
CA GLU M 87 9.24 -17.49 -80.19
C GLU M 87 8.45 -18.64 -79.62
N LEU M 88 7.39 -18.32 -78.88
CA LEU M 88 6.50 -19.34 -78.35
C LEU M 88 5.85 -20.13 -79.48
N TYR M 89 5.30 -19.43 -80.45
CA TYR M 89 4.67 -20.08 -81.61
C TYR M 89 5.58 -21.14 -82.21
N GLN M 90 6.80 -20.72 -82.50
CA GLN M 90 7.80 -21.60 -83.09
C GLN M 90 7.83 -22.94 -82.36
N GLN M 91 7.96 -22.87 -81.04
CA GLN M 91 8.06 -24.05 -80.21
C GLN M 91 6.72 -24.75 -80.12
N LEU M 92 5.69 -23.99 -79.80
CA LEU M 92 4.32 -24.50 -79.73
C LEU M 92 3.97 -25.37 -80.95
N ASN M 93 4.31 -24.87 -82.12
CA ASN M 93 4.02 -25.58 -83.35
C ASN M 93 4.83 -26.83 -83.53
N ASP M 94 6.11 -26.76 -83.19
CA ASP M 94 7.00 -27.92 -83.32
C ASP M 94 6.58 -29.02 -82.38
N LEU M 95 6.28 -28.66 -81.15
CA LEU M 95 5.84 -29.64 -80.14
C LEU M 95 4.52 -30.28 -80.52
N GLU M 96 3.61 -29.46 -81.02
CA GLU M 96 2.31 -29.98 -81.41
C GLU M 96 2.45 -31.03 -82.51
N ALA M 97 3.27 -30.73 -83.51
CA ALA M 97 3.56 -31.68 -84.60
C ALA M 97 4.02 -33.05 -84.08
N CYS M 98 4.80 -33.04 -83.01
CA CYS M 98 5.27 -34.28 -82.40
C CYS M 98 4.16 -35.01 -81.66
N VAL M 99 3.42 -34.27 -80.84
CA VAL M 99 2.24 -34.81 -80.17
C VAL M 99 1.30 -35.45 -81.19
N ILE M 100 1.06 -34.75 -82.29
CA ILE M 100 0.22 -35.25 -83.38
C ILE M 100 0.74 -36.61 -83.85
N GLN M 101 2.03 -36.66 -84.14
CA GLN M 101 2.65 -37.88 -84.61
C GLN M 101 2.68 -38.91 -83.49
N GLY M 102 3.27 -40.06 -83.77
CA GLY M 102 3.40 -41.13 -82.77
C GLY M 102 3.78 -40.51 -81.43
N VAL M 103 4.87 -39.74 -81.49
CA VAL M 103 5.48 -39.05 -80.33
C VAL M 103 4.46 -38.25 -79.52
N MET M 111 -0.90 -42.03 -67.78
CA MET M 111 -0.96 -40.90 -66.85
C MET M 111 -0.39 -39.60 -67.46
N LYS M 112 -0.26 -39.57 -68.79
CA LYS M 112 0.06 -38.33 -69.53
C LYS M 112 -1.02 -37.27 -69.33
N GLU M 113 -2.24 -37.70 -69.04
CA GLU M 113 -3.36 -36.83 -68.69
C GLU M 113 -3.16 -36.18 -67.32
N ASP M 114 -2.80 -36.98 -66.31
CA ASP M 114 -2.45 -36.49 -64.96
C ASP M 114 -1.35 -35.45 -65.01
N SER M 115 -0.36 -35.68 -65.86
CA SER M 115 0.74 -34.73 -66.04
C SER M 115 0.27 -33.39 -66.59
N ILE M 116 -0.54 -33.46 -67.64
CA ILE M 116 -1.12 -32.27 -68.25
C ILE M 116 -2.03 -31.54 -67.28
N LEU M 117 -2.85 -32.28 -66.57
CA LEU M 117 -3.72 -31.73 -65.54
C LEU M 117 -2.92 -30.94 -64.51
N ALA M 118 -1.80 -31.52 -64.08
CA ALA M 118 -0.93 -30.89 -63.09
C ALA M 118 -0.42 -29.52 -63.57
N VAL M 119 -0.01 -29.47 -64.84
CA VAL M 119 0.47 -28.23 -65.42
C VAL M 119 -0.64 -27.18 -65.43
N ARG M 120 -1.82 -27.59 -65.89
CA ARG M 120 -2.94 -26.67 -65.97
C ARG M 120 -3.35 -26.10 -64.62
N LYS M 121 -3.42 -26.96 -63.61
CA LYS M 121 -3.68 -26.51 -62.25
C LYS M 121 -2.64 -25.50 -61.76
N TYR M 122 -1.38 -25.73 -62.13
CA TYR M 122 -0.31 -24.81 -61.81
C TYR M 122 -0.58 -23.42 -62.37
N PHE M 123 -0.95 -23.35 -63.64
CA PHE M 123 -1.24 -22.04 -64.27
C PHE M 123 -2.54 -21.43 -63.79
N GLN M 124 -3.45 -22.28 -63.36
CA GLN M 124 -4.66 -21.80 -62.71
C GLN M 124 -4.24 -21.02 -61.46
N ARG M 125 -3.40 -21.63 -60.65
CA ARG M 125 -2.92 -21.01 -59.43
C ARG M 125 -2.24 -19.67 -59.71
N ILE M 126 -1.50 -19.62 -60.80
CA ILE M 126 -0.83 -18.39 -61.20
C ILE M 126 -1.82 -17.29 -61.54
N THR M 127 -2.80 -17.67 -62.34
CA THR M 127 -3.85 -16.75 -62.73
C THR M 127 -4.61 -16.21 -61.54
N LEU M 128 -5.02 -17.10 -60.65
CA LEU M 128 -5.82 -16.69 -59.49
C LEU M 128 -5.00 -15.76 -58.61
N TYR M 129 -3.71 -16.02 -58.54
CA TYR M 129 -2.78 -15.16 -57.80
C TYR M 129 -2.81 -13.72 -58.33
N LEU M 130 -2.89 -13.58 -59.63
CA LEU M 130 -2.89 -12.25 -60.26
C LEU M 130 -4.22 -11.51 -60.11
N LYS M 131 -5.31 -12.24 -60.28
CA LYS M 131 -6.64 -11.70 -59.97
C LYS M 131 -6.68 -11.19 -58.55
N GLU M 132 -6.19 -12.00 -57.60
CA GLU M 132 -6.17 -11.67 -56.17
C GLU M 132 -5.39 -10.39 -55.87
N LYS M 133 -4.24 -10.27 -56.53
CA LYS M 133 -3.34 -9.13 -56.36
C LYS M 133 -3.72 -7.94 -57.22
N LYS M 134 -4.81 -8.08 -57.99
CA LYS M 134 -5.32 -7.05 -58.90
C LYS M 134 -4.26 -6.62 -59.90
N TYR M 135 -3.53 -7.62 -60.41
CA TYR M 135 -2.55 -7.44 -61.47
C TYR M 135 -1.56 -6.33 -61.19
N SER M 136 -1.12 -6.23 -59.94
CA SER M 136 -0.15 -5.21 -59.59
C SER M 136 1.17 -5.51 -60.30
N PRO M 137 1.99 -4.47 -60.54
CA PRO M 137 3.34 -4.64 -61.10
C PRO M 137 4.19 -5.67 -60.35
N CYS M 138 4.07 -5.68 -59.02
CA CYS M 138 4.77 -6.64 -58.18
C CYS M 138 4.31 -8.06 -58.42
N ALA M 139 3.00 -8.26 -58.44
CA ALA M 139 2.42 -9.56 -58.72
C ALA M 139 2.95 -10.05 -60.05
N TRP M 140 2.94 -9.17 -61.03
CA TRP M 140 3.47 -9.49 -62.34
C TRP M 140 4.94 -9.89 -62.30
N GLU M 141 5.71 -9.22 -61.46
CA GLU M 141 7.13 -9.50 -61.37
C GLU M 141 7.42 -10.87 -60.74
N VAL M 142 6.69 -11.16 -59.66
CA VAL M 142 6.71 -12.49 -59.05
C VAL M 142 6.41 -13.55 -60.07
N VAL M 143 5.35 -13.36 -60.85
CA VAL M 143 4.92 -14.34 -61.83
C VAL M 143 5.98 -14.49 -62.90
N ARG M 144 6.44 -13.37 -63.44
CA ARG M 144 7.51 -13.37 -64.45
C ARG M 144 8.68 -14.21 -63.96
N ALA M 145 9.10 -13.95 -62.73
CA ALA M 145 10.24 -14.63 -62.14
C ALA M 145 10.02 -16.13 -61.99
N GLU M 146 8.78 -16.52 -61.74
CA GLU M 146 8.45 -17.93 -61.55
C GLU M 146 8.53 -18.66 -62.87
N ILE M 147 7.83 -18.11 -63.86
CA ILE M 147 7.76 -18.72 -65.16
C ILE M 147 9.16 -18.86 -65.67
N MET M 148 9.90 -17.80 -65.50
CA MET M 148 11.31 -17.78 -65.84
C MET M 148 12.04 -19.00 -65.26
N ARG M 149 11.85 -19.22 -63.97
CA ARG M 149 12.47 -20.33 -63.31
C ARG M 149 11.92 -21.67 -63.77
N SER M 150 10.61 -21.80 -63.67
CA SER M 150 9.97 -23.07 -63.94
C SER M 150 10.09 -23.47 -65.38
N PHE M 151 10.32 -22.50 -66.27
CA PHE M 151 10.64 -22.82 -67.66
C PHE M 151 12.04 -23.44 -67.78
N SER M 152 13.01 -22.86 -67.10
CA SER M 152 14.35 -23.41 -67.13
C SER M 152 14.35 -24.84 -66.65
N LEU M 153 13.56 -25.09 -65.61
CA LEU M 153 13.48 -26.43 -65.04
C LEU M 153 12.91 -27.40 -66.05
N SER M 154 11.82 -27.00 -66.69
CA SER M 154 11.18 -27.76 -67.76
C SER M 154 12.16 -28.21 -68.82
N THR M 155 13.11 -27.35 -69.17
CA THR M 155 13.94 -27.56 -70.36
C THR M 155 15.43 -27.91 -70.17
N ASN M 156 16.07 -27.45 -69.08
CA ASN M 156 17.54 -27.38 -69.03
C ASN M 156 18.19 -28.43 -68.13
N ASP N 1 20.68 -34.22 -58.44
CA ASP N 1 20.10 -32.95 -57.90
C ASP N 1 21.17 -32.09 -57.26
N ILE N 2 20.81 -30.85 -56.93
CA ILE N 2 21.80 -29.83 -56.64
C ILE N 2 22.37 -29.99 -55.24
N GLN N 3 23.69 -30.15 -55.20
CA GLN N 3 24.44 -30.32 -53.97
C GLN N 3 25.26 -29.07 -53.76
N MET N 4 25.58 -28.75 -52.51
CA MET N 4 26.42 -27.58 -52.23
C MET N 4 27.48 -27.83 -51.19
N THR N 5 28.64 -27.24 -51.44
CA THR N 5 29.82 -27.43 -50.61
C THR N 5 30.21 -26.08 -50.04
N GLN N 6 30.19 -25.98 -48.72
CA GLN N 6 30.70 -24.80 -48.04
C GLN N 6 32.17 -24.95 -47.69
N SER N 7 32.83 -23.81 -47.52
CA SER N 7 34.22 -23.78 -47.14
C SER N 7 34.54 -22.46 -46.47
N PRO N 8 35.29 -22.50 -45.36
CA PRO N 8 35.84 -23.69 -44.74
C PRO N 8 34.75 -24.46 -43.99
N SER N 9 35.07 -25.68 -43.57
CA SER N 9 34.13 -26.46 -42.74
C SER N 9 34.04 -25.86 -41.35
N SER N 10 35.17 -25.30 -40.93
CA SER N 10 35.38 -24.88 -39.55
C SER N 10 36.37 -23.72 -39.54
N LEU N 11 36.20 -22.83 -38.57
CA LEU N 11 36.80 -21.52 -38.67
C LEU N 11 36.86 -20.81 -37.32
N SER N 12 37.94 -20.07 -37.11
CA SER N 12 38.18 -19.37 -35.87
C SER N 12 38.64 -17.94 -36.14
N ALA N 13 38.08 -16.99 -35.41
CA ALA N 13 38.40 -15.57 -35.62
C ALA N 13 38.10 -14.73 -34.39
N SER N 14 38.86 -13.64 -34.21
CA SER N 14 38.70 -12.78 -33.03
C SER N 14 37.52 -11.83 -33.21
N VAL N 15 37.02 -11.30 -32.11
CA VAL N 15 35.94 -10.33 -32.18
C VAL N 15 36.41 -9.12 -32.96
N GLY N 16 35.55 -8.64 -33.86
CA GLY N 16 35.86 -7.49 -34.70
C GLY N 16 36.29 -7.92 -36.08
N ASP N 17 36.81 -9.15 -36.19
CA ASP N 17 37.37 -9.62 -37.46
C ASP N 17 36.32 -9.71 -38.52
N ARG N 18 36.80 -9.66 -39.75
CA ARG N 18 35.99 -9.88 -40.94
C ARG N 18 36.05 -11.35 -41.28
N VAL N 19 34.89 -11.94 -41.53
CA VAL N 19 34.79 -13.37 -41.76
C VAL N 19 34.06 -13.66 -43.07
N THR N 20 34.53 -14.67 -43.78
CA THR N 20 34.00 -15.00 -45.08
C THR N 20 33.79 -16.48 -45.21
N ILE N 21 32.57 -16.86 -45.52
CA ILE N 21 32.18 -18.24 -45.77
C ILE N 21 31.72 -18.29 -47.21
N THR N 22 32.08 -19.33 -47.95
CA THR N 22 31.62 -19.45 -49.32
C THR N 22 30.85 -20.72 -49.44
N CYS N 23 30.01 -20.76 -50.48
CA CYS N 23 29.09 -21.87 -50.75
C CYS N 23 29.11 -22.10 -52.26
N ARG N 24 29.33 -23.36 -52.67
CA ARG N 24 29.50 -23.69 -54.07
C ARG N 24 28.48 -24.72 -54.54
N ALA N 25 27.58 -24.30 -55.41
CA ALA N 25 26.53 -25.18 -55.91
C ALA N 25 27.02 -26.01 -57.06
N SER N 26 26.58 -27.26 -57.12
CA SER N 26 27.00 -28.18 -58.17
C SER N 26 26.55 -27.74 -59.57
N GLN N 27 25.60 -26.81 -59.66
CA GLN N 27 25.17 -26.18 -60.95
C GLN N 27 24.46 -24.82 -60.77
N SER N 28 24.25 -24.00 -61.82
CA SER N 28 23.62 -22.66 -61.58
C SER N 28 22.25 -22.74 -60.87
N VAL N 29 22.12 -21.85 -59.88
CA VAL N 29 21.00 -21.71 -58.96
C VAL N 29 20.53 -20.27 -59.23
N SER N 30 20.98 -19.76 -60.39
CA SER N 30 20.58 -18.43 -60.84
C SER N 30 19.92 -18.31 -62.21
N THR N 31 18.99 -17.35 -62.19
CA THR N 31 18.41 -16.59 -63.28
C THR N 31 19.34 -15.39 -63.51
N SER N 32 19.27 -14.76 -64.67
CA SER N 32 20.08 -13.56 -64.93
C SER N 32 19.73 -12.39 -63.99
N SER N 33 18.54 -12.46 -63.38
CA SER N 33 18.02 -11.42 -62.49
C SER N 33 18.06 -11.77 -60.98
N TYR N 34 17.87 -13.05 -60.63
CA TYR N 34 17.85 -13.47 -59.21
C TYR N 34 18.61 -14.75 -58.94
N SER N 35 19.19 -14.84 -57.74
CA SER N 35 19.85 -16.05 -57.25
C SER N 35 19.06 -16.65 -56.09
N TYR N 36 18.73 -17.94 -56.20
CA TYR N 36 17.85 -18.61 -55.26
C TYR N 36 18.65 -19.42 -54.26
N MET N 37 19.49 -18.70 -53.51
CA MET N 37 20.36 -19.28 -52.50
C MET N 37 20.19 -18.46 -51.23
N HIS N 38 20.05 -19.13 -50.10
CA HIS N 38 19.78 -18.44 -48.84
C HIS N 38 20.70 -18.93 -47.75
N TRP N 39 20.98 -18.08 -46.76
CA TRP N 39 21.90 -18.41 -45.67
C TRP N 39 21.20 -18.45 -44.31
N TYR N 40 21.46 -19.49 -43.53
CA TYR N 40 20.92 -19.58 -42.17
C TYR N 40 22.01 -19.63 -41.13
N GLN N 41 21.59 -19.38 -39.89
CA GLN N 41 22.47 -19.45 -38.73
C GLN N 41 21.84 -20.38 -37.73
N GLN N 42 22.59 -21.37 -37.27
CA GLN N 42 22.07 -22.24 -36.24
C GLN N 42 22.96 -22.24 -35.03
N LYS N 43 22.42 -21.71 -33.94
CA LYS N 43 23.09 -21.74 -32.67
C LYS N 43 22.84 -23.09 -32.03
N PRO N 44 23.79 -23.55 -31.18
CA PRO N 44 23.64 -24.91 -30.68
C PRO N 44 22.35 -25.16 -29.90
N GLY N 45 21.72 -26.29 -30.21
CA GLY N 45 20.50 -26.72 -29.56
C GLY N 45 19.30 -25.90 -29.96
N LYS N 46 19.38 -25.26 -31.12
CA LYS N 46 18.33 -24.37 -31.55
C LYS N 46 18.05 -24.51 -33.04
N ALA N 47 16.83 -24.15 -33.44
CA ALA N 47 16.45 -24.23 -34.84
C ALA N 47 17.21 -23.18 -35.61
N PRO N 48 17.42 -23.42 -36.91
CA PRO N 48 18.06 -22.42 -37.72
C PRO N 48 17.29 -21.10 -37.75
N LYS N 49 17.93 -20.08 -38.28
CA LYS N 49 17.35 -18.78 -38.38
C LYS N 49 17.88 -18.15 -39.66
N VAL N 50 16.97 -17.77 -40.56
CA VAL N 50 17.38 -17.20 -41.84
C VAL N 50 18.04 -15.85 -41.60
N LEU N 51 19.09 -15.59 -42.37
CA LEU N 51 19.86 -14.35 -42.29
C LEU N 51 19.82 -13.54 -43.57
N ILE N 52 20.15 -14.21 -44.67
CA ILE N 52 20.18 -13.60 -45.98
C ILE N 52 19.23 -14.41 -46.81
N SER N 53 18.34 -13.73 -47.53
CA SER N 53 17.51 -14.39 -48.53
C SER N 53 17.92 -13.92 -49.92
N TYR N 54 17.73 -14.81 -50.88
CA TYR N 54 18.11 -14.60 -52.29
C TYR N 54 19.50 -14.04 -52.47
N ALA N 55 20.47 -14.71 -51.84
CA ALA N 55 21.90 -14.40 -51.99
C ALA N 55 22.40 -13.14 -51.29
N SER N 56 21.60 -12.08 -51.30
CA SER N 56 22.06 -10.77 -50.82
C SER N 56 21.01 -9.91 -50.09
N ASN N 57 19.78 -10.38 -49.99
CA ASN N 57 18.76 -9.62 -49.30
C ASN N 57 18.80 -9.91 -47.81
N LEU N 58 19.21 -8.91 -47.04
CA LEU N 58 19.36 -9.05 -45.61
C LEU N 58 17.98 -9.10 -45.00
N GLU N 59 17.71 -10.15 -44.26
CA GLU N 59 16.40 -10.32 -43.67
C GLU N 59 16.12 -9.37 -42.53
N SER N 60 14.84 -9.13 -42.30
CA SER N 60 14.38 -8.17 -41.33
C SER N 60 14.88 -8.54 -39.94
N GLY N 61 15.48 -7.60 -39.25
CA GLY N 61 15.91 -7.80 -37.87
C GLY N 61 17.31 -8.37 -37.74
N VAL N 62 17.93 -8.78 -38.85
CA VAL N 62 19.29 -9.26 -38.82
C VAL N 62 20.24 -8.07 -38.76
N PRO N 63 21.29 -8.13 -37.90
CA PRO N 63 22.33 -7.11 -37.81
C PRO N 63 23.02 -6.86 -39.13
N SER N 64 23.42 -5.62 -39.33
CA SER N 64 23.98 -5.18 -40.60
C SER N 64 25.39 -5.77 -40.92
N ARG N 65 26.14 -6.23 -39.92
CA ARG N 65 27.43 -6.87 -40.19
C ARG N 65 27.30 -8.05 -41.15
N PHE N 66 26.12 -8.63 -41.21
CA PHE N 66 25.84 -9.72 -42.13
C PHE N 66 25.50 -9.23 -43.52
N SER N 67 26.08 -9.88 -44.50
CA SER N 67 25.81 -9.59 -45.90
C SER N 67 26.18 -10.77 -46.79
N GLY N 68 25.50 -10.86 -47.92
CA GLY N 68 25.71 -11.93 -48.88
C GLY N 68 25.93 -11.39 -50.27
N SER N 69 26.88 -11.97 -50.98
CA SER N 69 27.07 -11.68 -52.39
C SER N 69 27.14 -12.98 -53.14
N GLY N 70 27.21 -12.88 -54.46
CA GLY N 70 27.41 -14.03 -55.33
C GLY N 70 26.28 -14.24 -56.30
N SER N 71 26.56 -15.00 -57.35
CA SER N 71 25.55 -15.47 -58.29
C SER N 71 26.05 -16.70 -59.05
N GLY N 72 25.11 -17.37 -59.70
CA GLY N 72 25.39 -18.57 -60.46
C GLY N 72 25.60 -19.72 -59.50
N THR N 73 26.86 -20.12 -59.34
CA THR N 73 27.20 -21.26 -58.49
C THR N 73 28.03 -20.90 -57.26
N ASP N 74 28.60 -19.70 -57.22
CA ASP N 74 29.51 -19.31 -56.14
C ASP N 74 28.94 -18.17 -55.29
N PHE N 75 28.72 -18.44 -54.00
CA PHE N 75 28.11 -17.50 -53.07
C PHE N 75 28.91 -17.32 -51.78
N THR N 76 28.72 -16.17 -51.15
CA THR N 76 29.54 -15.73 -50.06
C THR N 76 28.75 -15.03 -48.96
N LEU N 77 28.76 -15.61 -47.77
CA LEU N 77 28.31 -14.92 -46.57
C LEU N 77 29.49 -14.22 -45.91
N THR N 78 29.28 -12.95 -45.56
CA THR N 78 30.31 -12.15 -44.92
C THR N 78 29.80 -11.52 -43.63
N ILE N 79 30.51 -11.79 -42.53
CA ILE N 79 30.32 -11.08 -41.28
C ILE N 79 31.44 -10.08 -41.11
N SER N 80 31.13 -8.79 -41.18
CA SER N 80 32.16 -7.78 -41.27
C SER N 80 32.84 -7.47 -39.93
N SER N 81 32.14 -7.69 -38.83
CA SER N 81 32.68 -7.38 -37.51
C SER N 81 32.24 -8.44 -36.51
N LEU N 82 32.98 -9.53 -36.46
CA LEU N 82 32.54 -10.70 -35.73
C LEU N 82 32.32 -10.41 -34.25
N GLN N 83 31.24 -10.96 -33.72
CA GLN N 83 30.82 -10.75 -32.32
C GLN N 83 30.70 -12.08 -31.59
N PRO N 84 30.79 -12.06 -30.25
CA PRO N 84 30.69 -13.30 -29.48
C PRO N 84 29.39 -14.06 -29.70
N GLU N 85 28.29 -13.32 -29.80
CA GLU N 85 26.95 -13.91 -30.04
C GLU N 85 26.79 -14.51 -31.43
N ASP N 86 27.78 -14.30 -32.30
CA ASP N 86 27.79 -14.87 -33.66
C ASP N 86 28.42 -16.26 -33.72
N PHE N 87 28.79 -16.81 -32.59
CA PHE N 87 29.16 -18.21 -32.53
C PHE N 87 27.96 -19.09 -32.93
N ALA N 88 28.12 -19.82 -34.03
CA ALA N 88 27.12 -20.74 -34.54
C ALA N 88 27.66 -21.51 -35.74
N THR N 89 26.85 -22.41 -36.27
CA THR N 89 27.11 -23.03 -37.56
C THR N 89 26.21 -22.39 -38.60
N TYR N 90 26.77 -22.16 -39.79
CA TYR N 90 26.10 -21.45 -40.84
C TYR N 90 25.91 -22.34 -42.03
N TYR N 91 24.71 -22.31 -42.60
CA TYR N 91 24.32 -23.17 -43.71
C TYR N 91 23.83 -22.33 -44.87
N CYS N 92 24.02 -22.83 -46.08
CA CYS N 92 23.41 -22.28 -47.29
C CYS N 92 22.42 -23.30 -47.78
N GLN N 93 21.26 -22.84 -48.26
CA GLN N 93 20.34 -23.70 -49.02
C GLN N 93 19.80 -23.00 -50.23
N HIS N 94 19.38 -23.82 -51.19
CA HIS N 94 18.83 -23.35 -52.46
C HIS N 94 17.36 -23.71 -52.58
N SER N 95 16.64 -22.88 -53.35
CA SER N 95 15.25 -23.11 -53.72
C SER N 95 15.13 -23.05 -55.23
N TRP N 96 16.15 -23.58 -55.90
CA TRP N 96 16.11 -23.83 -57.33
C TRP N 96 15.54 -25.20 -57.58
N GLY N 97 14.23 -25.29 -57.39
CA GLY N 97 13.53 -26.54 -57.61
C GLY N 97 13.71 -27.51 -56.47
N ILE N 98 13.61 -28.79 -56.81
CA ILE N 98 13.48 -29.87 -55.85
C ILE N 98 14.49 -30.98 -56.18
N PRO N 99 15.08 -31.57 -55.13
CA PRO N 99 14.87 -31.32 -53.72
C PRO N 99 15.63 -30.11 -53.22
N ARG N 100 15.17 -29.58 -52.10
CA ARG N 100 15.85 -28.52 -51.40
C ARG N 100 16.97 -29.15 -50.62
N THR N 101 18.17 -28.58 -50.77
CA THR N 101 19.32 -29.14 -50.11
C THR N 101 20.10 -28.04 -49.42
N PHE N 102 20.72 -28.40 -48.32
CA PHE N 102 21.60 -27.49 -47.59
C PHE N 102 23.06 -27.86 -47.83
N GLY N 103 23.95 -26.95 -47.47
CA GLY N 103 25.37 -27.27 -47.41
C GLY N 103 25.68 -28.01 -46.13
N GLN N 104 26.90 -28.52 -46.01
CA GLN N 104 27.27 -29.29 -44.81
C GLN N 104 27.41 -28.42 -43.56
N GLY N 105 27.58 -27.12 -43.76
CA GLY N 105 27.64 -26.17 -42.66
C GLY N 105 29.05 -25.72 -42.37
N THR N 106 29.16 -24.55 -41.74
CA THR N 106 30.45 -24.00 -41.39
C THR N 106 30.40 -23.56 -39.93
N LYS N 107 31.17 -24.25 -39.09
CA LYS N 107 31.31 -23.91 -37.69
C LYS N 107 32.19 -22.67 -37.53
N VAL N 108 31.67 -21.66 -36.84
CA VAL N 108 32.41 -20.44 -36.58
C VAL N 108 32.61 -20.28 -35.10
N GLU N 109 33.87 -20.33 -34.68
CA GLU N 109 34.24 -20.17 -33.27
C GLU N 109 35.07 -18.91 -33.01
N ILE N 110 34.86 -18.34 -31.84
CA ILE N 110 35.39 -17.03 -31.50
C ILE N 110 36.72 -17.24 -30.84
N LYS N 111 37.69 -16.42 -31.25
CA LYS N 111 39.03 -16.50 -30.73
C LYS N 111 39.23 -15.36 -29.71
N ARG N 112 39.60 -15.71 -28.47
CA ARG N 112 39.72 -14.72 -27.39
C ARG N 112 41.04 -14.80 -26.61
N THR N 113 41.18 -13.92 -25.61
CA THR N 113 42.34 -13.98 -24.70
C THR N 113 42.25 -15.23 -23.83
N VAL N 114 43.41 -15.76 -23.46
CA VAL N 114 43.49 -16.98 -22.66
C VAL N 114 42.84 -16.81 -21.27
N ALA N 115 42.35 -17.91 -20.72
CA ALA N 115 41.83 -17.95 -19.35
C ALA N 115 42.21 -19.24 -18.63
N ALA N 116 42.47 -19.13 -17.33
CA ALA N 116 42.67 -20.30 -16.49
C ALA N 116 41.29 -20.76 -16.05
N PRO N 117 41.08 -22.08 -15.99
CA PRO N 117 39.80 -22.66 -15.49
C PRO N 117 39.68 -22.70 -13.96
N SER N 118 38.49 -22.38 -13.43
CA SER N 118 38.19 -22.58 -12.00
C SER N 118 37.78 -24.03 -11.77
N VAL N 119 38.60 -24.76 -11.03
CA VAL N 119 38.38 -26.20 -10.80
C VAL N 119 37.73 -26.47 -9.45
N PHE N 120 36.71 -27.34 -9.45
CA PHE N 120 36.11 -27.88 -8.22
C PHE N 120 36.09 -29.40 -8.31
N ILE N 121 36.07 -30.08 -7.16
CA ILE N 121 35.99 -31.55 -7.13
C ILE N 121 34.83 -32.00 -6.24
N PHE N 122 34.23 -33.15 -6.60
CA PHE N 122 32.99 -33.68 -5.97
C PHE N 122 33.01 -35.19 -5.70
N PRO N 123 32.84 -35.60 -4.43
CA PRO N 123 32.73 -37.03 -4.13
C PRO N 123 31.33 -37.56 -4.45
N PRO N 124 31.18 -38.90 -4.49
CA PRO N 124 29.87 -39.48 -4.76
C PRO N 124 28.91 -39.31 -3.60
N SER N 125 27.63 -39.15 -3.92
CA SER N 125 26.59 -39.08 -2.90
C SER N 125 26.50 -40.40 -2.15
N ASP N 126 26.06 -40.33 -0.89
CA ASP N 126 25.86 -41.50 -0.03
C ASP N 126 24.91 -42.51 -0.66
N GLU N 127 23.82 -42.00 -1.25
CA GLU N 127 22.80 -42.85 -1.84
C GLU N 127 23.21 -43.51 -3.17
N GLN N 128 24.25 -42.99 -3.83
CA GLN N 128 24.84 -43.70 -4.98
C GLN N 128 25.75 -44.84 -4.52
N LEU N 129 26.42 -44.61 -3.40
CA LEU N 129 27.19 -45.66 -2.74
C LEU N 129 26.25 -46.72 -2.15
N LYS N 130 25.00 -46.34 -1.90
CA LYS N 130 23.94 -47.32 -1.59
C LYS N 130 23.73 -48.28 -2.76
N SER N 131 23.69 -47.76 -3.99
CA SER N 131 23.71 -48.61 -5.18
C SER N 131 25.12 -49.21 -5.39
N GLY N 132 25.26 -50.00 -6.45
CA GLY N 132 26.53 -50.67 -6.72
C GLY N 132 27.72 -49.75 -6.98
N THR N 133 27.49 -48.66 -7.72
CA THR N 133 28.59 -47.86 -8.28
C THR N 133 28.97 -46.60 -7.49
N ALA N 134 30.00 -45.92 -7.98
CA ALA N 134 30.49 -44.66 -7.42
C ALA N 134 31.02 -43.75 -8.53
N SER N 135 30.35 -42.61 -8.75
CA SER N 135 30.80 -41.62 -9.74
C SER N 135 31.46 -40.44 -9.04
N VAL N 136 32.67 -40.09 -9.49
CA VAL N 136 33.45 -38.97 -8.95
C VAL N 136 33.75 -37.96 -10.05
N VAL N 137 33.43 -36.69 -9.78
CA VAL N 137 33.33 -35.65 -10.82
C VAL N 137 34.30 -34.49 -10.61
N CYS N 138 35.02 -34.12 -11.69
CA CYS N 138 35.95 -32.99 -11.68
C CYS N 138 35.52 -31.96 -12.75
N LEU N 139 35.41 -30.70 -12.36
CA LEU N 139 34.80 -29.64 -13.18
C LEU N 139 35.75 -28.48 -13.44
N LEU N 140 35.86 -28.07 -14.71
CA LEU N 140 36.72 -26.97 -15.11
C LEU N 140 35.83 -25.84 -15.56
N ASN N 141 35.90 -24.70 -14.90
CA ASN N 141 34.91 -23.66 -15.15
C ASN N 141 35.45 -22.44 -15.86
N ASN N 142 34.84 -22.15 -17.02
CA ASN N 142 35.07 -20.92 -17.77
C ASN N 142 36.51 -20.69 -18.18
N PHE N 143 36.92 -21.27 -19.31
CA PHE N 143 38.30 -21.22 -19.75
C PHE N 143 38.47 -21.23 -21.26
N TYR N 144 39.68 -20.91 -21.72
CA TYR N 144 40.05 -20.89 -23.16
C TYR N 144 41.57 -21.05 -23.28
N PRO N 145 42.06 -21.73 -24.35
CA PRO N 145 41.35 -22.39 -25.42
C PRO N 145 40.79 -23.73 -24.98
N ARG N 146 40.03 -24.37 -25.87
CA ARG N 146 39.38 -25.64 -25.57
C ARG N 146 40.40 -26.69 -25.11
N GLU N 147 41.49 -26.83 -25.85
CA GLU N 147 42.54 -27.82 -25.52
C GLU N 147 42.93 -27.78 -24.04
N ALA N 148 42.46 -28.80 -23.30
CA ALA N 148 42.85 -29.04 -21.90
C ALA N 148 43.16 -30.54 -21.67
N LYS N 149 43.65 -30.86 -20.48
CA LYS N 149 44.05 -32.24 -20.19
C LYS N 149 43.82 -32.54 -18.71
N VAL N 150 42.73 -33.26 -18.41
CA VAL N 150 42.39 -33.65 -17.04
C VAL N 150 42.89 -35.05 -16.78
N GLN N 151 43.51 -35.22 -15.62
CA GLN N 151 44.24 -36.44 -15.28
C GLN N 151 43.83 -36.93 -13.89
N TRP N 152 43.37 -38.18 -13.81
CA TRP N 152 42.88 -38.75 -12.55
C TRP N 152 43.98 -39.48 -11.76
N LYS N 153 43.84 -39.51 -10.44
CA LYS N 153 44.84 -40.12 -9.57
C LYS N 153 44.24 -40.67 -8.28
N VAL N 154 44.47 -41.95 -8.03
CA VAL N 154 43.96 -42.60 -6.84
C VAL N 154 45.16 -43.05 -6.02
N ASP N 155 45.41 -42.36 -4.91
CA ASP N 155 46.59 -42.59 -4.08
C ASP N 155 47.88 -42.31 -4.87
N ASN N 156 47.77 -41.44 -5.87
CA ASN N 156 48.88 -41.06 -6.76
C ASN N 156 49.13 -42.01 -7.94
N ALA N 157 48.31 -43.05 -8.10
CA ALA N 157 48.41 -43.96 -9.25
C ALA N 157 47.48 -43.52 -10.39
N LEU N 158 48.01 -43.53 -11.62
CA LEU N 158 47.28 -43.07 -12.80
C LEU N 158 46.19 -44.02 -13.28
N GLN N 159 45.16 -43.46 -13.91
CA GLN N 159 44.01 -44.21 -14.43
C GLN N 159 44.09 -44.28 -15.96
N SER N 160 43.01 -44.74 -16.59
CA SER N 160 42.75 -44.55 -18.05
C SER N 160 41.74 -45.58 -18.56
N GLY N 161 41.02 -45.19 -19.61
CA GLY N 161 39.94 -46.00 -20.16
C GLY N 161 38.72 -46.23 -19.27
N ASN N 162 38.70 -45.63 -18.07
CA ASN N 162 37.63 -45.88 -17.08
C ASN N 162 36.86 -44.62 -16.64
N SER N 163 36.93 -43.58 -17.45
CA SER N 163 36.08 -42.40 -17.29
C SER N 163 35.90 -41.68 -18.64
N GLN N 164 35.10 -40.61 -18.64
CA GLN N 164 34.71 -39.91 -19.87
C GLN N 164 34.49 -38.41 -19.56
N GLU N 165 34.65 -37.55 -20.56
CA GLU N 165 34.48 -36.12 -20.35
C GLU N 165 33.54 -35.42 -21.36
N SER N 166 32.71 -34.52 -20.86
CA SER N 166 31.76 -33.78 -21.68
C SER N 166 32.24 -32.34 -21.74
N VAL N 167 31.83 -31.63 -22.78
CA VAL N 167 32.30 -30.25 -22.99
C VAL N 167 31.16 -29.35 -23.50
N THR N 168 30.94 -28.23 -22.82
CA THR N 168 29.94 -27.30 -23.25
C THR N 168 30.34 -26.61 -24.54
N GLU N 169 29.34 -26.30 -25.35
CA GLU N 169 29.51 -25.50 -26.52
C GLU N 169 29.95 -24.12 -26.04
N GLN N 170 30.94 -23.53 -26.70
CA GLN N 170 31.45 -22.20 -26.38
C GLN N 170 30.37 -21.19 -25.92
N ASP N 171 30.68 -20.42 -24.90
CA ASP N 171 29.76 -19.41 -24.39
C ASP N 171 29.50 -18.32 -25.42
N SER N 172 28.29 -17.78 -25.41
CA SER N 172 27.87 -16.81 -26.41
C SER N 172 27.97 -15.37 -25.91
N LYS N 173 28.28 -15.18 -24.63
CA LYS N 173 28.57 -13.85 -24.08
C LYS N 173 30.08 -13.66 -23.88
N ASP N 174 30.72 -14.61 -23.20
CA ASP N 174 32.15 -14.49 -22.86
C ASP N 174 33.08 -15.46 -23.60
N SER N 175 32.54 -16.27 -24.50
CA SER N 175 33.36 -17.14 -25.37
C SER N 175 34.27 -18.15 -24.64
N THR N 176 33.75 -18.79 -23.60
CA THR N 176 34.51 -19.79 -22.84
C THR N 176 33.96 -21.20 -22.95
N TYR N 177 34.75 -22.14 -22.48
CA TYR N 177 34.39 -23.53 -22.39
C TYR N 177 34.27 -23.96 -20.92
N SER N 178 33.67 -25.12 -20.71
CA SER N 178 33.54 -25.73 -19.37
C SER N 178 33.38 -27.22 -19.55
N LEU N 179 34.03 -28.00 -18.69
CA LEU N 179 34.20 -29.43 -18.93
C LEU N 179 33.74 -30.23 -17.72
N SER N 180 33.34 -31.47 -17.95
CA SER N 180 33.15 -32.42 -16.87
C SER N 180 33.97 -33.67 -17.15
N SER N 181 34.54 -34.25 -16.11
CA SER N 181 35.23 -35.53 -16.22
C SER N 181 34.72 -36.36 -15.06
N THR N 182 34.14 -37.52 -15.38
CA THR N 182 33.35 -38.28 -14.43
C THR N 182 33.93 -39.69 -14.33
N LEU N 183 34.60 -39.97 -13.21
CA LEU N 183 35.28 -41.25 -12.98
C LEU N 183 34.37 -42.28 -12.32
N THR N 184 34.22 -43.43 -12.98
CA THR N 184 33.30 -44.48 -12.52
C THR N 184 34.08 -45.65 -11.92
N LEU N 185 33.66 -46.08 -10.72
CA LEU N 185 34.20 -47.28 -10.09
C LEU N 185 33.10 -48.02 -9.33
N SER N 186 33.34 -49.30 -9.06
CA SER N 186 32.47 -50.09 -8.21
C SER N 186 32.63 -49.69 -6.73
N LYS N 187 31.52 -49.72 -5.98
CA LYS N 187 31.48 -49.28 -4.58
C LYS N 187 32.63 -49.89 -3.79
N ALA N 188 32.84 -51.17 -3.97
CA ALA N 188 33.90 -51.92 -3.30
C ALA N 188 35.30 -51.44 -3.68
N ASP N 189 35.49 -51.19 -4.97
CA ASP N 189 36.77 -50.74 -5.50
C ASP N 189 37.11 -49.32 -5.00
N TYR N 190 36.07 -48.49 -4.89
CA TYR N 190 36.21 -47.11 -4.37
C TYR N 190 36.60 -47.08 -2.89
N GLU N 191 36.04 -48.00 -2.10
CA GLU N 191 36.29 -48.04 -0.66
C GLU N 191 37.69 -48.57 -0.30
N LYS N 192 38.40 -49.16 -1.26
CA LYS N 192 39.78 -49.63 -1.05
C LYS N 192 40.82 -48.51 -1.09
N HIS N 193 40.45 -47.35 -1.63
CA HIS N 193 41.38 -46.25 -1.75
C HIS N 193 40.87 -45.02 -1.01
N LYS N 194 41.71 -44.01 -0.85
CA LYS N 194 41.43 -42.86 0.03
C LYS N 194 41.67 -41.49 -0.63
N VAL N 195 42.91 -41.23 -1.04
CA VAL N 195 43.26 -39.96 -1.71
C VAL N 195 42.78 -40.00 -3.15
N TYR N 196 41.73 -39.24 -3.43
CA TYR N 196 41.17 -39.11 -4.77
C TYR N 196 41.48 -37.71 -5.32
N ALA N 197 42.04 -37.66 -6.53
CA ALA N 197 42.58 -36.41 -7.07
C ALA N 197 42.52 -36.33 -8.59
N CYS N 198 41.96 -35.23 -9.10
CA CYS N 198 42.06 -34.85 -10.51
C CYS N 198 43.16 -33.79 -10.68
N GLU N 199 43.66 -33.65 -11.91
CA GLU N 199 44.79 -32.76 -12.18
C GLU N 199 44.66 -32.13 -13.57
N VAL N 200 44.73 -30.81 -13.62
CA VAL N 200 44.47 -30.07 -14.86
C VAL N 200 45.74 -29.48 -15.47
N THR N 201 45.88 -29.66 -16.79
CA THR N 201 47.02 -29.13 -17.57
C THR N 201 46.51 -28.23 -18.70
N HIS N 202 46.48 -26.91 -18.43
CA HIS N 202 45.93 -25.92 -19.35
C HIS N 202 46.99 -24.87 -19.65
N GLN N 203 46.81 -24.16 -20.77
CA GLN N 203 47.69 -23.06 -21.16
C GLN N 203 47.55 -21.83 -20.26
N GLY N 204 46.35 -21.62 -19.70
CA GLY N 204 46.13 -20.55 -18.73
C GLY N 204 46.79 -20.75 -17.38
N LEU N 205 47.36 -21.94 -17.16
CA LEU N 205 48.02 -22.28 -15.90
C LEU N 205 49.53 -22.45 -16.10
N SER N 206 50.31 -21.62 -15.43
CA SER N 206 51.76 -21.71 -15.50
C SER N 206 52.28 -23.11 -15.17
N SER N 207 51.53 -23.87 -14.37
CA SER N 207 51.83 -25.29 -14.16
C SER N 207 50.61 -26.03 -13.60
N PRO N 208 50.54 -27.37 -13.81
CA PRO N 208 49.33 -28.15 -13.53
C PRO N 208 48.72 -27.92 -12.15
N VAL N 209 47.40 -27.95 -12.08
CA VAL N 209 46.65 -27.73 -10.83
C VAL N 209 45.88 -28.98 -10.40
N THR N 210 45.93 -29.27 -9.10
CA THR N 210 45.32 -30.46 -8.52
C THR N 210 44.39 -30.09 -7.37
N LYS N 211 43.11 -30.49 -7.50
CA LYS N 211 42.19 -30.51 -6.37
C LYS N 211 42.01 -31.96 -5.95
N SER N 212 41.94 -32.20 -4.64
CA SER N 212 41.74 -33.56 -4.11
C SER N 212 40.96 -33.56 -2.79
N PHE N 213 40.38 -34.71 -2.46
CA PHE N 213 39.70 -34.92 -1.18
C PHE N 213 40.05 -36.31 -0.65
N ASN N 214 39.92 -36.50 0.66
CA ASN N 214 40.10 -37.82 1.28
C ASN N 214 38.75 -38.52 1.47
N ARG N 215 38.68 -39.80 1.15
CA ARG N 215 37.46 -40.59 1.31
C ARG N 215 37.06 -40.68 2.78
N GLY N 216 35.87 -40.16 3.12
CA GLY N 216 35.31 -40.24 4.48
C GLY N 216 35.09 -38.90 5.18
N GLU N 217 35.79 -37.86 4.72
CA GLU N 217 35.72 -36.51 5.30
C GLU N 217 34.30 -36.10 5.71
N GLU O 1 1.24 -14.00 -33.12
CA GLU O 1 2.65 -14.45 -32.96
C GLU O 1 2.78 -15.90 -33.39
N VAL O 2 3.58 -16.11 -34.44
CA VAL O 2 3.64 -17.41 -35.10
C VAL O 2 4.34 -18.40 -34.18
N GLN O 3 3.83 -19.62 -34.17
CA GLN O 3 4.34 -20.63 -33.28
C GLN O 3 4.08 -22.04 -33.81
N LEU O 4 5.17 -22.80 -33.93
CA LEU O 4 5.14 -24.16 -34.46
C LEU O 4 5.59 -25.12 -33.38
N VAL O 5 4.76 -26.12 -33.12
CA VAL O 5 4.98 -27.01 -32.00
C VAL O 5 4.90 -28.44 -32.47
N GLU O 6 6.06 -29.05 -32.64
CA GLU O 6 6.11 -30.44 -33.03
C GLU O 6 6.08 -31.31 -31.77
N SER O 7 5.49 -32.49 -31.90
CA SER O 7 5.39 -33.46 -30.81
C SER O 7 5.26 -34.85 -31.38
N GLY O 8 5.34 -35.86 -30.51
CA GLY O 8 5.24 -37.26 -30.95
C GLY O 8 6.58 -37.93 -31.14
N GLY O 9 7.67 -37.22 -30.83
CA GLY O 9 9.01 -37.77 -30.90
C GLY O 9 9.26 -38.75 -29.77
N GLY O 10 10.31 -39.56 -29.90
CA GLY O 10 10.65 -40.55 -28.88
C GLY O 10 11.50 -41.69 -29.40
N LEU O 11 11.26 -42.88 -28.84
CA LEU O 11 12.03 -44.07 -29.16
C LEU O 11 11.19 -45.05 -29.98
N VAL O 12 11.80 -45.60 -31.02
CA VAL O 12 11.20 -46.71 -31.76
C VAL O 12 12.26 -47.72 -32.13
N GLN O 13 11.87 -48.99 -32.21
CA GLN O 13 12.80 -49.97 -32.71
C GLN O 13 12.92 -49.87 -34.19
N PRO O 14 14.01 -50.42 -34.73
CA PRO O 14 14.16 -50.41 -36.17
C PRO O 14 13.05 -51.19 -36.85
N GLY O 15 12.62 -50.72 -38.01
CA GLY O 15 11.51 -51.34 -38.73
C GLY O 15 10.17 -50.85 -38.22
N GLY O 16 10.16 -50.18 -37.08
CA GLY O 16 8.94 -49.65 -36.51
C GLY O 16 8.51 -48.39 -37.22
N SER O 17 7.41 -47.81 -36.75
CA SER O 17 6.82 -46.63 -37.36
C SER O 17 6.49 -45.57 -36.30
N LEU O 18 6.41 -44.32 -36.75
CA LEU O 18 6.13 -43.18 -35.88
C LEU O 18 5.32 -42.13 -36.59
N ARG O 19 4.59 -41.33 -35.81
CA ARG O 19 3.85 -40.22 -36.37
C ARG O 19 4.13 -38.92 -35.63
N LEU O 20 4.87 -38.04 -36.30
CA LEU O 20 5.11 -36.71 -35.79
C LEU O 20 3.99 -35.78 -36.20
N SER O 21 3.65 -34.88 -35.30
CA SER O 21 2.62 -33.90 -35.58
C SER O 21 3.18 -32.52 -35.27
N CYS O 22 2.71 -31.53 -36.01
CA CYS O 22 3.13 -30.15 -35.82
C CYS O 22 1.92 -29.26 -35.73
N ALA O 23 1.71 -28.67 -34.56
CA ALA O 23 0.54 -27.82 -34.32
C ALA O 23 0.94 -26.37 -34.47
N THR O 24 0.28 -25.67 -35.38
CA THR O 24 0.65 -24.29 -35.68
C THR O 24 -0.33 -23.32 -35.02
N SER O 25 0.07 -22.05 -34.95
CA SER O 25 -0.77 -21.00 -34.37
C SER O 25 -0.21 -19.61 -34.67
N GLY O 26 -1.10 -18.61 -34.71
CA GLY O 26 -0.69 -17.20 -34.79
C GLY O 26 -0.55 -16.61 -36.19
N TYR O 27 -1.11 -17.29 -37.20
CA TYR O 27 -1.13 -16.80 -38.59
C TYR O 27 -2.29 -17.47 -39.34
N THR O 28 -2.66 -16.94 -40.52
CA THR O 28 -3.68 -17.59 -41.33
C THR O 28 -3.10 -18.89 -41.91
N PHE O 29 -3.71 -20.01 -41.53
CA PHE O 29 -3.17 -21.33 -41.80
C PHE O 29 -2.79 -21.58 -43.26
N THR O 30 -3.67 -21.19 -44.18
CA THR O 30 -3.48 -21.48 -45.61
C THR O 30 -2.34 -20.69 -46.22
N GLU O 31 -1.79 -19.73 -45.48
CA GLU O 31 -0.80 -18.83 -46.04
C GLU O 31 0.61 -19.39 -46.10
N TYR O 32 0.93 -20.30 -45.18
CA TYR O 32 2.27 -20.85 -45.11
C TYR O 32 2.32 -22.30 -45.51
N ILE O 33 3.37 -22.64 -46.23
CA ILE O 33 3.73 -24.01 -46.50
C ILE O 33 4.48 -24.57 -45.33
N ILE O 34 4.10 -25.77 -44.91
CA ILE O 34 4.74 -26.41 -43.77
C ILE O 34 5.70 -27.48 -44.25
N HIS O 35 6.85 -27.52 -43.62
CA HIS O 35 7.92 -28.42 -43.99
C HIS O 35 8.31 -29.25 -42.81
N TRP O 36 8.95 -30.37 -43.11
CA TRP O 36 9.71 -31.09 -42.12
C TRP O 36 11.17 -31.12 -42.56
N VAL O 37 12.04 -30.82 -41.61
CA VAL O 37 13.48 -30.79 -41.85
C VAL O 37 14.14 -31.45 -40.67
N ARG O 38 15.01 -32.40 -40.95
CA ARG O 38 15.66 -33.12 -39.87
C ARG O 38 17.16 -32.88 -39.83
N GLN O 39 17.74 -33.26 -38.70
CA GLN O 39 19.15 -33.05 -38.43
C GLN O 39 19.69 -34.13 -37.50
N ALA O 40 20.49 -35.02 -38.07
CA ALA O 40 21.13 -36.06 -37.26
C ALA O 40 22.04 -35.40 -36.23
N PRO O 41 22.19 -36.03 -35.04
CA PRO O 41 23.00 -35.38 -33.99
C PRO O 41 24.45 -35.17 -34.40
N GLY O 42 24.90 -33.92 -34.36
CA GLY O 42 26.22 -33.53 -34.82
C GLY O 42 26.25 -33.18 -36.30
N LYS O 43 25.33 -33.72 -37.09
CA LYS O 43 25.37 -33.61 -38.55
C LYS O 43 24.61 -32.39 -39.05
N GLY O 44 24.52 -32.28 -40.37
CA GLY O 44 23.86 -31.17 -41.03
C GLY O 44 22.36 -31.34 -41.20
N LEU O 45 21.79 -30.46 -42.00
CA LEU O 45 20.34 -30.34 -42.15
C LEU O 45 19.87 -31.04 -43.40
N GLU O 46 18.72 -31.68 -43.31
CA GLU O 46 18.18 -32.43 -44.42
C GLU O 46 16.67 -32.19 -44.56
N TRP O 47 16.27 -31.70 -45.72
CA TRP O 47 14.86 -31.47 -46.02
C TRP O 47 14.15 -32.77 -46.28
N VAL O 48 13.00 -32.95 -45.68
CA VAL O 48 12.27 -34.21 -45.78
C VAL O 48 11.09 -34.07 -46.75
N ALA O 49 10.17 -33.18 -46.41
CA ALA O 49 8.96 -33.00 -47.18
C ALA O 49 8.29 -31.69 -46.85
N SER O 50 7.42 -31.27 -47.75
CA SER O 50 6.59 -30.08 -47.55
C SER O 50 5.16 -30.31 -48.04
N ILE O 51 4.23 -29.58 -47.43
CA ILE O 51 2.82 -29.64 -47.82
C ILE O 51 2.21 -28.24 -47.90
N ASN O 52 1.38 -28.03 -48.92
CA ASN O 52 0.74 -26.74 -49.17
C ASN O 52 -0.75 -26.76 -48.84
N PRO O 53 -1.13 -26.13 -47.72
CA PRO O 53 -2.49 -26.21 -47.25
C PRO O 53 -3.48 -25.44 -48.11
N ASP O 54 -3.00 -24.45 -48.85
CA ASP O 54 -3.87 -23.60 -49.66
C ASP O 54 -4.37 -24.39 -50.85
N TYR O 55 -3.43 -24.99 -51.56
CA TYR O 55 -3.76 -25.89 -52.65
C TYR O 55 -3.86 -27.25 -52.00
N ASP O 56 -3.12 -28.24 -52.47
CA ASP O 56 -3.01 -29.49 -51.71
C ASP O 56 -1.75 -30.23 -52.11
N ILE O 57 -0.78 -29.47 -52.61
CA ILE O 57 0.42 -30.03 -53.20
C ILE O 57 1.31 -30.54 -52.06
N THR O 58 2.01 -31.64 -52.32
CA THR O 58 3.03 -32.12 -51.42
C THR O 58 4.28 -32.36 -52.21
N ASN O 59 5.41 -32.33 -51.54
CA ASN O 59 6.68 -32.65 -52.15
C ASN O 59 7.54 -33.45 -51.20
N TYR O 60 8.34 -34.34 -51.76
CA TYR O 60 9.17 -35.22 -50.96
C TYR O 60 10.61 -35.21 -51.43
N ASN O 61 11.52 -35.36 -50.49
CA ASN O 61 12.88 -35.73 -50.82
C ASN O 61 12.86 -37.20 -51.25
N GLN O 62 13.37 -37.49 -52.45
CA GLN O 62 13.30 -38.84 -53.03
C GLN O 62 13.78 -39.97 -52.11
N ARG O 63 14.72 -39.66 -51.24
CA ARG O 63 15.17 -40.62 -50.23
C ARG O 63 14.00 -41.24 -49.42
N PHE O 64 13.02 -40.41 -49.07
CA PHE O 64 11.92 -40.81 -48.18
C PHE O 64 10.58 -41.06 -48.88
N LYS O 65 10.59 -41.13 -50.21
CA LYS O 65 9.36 -41.26 -51.01
C LYS O 65 8.52 -42.47 -50.59
N GLY O 66 9.17 -43.61 -50.45
CA GLY O 66 8.48 -44.84 -50.08
C GLY O 66 7.92 -44.86 -48.66
N ARG O 67 8.69 -44.31 -47.72
CA ARG O 67 8.46 -44.58 -46.29
C ARG O 67 7.68 -43.49 -45.56
N PHE O 68 7.98 -42.23 -45.87
CA PHE O 68 7.41 -41.11 -45.14
C PHE O 68 6.20 -40.54 -45.87
N THR O 69 5.21 -40.13 -45.09
CA THR O 69 4.04 -39.47 -45.64
C THR O 69 3.73 -38.23 -44.85
N ILE O 70 3.61 -37.12 -45.56
CA ILE O 70 3.21 -35.87 -44.96
C ILE O 70 1.74 -35.65 -45.32
N SER O 71 1.01 -35.03 -44.41
CA SER O 71 -0.42 -34.84 -44.56
C SER O 71 -0.83 -33.82 -43.54
N LEU O 72 -2.08 -33.37 -43.59
CA LEU O 72 -2.52 -32.41 -42.60
C LEU O 72 -4.01 -32.41 -42.30
N ASP O 73 -4.33 -31.77 -41.18
CA ASP O 73 -5.71 -31.56 -40.75
C ASP O 73 -5.96 -30.07 -40.53
N LYS O 74 -6.64 -29.47 -41.50
CA LYS O 74 -6.82 -28.02 -41.54
C LYS O 74 -7.60 -27.50 -40.36
N SER O 75 -8.66 -28.22 -39.98
CA SER O 75 -9.46 -27.83 -38.81
C SER O 75 -8.60 -27.77 -37.54
N LYS O 76 -7.68 -28.74 -37.39
CA LYS O 76 -6.80 -28.76 -36.21
C LYS O 76 -5.53 -27.94 -36.41
N ARG O 77 -5.44 -27.21 -37.53
CA ARG O 77 -4.25 -26.42 -37.85
C ARG O 77 -3.01 -27.24 -37.56
N THR O 78 -2.99 -28.48 -38.06
CA THR O 78 -1.94 -29.42 -37.70
C THR O 78 -1.45 -30.23 -38.90
N ALA O 79 -0.12 -30.29 -39.05
CA ALA O 79 0.52 -31.15 -40.07
C ALA O 79 1.17 -32.36 -39.42
N TYR O 80 1.20 -33.45 -40.16
CA TYR O 80 1.66 -34.72 -39.63
C TYR O 80 2.73 -35.28 -40.55
N LEU O 81 3.71 -35.96 -39.95
CA LEU O 81 4.68 -36.74 -40.71
C LEU O 81 4.67 -38.18 -40.22
N GLN O 82 4.18 -39.06 -41.07
CA GLN O 82 4.13 -40.47 -40.78
C GLN O 82 5.39 -41.13 -41.30
N MET O 83 6.16 -41.72 -40.39
CA MET O 83 7.37 -42.40 -40.77
C MET O 83 7.21 -43.89 -40.58
N ASN O 84 7.71 -44.65 -41.56
CA ASN O 84 7.63 -46.11 -41.57
C ASN O 84 8.98 -46.77 -41.77
N SER O 85 9.04 -48.06 -41.44
CA SER O 85 10.24 -48.88 -41.67
C SER O 85 11.49 -48.11 -41.29
N LEU O 86 11.48 -47.56 -40.08
CA LEU O 86 12.55 -46.70 -39.63
C LEU O 86 13.86 -47.46 -39.48
N ARG O 87 14.88 -46.95 -40.13
CA ARG O 87 16.25 -47.44 -39.99
C ARG O 87 16.91 -46.67 -38.87
N ALA O 88 18.12 -47.07 -38.49
CA ALA O 88 18.88 -46.39 -37.45
C ALA O 88 19.41 -45.02 -37.92
N GLU O 89 19.57 -44.85 -39.22
CA GLU O 89 20.06 -43.59 -39.79
C GLU O 89 18.99 -42.52 -39.84
N ASP O 90 17.80 -42.84 -39.36
CA ASP O 90 16.71 -41.88 -39.31
C ASP O 90 16.68 -41.15 -37.98
N THR O 91 17.50 -41.61 -37.03
CA THR O 91 17.67 -40.94 -35.76
C THR O 91 18.12 -39.51 -36.02
N ALA O 92 17.26 -38.57 -35.63
CA ALA O 92 17.55 -37.15 -35.82
C ALA O 92 16.55 -36.32 -35.06
N VAL O 93 16.85 -35.02 -34.96
CA VAL O 93 15.89 -34.05 -34.47
C VAL O 93 15.06 -33.65 -35.66
N TYR O 94 13.74 -33.69 -35.51
CA TYR O 94 12.86 -33.35 -36.60
C TYR O 94 12.24 -32.00 -36.35
N TYR O 95 12.57 -31.06 -37.22
CA TYR O 95 12.04 -29.72 -37.10
C TYR O 95 10.84 -29.58 -37.98
N CYS O 96 9.89 -28.83 -37.47
CA CYS O 96 8.75 -28.37 -38.23
C CYS O 96 9.12 -26.96 -38.62
N ALA O 97 9.03 -26.64 -39.91
CA ALA O 97 9.36 -25.28 -40.39
C ALA O 97 8.35 -24.76 -41.39
N SER O 98 8.25 -23.44 -41.51
CA SER O 98 7.27 -22.82 -42.40
C SER O 98 7.91 -21.81 -43.32
N TRP O 99 7.29 -21.62 -44.48
CA TRP O 99 7.70 -20.55 -45.34
C TRP O 99 6.54 -20.07 -46.17
N ILE O 100 6.67 -18.86 -46.70
CA ILE O 100 5.76 -18.38 -47.72
C ILE O 100 6.33 -18.79 -49.06
N SER O 101 7.65 -18.60 -49.22
CA SER O 101 8.35 -19.01 -50.43
C SER O 101 9.87 -18.96 -50.26
N ASP O 102 10.54 -19.93 -50.88
CA ASP O 102 11.99 -19.98 -51.05
C ASP O 102 12.84 -20.23 -49.81
N PHE O 103 12.58 -19.49 -48.74
CA PHE O 103 13.34 -19.65 -47.51
C PHE O 103 12.43 -19.68 -46.29
N PHE O 104 12.92 -20.31 -45.23
CA PHE O 104 12.11 -20.56 -44.05
C PHE O 104 11.97 -19.36 -43.14
N ASP O 105 10.72 -19.03 -42.84
CA ASP O 105 10.40 -17.89 -41.98
C ASP O 105 10.35 -18.29 -40.49
N TYR O 106 9.90 -19.52 -40.20
CA TYR O 106 9.66 -19.96 -38.82
C TYR O 106 10.01 -21.41 -38.60
N TRP O 107 10.25 -21.74 -37.33
CA TRP O 107 10.70 -23.08 -36.94
C TRP O 107 10.09 -23.52 -35.62
N GLY O 108 10.00 -24.83 -35.43
CA GLY O 108 9.70 -25.38 -34.13
C GLY O 108 10.93 -25.42 -33.28
N GLN O 109 10.82 -26.04 -32.12
CA GLN O 109 11.95 -26.23 -31.23
C GLN O 109 12.67 -27.54 -31.57
N GLY O 110 12.02 -28.38 -32.37
CA GLY O 110 12.56 -29.69 -32.75
C GLY O 110 12.08 -30.77 -31.80
N THR O 111 11.92 -31.99 -32.31
CA THR O 111 11.52 -33.16 -31.50
C THR O 111 12.44 -34.32 -31.86
N LEU O 112 13.01 -34.97 -30.86
CA LEU O 112 14.03 -35.98 -31.10
C LEU O 112 13.43 -37.35 -31.33
N VAL O 113 13.83 -37.96 -32.43
CA VAL O 113 13.44 -39.32 -32.76
C VAL O 113 14.67 -40.22 -32.68
N THR O 114 14.60 -41.26 -31.85
CA THR O 114 15.69 -42.19 -31.65
C THR O 114 15.30 -43.59 -32.09
N VAL O 115 15.98 -44.11 -33.11
CA VAL O 115 15.69 -45.45 -33.60
C VAL O 115 16.71 -46.43 -33.01
N SER O 116 16.26 -47.26 -32.07
CA SER O 116 17.15 -48.18 -31.40
C SER O 116 16.40 -49.37 -30.82
N SER O 117 17.09 -50.52 -30.77
CA SER O 117 16.54 -51.76 -30.21
C SER O 117 16.65 -51.79 -28.69
N ALA O 118 17.33 -50.81 -28.10
CA ALA O 118 17.50 -50.74 -26.65
C ALA O 118 16.26 -50.19 -25.96
N SER O 119 16.13 -50.52 -24.68
CA SER O 119 14.91 -50.30 -23.93
C SER O 119 14.93 -48.97 -23.20
N THR O 120 13.76 -48.32 -23.15
CA THR O 120 13.61 -47.05 -22.44
C THR O 120 13.76 -47.24 -20.93
N LYS O 121 14.35 -46.24 -20.28
CA LYS O 121 14.85 -46.42 -18.91
C LYS O 121 15.13 -45.07 -18.26
N GLY O 122 14.52 -44.84 -17.10
CA GLY O 122 14.59 -43.55 -16.41
C GLY O 122 15.89 -43.34 -15.65
N PRO O 123 16.25 -42.08 -15.40
CA PRO O 123 17.54 -41.77 -14.82
C PRO O 123 17.50 -41.79 -13.32
N SER O 124 18.66 -41.90 -12.71
CA SER O 124 18.82 -41.58 -11.29
C SER O 124 19.46 -40.20 -11.19
N VAL O 125 19.03 -39.44 -10.19
CA VAL O 125 19.52 -38.08 -9.99
C VAL O 125 20.27 -38.02 -8.67
N PHE O 126 21.55 -37.70 -8.72
CA PHE O 126 22.41 -37.60 -7.53
C PHE O 126 22.91 -36.16 -7.37
N PRO O 127 23.11 -35.68 -6.12
CA PRO O 127 23.62 -34.31 -5.92
C PRO O 127 25.15 -34.20 -5.87
N LEU O 128 25.65 -33.02 -6.24
CA LEU O 128 27.07 -32.68 -6.12
C LEU O 128 27.22 -31.62 -5.05
N ALA O 129 27.32 -32.08 -3.81
CA ALA O 129 27.37 -31.22 -2.64
C ALA O 129 28.63 -30.36 -2.68
N PRO O 130 28.46 -29.05 -2.43
CA PRO O 130 29.52 -28.04 -2.63
C PRO O 130 30.74 -28.21 -1.72
N SER O 131 31.84 -27.54 -2.10
CA SER O 131 33.10 -27.60 -1.34
C SER O 131 33.49 -26.26 -0.67
N SER O 132 32.57 -25.29 -0.68
CA SER O 132 32.79 -23.95 -0.09
C SER O 132 34.05 -23.25 -0.64
N GLY O 137 36.37 -20.40 1.15
CA GLY O 137 35.34 -20.25 0.12
C GLY O 137 35.19 -18.81 -0.32
N GLY O 138 35.12 -18.60 -1.63
CA GLY O 138 34.89 -17.28 -2.22
C GLY O 138 33.52 -17.24 -2.89
N THR O 139 33.44 -17.85 -4.08
CA THR O 139 32.15 -18.17 -4.71
C THR O 139 32.14 -19.68 -5.00
N ALA O 140 30.99 -20.31 -4.80
CA ALA O 140 30.90 -21.78 -4.71
C ALA O 140 30.32 -22.44 -5.95
N ALA O 141 30.53 -23.75 -6.05
CA ALA O 141 30.05 -24.58 -7.16
C ALA O 141 29.33 -25.84 -6.67
N LEU O 142 28.23 -26.18 -7.33
CA LEU O 142 27.42 -27.36 -6.98
C LEU O 142 26.56 -27.79 -8.19
N GLY O 143 25.96 -28.96 -8.11
CA GLY O 143 25.17 -29.45 -9.24
C GLY O 143 24.40 -30.73 -9.01
N CYS O 144 23.92 -31.31 -10.11
CA CYS O 144 23.22 -32.59 -10.12
C CYS O 144 23.89 -33.54 -11.08
N LEU O 145 23.74 -34.84 -10.84
CA LEU O 145 24.22 -35.88 -11.74
C LEU O 145 23.05 -36.76 -12.16
N VAL O 146 22.65 -36.62 -13.42
CA VAL O 146 21.59 -37.43 -13.99
C VAL O 146 22.24 -38.63 -14.68
N LYS O 147 22.13 -39.80 -14.06
CA LYS O 147 22.88 -40.99 -14.48
C LYS O 147 21.98 -42.11 -14.96
N ASP O 148 22.44 -42.81 -16.00
CA ASP O 148 21.90 -44.12 -16.41
C ASP O 148 20.46 -44.04 -16.91
N TYR O 149 20.27 -43.33 -18.02
CA TYR O 149 18.99 -43.29 -18.70
C TYR O 149 19.18 -43.59 -20.17
N PHE O 150 18.05 -43.83 -20.84
CA PHE O 150 18.00 -44.01 -22.28
C PHE O 150 16.53 -43.92 -22.67
N PRO O 151 16.19 -43.13 -23.72
CA PRO O 151 17.05 -42.38 -24.61
C PRO O 151 17.23 -40.94 -24.15
N GLU O 152 18.06 -40.20 -24.87
CA GLU O 152 18.03 -38.75 -24.83
C GLU O 152 16.61 -38.30 -25.21
N PRO O 153 16.22 -37.10 -24.82
CA PRO O 153 16.97 -36.14 -24.02
C PRO O 153 16.56 -36.21 -22.56
N VAL O 154 17.11 -35.31 -21.77
CA VAL O 154 16.64 -35.02 -20.44
C VAL O 154 16.79 -33.51 -20.27
N THR O 155 15.81 -32.84 -19.65
CA THR O 155 15.92 -31.38 -19.40
C THR O 155 16.10 -31.10 -17.91
N VAL O 156 17.09 -30.27 -17.59
CA VAL O 156 17.40 -29.86 -16.22
C VAL O 156 17.30 -28.34 -16.10
N SER O 157 16.48 -27.88 -15.17
CA SER O 157 16.46 -26.47 -14.79
C SER O 157 16.77 -26.39 -13.30
N TRP O 158 16.93 -25.18 -12.78
CA TRP O 158 17.28 -24.99 -11.38
C TRP O 158 16.33 -24.05 -10.69
N ASN O 159 15.66 -24.56 -9.65
CA ASN O 159 14.62 -23.82 -8.94
C ASN O 159 13.59 -23.29 -9.94
N SER O 160 12.95 -24.23 -10.67
CA SER O 160 11.91 -23.90 -11.64
C SER O 160 12.39 -22.92 -12.69
N GLY O 161 13.67 -22.98 -13.06
CA GLY O 161 14.23 -22.02 -14.02
C GLY O 161 14.44 -20.61 -13.47
N ALA O 162 14.09 -20.39 -12.19
CA ALA O 162 14.30 -19.09 -11.54
C ALA O 162 15.80 -18.78 -11.44
N LEU O 163 16.61 -19.84 -11.43
CA LEU O 163 18.06 -19.75 -11.53
C LEU O 163 18.48 -20.21 -12.92
N THR O 164 19.16 -19.33 -13.66
CA THR O 164 19.72 -19.65 -14.99
C THR O 164 21.17 -19.15 -15.13
N SER O 165 21.42 -17.93 -14.69
CA SER O 165 22.73 -17.30 -14.81
C SER O 165 23.79 -18.07 -14.01
N GLY O 166 24.88 -18.46 -14.68
CA GLY O 166 25.96 -19.24 -14.07
C GLY O 166 25.92 -20.74 -14.35
N VAL O 167 24.79 -21.24 -14.88
CA VAL O 167 24.56 -22.68 -15.06
C VAL O 167 25.34 -23.22 -16.24
N HIS O 168 25.72 -24.49 -16.13
CA HIS O 168 26.27 -25.25 -17.25
C HIS O 168 25.68 -26.65 -17.18
N THR O 169 24.81 -26.98 -18.11
CA THR O 169 24.36 -28.36 -18.27
C THR O 169 25.26 -28.95 -19.34
N PHE O 170 25.75 -30.15 -19.11
CA PHE O 170 26.73 -30.75 -20.00
C PHE O 170 26.08 -31.64 -21.02
N PRO O 171 26.72 -31.75 -22.20
CA PRO O 171 26.27 -32.75 -23.14
C PRO O 171 26.31 -34.16 -22.53
N ALA O 172 25.32 -34.97 -22.90
CA ALA O 172 25.24 -36.34 -22.41
C ALA O 172 26.44 -37.11 -22.94
N VAL O 173 26.90 -38.10 -22.18
CA VAL O 173 27.91 -39.02 -22.70
C VAL O 173 27.41 -40.46 -22.59
N LEU O 174 27.57 -41.20 -23.68
CA LEU O 174 27.05 -42.54 -23.79
C LEU O 174 28.02 -43.49 -23.11
N GLN O 175 27.64 -44.01 -21.94
CA GLN O 175 28.48 -44.92 -21.19
C GLN O 175 28.64 -46.25 -21.91
N SER O 176 29.78 -46.89 -21.65
CA SER O 176 30.06 -48.28 -22.04
C SER O 176 28.81 -49.15 -21.88
N SER O 177 28.10 -48.91 -20.78
CA SER O 177 26.84 -49.57 -20.45
C SER O 177 25.64 -49.20 -21.35
N GLY O 178 25.87 -48.52 -22.48
CA GLY O 178 24.78 -48.21 -23.41
C GLY O 178 23.79 -47.16 -22.91
N LEU O 179 24.08 -46.55 -21.76
CA LEU O 179 23.23 -45.55 -21.14
C LEU O 179 23.84 -44.15 -21.25
N TYR O 180 23.03 -43.13 -21.03
CA TYR O 180 23.54 -41.78 -20.99
C TYR O 180 23.65 -41.32 -19.54
N SER O 181 24.59 -40.41 -19.33
CA SER O 181 24.84 -39.82 -18.03
C SER O 181 25.29 -38.39 -18.25
N LEU O 182 24.60 -37.46 -17.61
CA LEU O 182 24.83 -36.03 -17.80
C LEU O 182 24.89 -35.36 -16.45
N SER O 183 25.58 -34.23 -16.38
CA SER O 183 25.62 -33.43 -15.16
C SER O 183 25.25 -31.99 -15.47
N SER O 184 24.42 -31.40 -14.61
CA SER O 184 24.12 -29.97 -14.65
C SER O 184 24.67 -29.31 -13.40
N VAL O 185 25.42 -28.23 -13.58
CA VAL O 185 26.06 -27.53 -12.46
C VAL O 185 25.86 -26.02 -12.58
N VAL O 186 25.80 -25.35 -11.43
CA VAL O 186 25.75 -23.89 -11.38
C VAL O 186 26.80 -23.41 -10.38
N THR O 187 27.16 -22.14 -10.44
CA THR O 187 28.01 -21.51 -9.42
C THR O 187 27.31 -20.34 -8.78
N VAL O 188 27.42 -20.28 -7.45
CA VAL O 188 26.79 -19.22 -6.65
C VAL O 188 27.85 -18.61 -5.72
N PRO O 189 27.48 -17.53 -5.02
CA PRO O 189 28.33 -17.03 -3.94
C PRO O 189 28.39 -18.02 -2.76
N SER O 190 29.55 -18.08 -2.10
CA SER O 190 29.71 -18.84 -0.86
C SER O 190 28.95 -18.17 0.28
N SER O 191 28.40 -16.99 -0.01
CA SER O 191 27.56 -16.23 0.91
C SER O 191 26.14 -16.83 1.07
N SER O 192 25.62 -17.46 0.01
CA SER O 192 24.21 -17.90 -0.01
C SER O 192 23.98 -19.38 0.37
N LEU O 193 25.02 -20.06 0.86
CA LEU O 193 24.89 -21.45 1.33
C LEU O 193 24.21 -21.53 2.69
N GLY O 194 23.17 -22.36 2.78
CA GLY O 194 22.27 -22.35 3.93
C GLY O 194 21.30 -21.18 3.92
N THR O 195 21.57 -20.18 3.08
CA THR O 195 20.76 -18.97 2.96
C THR O 195 19.68 -19.14 1.90
N GLN O 196 20.05 -19.77 0.79
CA GLN O 196 19.16 -19.96 -0.35
C GLN O 196 19.01 -21.43 -0.66
N THR O 197 17.88 -21.80 -1.26
CA THR O 197 17.55 -23.19 -1.57
C THR O 197 17.79 -23.55 -3.05
N TYR O 198 18.60 -24.57 -3.29
CA TYR O 198 19.01 -24.97 -4.64
C TYR O 198 18.55 -26.38 -5.03
N ILE O 199 17.51 -26.41 -5.86
CA ILE O 199 16.93 -27.63 -6.39
C ILE O 199 17.19 -27.69 -7.89
N CYS O 200 17.44 -28.89 -8.41
CA CYS O 200 17.50 -29.08 -9.86
C CYS O 200 16.28 -29.87 -10.29
N ASN O 201 15.60 -29.38 -11.32
CA ASN O 201 14.30 -29.92 -11.77
C ASN O 201 14.42 -30.80 -13.02
N VAL O 202 14.85 -32.03 -12.82
CA VAL O 202 15.09 -32.97 -13.93
C VAL O 202 13.79 -33.48 -14.55
N ASN O 203 13.87 -33.85 -15.83
CA ASN O 203 12.73 -34.40 -16.53
C ASN O 203 13.11 -35.31 -17.71
N HIS O 204 12.67 -36.57 -17.63
CA HIS O 204 12.87 -37.54 -18.69
C HIS O 204 11.50 -37.98 -19.22
N LYS O 205 11.04 -37.28 -20.26
CA LYS O 205 9.70 -37.53 -20.85
C LYS O 205 9.46 -38.97 -21.33
N PRO O 206 10.47 -39.63 -21.93
CA PRO O 206 10.29 -41.03 -22.37
C PRO O 206 9.88 -42.03 -21.28
N SER O 207 10.53 -41.96 -20.10
CA SER O 207 10.18 -42.81 -18.96
C SER O 207 9.26 -42.07 -17.96
N ASN O 208 8.84 -40.86 -18.32
CA ASN O 208 7.93 -40.06 -17.51
C ASN O 208 8.42 -39.91 -16.07
N THR O 209 9.74 -40.00 -15.90
CA THR O 209 10.36 -39.71 -14.63
C THR O 209 10.42 -38.19 -14.49
N LYS O 210 9.84 -37.69 -13.40
CA LYS O 210 10.04 -36.30 -13.00
C LYS O 210 10.65 -36.26 -11.59
N VAL O 211 11.71 -35.47 -11.43
CA VAL O 211 12.46 -35.41 -10.17
C VAL O 211 12.86 -33.98 -9.83
N ASP O 212 12.96 -33.71 -8.53
CA ASP O 212 13.47 -32.44 -8.03
C ASP O 212 14.43 -32.69 -6.86
N LYS O 213 15.72 -32.74 -7.17
CA LYS O 213 16.74 -33.09 -6.18
C LYS O 213 17.32 -31.86 -5.49
N LYS O 214 17.10 -31.80 -4.19
CA LYS O 214 17.52 -30.71 -3.34
C LYS O 214 19.00 -30.89 -2.98
N VAL O 215 19.87 -30.04 -3.52
CA VAL O 215 21.32 -30.19 -3.33
C VAL O 215 21.77 -29.37 -2.10
N GLU O 216 22.21 -30.07 -1.05
CA GLU O 216 22.57 -29.44 0.25
C GLU O 216 24.03 -29.69 0.64
N PRO O 217 24.50 -29.03 1.73
CA PRO O 217 25.81 -29.31 2.29
C PRO O 217 25.69 -30.11 3.59
N LEU P 9 40.95 24.16 -13.07
CA LEU P 9 41.48 23.08 -13.97
C LEU P 9 42.94 23.40 -14.36
N GLY P 10 43.88 22.64 -13.78
CA GLY P 10 45.31 22.68 -14.13
C GLY P 10 45.60 21.81 -15.35
N SER P 11 44.53 21.31 -15.99
CA SER P 11 44.60 20.71 -17.32
C SER P 11 44.55 21.83 -18.37
N ARG P 12 43.87 22.91 -18.03
CA ARG P 12 43.88 24.10 -18.89
C ARG P 12 45.31 24.58 -19.10
N ARG P 13 46.12 24.37 -18.08
CA ARG P 13 47.52 24.76 -18.09
C ARG P 13 48.33 23.93 -19.08
N THR P 14 47.99 22.65 -19.18
CA THR P 14 48.67 21.71 -20.09
C THR P 14 48.46 22.08 -21.57
N LEU P 15 47.24 22.51 -21.89
CA LEU P 15 46.90 22.92 -23.24
C LEU P 15 47.58 24.23 -23.60
N MET P 16 47.63 25.12 -22.63
CA MET P 16 48.28 26.41 -22.82
C MET P 16 49.75 26.21 -23.20
N LEU P 17 50.40 25.26 -22.53
CA LEU P 17 51.82 24.98 -22.79
C LEU P 17 52.01 24.35 -24.15
N LEU P 18 51.17 23.39 -24.48
CA LEU P 18 51.20 22.82 -25.81
C LEU P 18 51.04 23.87 -26.90
N ALA P 19 50.21 24.88 -26.64
CA ALA P 19 49.98 25.96 -27.59
C ALA P 19 51.25 26.73 -27.84
N GLN P 20 51.94 27.04 -26.74
CA GLN P 20 53.15 27.87 -26.80
C GLN P 20 54.31 27.16 -27.48
N MET P 21 54.27 25.84 -27.49
CA MET P 21 55.28 25.04 -28.16
C MET P 21 55.23 25.14 -29.68
N ARG P 22 54.10 25.57 -30.22
CA ARG P 22 53.97 25.63 -31.67
C ARG P 22 55.11 26.46 -32.27
N LYS P 23 55.70 25.92 -33.33
CA LYS P 23 56.76 26.61 -34.05
C LYS P 23 56.36 26.92 -35.48
N ILE P 24 55.64 26.01 -36.13
CA ILE P 24 55.24 26.21 -37.52
C ILE P 24 53.73 26.05 -37.70
N SER P 25 53.20 26.67 -38.75
CA SER P 25 51.78 26.56 -39.04
C SER P 25 51.46 25.27 -39.77
N LEU P 26 50.33 24.70 -39.39
CA LEU P 26 49.80 23.52 -40.04
C LEU P 26 49.42 23.78 -41.49
N PHE P 27 49.21 25.04 -41.83
CA PHE P 27 48.83 25.37 -43.19
C PHE P 27 49.98 25.25 -44.17
N SER P 28 51.22 25.25 -43.67
CA SER P 28 52.37 24.93 -44.50
C SER P 28 52.62 23.42 -44.53
N CYS P 29 51.89 22.67 -43.71
CA CYS P 29 52.04 21.22 -43.63
C CYS P 29 50.84 20.45 -44.12
N LEU P 30 50.08 21.00 -45.05
CA LEU P 30 48.83 20.36 -45.44
C LEU P 30 49.05 19.03 -46.13
N LYS P 31 50.14 18.93 -46.89
CA LYS P 31 50.58 17.65 -47.47
C LYS P 31 50.59 16.51 -46.44
N ASP P 32 50.94 16.82 -45.19
CA ASP P 32 51.20 15.81 -44.15
C ASP P 32 50.07 15.53 -43.17
N ARG P 33 48.89 16.12 -43.38
CA ARG P 33 47.76 15.90 -42.43
C ARG P 33 47.36 14.45 -42.45
N HIS P 34 46.76 14.00 -41.35
CA HIS P 34 46.58 12.58 -41.12
C HIS P 34 45.43 12.34 -40.16
N ASP P 35 44.63 11.32 -40.42
CA ASP P 35 43.59 10.92 -39.48
C ASP P 35 44.11 9.76 -38.63
N PHE P 36 44.19 10.01 -37.32
CA PHE P 36 44.77 9.03 -36.38
C PHE P 36 43.72 8.18 -35.69
N GLY P 37 42.45 8.46 -35.96
CA GLY P 37 41.38 7.67 -35.38
C GLY P 37 41.43 7.60 -33.87
N PHE P 38 41.34 8.78 -33.24
CA PHE P 38 41.28 8.86 -31.80
C PHE P 38 40.03 8.13 -31.26
N PRO P 39 40.23 7.17 -30.35
CA PRO P 39 39.13 6.36 -29.83
C PRO P 39 38.32 7.12 -28.79
N GLN P 40 37.53 8.07 -29.27
CA GLN P 40 36.82 9.00 -28.41
C GLN P 40 35.69 8.35 -27.65
N GLU P 41 35.05 7.37 -28.28
CA GLU P 41 33.93 6.62 -27.67
C GLU P 41 34.27 6.16 -26.26
N GLU P 42 35.56 5.93 -26.02
CA GLU P 42 36.08 5.40 -24.76
C GLU P 42 36.07 6.35 -23.56
N PHE P 43 35.69 7.61 -23.78
CA PHE P 43 35.71 8.62 -22.71
C PHE P 43 34.30 9.14 -22.35
N GLY P 44 34.00 10.38 -22.75
CA GLY P 44 32.94 11.17 -22.12
C GLY P 44 31.78 10.32 -21.64
N ASN P 45 31.08 9.73 -22.61
CA ASN P 45 29.75 9.14 -22.39
C ASN P 45 29.81 7.76 -21.68
N ALA P 50 34.18 9.70 -14.21
CA ALA P 50 34.74 8.97 -13.06
C ALA P 50 34.97 7.50 -13.36
N GLU P 51 34.14 6.92 -14.22
CA GLU P 51 34.41 5.55 -14.70
C GLU P 51 35.47 5.55 -15.83
N THR P 52 35.91 6.74 -16.24
CA THR P 52 36.88 6.93 -17.34
C THR P 52 38.24 7.44 -16.87
N ILE P 53 38.48 7.30 -15.58
CA ILE P 53 39.75 7.68 -15.00
C ILE P 53 40.87 6.83 -15.58
N PRO P 54 40.77 5.49 -15.52
CA PRO P 54 41.88 4.66 -15.98
C PRO P 54 42.30 4.91 -17.42
N VAL P 55 41.35 5.34 -18.24
CA VAL P 55 41.59 5.61 -19.66
C VAL P 55 42.30 6.92 -19.79
N LEU P 56 41.88 7.87 -18.99
CA LEU P 56 42.49 9.17 -18.99
C LEU P 56 43.90 9.04 -18.42
N HIS P 57 44.03 8.21 -17.39
CA HIS P 57 45.32 7.93 -16.80
C HIS P 57 46.29 7.44 -17.87
N GLU P 58 45.83 6.53 -18.70
CA GLU P 58 46.70 5.97 -19.72
C GLU P 58 47.06 6.99 -20.77
N MET P 59 46.14 7.90 -21.04
CA MET P 59 46.37 8.97 -21.98
C MET P 59 47.52 9.83 -21.59
N ILE P 60 47.47 10.30 -20.36
CA ILE P 60 48.50 11.19 -19.85
C ILE P 60 49.84 10.47 -19.92
N GLN P 61 49.85 9.26 -19.37
CA GLN P 61 50.98 8.36 -19.48
C GLN P 61 51.62 8.39 -20.85
N GLN P 62 50.80 8.15 -21.85
CA GLN P 62 51.29 8.01 -23.21
C GLN P 62 51.86 9.28 -23.73
N ILE P 63 51.21 10.39 -23.38
CA ILE P 63 51.64 11.72 -23.79
C ILE P 63 53.00 12.01 -23.17
N PHE P 64 53.10 11.74 -21.89
CA PHE P 64 54.34 11.91 -21.17
C PHE P 64 55.49 11.12 -21.80
N ASN P 65 55.19 9.87 -22.14
CA ASN P 65 56.15 9.02 -22.84
C ASN P 65 56.57 9.63 -24.15
N LEU P 66 55.59 10.04 -24.91
CA LEU P 66 55.80 10.60 -26.23
C LEU P 66 56.77 11.78 -26.21
N PHE P 67 56.47 12.75 -25.35
CA PHE P 67 57.19 14.03 -25.34
C PHE P 67 58.47 13.99 -24.54
N SER P 68 58.82 12.82 -24.03
CA SER P 68 60.05 12.68 -23.25
C SER P 68 61.19 12.14 -24.09
N THR P 69 60.90 11.70 -25.31
CA THR P 69 61.94 11.10 -26.15
C THR P 69 62.98 12.15 -26.53
N LYS P 70 64.18 11.68 -26.87
CA LYS P 70 65.22 12.60 -27.34
C LYS P 70 64.86 13.22 -28.68
N ASP P 71 63.98 12.56 -29.43
CA ASP P 71 63.39 13.13 -30.64
C ASP P 71 62.47 14.31 -30.36
N SER P 72 61.71 14.21 -29.27
CA SER P 72 60.82 15.29 -28.82
C SER P 72 61.62 16.50 -28.34
N SER P 73 62.70 16.25 -27.61
CA SER P 73 63.61 17.32 -27.18
C SER P 73 64.17 18.12 -28.36
N ALA P 74 64.54 17.39 -29.40
CA ALA P 74 65.05 17.99 -30.64
C ALA P 74 63.99 18.83 -31.32
N ALA P 75 62.73 18.45 -31.16
CA ALA P 75 61.63 19.12 -31.84
C ALA P 75 61.14 20.38 -31.12
N TRP P 76 61.16 20.38 -29.79
CA TRP P 76 60.50 21.43 -29.00
C TRP P 76 61.42 22.12 -28.01
N ASP P 77 60.97 23.30 -27.59
CA ASP P 77 61.73 24.16 -26.68
C ASP P 77 61.97 23.47 -25.35
N GLU P 78 63.24 23.36 -24.98
CA GLU P 78 63.62 22.69 -23.75
C GLU P 78 62.93 23.26 -22.51
N THR P 79 62.80 24.58 -22.45
CA THR P 79 62.21 25.25 -21.28
C THR P 79 60.73 24.90 -21.16
N LEU P 80 60.03 24.88 -22.28
CA LEU P 80 58.59 24.62 -22.27
C LEU P 80 58.32 23.16 -21.95
N LEU P 81 59.10 22.26 -22.52
CA LEU P 81 59.01 20.84 -22.23
C LEU P 81 59.11 20.55 -20.73
N ASP P 82 59.95 21.30 -20.04
CA ASP P 82 60.09 21.13 -18.60
C ASP P 82 58.80 21.46 -17.86
N LYS P 83 58.30 22.68 -18.08
CA LYS P 83 57.02 23.15 -17.48
C LYS P 83 55.91 22.16 -17.83
N PHE P 84 56.00 21.61 -19.03
CA PHE P 84 55.06 20.63 -19.53
C PHE P 84 55.10 19.34 -18.71
N TYR P 85 56.29 18.81 -18.49
CA TYR P 85 56.44 17.57 -17.73
C TYR P 85 55.95 17.72 -16.30
N THR P 86 56.35 18.82 -15.66
CA THR P 86 55.83 19.16 -14.35
C THR P 86 54.31 18.99 -14.35
N GLU P 87 53.67 19.53 -15.37
CA GLU P 87 52.21 19.56 -15.42
C GLU P 87 51.60 18.17 -15.63
N LEU P 88 52.23 17.40 -16.50
CA LEU P 88 51.80 16.03 -16.73
C LEU P 88 51.97 15.20 -15.49
N TYR P 89 53.12 15.30 -14.85
CA TYR P 89 53.38 14.56 -13.61
C TYR P 89 52.28 14.78 -12.60
N GLN P 90 51.97 16.06 -12.36
CA GLN P 90 50.93 16.44 -11.40
C GLN P 90 49.68 15.60 -11.65
N GLN P 91 49.24 15.57 -12.89
CA GLN P 91 48.03 14.88 -13.26
C GLN P 91 48.21 13.39 -13.20
N LEU P 92 49.25 12.93 -13.89
CA LEU P 92 49.64 11.52 -13.88
C LEU P 92 49.59 10.92 -12.48
N ASN P 93 50.16 11.63 -11.51
CA ASN P 93 50.21 11.15 -10.12
C ASN P 93 48.85 11.12 -9.46
N ASP P 94 48.04 12.15 -9.71
CA ASP P 94 46.72 12.25 -9.10
C ASP P 94 45.81 11.18 -9.63
N LEU P 95 45.85 10.97 -10.93
CA LEU P 95 45.07 9.93 -11.56
C LEU P 95 45.47 8.52 -11.13
N GLU P 96 46.77 8.30 -10.99
CA GLU P 96 47.27 6.99 -10.58
C GLU P 96 46.77 6.67 -9.19
N ALA P 97 46.81 7.65 -8.29
CA ALA P 97 46.31 7.48 -6.92
C ALA P 97 44.86 7.01 -6.90
N CYS P 98 44.06 7.51 -7.83
CA CYS P 98 42.66 7.11 -7.94
C CYS P 98 42.50 5.70 -8.46
N VAL P 99 43.20 5.41 -9.55
CA VAL P 99 43.26 4.05 -10.10
C VAL P 99 43.68 3.06 -8.99
N ILE P 100 44.71 3.41 -8.22
CA ILE P 100 45.19 2.59 -7.11
C ILE P 100 44.05 2.29 -6.15
N GLN P 101 43.35 3.35 -5.77
CA GLN P 101 42.22 3.23 -4.87
C GLN P 101 41.07 2.54 -5.56
N GLY P 102 39.95 2.40 -4.85
CA GLY P 102 38.76 1.76 -5.40
C GLY P 102 38.42 2.19 -6.82
N VAL P 103 37.95 3.44 -6.95
CA VAL P 103 37.29 4.00 -8.17
C VAL P 103 37.15 3.06 -9.37
N MET P 111 35.57 -4.47 -19.45
CA MET P 111 36.35 -4.09 -20.64
C MET P 111 37.01 -2.71 -20.51
N LYS P 112 37.51 -2.42 -19.31
CA LYS P 112 38.39 -1.23 -19.07
C LYS P 112 39.78 -1.46 -19.67
N GLU P 113 40.08 -2.73 -19.90
CA GLU P 113 41.27 -3.18 -20.62
C GLU P 113 41.18 -2.82 -22.10
N ASP P 114 40.05 -3.14 -22.74
CA ASP P 114 39.78 -2.75 -24.14
C ASP P 114 39.94 -1.26 -24.36
N SER P 115 39.49 -0.47 -23.40
CA SER P 115 39.61 0.98 -23.46
C SER P 115 41.06 1.41 -23.46
N ILE P 116 41.82 0.87 -22.52
CA ILE P 116 43.25 1.17 -22.39
C ILE P 116 44.01 0.71 -23.62
N LEU P 117 43.71 -0.49 -24.09
CA LEU P 117 44.29 -1.00 -25.33
C LEU P 117 44.07 -0.03 -26.50
N ALA P 118 42.84 0.48 -26.61
CA ALA P 118 42.48 1.41 -27.68
C ALA P 118 43.39 2.64 -27.64
N VAL P 119 43.59 3.17 -26.45
CA VAL P 119 44.42 4.37 -26.27
C VAL P 119 45.84 4.10 -26.72
N ARG P 120 46.36 2.97 -26.28
CA ARG P 120 47.72 2.59 -26.60
C ARG P 120 47.94 2.41 -28.09
N LYS P 121 47.01 1.73 -28.76
CA LYS P 121 47.06 1.58 -30.22
C LYS P 121 47.07 2.95 -30.91
N TYR P 122 46.29 3.88 -30.38
CA TYR P 122 46.23 5.23 -30.90
C TYR P 122 47.61 5.86 -30.88
N PHE P 123 48.30 5.77 -29.75
CA PHE P 123 49.66 6.35 -29.64
C PHE P 123 50.71 5.56 -30.40
N GLN P 124 50.43 4.28 -30.60
CA GLN P 124 51.26 3.50 -31.48
C GLN P 124 51.20 4.10 -32.89
N ARG P 125 49.99 4.33 -33.37
CA ARG P 125 49.78 4.93 -34.68
C ARG P 125 50.50 6.28 -34.82
N ILE P 126 50.44 7.08 -33.77
CA ILE P 126 51.09 8.38 -33.76
C ILE P 126 52.60 8.23 -33.91
N THR P 127 53.17 7.33 -33.10
CA THR P 127 54.59 7.05 -33.14
C THR P 127 55.06 6.56 -34.49
N LEU P 128 54.34 5.61 -35.07
CA LEU P 128 54.72 5.06 -36.37
C LEU P 128 54.64 6.12 -37.45
N TYR P 129 53.67 7.03 -37.32
CA TYR P 129 53.53 8.18 -38.22
C TYR P 129 54.77 9.07 -38.24
N LEU P 130 55.36 9.27 -37.05
CA LEU P 130 56.57 10.09 -36.92
C LEU P 130 57.81 9.39 -37.45
N LYS P 131 57.97 8.12 -37.12
CA LYS P 131 59.04 7.30 -37.70
C LYS P 131 58.97 7.37 -39.23
N GLU P 132 57.78 7.19 -39.77
CA GLU P 132 57.57 7.20 -41.23
C GLU P 132 57.95 8.52 -41.87
N LYS P 133 57.59 9.61 -41.20
CA LYS P 133 57.87 10.97 -41.67
C LYS P 133 59.27 11.45 -41.31
N LYS P 134 60.04 10.59 -40.64
CA LYS P 134 61.40 10.88 -40.19
C LYS P 134 61.44 12.12 -39.32
N TYR P 135 60.46 12.20 -38.42
CA TYR P 135 60.38 13.25 -37.39
C TYR P 135 60.52 14.67 -37.95
N SER P 136 59.97 14.90 -39.13
CA SER P 136 60.03 16.23 -39.73
C SER P 136 59.25 17.22 -38.86
N PRO P 137 59.62 18.50 -38.92
CA PRO P 137 58.92 19.58 -38.21
C PRO P 137 57.42 19.61 -38.47
N CYS P 138 57.06 19.31 -39.70
CA CYS P 138 55.66 19.21 -40.10
C CYS P 138 54.93 18.07 -39.42
N ALA P 139 55.55 16.90 -39.47
CA ALA P 139 55.02 15.72 -38.80
C ALA P 139 54.77 16.06 -37.33
N TRP P 140 55.75 16.68 -36.72
CA TRP P 140 55.65 17.09 -35.34
C TRP P 140 54.52 18.04 -35.10
N GLU P 141 54.30 18.93 -36.06
CA GLU P 141 53.22 19.91 -35.93
C GLU P 141 51.86 19.25 -36.01
N VAL P 142 51.68 18.38 -36.99
CA VAL P 142 50.48 17.56 -37.09
C VAL P 142 50.18 16.85 -35.77
N VAL P 143 51.20 16.20 -35.22
CA VAL P 143 51.05 15.44 -34.01
C VAL P 143 50.68 16.36 -32.85
N ARG P 144 51.43 17.44 -32.70
CA ARG P 144 51.13 18.44 -31.67
C ARG P 144 49.65 18.86 -31.75
N ALA P 145 49.20 19.20 -32.96
CA ALA P 145 47.83 19.65 -33.15
C ALA P 145 46.80 18.59 -32.78
N GLU P 146 47.16 17.33 -33.01
CA GLU P 146 46.25 16.22 -32.75
C GLU P 146 46.07 16.07 -31.26
N ILE P 147 47.20 15.91 -30.58
CA ILE P 147 47.20 15.70 -29.15
C ILE P 147 46.46 16.81 -28.47
N MET P 148 46.78 18.00 -28.93
CA MET P 148 46.09 19.18 -28.50
C MET P 148 44.57 18.97 -28.56
N ARG P 149 44.09 18.56 -29.72
CA ARG P 149 42.67 18.36 -29.91
C ARG P 149 42.14 17.20 -29.08
N SER P 150 42.74 16.04 -29.27
CA SER P 150 42.27 14.83 -28.61
C SER P 150 42.40 14.91 -27.08
N PHE P 151 43.31 15.75 -26.57
CA PHE P 151 43.35 16.01 -25.15
C PHE P 151 42.11 16.80 -24.67
N SER P 152 41.74 17.83 -25.41
CA SER P 152 40.57 18.61 -25.05
C SER P 152 39.35 17.71 -25.00
N LEU P 153 39.25 16.81 -25.98
CA LEU P 153 38.11 15.91 -26.08
C LEU P 153 38.04 15.04 -24.87
N SER P 154 39.18 14.45 -24.52
CA SER P 154 39.34 13.67 -23.29
C SER P 154 38.78 14.34 -22.05
N THR P 155 38.98 15.65 -21.94
CA THR P 155 38.75 16.34 -20.68
C THR P 155 37.44 17.13 -20.60
N ASN P 156 36.56 17.02 -21.62
CA ASN P 156 35.16 17.49 -21.50
C ASN P 156 34.10 16.43 -21.84
N ASP Q 1 25.90 15.82 -28.39
CA ASP Q 1 26.99 16.07 -29.39
C ASP Q 1 26.80 17.42 -30.09
N ILE Q 2 27.79 17.83 -30.86
CA ILE Q 2 27.90 19.21 -31.28
C ILE Q 2 26.96 19.50 -32.41
N GLN Q 3 26.08 20.47 -32.18
CA GLN Q 3 25.11 20.91 -33.16
C GLN Q 3 25.51 22.30 -33.59
N MET Q 4 25.13 22.70 -34.80
CA MET Q 4 25.44 24.04 -35.29
C MET Q 4 24.30 24.69 -36.01
N THR Q 5 24.17 25.99 -35.77
CA THR Q 5 23.06 26.80 -36.28
C THR Q 5 23.65 27.89 -37.18
N GLN Q 6 23.26 27.86 -38.45
CA GLN Q 6 23.61 28.93 -39.38
C GLN Q 6 22.54 30.01 -39.43
N SER Q 7 22.97 31.19 -39.83
CA SER Q 7 22.07 32.31 -39.95
C SER Q 7 22.65 33.30 -40.95
N PRO Q 8 21.81 33.83 -41.84
CA PRO Q 8 20.38 33.54 -41.94
C PRO Q 8 20.16 32.17 -42.57
N SER Q 9 18.93 31.68 -42.52
CA SER Q 9 18.58 30.43 -43.21
C SER Q 9 18.57 30.64 -44.72
N SER Q 10 18.22 31.86 -45.11
CA SER Q 10 17.94 32.19 -46.50
C SER Q 10 18.25 33.66 -46.71
N LEU Q 11 18.67 34.01 -47.92
CA LEU Q 11 19.35 35.29 -48.14
C LEU Q 11 19.38 35.69 -49.60
N SER Q 12 19.22 36.99 -49.83
CA SER Q 12 19.17 37.52 -51.19
C SER Q 12 20.02 38.77 -51.30
N ALA Q 13 20.82 38.84 -52.38
CA ALA Q 13 21.78 39.94 -52.57
C ALA Q 13 22.16 40.11 -54.03
N SER Q 14 22.47 41.35 -54.42
CA SER Q 14 22.76 41.68 -55.82
C SER Q 14 24.19 41.30 -56.15
N VAL Q 15 24.49 41.14 -57.44
CA VAL Q 15 25.86 40.84 -57.85
C VAL Q 15 26.78 41.96 -57.42
N GLY Q 16 27.94 41.60 -56.87
CA GLY Q 16 28.92 42.57 -56.40
C GLY Q 16 28.83 42.76 -54.90
N ASP Q 17 27.67 42.46 -54.32
CA ASP Q 17 27.45 42.67 -52.89
C ASP Q 17 28.34 41.81 -52.03
N ARG Q 18 28.53 42.30 -50.82
CA ARG Q 18 29.24 41.58 -49.79
C ARG Q 18 28.23 40.76 -49.03
N VAL Q 19 28.54 39.50 -48.80
CA VAL Q 19 27.61 38.60 -48.14
C VAL Q 19 28.28 37.90 -46.96
N THR Q 20 27.52 37.74 -45.88
CA THR Q 20 28.02 37.18 -44.65
C THR Q 20 27.05 36.14 -44.10
N ILE Q 21 27.58 34.94 -43.90
CA ILE Q 21 26.86 33.85 -43.30
C ILE Q 21 27.60 33.49 -42.04
N THR Q 22 26.88 33.24 -40.95
CA THR Q 22 27.52 32.86 -39.71
C THR Q 22 27.06 31.47 -39.32
N CYS Q 23 27.87 30.84 -38.48
CA CYS Q 23 27.65 29.46 -38.04
C CYS Q 23 27.99 29.41 -36.56
N ARG Q 24 27.09 28.87 -35.75
CA ARG Q 24 27.23 28.90 -34.29
C ARG Q 24 27.20 27.50 -33.70
N ALA Q 25 28.34 27.06 -33.16
CA ALA Q 25 28.46 25.72 -32.60
C ALA Q 25 27.94 25.71 -31.17
N SER Q 26 27.30 24.61 -30.80
CA SER Q 26 26.74 24.47 -29.47
C SER Q 26 27.82 24.44 -28.37
N GLN Q 27 29.09 24.22 -28.75
CA GLN Q 27 30.25 24.32 -27.82
C GLN Q 27 31.60 24.56 -28.56
N SER Q 28 32.71 24.93 -27.85
CA SER Q 28 33.98 25.20 -28.59
C SER Q 28 34.42 24.01 -29.44
N VAL Q 29 34.78 24.38 -30.67
CA VAL Q 29 35.23 23.56 -31.74
C VAL Q 29 36.65 23.98 -32.02
N SER Q 30 37.22 24.69 -31.06
CA SER Q 30 38.59 25.17 -31.12
C SER Q 30 39.52 24.76 -30.00
N THR Q 31 40.75 24.58 -30.48
CA THR Q 31 42.02 24.60 -29.79
C THR Q 31 42.46 26.07 -29.80
N SER Q 32 43.39 26.46 -28.93
CA SER Q 32 43.94 27.82 -28.94
C SER Q 32 44.67 28.15 -30.25
N SER Q 33 45.09 27.12 -30.99
CA SER Q 33 45.85 27.26 -32.24
C SER Q 33 45.04 27.00 -33.53
N TYR Q 34 44.07 26.07 -33.49
CA TYR Q 34 43.25 25.75 -34.69
C TYR Q 34 41.78 25.57 -34.38
N SER Q 35 40.96 25.96 -35.37
CA SER Q 35 39.51 25.76 -35.33
C SER Q 35 39.11 24.71 -36.35
N TYR Q 36 38.37 23.70 -35.90
CA TYR Q 36 38.03 22.55 -36.73
C TYR Q 36 36.62 22.65 -37.27
N MET Q 37 36.40 23.71 -38.04
CA MET Q 37 35.12 24.06 -38.69
C MET Q 37 35.35 24.36 -40.17
N HIS Q 38 34.57 23.75 -41.04
CA HIS Q 38 34.79 23.88 -42.48
C HIS Q 38 33.49 24.28 -43.18
N TRP Q 39 33.64 24.94 -44.32
CA TRP Q 39 32.50 25.42 -45.08
C TRP Q 39 32.41 24.75 -46.44
N TYR Q 40 31.20 24.33 -46.83
CA TYR Q 40 30.96 23.78 -48.16
C TYR Q 40 29.94 24.59 -48.94
N GLN Q 41 29.93 24.33 -50.24
CA GLN Q 41 28.97 24.93 -51.14
C GLN Q 41 28.28 23.82 -51.91
N GLN Q 42 26.96 23.80 -51.88
CA GLN Q 42 26.24 22.82 -52.66
C GLN Q 42 25.35 23.51 -53.64
N LYS Q 43 25.64 23.32 -54.92
CA LYS Q 43 24.78 23.80 -55.98
C LYS Q 43 23.69 22.76 -56.21
N PRO Q 44 22.50 23.20 -56.68
CA PRO Q 44 21.37 22.27 -56.75
C PRO Q 44 21.64 21.04 -57.61
N GLY Q 45 21.27 19.89 -57.08
CA GLY Q 45 21.40 18.61 -57.77
C GLY Q 45 22.84 18.13 -57.86
N LYS Q 46 23.69 18.62 -56.96
CA LYS Q 46 25.12 18.33 -57.00
C LYS Q 46 25.68 18.08 -55.62
N ALA Q 47 26.77 17.34 -55.56
CA ALA Q 47 27.43 17.06 -54.30
C ALA Q 47 28.07 18.32 -53.78
N PRO Q 48 28.20 18.43 -52.45
CA PRO Q 48 28.92 19.55 -51.88
C PRO Q 48 30.37 19.66 -52.36
N LYS Q 49 30.93 20.84 -52.13
CA LYS Q 49 32.27 21.15 -52.55
C LYS Q 49 32.86 22.02 -51.45
N VAL Q 50 33.97 21.56 -50.87
CA VAL Q 50 34.63 22.30 -49.80
C VAL Q 50 35.19 23.62 -50.34
N LEU Q 51 35.07 24.65 -49.52
CA LEU Q 51 35.52 25.99 -49.86
C LEU Q 51 36.62 26.45 -48.92
N ILE Q 52 36.29 26.44 -47.63
CA ILE Q 52 37.19 26.87 -46.60
C ILE Q 52 37.41 25.68 -45.70
N SER Q 53 38.67 25.41 -45.40
CA SER Q 53 39.00 24.40 -44.41
C SER Q 53 39.59 25.08 -43.19
N TYR Q 54 39.40 24.45 -42.04
CA TYR Q 54 39.83 24.95 -40.73
C TYR Q 54 39.53 26.42 -40.52
N ALA Q 55 38.27 26.77 -40.73
CA ALA Q 55 37.75 28.12 -40.43
C ALA Q 55 38.15 29.22 -41.40
N SER Q 56 39.39 29.21 -41.87
CA SER Q 56 39.95 30.32 -42.65
C SER Q 56 40.91 29.94 -43.78
N ASN Q 57 41.25 28.67 -43.91
CA ASN Q 57 42.15 28.26 -44.97
C ASN Q 57 41.38 28.05 -46.27
N LEU Q 58 41.64 28.92 -47.24
CA LEU Q 58 40.93 28.88 -48.50
C LEU Q 58 41.44 27.72 -49.30
N GLU Q 59 40.54 26.83 -49.70
CA GLU Q 59 40.94 25.63 -50.43
C GLU Q 59 41.41 25.91 -51.83
N SER Q 60 42.25 25.01 -52.32
CA SER Q 60 42.88 25.17 -53.62
C SER Q 60 41.82 25.26 -54.72
N GLY Q 61 41.95 26.28 -55.57
CA GLY Q 61 41.07 26.44 -56.72
C GLY Q 61 39.80 27.24 -56.42
N VAL Q 62 39.55 27.55 -55.15
CA VAL Q 62 38.40 28.38 -54.78
C VAL Q 62 38.73 29.86 -55.06
N PRO Q 63 37.79 30.60 -55.68
CA PRO Q 63 37.93 32.04 -55.92
C PRO Q 63 38.19 32.82 -54.64
N SER Q 64 38.95 33.90 -54.78
CA SER Q 64 39.41 34.66 -53.64
C SER Q 64 38.33 35.46 -52.90
N ARG Q 65 37.18 35.73 -53.55
CA ARG Q 65 36.06 36.42 -52.88
C ARG Q 65 35.58 35.67 -51.63
N PHE Q 66 35.84 34.37 -51.60
CA PHE Q 66 35.51 33.54 -50.46
C PHE Q 66 36.58 33.62 -49.37
N SER Q 67 36.10 33.78 -48.13
CA SER Q 67 36.96 33.81 -46.96
C SER Q 67 36.18 33.45 -45.72
N GLY Q 68 36.90 32.91 -44.73
CA GLY Q 68 36.31 32.50 -43.49
C GLY Q 68 37.09 33.07 -42.33
N SER Q 69 36.37 33.53 -41.31
CA SER Q 69 36.97 33.92 -40.04
C SER Q 69 36.21 33.25 -38.92
N GLY Q 70 36.74 33.42 -37.71
CA GLY Q 70 36.09 32.93 -36.49
C GLY Q 70 36.90 31.92 -35.73
N SER Q 71 36.53 31.75 -34.46
CA SER Q 71 37.11 30.73 -33.62
C SER Q 71 36.17 30.45 -32.46
N GLY Q 72 36.42 29.34 -31.79
CA GLY Q 72 35.62 28.91 -30.65
C GLY Q 72 34.30 28.36 -31.13
N THR Q 73 33.24 29.13 -30.94
CA THR Q 73 31.89 28.71 -31.31
C THR Q 73 31.28 29.51 -32.44
N ASP Q 74 31.85 30.67 -32.76
CA ASP Q 74 31.25 31.58 -33.74
C ASP Q 74 32.11 31.75 -34.99
N PHE Q 75 31.57 31.36 -36.14
CA PHE Q 75 32.32 31.36 -37.40
C PHE Q 75 31.53 32.04 -38.51
N THR Q 76 32.25 32.55 -39.50
CA THR Q 76 31.70 33.41 -40.53
C THR Q 76 32.29 33.12 -41.91
N LEU Q 77 31.42 32.73 -42.83
CA LEU Q 77 31.77 32.72 -44.24
C LEU Q 77 31.41 34.04 -44.91
N THR Q 78 32.37 34.60 -45.65
CA THR Q 78 32.15 35.87 -46.33
C THR Q 78 32.44 35.73 -47.81
N ILE Q 79 31.47 36.13 -48.62
CA ILE Q 79 31.68 36.32 -50.05
C ILE Q 79 31.74 37.81 -50.30
N SER Q 80 32.90 38.31 -50.71
CA SER Q 80 33.11 39.76 -50.78
C SER Q 80 32.48 40.42 -52.00
N SER Q 81 32.36 39.67 -53.09
CA SER Q 81 31.81 40.21 -54.35
C SER Q 81 30.94 39.16 -55.01
N LEU Q 82 29.69 39.10 -54.57
CA LEU Q 82 28.77 38.04 -54.98
C LEU Q 82 28.60 37.96 -56.50
N GLN Q 83 28.61 36.73 -57.02
CA GLN Q 83 28.50 36.47 -58.45
C GLN Q 83 27.31 35.55 -58.75
N PRO Q 84 26.82 35.54 -60.00
CA PRO Q 84 25.66 34.72 -60.34
C PRO Q 84 25.88 33.23 -60.11
N GLU Q 85 27.09 32.77 -60.43
CA GLU Q 85 27.50 31.36 -60.24
C GLU Q 85 27.61 30.93 -58.78
N ASP Q 86 27.56 31.91 -57.87
CA ASP Q 86 27.60 31.65 -56.43
C ASP Q 86 26.26 31.30 -55.81
N PHE Q 87 25.22 31.26 -56.63
CA PHE Q 87 23.93 30.73 -56.20
C PHE Q 87 24.11 29.27 -55.76
N ALA Q 88 23.86 29.03 -54.47
CA ALA Q 88 23.94 27.71 -53.87
C ALA Q 88 23.50 27.77 -52.41
N THR Q 89 23.45 26.61 -51.77
CA THR Q 89 23.27 26.52 -50.33
C THR Q 89 24.62 26.24 -49.71
N TYR Q 90 24.89 26.87 -48.58
CA TYR Q 90 26.19 26.78 -47.92
C TYR Q 90 26.05 26.15 -46.56
N TYR Q 91 26.94 25.22 -46.26
CA TYR Q 91 26.90 24.48 -45.01
C TYR Q 91 28.21 24.65 -44.26
N CYS Q 92 28.14 24.58 -42.94
CA CYS Q 92 29.32 24.47 -42.11
C CYS Q 92 29.31 23.08 -41.51
N GLN Q 93 30.49 22.47 -41.37
CA GLN Q 93 30.63 21.26 -40.54
C GLN Q 93 31.91 21.27 -39.71
N HIS Q 94 31.86 20.50 -38.61
CA HIS Q 94 32.95 20.40 -37.70
C HIS Q 94 33.57 19.02 -37.73
N SER Q 95 34.86 18.98 -37.38
CA SER Q 95 35.60 17.73 -37.21
C SER Q 95 36.25 17.74 -35.83
N TRP Q 96 35.51 18.30 -34.89
CA TRP Q 96 35.84 18.21 -33.47
C TRP Q 96 35.23 16.93 -32.91
N GLY Q 97 35.84 15.80 -33.27
CA GLY Q 97 35.37 14.53 -32.80
C GLY Q 97 34.14 14.03 -33.52
N ILE Q 98 33.36 13.23 -32.81
CA ILE Q 98 32.32 12.42 -33.40
C ILE Q 98 31.04 12.60 -32.58
N PRO Q 99 29.88 12.69 -33.25
CA PRO Q 99 29.68 12.61 -34.69
C PRO Q 99 29.99 13.91 -35.40
N ARG Q 100 30.26 13.78 -36.69
CA ARG Q 100 30.43 14.92 -37.56
C ARG Q 100 29.05 15.43 -37.89
N THR Q 101 28.83 16.72 -37.74
CA THR Q 101 27.54 17.30 -38.00
C THR Q 101 27.69 18.52 -38.85
N PHE Q 102 26.67 18.77 -39.67
CA PHE Q 102 26.58 19.95 -40.50
C PHE Q 102 25.59 20.92 -39.90
N GLY Q 103 25.61 22.16 -40.38
CA GLY Q 103 24.56 23.13 -40.08
C GLY Q 103 23.40 22.87 -41.00
N GLN Q 104 22.29 23.56 -40.77
CA GLN Q 104 21.07 23.36 -41.57
C GLN Q 104 21.19 23.92 -42.99
N GLY Q 105 22.12 24.82 -43.19
CA GLY Q 105 22.41 25.35 -44.51
C GLY Q 105 21.86 26.74 -44.69
N THR Q 106 22.43 27.50 -45.61
CA THR Q 106 21.98 28.85 -45.88
C THR Q 106 21.85 29.00 -47.37
N LYS Q 107 20.60 29.18 -47.82
CA LYS Q 107 20.30 29.43 -49.22
C LYS Q 107 20.69 30.84 -49.61
N VAL Q 108 21.48 30.97 -50.65
CA VAL Q 108 21.88 32.27 -51.17
C VAL Q 108 21.34 32.43 -52.57
N GLU Q 109 20.45 33.40 -52.73
CA GLU Q 109 19.90 33.70 -54.04
C GLU Q 109 20.33 35.08 -54.51
N ILE Q 110 20.44 35.21 -55.82
CA ILE Q 110 20.94 36.42 -56.48
C ILE Q 110 19.78 37.38 -56.80
N LYS Q 111 20.04 38.67 -56.58
CA LYS Q 111 19.11 39.75 -56.83
C LYS Q 111 19.52 40.52 -58.09
N ARG Q 112 18.65 40.54 -59.09
CA ARG Q 112 18.95 41.20 -60.37
C ARG Q 112 17.88 42.24 -60.81
N THR Q 113 18.11 42.85 -61.97
CA THR Q 113 17.13 43.73 -62.62
C THR Q 113 15.89 42.91 -62.95
N VAL Q 114 14.72 43.56 -63.01
CA VAL Q 114 13.46 42.88 -63.35
C VAL Q 114 13.43 42.43 -64.82
N ALA Q 115 12.91 41.23 -65.05
CA ALA Q 115 12.73 40.72 -66.40
C ALA Q 115 11.37 40.04 -66.54
N ALA Q 116 10.60 40.50 -67.51
CA ALA Q 116 9.29 39.94 -67.77
C ALA Q 116 9.42 38.51 -68.32
N PRO Q 117 8.44 37.66 -67.99
CA PRO Q 117 8.44 36.29 -68.45
C PRO Q 117 7.95 36.20 -69.88
N SER Q 118 8.43 35.22 -70.62
CA SER Q 118 7.85 34.85 -71.92
C SER Q 118 6.78 33.80 -71.66
N VAL Q 119 5.54 34.10 -71.99
CA VAL Q 119 4.43 33.19 -71.72
C VAL Q 119 4.11 32.34 -72.95
N PHE Q 120 3.78 31.08 -72.70
CA PHE Q 120 3.45 30.10 -73.75
C PHE Q 120 2.33 29.23 -73.21
N ILE Q 121 1.65 28.53 -74.12
CA ILE Q 121 0.55 27.63 -73.76
C ILE Q 121 0.58 26.40 -74.69
N PHE Q 122 0.33 25.22 -74.13
CA PHE Q 122 0.44 23.95 -74.88
C PHE Q 122 -0.78 23.04 -74.76
N PRO Q 123 -1.69 23.07 -75.76
CA PRO Q 123 -2.76 22.07 -75.74
C PRO Q 123 -2.23 20.61 -75.71
N PRO Q 124 -3.04 19.68 -75.16
CA PRO Q 124 -2.62 18.28 -75.03
C PRO Q 124 -2.29 17.61 -76.36
N SER Q 125 -1.39 16.62 -76.32
CA SER Q 125 -1.20 15.77 -77.48
C SER Q 125 -2.47 14.97 -77.76
N ASP Q 126 -2.53 14.37 -78.94
CA ASP Q 126 -3.67 13.55 -79.30
C ASP Q 126 -3.54 12.12 -78.75
N GLU Q 127 -2.31 11.66 -78.56
CA GLU Q 127 -2.11 10.34 -77.97
C GLU Q 127 -2.41 10.34 -76.49
N GLN Q 128 -2.31 11.51 -75.85
CA GLN Q 128 -2.79 11.65 -74.48
C GLN Q 128 -4.31 11.62 -74.44
N LEU Q 129 -4.93 12.25 -75.41
CA LEU Q 129 -6.38 12.18 -75.57
C LEU Q 129 -6.89 10.78 -75.96
N LYS Q 130 -6.01 9.95 -76.52
CA LYS Q 130 -6.35 8.52 -76.72
C LYS Q 130 -6.60 7.84 -75.37
N SER Q 131 -5.75 8.12 -74.39
CA SER Q 131 -6.04 7.77 -72.99
C SER Q 131 -7.02 8.79 -72.41
N GLY Q 132 -7.51 8.52 -71.19
CA GLY Q 132 -8.70 9.22 -70.70
C GLY Q 132 -8.58 10.69 -70.31
N THR Q 133 -7.42 11.31 -70.56
CA THR Q 133 -7.09 12.61 -69.93
C THR Q 133 -6.59 13.69 -70.90
N ALA Q 134 -6.43 14.90 -70.35
CA ALA Q 134 -5.91 16.07 -71.06
C ALA Q 134 -5.14 17.00 -70.11
N SER Q 135 -3.86 17.23 -70.41
CA SER Q 135 -2.98 18.08 -69.59
C SER Q 135 -2.51 19.31 -70.38
N VAL Q 136 -2.98 20.49 -69.92
CA VAL Q 136 -2.66 21.75 -70.57
C VAL Q 136 -1.58 22.45 -69.79
N VAL Q 137 -0.60 22.98 -70.51
CA VAL Q 137 0.58 23.60 -69.88
C VAL Q 137 0.73 25.06 -70.33
N CYS Q 138 0.97 25.91 -69.32
CA CYS Q 138 1.38 27.30 -69.50
C CYS Q 138 2.86 27.32 -69.12
N LEU Q 139 3.63 28.14 -69.83
CA LEU Q 139 5.06 28.19 -69.64
C LEU Q 139 5.58 29.62 -69.57
N LEU Q 140 6.11 29.97 -68.40
CA LEU Q 140 6.72 31.28 -68.17
C LEU Q 140 8.26 31.17 -68.19
N ASN Q 141 8.92 31.93 -69.07
CA ASN Q 141 10.33 31.70 -69.39
C ASN Q 141 11.24 32.90 -69.07
N ASN Q 142 12.24 32.65 -68.22
CA ASN Q 142 13.34 33.59 -67.93
C ASN Q 142 12.82 34.89 -67.37
N PHE Q 143 12.48 34.85 -66.09
CA PHE Q 143 11.88 36.00 -65.44
C PHE Q 143 12.43 36.17 -64.05
N TYR Q 144 12.32 37.39 -63.55
CA TYR Q 144 12.71 37.72 -62.20
C TYR Q 144 11.82 38.87 -61.77
N PRO Q 145 11.33 38.86 -60.51
CA PRO Q 145 11.58 37.92 -59.41
C PRO Q 145 10.82 36.59 -59.50
N ARG Q 146 11.02 35.71 -58.51
CA ARG Q 146 10.36 34.39 -58.51
C ARG Q 146 8.87 34.57 -58.39
N GLU Q 147 8.48 35.44 -57.47
CA GLU Q 147 7.10 35.63 -57.11
C GLU Q 147 6.34 35.94 -58.37
N ALA Q 148 5.34 35.12 -58.65
CA ALA Q 148 4.55 35.18 -59.88
C ALA Q 148 3.16 34.61 -59.60
N LYS Q 149 2.22 34.81 -60.53
CA LYS Q 149 0.82 34.43 -60.33
C LYS Q 149 0.15 33.96 -61.61
N VAL Q 150 0.18 32.65 -61.85
CA VAL Q 150 -0.49 32.07 -63.01
C VAL Q 150 -1.95 31.81 -62.66
N GLN Q 151 -2.80 31.77 -63.68
CA GLN Q 151 -4.24 31.79 -63.47
C GLN Q 151 -4.98 31.13 -64.65
N TRP Q 152 -5.48 29.92 -64.43
CA TRP Q 152 -6.23 29.19 -65.46
C TRP Q 152 -7.71 29.56 -65.54
N LYS Q 153 -8.15 29.80 -66.77
CA LYS Q 153 -9.57 30.02 -67.07
C LYS Q 153 -9.99 29.13 -68.23
N VAL Q 154 -11.16 28.52 -68.08
CA VAL Q 154 -11.76 27.73 -69.14
C VAL Q 154 -13.10 28.32 -69.46
N ASP Q 155 -13.33 28.63 -70.74
CA ASP Q 155 -14.54 29.38 -71.13
C ASP Q 155 -14.67 30.60 -70.21
N ASN Q 156 -13.51 31.16 -69.84
CA ASN Q 156 -13.42 32.36 -69.01
C ASN Q 156 -13.63 32.16 -67.48
N ALA Q 157 -13.97 30.93 -67.04
CA ALA Q 157 -14.21 30.63 -65.61
C ALA Q 157 -12.95 30.16 -64.87
N LEU Q 158 -12.77 30.63 -63.63
CA LEU Q 158 -11.53 30.37 -62.84
C LEU Q 158 -11.37 28.95 -62.32
N GLN Q 159 -10.28 28.32 -62.71
CA GLN Q 159 -9.96 26.96 -62.25
C GLN Q 159 -9.31 26.98 -60.86
N SER Q 160 -9.70 26.03 -60.00
CA SER Q 160 -9.16 25.94 -58.63
C SER Q 160 -8.85 24.50 -58.18
N GLY Q 161 -7.69 24.33 -57.54
CA GLY Q 161 -7.25 23.03 -57.03
C GLY Q 161 -6.68 22.05 -58.06
N ASN Q 162 -7.15 22.14 -59.31
CA ASN Q 162 -6.90 21.12 -60.33
C ASN Q 162 -5.64 21.32 -61.20
N SER Q 163 -4.67 22.07 -60.69
CA SER Q 163 -3.42 22.28 -61.40
C SER Q 163 -2.24 22.47 -60.46
N GLN Q 164 -1.04 22.20 -60.99
CA GLN Q 164 0.20 22.31 -60.25
C GLN Q 164 1.21 23.08 -61.04
N GLU Q 165 2.19 23.64 -60.35
CA GLU Q 165 3.25 24.36 -61.02
C GLU Q 165 4.60 23.96 -60.48
N SER Q 166 5.58 23.95 -61.37
CA SER Q 166 6.93 23.51 -61.02
C SER Q 166 7.87 24.67 -61.35
N VAL Q 167 8.94 24.83 -60.57
CA VAL Q 167 9.84 26.00 -60.68
C VAL Q 167 11.33 25.63 -60.72
N THR Q 168 12.05 26.16 -61.70
CA THR Q 168 13.48 25.89 -61.81
C THR Q 168 14.25 26.55 -60.68
N GLU Q 169 15.39 25.94 -60.37
CA GLU Q 169 16.39 26.59 -59.56
C GLU Q 169 16.91 27.79 -60.34
N GLN Q 170 17.41 28.77 -59.63
CA GLN Q 170 17.86 30.01 -60.26
C GLN Q 170 18.95 29.72 -61.28
N ASP Q 171 18.86 30.32 -62.45
CA ASP Q 171 19.92 30.16 -63.42
C ASP Q 171 21.20 30.83 -62.91
N SER Q 172 22.33 30.22 -63.24
CA SER Q 172 23.62 30.57 -62.66
C SER Q 172 24.46 31.47 -63.57
N LYS Q 173 23.95 31.77 -64.76
CA LYS Q 173 24.55 32.79 -65.62
C LYS Q 173 23.77 34.09 -65.50
N ASP Q 174 22.51 34.03 -65.92
CA ASP Q 174 21.64 35.22 -66.04
C ASP Q 174 20.69 35.40 -64.85
N SER Q 175 20.78 34.51 -63.86
CA SER Q 175 20.00 34.60 -62.60
C SER Q 175 18.46 34.51 -62.73
N THR Q 176 17.98 33.96 -63.85
CA THR Q 176 16.57 33.90 -64.17
C THR Q 176 15.88 32.62 -63.71
N TYR Q 177 14.57 32.75 -63.53
CA TYR Q 177 13.73 31.62 -63.23
C TYR Q 177 12.94 31.23 -64.46
N SER Q 178 12.31 30.06 -64.41
CA SER Q 178 11.22 29.65 -65.34
C SER Q 178 10.17 28.79 -64.57
N LEU Q 179 8.88 28.94 -64.90
CA LEU Q 179 7.79 28.24 -64.19
C LEU Q 179 6.99 27.39 -65.18
N SER Q 180 6.33 26.32 -64.69
CA SER Q 180 5.38 25.57 -65.51
C SER Q 180 4.16 25.21 -64.71
N SER Q 181 3.07 25.92 -64.98
CA SER Q 181 1.75 25.56 -64.46
C SER Q 181 1.19 24.49 -65.36
N THR Q 182 0.42 23.57 -64.76
CA THR Q 182 -0.18 22.46 -65.49
C THR Q 182 -1.57 22.13 -64.97
N LEU Q 183 -2.58 22.53 -65.73
CA LEU Q 183 -3.97 22.17 -65.48
C LEU Q 183 -4.23 20.80 -66.07
N THR Q 184 -5.02 20.00 -65.35
CA THR Q 184 -5.33 18.65 -65.80
C THR Q 184 -6.83 18.36 -65.65
N LEU Q 185 -7.47 17.99 -66.77
CA LEU Q 185 -8.90 17.60 -66.80
C LEU Q 185 -9.10 16.31 -67.57
N SER Q 186 -10.24 15.66 -67.34
CA SER Q 186 -10.59 14.46 -68.10
C SER Q 186 -10.75 14.81 -69.57
N LYS Q 187 -10.42 13.86 -70.45
CA LYS Q 187 -10.67 14.00 -71.88
C LYS Q 187 -12.13 14.42 -72.09
N ALA Q 188 -13.03 13.63 -71.51
CA ALA Q 188 -14.47 13.89 -71.51
C ALA Q 188 -14.81 15.34 -71.18
N ASP Q 189 -14.22 15.84 -70.10
CA ASP Q 189 -14.54 17.17 -69.58
C ASP Q 189 -13.90 18.30 -70.41
N TYR Q 190 -12.67 18.04 -70.88
CA TYR Q 190 -11.94 18.97 -71.75
C TYR Q 190 -12.72 19.38 -73.00
N GLU Q 191 -13.50 18.46 -73.56
CA GLU Q 191 -14.16 18.68 -74.85
C GLU Q 191 -15.51 19.39 -74.72
N LYS Q 192 -15.90 19.69 -73.49
CA LYS Q 192 -17.12 20.45 -73.23
C LYS Q 192 -16.81 21.95 -73.05
N HIS Q 193 -15.55 22.32 -73.30
CA HIS Q 193 -15.14 23.72 -73.38
C HIS Q 193 -14.24 23.95 -74.59
N LYS Q 194 -13.91 25.22 -74.86
CA LYS Q 194 -13.21 25.59 -76.10
C LYS Q 194 -12.12 26.64 -75.90
N VAL Q 195 -12.42 27.67 -75.10
CA VAL Q 195 -11.45 28.74 -74.81
C VAL Q 195 -10.66 28.43 -73.55
N TYR Q 196 -9.42 27.98 -73.75
CA TYR Q 196 -8.53 27.66 -72.63
C TYR Q 196 -7.46 28.71 -72.55
N ALA Q 197 -7.30 29.29 -71.37
CA ALA Q 197 -6.39 30.43 -71.19
C ALA Q 197 -5.62 30.37 -69.85
N CYS Q 198 -4.40 30.94 -69.84
CA CYS Q 198 -3.67 31.18 -68.59
C CYS Q 198 -3.33 32.66 -68.48
N GLU Q 199 -3.68 33.27 -67.36
CA GLU Q 199 -3.40 34.69 -67.12
C GLU Q 199 -2.26 34.91 -66.11
N VAL Q 200 -1.10 35.26 -66.65
CA VAL Q 200 0.11 35.43 -65.88
C VAL Q 200 0.22 36.86 -65.36
N THR Q 201 0.11 37.00 -64.04
CA THR Q 201 0.38 38.27 -63.37
C THR Q 201 1.83 38.27 -62.84
N HIS Q 202 2.61 39.27 -63.27
CA HIS Q 202 4.01 39.44 -62.85
C HIS Q 202 4.39 40.93 -62.80
N GLN Q 203 5.55 41.18 -62.20
CA GLN Q 203 6.03 42.53 -61.90
C GLN Q 203 6.57 43.31 -63.11
N GLY Q 204 7.27 42.62 -64.03
CA GLY Q 204 7.80 43.23 -65.26
C GLY Q 204 6.83 43.27 -66.43
N LEU Q 205 5.58 42.87 -66.18
CA LEU Q 205 4.46 43.03 -67.11
C LEU Q 205 3.55 44.06 -66.52
N SER Q 206 3.33 45.13 -67.25
CA SER Q 206 2.55 46.25 -66.71
C SER Q 206 1.03 45.97 -66.64
N SER Q 207 0.53 44.96 -67.36
CA SER Q 207 -0.78 44.36 -67.03
C SER Q 207 -0.72 42.85 -67.30
N PRO Q 208 -1.49 42.04 -66.54
CA PRO Q 208 -1.45 40.57 -66.66
C PRO Q 208 -1.62 40.04 -68.09
N VAL Q 209 -0.72 39.15 -68.51
CA VAL Q 209 -0.69 38.61 -69.89
C VAL Q 209 -1.56 37.34 -70.00
N THR Q 210 -2.20 37.19 -71.16
CA THR Q 210 -3.02 36.00 -71.43
C THR Q 210 -2.54 35.32 -72.71
N LYS Q 211 -2.25 34.03 -72.61
CA LYS Q 211 -2.09 33.16 -73.78
C LYS Q 211 -3.26 32.21 -73.76
N SER Q 212 -3.83 31.95 -74.92
CA SER Q 212 -5.00 31.09 -74.99
C SER Q 212 -5.01 30.31 -76.30
N PHE Q 213 -6.02 29.46 -76.43
CA PHE Q 213 -6.28 28.77 -77.67
C PHE Q 213 -7.75 28.33 -77.74
N ASN Q 214 -8.20 28.08 -78.97
CA ASN Q 214 -9.48 27.45 -79.24
C ASN Q 214 -9.24 25.97 -79.51
N ARG Q 215 -10.19 25.14 -79.08
CA ARG Q 215 -10.02 23.68 -79.16
C ARG Q 215 -10.05 23.17 -80.61
N GLY Q 216 -9.22 22.16 -80.90
CA GLY Q 216 -9.14 21.52 -82.23
C GLY Q 216 -8.31 22.25 -83.30
N GLU Q 217 -7.59 23.30 -82.88
CA GLU Q 217 -6.90 24.21 -83.80
C GLU Q 217 -5.62 24.75 -83.15
N GLU R 1 43.13 10.13 -61.42
CA GLU R 1 41.94 11.02 -61.21
C GLU R 1 40.92 10.32 -60.31
N VAL R 2 40.70 10.91 -59.14
CA VAL R 2 39.93 10.26 -58.11
C VAL R 2 38.49 10.20 -58.54
N GLN R 3 37.84 9.08 -58.24
CA GLN R 3 36.48 8.87 -58.66
C GLN R 3 35.75 7.89 -57.75
N LEU R 4 34.61 8.35 -57.23
CA LEU R 4 33.81 7.58 -56.29
C LEU R 4 32.46 7.33 -56.92
N VAL R 5 32.07 6.07 -56.96
CA VAL R 5 30.87 5.65 -57.69
C VAL R 5 29.98 4.81 -56.80
N GLU R 6 28.95 5.43 -56.25
CA GLU R 6 28.00 4.69 -55.44
C GLU R 6 26.89 4.10 -56.33
N SER R 7 26.40 2.94 -55.92
CA SER R 7 25.36 2.21 -56.63
C SER R 7 24.60 1.31 -55.67
N GLY R 8 23.48 0.77 -56.15
CA GLY R 8 22.63 -0.08 -55.34
C GLY R 8 21.43 0.65 -54.75
N GLY R 9 21.26 1.92 -55.11
CA GLY R 9 20.11 2.71 -54.66
C GLY R 9 18.85 2.26 -55.35
N GLY R 10 17.71 2.68 -54.81
CA GLY R 10 16.42 2.31 -55.39
C GLY R 10 15.29 2.38 -54.38
N LEU R 11 14.33 1.47 -54.54
CA LEU R 11 13.10 1.45 -53.75
C LEU R 11 13.09 0.26 -52.82
N VAL R 12 12.72 0.51 -51.57
CA VAL R 12 12.48 -0.56 -50.61
C VAL R 12 11.26 -0.25 -49.81
N GLN R 13 10.56 -1.30 -49.39
CA GLN R 13 9.50 -1.04 -48.48
C GLN R 13 9.97 -0.88 -47.06
N PRO R 14 9.14 -0.21 -46.23
CA PRO R 14 9.58 0.03 -44.86
C PRO R 14 9.85 -1.27 -44.12
N GLY R 15 10.85 -1.28 -43.25
CA GLY R 15 11.25 -2.50 -42.56
C GLY R 15 12.18 -3.36 -43.38
N GLY R 16 12.30 -3.05 -44.67
CA GLY R 16 13.19 -3.77 -45.56
C GLY R 16 14.64 -3.35 -45.39
N SER R 17 15.50 -3.95 -46.19
CA SER R 17 16.94 -3.73 -46.08
C SER R 17 17.57 -3.47 -47.44
N LEU R 18 18.71 -2.78 -47.44
CA LEU R 18 19.41 -2.42 -48.66
C LEU R 18 20.89 -2.45 -48.46
N ARG R 19 21.62 -2.63 -49.55
CA ARG R 19 23.07 -2.54 -49.51
C ARG R 19 23.63 -1.63 -50.56
N LEU R 20 24.12 -0.47 -50.13
CA LEU R 20 24.81 0.45 -50.99
C LEU R 20 26.27 0.09 -51.07
N SER R 21 26.84 0.26 -52.26
CA SER R 21 28.24 0.01 -52.46
C SER R 21 28.87 1.22 -53.14
N CYS R 22 30.13 1.46 -52.82
CA CYS R 22 30.88 2.58 -53.36
C CYS R 22 32.21 2.10 -53.92
N ALA R 23 32.36 2.19 -55.23
CA ALA R 23 33.55 1.72 -55.91
C ALA R 23 34.47 2.89 -56.19
N THR R 24 35.69 2.82 -55.67
CA THR R 24 36.61 3.92 -55.79
C THR R 24 37.66 3.63 -56.87
N SER R 25 38.37 4.69 -57.28
CA SER R 25 39.43 4.57 -58.28
C SER R 25 40.27 5.83 -58.35
N GLY R 26 41.52 5.68 -58.74
CA GLY R 26 42.38 6.83 -59.07
C GLY R 26 43.25 7.37 -57.94
N TYR R 27 43.40 6.59 -56.88
CA TYR R 27 44.26 6.97 -55.74
C TYR R 27 44.66 5.70 -54.99
N THR R 28 45.67 5.78 -54.12
CA THR R 28 46.05 4.60 -53.31
C THR R 28 44.98 4.35 -52.26
N PHE R 29 44.36 3.18 -52.35
CA PHE R 29 43.14 2.89 -51.59
C PHE R 29 43.23 3.16 -50.09
N THR R 30 44.34 2.74 -49.49
CA THR R 30 44.51 2.82 -48.04
C THR R 30 44.71 4.25 -47.55
N GLU R 31 44.82 5.20 -48.46
CA GLU R 31 45.17 6.57 -48.07
C GLU R 31 43.98 7.40 -47.66
N TYR R 32 42.79 7.08 -48.16
CA TYR R 32 41.61 7.86 -47.83
C TYR R 32 40.63 7.09 -46.98
N ILE R 33 40.03 7.81 -46.04
CA ILE R 33 38.88 7.33 -45.29
C ILE R 33 37.62 7.56 -46.09
N ILE R 34 36.79 6.53 -46.17
CA ILE R 34 35.57 6.59 -46.94
C ILE R 34 34.41 6.79 -45.99
N HIS R 35 33.51 7.67 -46.41
CA HIS R 35 32.37 8.07 -45.61
C HIS R 35 31.13 7.82 -46.38
N TRP R 36 30.03 7.72 -45.63
CA TRP R 36 28.71 7.85 -46.19
C TRP R 36 28.04 9.05 -45.54
N VAL R 37 27.44 9.89 -46.40
CA VAL R 37 26.74 11.09 -45.98
C VAL R 37 25.46 11.15 -46.77
N ARG R 38 24.35 11.35 -46.08
CA ARG R 38 23.06 11.38 -46.77
C ARG R 38 22.42 12.76 -46.67
N GLN R 39 21.41 12.95 -47.51
CA GLN R 39 20.68 14.20 -47.62
C GLN R 39 19.24 13.95 -48.04
N ALA R 40 18.32 14.13 -47.11
CA ALA R 40 16.90 14.02 -47.44
C ALA R 40 16.53 15.09 -48.48
N PRO R 41 15.56 14.77 -49.37
CA PRO R 41 15.25 15.71 -50.44
C PRO R 41 14.77 17.04 -49.88
N GLY R 42 15.45 18.12 -50.28
CA GLY R 42 15.15 19.45 -49.77
C GLY R 42 15.90 19.79 -48.50
N LYS R 43 16.27 18.76 -47.72
CA LYS R 43 16.85 18.98 -46.39
C LYS R 43 18.36 19.09 -46.44
N GLY R 44 18.95 19.17 -45.25
CA GLY R 44 20.39 19.32 -45.08
C GLY R 44 21.13 18.00 -45.09
N LEU R 45 22.41 18.08 -44.70
CA LEU R 45 23.35 16.99 -44.81
C LEU R 45 23.49 16.28 -43.49
N GLU R 46 23.64 14.96 -43.54
CA GLU R 46 23.77 14.15 -42.35
C GLU R 46 24.83 13.07 -42.53
N TRP R 47 25.85 13.11 -41.67
CA TRP R 47 26.91 12.12 -41.68
C TRP R 47 26.39 10.83 -41.11
N VAL R 48 26.69 9.73 -41.79
CA VAL R 48 26.21 8.42 -41.38
C VAL R 48 27.30 7.60 -40.71
N ALA R 49 28.36 7.32 -41.46
CA ALA R 49 29.44 6.48 -40.97
C ALA R 49 30.69 6.68 -41.81
N SER R 50 31.81 6.28 -41.22
CA SER R 50 33.11 6.27 -41.92
C SER R 50 33.90 5.01 -41.61
N ILE R 51 34.75 4.62 -42.55
CA ILE R 51 35.63 3.46 -42.38
C ILE R 51 37.05 3.78 -42.85
N ASN R 52 38.02 3.30 -42.08
CA ASN R 52 39.44 3.53 -42.37
C ASN R 52 40.15 2.27 -42.87
N PRO R 53 40.45 2.23 -44.19
CA PRO R 53 40.99 1.03 -44.82
C PRO R 53 42.42 0.72 -44.39
N ASP R 54 43.16 1.73 -43.98
CA ASP R 54 44.56 1.57 -43.61
C ASP R 54 44.68 0.79 -42.32
N TYR R 55 43.96 1.26 -41.31
CA TYR R 55 43.83 0.53 -40.05
C TYR R 55 42.63 -0.39 -40.23
N ASP R 56 41.63 -0.31 -39.37
CA ASP R 56 40.35 -0.97 -39.67
C ASP R 56 39.23 -0.33 -38.86
N ILE R 57 39.43 0.93 -38.51
CA ILE R 57 38.56 1.62 -37.59
C ILE R 57 37.30 2.00 -38.36
N THR R 58 36.17 1.94 -37.67
CA THR R 58 34.92 2.44 -38.19
C THR R 58 34.31 3.37 -37.18
N ASN R 59 33.47 4.27 -37.66
CA ASN R 59 32.73 5.17 -36.78
C ASN R 59 31.34 5.36 -37.29
N TYR R 60 30.41 5.54 -36.36
CA TYR R 60 29.00 5.67 -36.69
C TYR R 60 28.37 6.87 -36.03
N ASN R 61 27.42 7.46 -36.73
CA ASN R 61 26.48 8.36 -36.09
C ASN R 61 25.57 7.50 -35.23
N GLN R 62 25.47 7.85 -33.95
CA GLN R 62 24.69 7.05 -32.97
C GLN R 62 23.25 6.74 -33.38
N ARG R 63 22.64 7.64 -34.16
CA ARG R 63 21.31 7.38 -34.72
C ARG R 63 21.22 6.04 -35.46
N PHE R 64 22.27 5.69 -36.20
CA PHE R 64 22.27 4.51 -37.06
C PHE R 64 23.07 3.31 -36.52
N LYS R 65 23.49 3.40 -35.26
CA LYS R 65 24.35 2.38 -34.67
C LYS R 65 23.75 0.98 -34.84
N GLY R 66 22.48 0.82 -34.48
CA GLY R 66 21.80 -0.47 -34.54
C GLY R 66 21.59 -1.03 -35.94
N ARG R 67 21.26 -0.16 -36.88
CA ARG R 67 20.68 -0.61 -38.15
C ARG R 67 21.67 -0.66 -39.29
N PHE R 68 22.57 0.31 -39.35
CA PHE R 68 23.48 0.44 -40.50
C PHE R 68 24.85 -0.14 -40.18
N THR R 69 25.46 -0.78 -41.18
CA THR R 69 26.83 -1.33 -41.06
C THR R 69 27.62 -0.95 -42.27
N ILE R 70 28.78 -0.37 -41.97
CA ILE R 70 29.74 -0.01 -43.00
C ILE R 70 30.84 -1.04 -42.96
N SER R 71 31.40 -1.34 -44.11
CA SER R 71 32.38 -2.40 -44.22
C SER R 71 33.04 -2.22 -45.55
N LEU R 72 34.09 -2.98 -45.83
CA LEU R 72 34.71 -2.86 -47.15
C LEU R 72 35.42 -4.10 -47.66
N ASP R 73 35.70 -4.07 -48.96
CA ASP R 73 36.46 -5.10 -49.65
C ASP R 73 37.63 -4.45 -50.37
N LYS R 74 38.81 -4.62 -49.78
CA LYS R 74 40.01 -3.94 -50.24
C LYS R 74 40.45 -4.39 -51.63
N SER R 75 40.34 -5.68 -51.91
CA SER R 75 40.68 -6.17 -53.24
C SER R 75 39.79 -5.52 -54.31
N LYS R 76 38.52 -5.32 -54.01
CA LYS R 76 37.59 -4.69 -54.96
C LYS R 76 37.58 -3.16 -54.85
N ARG R 77 38.45 -2.59 -54.03
CA ARG R 77 38.49 -1.15 -53.80
C ARG R 77 37.08 -0.63 -53.59
N THR R 78 36.33 -1.30 -52.74
CA THR R 78 34.91 -1.00 -52.59
C THR R 78 34.47 -0.96 -51.14
N ALA R 79 33.74 0.08 -50.77
CA ALA R 79 33.09 0.17 -49.46
C ALA R 79 31.58 -0.04 -49.58
N TYR R 80 30.98 -0.60 -48.54
CA TYR R 80 29.58 -0.97 -48.55
C TYR R 80 28.88 -0.37 -47.38
N LEU R 81 27.62 0.02 -47.57
CA LEU R 81 26.76 0.41 -46.47
C LEU R 81 25.52 -0.46 -46.47
N GLN R 82 25.43 -1.33 -45.46
CA GLN R 82 24.27 -2.20 -45.28
C GLN R 82 23.24 -1.54 -44.38
N MET R 83 22.06 -1.28 -44.93
CA MET R 83 20.99 -0.67 -44.17
C MET R 83 19.90 -1.67 -43.89
N ASN R 84 19.37 -1.61 -42.67
CA ASN R 84 18.31 -2.49 -42.22
C ASN R 84 17.13 -1.75 -41.63
N SER R 85 16.03 -2.48 -41.47
CA SER R 85 14.85 -1.94 -40.79
C SER R 85 14.57 -0.50 -41.21
N LEU R 86 14.59 -0.27 -42.52
CA LEU R 86 14.49 1.07 -43.05
C LEU R 86 13.12 1.71 -42.75
N ARG R 87 13.18 2.89 -42.15
CA ARG R 87 12.00 3.71 -41.92
C ARG R 87 11.82 4.61 -43.13
N ALA R 88 10.70 5.33 -43.16
CA ALA R 88 10.43 6.27 -44.25
C ALA R 88 11.32 7.51 -44.17
N GLU R 89 11.83 7.83 -42.98
CA GLU R 89 12.72 9.00 -42.78
C GLU R 89 14.13 8.76 -43.26
N ASP R 90 14.38 7.57 -43.79
CA ASP R 90 15.69 7.21 -44.32
C ASP R 90 15.78 7.51 -45.80
N THR R 91 14.65 7.85 -46.39
CA THR R 91 14.62 8.29 -47.76
C THR R 91 15.54 9.48 -47.92
N ALA R 92 16.61 9.29 -48.70
CA ALA R 92 17.58 10.34 -48.93
C ALA R 92 18.51 9.94 -50.07
N VAL R 93 19.26 10.92 -50.54
CA VAL R 93 20.35 10.67 -51.47
C VAL R 93 21.54 10.31 -50.63
N TYR R 94 22.18 9.20 -50.96
CA TYR R 94 23.33 8.74 -50.18
C TYR R 94 24.62 8.97 -50.92
N TYR R 95 25.43 9.87 -50.39
CA TYR R 95 26.69 10.20 -50.99
C TYR R 95 27.77 9.34 -50.41
N CYS R 96 28.69 8.97 -51.28
CA CYS R 96 29.92 8.37 -50.87
C CYS R 96 30.93 9.50 -50.92
N ALA R 97 31.67 9.69 -49.83
CA ALA R 97 32.67 10.77 -49.77
C ALA R 97 33.98 10.28 -49.15
N SER R 98 35.07 10.98 -49.47
CA SER R 98 36.41 10.61 -48.98
C SER R 98 37.13 11.78 -48.38
N TRP R 99 38.01 11.47 -47.45
CA TRP R 99 38.90 12.48 -46.91
C TRP R 99 40.20 11.87 -46.43
N ILE R 100 41.21 12.70 -46.32
CA ILE R 100 42.44 12.31 -45.67
C ILE R 100 42.32 12.65 -44.18
N SER R 101 41.79 13.82 -43.92
CA SER R 101 41.50 14.23 -42.56
C SER R 101 40.64 15.50 -42.49
N ASP R 102 39.75 15.52 -41.50
CA ASP R 102 38.95 16.69 -41.13
C ASP R 102 37.83 17.14 -42.08
N PHE R 103 38.17 17.29 -43.36
CA PHE R 103 37.21 17.74 -44.33
C PHE R 103 37.27 16.90 -45.60
N PHE R 104 36.16 16.88 -46.33
CA PHE R 104 35.98 15.97 -47.46
C PHE R 104 36.64 16.48 -48.72
N ASP R 105 37.47 15.64 -49.31
CA ASP R 105 38.22 15.98 -50.51
C ASP R 105 37.44 15.61 -51.76
N TYR R 106 36.68 14.52 -51.70
CA TYR R 106 35.99 13.97 -52.89
C TYR R 106 34.61 13.44 -52.58
N TRP R 107 33.78 13.36 -53.62
CA TRP R 107 32.40 12.91 -53.49
C TRP R 107 32.00 12.04 -54.66
N GLY R 108 30.95 11.24 -54.44
CA GLY R 108 30.25 10.57 -55.53
C GLY R 108 29.20 11.50 -56.10
N GLN R 109 28.39 10.97 -57.02
CA GLN R 109 27.29 11.73 -57.62
C GLN R 109 26.02 11.57 -56.77
N GLY R 110 26.04 10.62 -55.85
CA GLY R 110 24.89 10.33 -54.99
C GLY R 110 24.06 9.22 -55.59
N THR R 111 23.37 8.47 -54.72
CA THR R 111 22.44 7.44 -55.18
C THR R 111 21.17 7.55 -54.31
N LEU R 112 20.01 7.57 -54.98
CA LEU R 112 18.74 7.83 -54.28
C LEU R 112 18.12 6.56 -53.71
N VAL R 113 17.84 6.61 -52.42
CA VAL R 113 17.14 5.54 -51.73
C VAL R 113 15.76 6.03 -51.31
N THR R 114 14.74 5.33 -51.79
CA THR R 114 13.35 5.68 -51.51
C THR R 114 12.70 4.57 -50.69
N VAL R 115 12.28 4.90 -49.48
CA VAL R 115 11.57 3.95 -48.62
C VAL R 115 10.05 4.20 -48.70
N SER R 116 9.35 3.30 -49.38
CA SER R 116 7.91 3.45 -49.59
C SER R 116 7.22 2.13 -49.89
N SER R 117 5.98 2.03 -49.41
CA SER R 117 5.13 0.86 -49.64
C SER R 117 4.44 0.94 -51.00
N ALA R 118 4.41 2.14 -51.58
CA ALA R 118 3.70 2.39 -52.83
C ALA R 118 4.52 1.89 -54.03
N SER R 119 3.80 1.45 -55.06
CA SER R 119 4.37 0.63 -56.13
C SER R 119 4.91 1.43 -57.30
N THR R 120 6.08 1.02 -57.80
CA THR R 120 6.74 1.68 -58.94
C THR R 120 5.86 1.66 -60.17
N LYS R 121 6.09 2.64 -61.04
CA LYS R 121 5.23 2.87 -62.18
C LYS R 121 5.94 3.67 -63.27
N GLY R 122 5.89 3.14 -64.49
CA GLY R 122 6.55 3.77 -65.64
C GLY R 122 5.85 5.05 -66.08
N PRO R 123 6.63 6.04 -66.54
CA PRO R 123 6.03 7.31 -66.95
C PRO R 123 5.40 7.25 -68.34
N SER R 124 4.64 8.27 -68.70
CA SER R 124 4.14 8.46 -70.06
C SER R 124 4.93 9.63 -70.67
N VAL R 125 5.03 9.68 -72.00
CA VAL R 125 5.82 10.72 -72.67
C VAL R 125 5.06 11.36 -73.83
N PHE R 126 4.39 12.47 -73.52
CA PHE R 126 3.51 13.14 -74.48
C PHE R 126 4.25 14.34 -75.09
N PRO R 127 4.03 14.61 -76.40
CA PRO R 127 4.61 15.82 -76.98
C PRO R 127 3.92 17.11 -76.51
N LEU R 128 4.71 18.18 -76.39
CA LEU R 128 4.21 19.53 -76.26
C LEU R 128 4.60 20.25 -77.54
N ALA R 129 3.75 20.12 -78.55
CA ALA R 129 4.07 20.54 -79.91
C ALA R 129 4.21 22.06 -79.99
N PRO R 130 5.10 22.56 -80.88
CA PRO R 130 5.36 23.99 -81.02
C PRO R 130 4.21 24.77 -81.68
N SER R 131 4.09 26.06 -81.34
CA SER R 131 3.05 26.95 -81.91
C SER R 131 3.54 27.77 -83.11
N SER R 132 4.86 27.91 -83.26
CA SER R 132 5.52 28.62 -84.37
C SER R 132 5.70 30.12 -84.07
N GLY R 137 9.75 36.40 -80.05
CA GLY R 137 10.37 37.17 -81.13
C GLY R 137 10.32 36.42 -82.44
N GLY R 138 11.46 35.87 -82.86
CA GLY R 138 11.53 34.99 -84.02
C GLY R 138 11.97 33.59 -83.60
N THR R 139 11.42 33.14 -82.48
CA THR R 139 11.76 31.83 -81.91
C THR R 139 10.51 31.11 -81.35
N ALA R 140 10.66 29.80 -81.13
CA ALA R 140 9.54 28.94 -80.74
C ALA R 140 9.94 27.99 -79.61
N ALA R 141 8.96 27.63 -78.76
CA ALA R 141 9.17 26.73 -77.63
C ALA R 141 8.36 25.43 -77.76
N LEU R 142 9.03 24.30 -77.60
CA LEU R 142 8.41 22.96 -77.68
C LEU R 142 8.82 22.14 -76.45
N GLY R 143 8.40 20.88 -76.38
CA GLY R 143 8.85 20.00 -75.28
C GLY R 143 8.15 18.67 -75.10
N CYS R 144 8.48 18.01 -73.99
CA CYS R 144 7.89 16.72 -73.59
C CYS R 144 7.18 16.83 -72.24
N LEU R 145 6.20 15.97 -72.00
CA LEU R 145 5.51 15.93 -70.71
C LEU R 145 5.62 14.56 -70.04
N VAL R 146 6.46 14.49 -69.02
CA VAL R 146 6.78 13.24 -68.32
C VAL R 146 5.79 13.09 -67.16
N LYS R 147 4.95 12.07 -67.23
CA LYS R 147 3.71 12.06 -66.47
C LYS R 147 3.47 10.76 -65.74
N ASP R 148 3.02 10.88 -64.50
CA ASP R 148 2.60 9.74 -63.69
C ASP R 148 3.69 8.71 -63.57
N TYR R 149 4.61 8.95 -62.64
CA TYR R 149 5.66 8.00 -62.42
C TYR R 149 6.07 7.93 -60.97
N PHE R 150 6.49 6.75 -60.56
CA PHE R 150 7.02 6.52 -59.25
C PHE R 150 8.08 5.45 -59.37
N PRO R 151 9.21 5.65 -58.69
CA PRO R 151 9.57 6.81 -57.90
C PRO R 151 10.44 7.72 -58.74
N GLU R 152 11.10 8.67 -58.10
CA GLU R 152 12.21 9.42 -58.74
C GLU R 152 13.47 8.52 -58.81
N PRO R 153 14.44 8.89 -59.66
CA PRO R 153 14.46 10.01 -60.54
C PRO R 153 13.98 9.59 -61.91
N VAL R 154 13.87 10.59 -62.79
CA VAL R 154 13.71 10.38 -64.21
C VAL R 154 14.86 11.21 -64.81
N THR R 155 15.48 10.76 -65.90
CA THR R 155 16.59 11.50 -66.52
C THR R 155 16.33 11.76 -67.99
N VAL R 156 16.38 13.04 -68.36
CA VAL R 156 16.04 13.53 -69.69
C VAL R 156 17.26 14.23 -70.35
N SER R 157 17.56 13.89 -71.60
CA SER R 157 18.46 14.70 -72.42
C SER R 157 17.84 14.84 -73.81
N TRP R 158 18.21 15.89 -74.54
CA TRP R 158 17.64 16.16 -75.87
C TRP R 158 18.61 15.77 -76.98
N ASN R 159 18.18 14.85 -77.84
CA ASN R 159 19.01 14.35 -78.94
C ASN R 159 20.30 13.75 -78.43
N SER R 160 20.22 13.13 -77.27
CA SER R 160 21.37 12.48 -76.65
C SER R 160 22.43 13.52 -76.27
N GLY R 161 22.04 14.48 -75.42
CA GLY R 161 22.98 15.43 -74.79
C GLY R 161 23.62 16.49 -75.68
N ALA R 162 23.36 16.44 -76.99
CA ALA R 162 23.96 17.36 -77.97
C ALA R 162 23.32 18.75 -77.85
N LEU R 163 21.99 18.77 -77.81
CA LEU R 163 21.28 19.98 -77.44
C LEU R 163 21.16 20.09 -75.91
N THR R 164 22.08 20.85 -75.33
CA THR R 164 21.94 21.34 -73.97
C THR R 164 21.37 22.75 -74.05
N SER R 165 21.79 23.48 -75.09
CA SER R 165 21.56 24.92 -75.22
C SER R 165 20.09 25.34 -75.23
N GLY R 166 19.64 25.93 -74.12
CA GLY R 166 18.26 26.43 -73.99
C GLY R 166 17.34 25.56 -73.13
N VAL R 167 17.81 24.35 -72.79
CA VAL R 167 16.99 23.38 -72.07
C VAL R 167 16.69 23.82 -70.65
N HIS R 168 15.41 23.77 -70.29
CA HIS R 168 14.96 23.83 -68.90
C HIS R 168 14.19 22.54 -68.60
N THR R 169 14.56 21.86 -67.52
CA THR R 169 13.83 20.67 -67.07
C THR R 169 13.36 20.87 -65.64
N PHE R 170 12.04 20.92 -65.47
CA PHE R 170 11.47 21.29 -64.18
C PHE R 170 11.63 20.21 -63.12
N PRO R 171 11.63 20.63 -61.84
CA PRO R 171 11.50 19.63 -60.80
C PRO R 171 10.22 18.83 -60.97
N ALA R 172 10.26 17.57 -60.57
CA ALA R 172 9.06 16.79 -60.50
C ALA R 172 8.21 17.38 -59.42
N VAL R 173 6.90 17.30 -59.61
CA VAL R 173 5.94 17.72 -58.60
C VAL R 173 5.17 16.48 -58.20
N LEU R 174 4.79 16.39 -56.93
CA LEU R 174 4.08 15.20 -56.44
C LEU R 174 2.58 15.39 -56.60
N GLN R 175 1.93 14.50 -57.33
CA GLN R 175 0.49 14.60 -57.56
C GLN R 175 -0.28 14.01 -56.39
N SER R 176 -1.57 14.34 -56.31
CA SER R 176 -2.47 13.76 -55.30
C SER R 176 -2.46 12.23 -55.35
N SER R 177 -2.43 11.67 -56.56
CA SER R 177 -2.26 10.23 -56.75
C SER R 177 -1.17 9.70 -55.85
N GLY R 178 -0.09 10.48 -55.71
CA GLY R 178 1.14 10.01 -55.11
C GLY R 178 2.14 9.65 -56.20
N LEU R 179 1.79 10.01 -57.44
CA LEU R 179 2.67 9.84 -58.59
C LEU R 179 3.27 11.16 -58.97
N TYR R 180 4.53 11.13 -59.36
CA TYR R 180 5.22 12.34 -59.77
C TYR R 180 4.80 12.70 -61.18
N SER R 181 5.10 13.93 -61.54
CA SER R 181 4.94 14.40 -62.91
C SER R 181 5.81 15.64 -63.12
N LEU R 182 6.21 15.86 -64.36
CA LEU R 182 7.33 16.75 -64.64
C LEU R 182 7.34 17.11 -66.10
N SER R 183 7.96 18.23 -66.45
CA SER R 183 8.10 18.60 -67.86
C SER R 183 9.48 19.18 -68.19
N SER R 184 9.88 18.99 -69.45
CA SER R 184 11.18 19.46 -69.95
C SER R 184 10.96 20.13 -71.29
N VAL R 185 11.30 21.42 -71.36
CA VAL R 185 11.14 22.20 -72.59
C VAL R 185 12.46 22.79 -73.07
N VAL R 186 12.43 23.32 -74.30
CA VAL R 186 13.57 24.00 -74.88
C VAL R 186 13.07 25.02 -75.90
N THR R 187 13.87 26.05 -76.15
CA THR R 187 13.58 27.06 -77.18
C THR R 187 14.66 27.04 -78.29
N VAL R 188 14.24 27.41 -79.50
CA VAL R 188 15.10 27.30 -80.70
C VAL R 188 14.59 28.25 -81.79
N PRO R 189 15.40 28.46 -82.84
CA PRO R 189 14.92 29.34 -83.92
C PRO R 189 13.66 28.81 -84.64
N SER R 190 12.78 29.74 -85.04
CA SER R 190 11.57 29.40 -85.82
C SER R 190 11.92 28.96 -87.24
N SER R 191 13.04 29.46 -87.73
CA SER R 191 13.59 29.03 -89.02
C SER R 191 13.89 27.52 -89.06
N SER R 192 14.39 26.98 -87.95
CA SER R 192 14.82 25.58 -87.91
C SER R 192 13.68 24.56 -87.66
N LEU R 193 12.45 24.90 -88.03
CA LEU R 193 11.30 23.98 -87.87
C LEU R 193 11.17 22.95 -89.01
N GLY R 194 11.99 23.09 -90.05
CA GLY R 194 12.04 22.13 -91.14
C GLY R 194 13.12 21.09 -90.93
N THR R 195 14.38 21.47 -91.15
CA THR R 195 15.53 20.55 -91.18
C THR R 195 15.82 19.77 -89.88
N GLN R 196 15.71 20.44 -88.74
CA GLN R 196 16.02 19.81 -87.44
C GLN R 196 14.99 18.75 -87.05
N THR R 197 15.44 17.83 -86.22
CA THR R 197 14.65 16.72 -85.71
C THR R 197 14.73 16.78 -84.19
N TYR R 198 13.62 17.08 -83.53
CA TYR R 198 13.63 17.25 -82.07
C TYR R 198 13.18 16.00 -81.31
N ILE R 199 14.18 15.25 -80.84
CA ILE R 199 14.00 14.05 -80.04
C ILE R 199 14.31 14.40 -78.59
N CYS R 200 13.45 13.96 -77.68
CA CYS R 200 13.73 14.09 -76.25
C CYS R 200 13.85 12.70 -75.64
N ASN R 201 14.97 12.45 -74.97
CA ASN R 201 15.34 11.11 -74.52
C ASN R 201 15.03 10.90 -73.05
N VAL R 202 13.90 10.28 -72.75
CA VAL R 202 13.47 10.02 -71.38
C VAL R 202 14.08 8.71 -70.86
N ASN R 203 14.36 8.66 -69.56
CA ASN R 203 14.78 7.42 -68.90
C ASN R 203 14.23 7.34 -67.47
N HIS R 204 13.59 6.22 -67.16
CA HIS R 204 13.19 5.89 -65.80
C HIS R 204 13.81 4.53 -65.49
N LYS R 205 15.03 4.52 -64.99
CA LYS R 205 15.71 3.27 -64.64
C LYS R 205 14.90 2.40 -63.66
N PRO R 206 14.10 3.02 -62.78
CA PRO R 206 13.35 2.22 -61.80
C PRO R 206 12.25 1.32 -62.38
N SER R 207 11.80 1.62 -63.59
CA SER R 207 10.93 0.69 -64.33
C SER R 207 11.55 0.36 -65.69
N ASN R 208 12.88 0.36 -65.73
CA ASN R 208 13.67 0.19 -66.97
C ASN R 208 12.95 0.62 -68.23
N THR R 209 12.31 1.79 -68.14
CA THR R 209 11.62 2.41 -69.27
C THR R 209 12.60 3.33 -70.01
N LYS R 210 12.78 3.07 -71.30
CA LYS R 210 13.58 3.96 -72.14
C LYS R 210 12.77 4.35 -73.38
N VAL R 211 12.26 5.57 -73.36
CA VAL R 211 11.39 6.08 -74.43
C VAL R 211 11.97 7.34 -75.05
N ASP R 212 12.19 7.29 -76.37
CA ASP R 212 12.68 8.44 -77.12
C ASP R 212 11.54 9.01 -77.97
N LYS R 213 10.92 10.08 -77.49
CA LYS R 213 9.75 10.71 -78.13
C LYS R 213 10.12 11.84 -79.11
N LYS R 214 9.64 11.72 -80.35
CA LYS R 214 9.90 12.69 -81.39
C LYS R 214 8.73 13.69 -81.44
N VAL R 215 9.01 14.94 -81.07
CA VAL R 215 8.01 16.00 -81.01
C VAL R 215 8.06 16.84 -82.27
N GLU R 216 6.90 17.20 -82.82
CA GLU R 216 6.84 17.85 -84.14
C GLU R 216 5.69 18.83 -84.31
N PRO R 217 5.77 19.70 -85.34
CA PRO R 217 4.69 20.62 -85.67
C PRO R 217 3.61 19.96 -86.53
N LEU S 9 -10.09 30.47 -13.18
CA LEU S 9 -9.40 29.66 -14.23
C LEU S 9 -7.97 30.17 -14.49
N GLY S 10 -7.05 29.51 -13.80
CA GLY S 10 -5.61 29.53 -14.11
C GLY S 10 -5.27 28.55 -15.23
N SER S 11 -6.31 28.02 -15.87
CA SER S 11 -6.19 27.30 -17.14
C SER S 11 -6.16 28.29 -18.30
N ARG S 12 -6.83 29.43 -18.11
CA ARG S 12 -6.76 30.54 -19.06
C ARG S 12 -5.31 31.00 -19.23
N ARG S 13 -4.55 30.86 -18.15
CA ARG S 13 -3.14 31.21 -18.12
C ARG S 13 -2.31 30.27 -19.00
N THR S 14 -2.69 29.00 -19.01
CA THR S 14 -1.99 27.98 -19.78
C THR S 14 -2.11 28.21 -21.28
N LEU S 15 -3.31 28.59 -21.70
CA LEU S 15 -3.54 28.89 -23.11
C LEU S 15 -2.80 30.14 -23.54
N MET S 16 -2.80 31.13 -22.67
CA MET S 16 -2.11 32.39 -22.94
C MET S 16 -0.64 32.12 -23.21
N LEU S 17 -0.04 31.24 -22.41
CA LEU S 17 1.38 30.92 -22.57
C LEU S 17 1.63 30.18 -23.86
N LEU S 18 0.79 29.20 -24.15
CA LEU S 18 0.87 28.49 -25.43
C LEU S 18 0.79 29.44 -26.62
N ALA S 19 -0.02 30.49 -26.49
CA ALA S 19 -0.17 31.47 -27.55
C ALA S 19 1.14 32.20 -27.79
N GLN S 20 1.78 32.60 -26.71
CA GLN S 20 3.01 33.39 -26.77
C GLN S 20 4.17 32.59 -27.34
N MET S 21 4.10 31.27 -27.21
CA MET S 21 5.15 30.41 -27.75
C MET S 21 5.17 30.37 -29.26
N ARG S 22 4.10 30.80 -29.91
CA ARG S 22 4.04 30.73 -31.36
C ARG S 22 5.22 31.45 -31.97
N LYS S 23 5.84 30.80 -32.94
CA LYS S 23 6.95 31.37 -33.66
C LYS S 23 6.67 31.53 -35.13
N ILE S 24 5.95 30.59 -35.74
CA ILE S 24 5.59 30.66 -37.18
C ILE S 24 4.08 30.51 -37.43
N SER S 25 3.62 31.06 -38.55
CA SER S 25 2.23 30.95 -38.92
C SER S 25 1.92 29.61 -39.52
N LEU S 26 0.75 29.10 -39.16
CA LEU S 26 0.23 27.88 -39.71
C LEU S 26 -0.04 28.04 -41.19
N PHE S 27 -0.19 29.28 -41.65
CA PHE S 27 -0.50 29.54 -43.04
C PHE S 27 0.68 29.28 -43.97
N SER S 28 1.88 29.28 -43.40
CA SER S 28 3.07 28.86 -44.15
C SER S 28 3.29 27.34 -44.04
N CYS S 29 2.49 26.68 -43.19
CA CYS S 29 2.60 25.23 -42.98
C CYS S 29 1.40 24.43 -43.48
N LEU S 30 0.70 24.93 -44.49
CA LEU S 30 -0.55 24.29 -44.88
C LEU S 30 -0.34 22.90 -45.45
N LYS S 31 0.80 22.70 -46.10
CA LYS S 31 1.25 21.37 -46.52
C LYS S 31 1.18 20.33 -45.38
N ASP S 32 1.48 20.75 -44.16
CA ASP S 32 1.65 19.83 -43.03
C ASP S 32 0.46 19.66 -42.09
N ARG S 33 -0.70 20.26 -42.41
CA ARG S 33 -1.88 20.14 -41.52
C ARG S 33 -2.34 18.69 -41.43
N HIS S 34 -2.97 18.36 -40.33
CA HIS S 34 -3.19 16.97 -39.96
C HIS S 34 -4.38 16.84 -39.05
N ASP S 35 -5.21 15.83 -39.27
CA ASP S 35 -6.30 15.54 -38.36
C ASP S 35 -5.88 14.47 -37.38
N PHE S 36 -5.81 14.82 -36.10
CA PHE S 36 -5.34 13.92 -35.05
C PHE S 36 -6.44 13.13 -34.35
N GLY S 37 -7.68 13.42 -34.68
CA GLY S 37 -8.80 12.70 -34.10
C GLY S 37 -8.85 12.80 -32.59
N PHE S 38 -8.94 14.01 -32.08
CA PHE S 38 -9.07 14.24 -30.65
C PHE S 38 -10.35 13.58 -30.11
N PRO S 39 -10.23 12.69 -29.12
CA PRO S 39 -11.38 11.96 -28.57
C PRO S 39 -12.19 12.83 -27.65
N GLN S 40 -12.92 13.75 -28.25
CA GLN S 40 -13.65 14.77 -27.51
C GLN S 40 -14.83 14.20 -26.74
N GLU S 41 -15.49 13.20 -27.33
CA GLU S 41 -16.65 12.51 -26.73
C GLU S 41 -16.39 12.18 -25.26
N GLU S 42 -15.13 11.95 -24.94
CA GLU S 42 -14.71 11.52 -23.61
C GLU S 42 -14.74 12.59 -22.50
N PHE S 43 -15.08 13.82 -22.85
CA PHE S 43 -15.09 14.93 -21.88
C PHE S 43 -16.49 15.52 -21.70
N GLN S 48 -21.56 15.08 -17.98
CA GLN S 48 -21.37 16.53 -17.87
C GLN S 48 -19.94 16.90 -17.49
N LYS S 49 -19.64 16.83 -16.19
CA LYS S 49 -18.36 17.29 -15.61
C LYS S 49 -18.04 16.43 -14.39
N ALA S 50 -16.93 16.74 -13.72
CA ALA S 50 -16.52 16.17 -12.40
C ALA S 50 -16.29 14.66 -12.51
N GLU S 51 -17.09 14.01 -13.34
CA GLU S 51 -16.85 12.61 -13.68
C GLU S 51 -15.74 12.50 -14.75
N THR S 52 -15.26 13.64 -15.27
CA THR S 52 -14.25 13.70 -16.32
C THR S 52 -12.90 14.19 -15.81
N ILE S 53 -12.73 14.19 -14.50
CA ILE S 53 -11.49 14.60 -13.89
C ILE S 53 -10.33 13.70 -14.32
N PRO S 54 -10.45 12.37 -14.13
CA PRO S 54 -9.34 11.48 -14.48
C PRO S 54 -8.86 11.58 -15.92
N VAL S 55 -9.75 11.94 -16.84
CA VAL S 55 -9.43 12.07 -18.25
C VAL S 55 -8.66 13.36 -18.46
N LEU S 56 -9.13 14.40 -17.79
CA LEU S 56 -8.51 15.67 -17.85
C LEU S 56 -7.13 15.59 -17.21
N HIS S 57 -7.06 14.86 -16.10
CA HIS S 57 -5.79 14.60 -15.43
C HIS S 57 -4.79 13.98 -16.38
N GLU S 58 -5.23 13.00 -17.16
CA GLU S 58 -4.33 12.34 -18.09
C GLU S 58 -3.89 13.27 -19.19
N MET S 59 -4.79 14.15 -19.59
CA MET S 59 -4.48 15.11 -20.62
C MET S 59 -3.31 15.96 -20.23
N ILE S 60 -3.42 16.57 -19.06
CA ILE S 60 -2.41 17.51 -18.57
C ILE S 60 -1.08 16.77 -18.50
N GLN S 61 -1.13 15.61 -17.84
CA GLN S 61 -0.01 14.68 -17.82
C GLN S 61 0.69 14.56 -19.16
N GLN S 62 -0.09 14.23 -20.19
CA GLN S 62 0.47 13.97 -21.50
C GLN S 62 1.11 15.21 -22.11
N ILE S 63 0.46 16.35 -21.88
CA ILE S 63 0.95 17.61 -22.38
C ILE S 63 2.27 17.93 -21.73
N PHE S 64 2.30 17.77 -20.42
CA PHE S 64 3.50 18.00 -19.64
C PHE S 64 4.65 17.13 -20.16
N ASN S 65 4.33 15.87 -20.41
CA ASN S 65 5.31 14.94 -20.96
C ASN S 65 5.82 15.41 -22.30
N LEU S 66 4.89 15.79 -23.14
CA LEU S 66 5.19 16.22 -24.49
C LEU S 66 6.17 17.38 -24.52
N PHE S 67 5.86 18.42 -23.75
CA PHE S 67 6.60 19.67 -23.84
C PHE S 67 7.83 19.70 -22.96
N SER S 68 8.14 18.57 -22.34
CA SER S 68 9.33 18.47 -21.50
C SER S 68 10.51 17.83 -22.22
N THR S 69 10.28 17.27 -23.41
CA THR S 69 11.35 16.59 -24.15
C THR S 69 12.43 17.57 -24.56
N LYS S 70 13.62 17.07 -24.80
CA LYS S 70 14.72 17.92 -25.29
C LYS S 70 14.42 18.43 -26.70
N ASP S 71 13.57 17.71 -27.42
CA ASP S 71 13.06 18.17 -28.72
C ASP S 71 12.13 19.39 -28.59
N SER S 72 11.34 19.41 -27.52
CA SER S 72 10.47 20.54 -27.22
C SER S 72 11.26 21.77 -26.82
N SER S 73 12.30 21.58 -26.01
CA SER S 73 13.21 22.67 -25.63
C SER S 73 13.85 23.33 -26.83
N ALA S 74 14.26 22.51 -27.80
CA ALA S 74 14.83 22.98 -29.05
C ALA S 74 13.83 23.78 -29.87
N ALA S 75 12.55 23.45 -29.73
CA ALA S 75 11.50 24.06 -30.53
C ALA S 75 10.99 25.38 -29.95
N TRP S 76 10.95 25.49 -28.62
CA TRP S 76 10.28 26.63 -27.98
C TRP S 76 11.14 27.39 -27.00
N ASP S 77 10.71 28.62 -26.73
CA ASP S 77 11.44 29.54 -25.87
C ASP S 77 11.59 28.98 -24.47
N GLU S 78 12.83 28.87 -24.01
CA GLU S 78 13.16 28.31 -22.70
C GLU S 78 12.43 29.00 -21.54
N THR S 79 12.33 30.32 -21.60
CA THR S 79 11.68 31.10 -20.56
C THR S 79 10.20 30.80 -20.48
N LEU S 80 9.54 30.71 -21.63
CA LEU S 80 8.11 30.47 -21.69
C LEU S 80 7.79 29.06 -21.25
N LEU S 81 8.58 28.10 -21.71
CA LEU S 81 8.43 26.72 -21.29
C LEU S 81 8.45 26.57 -19.77
N ASP S 82 9.27 27.35 -19.09
CA ASP S 82 9.33 27.32 -17.64
C ASP S 82 8.02 27.75 -17.00
N LYS S 83 7.55 28.94 -17.37
CA LYS S 83 6.27 29.48 -16.87
C LYS S 83 5.14 28.50 -17.18
N PHE S 84 5.26 27.85 -18.33
CA PHE S 84 4.33 26.84 -18.78
C PHE S 84 4.29 25.64 -17.84
N TYR S 85 5.47 25.09 -17.51
CA TYR S 85 5.56 23.92 -16.64
C TYR S 85 4.99 24.23 -15.28
N THR S 86 5.38 25.36 -14.73
CA THR S 86 4.81 25.84 -13.46
C THR S 86 3.29 25.72 -13.50
N GLU S 87 2.72 26.14 -14.61
CA GLU S 87 1.26 26.19 -14.73
C GLU S 87 0.64 24.81 -14.85
N LEU S 88 1.28 23.95 -15.63
CA LEU S 88 0.83 22.58 -15.76
C LEU S 88 0.89 21.88 -14.41
N TYR S 89 2.03 21.98 -13.73
CA TYR S 89 2.23 21.36 -12.41
C TYR S 89 1.08 21.70 -11.48
N GLN S 90 0.79 22.99 -11.40
CA GLN S 90 -0.29 23.48 -10.55
C GLN S 90 -1.56 22.66 -10.77
N GLN S 91 -1.94 22.51 -12.03
CA GLN S 91 -3.15 21.80 -12.39
C GLN S 91 -2.99 20.32 -12.20
N LEU S 92 -1.92 19.78 -12.77
CA LEU S 92 -1.56 18.37 -12.62
C LEU S 92 -1.69 17.90 -11.16
N ASN S 93 -1.14 18.67 -10.24
CA ASN S 93 -1.18 18.32 -8.83
C ASN S 93 -2.58 18.39 -8.24
N ASP S 94 -3.33 19.41 -8.60
CA ASP S 94 -4.69 19.58 -8.08
C ASP S 94 -5.61 18.47 -8.56
N LEU S 95 -5.49 18.12 -9.83
CA LEU S 95 -6.28 17.05 -10.42
C LEU S 95 -5.92 15.69 -9.84
N GLU S 96 -4.63 15.47 -9.64
CA GLU S 96 -4.20 14.20 -9.07
C GLU S 96 -4.78 14.02 -7.68
N ALA S 97 -4.73 15.07 -6.86
CA ALA S 97 -5.31 15.04 -5.52
C ALA S 97 -6.77 14.59 -5.53
N CYS S 98 -7.51 15.00 -6.54
CA CYS S 98 -8.92 14.63 -6.69
C CYS S 98 -9.08 13.18 -7.09
N VAL S 99 -8.31 12.78 -8.10
CA VAL S 99 -8.25 11.38 -8.52
C VAL S 99 -7.92 10.48 -7.32
N ILE S 100 -6.92 10.88 -6.54
CA ILE S 100 -6.53 10.15 -5.33
C ILE S 100 -7.73 9.97 -4.41
N GLN S 101 -8.43 11.07 -4.16
CA GLN S 101 -9.61 11.05 -3.29
C GLN S 101 -10.74 10.34 -4.00
N GLY S 102 -11.90 10.28 -3.34
CA GLY S 102 -13.07 9.61 -3.88
C GLY S 102 -13.34 9.88 -5.35
N VAL S 103 -13.79 11.11 -5.60
CA VAL S 103 -14.67 11.41 -6.72
C VAL S 103 -13.97 11.59 -8.09
N MET S 111 -15.82 2.45 -17.64
CA MET S 111 -14.88 2.67 -18.73
C MET S 111 -14.10 3.98 -18.58
N LYS S 112 -13.72 4.31 -17.36
CA LYS S 112 -12.77 5.41 -17.09
C LYS S 112 -11.37 5.06 -17.63
N GLU S 113 -11.13 3.77 -17.82
CA GLU S 113 -9.91 3.25 -18.44
C GLU S 113 -9.90 3.46 -19.95
N ASP S 114 -11.01 3.13 -20.62
CA ASP S 114 -11.21 3.40 -22.06
C ASP S 114 -11.00 4.87 -22.40
N SER S 115 -11.50 5.75 -21.55
CA SER S 115 -11.33 7.18 -21.73
C SER S 115 -9.88 7.57 -21.69
N ILE S 116 -9.19 7.10 -20.67
CA ILE S 116 -7.76 7.38 -20.49
C ILE S 116 -6.93 6.80 -21.63
N LEU S 117 -7.25 5.58 -22.02
CA LEU S 117 -6.64 4.93 -23.17
C LEU S 117 -6.77 5.78 -24.43
N ALA S 118 -7.98 6.32 -24.65
CA ALA S 118 -8.25 7.17 -25.80
C ALA S 118 -7.33 8.39 -25.83
N VAL S 119 -7.16 9.02 -24.67
CA VAL S 119 -6.31 10.21 -24.57
C VAL S 119 -4.87 9.86 -24.91
N ARG S 120 -4.41 8.75 -24.34
CA ARG S 120 -3.04 8.32 -24.57
C ARG S 120 -2.74 8.00 -26.02
N LYS S 121 -3.65 7.28 -26.67
CA LYS S 121 -3.55 7.02 -28.11
C LYS S 121 -3.47 8.31 -28.94
N TYR S 122 -4.27 9.30 -28.54
CA TYR S 122 -4.26 10.61 -29.17
C TYR S 122 -2.85 11.20 -29.14
N PHE S 123 -2.23 11.21 -27.96
CA PHE S 123 -0.88 11.78 -27.84
C PHE S 123 0.17 10.93 -28.48
N GLN S 124 -0.09 9.63 -28.57
CA GLN S 124 0.78 8.75 -29.32
C GLN S 124 0.79 9.20 -30.77
N ARG S 125 -0.40 9.43 -31.33
CA ARG S 125 -0.51 9.91 -32.70
C ARG S 125 0.22 11.22 -32.94
N ILE S 126 0.14 12.11 -31.96
CA ILE S 126 0.83 13.38 -32.03
C ILE S 126 2.34 13.17 -32.11
N THR S 127 2.84 12.36 -31.19
CA THR S 127 4.27 12.06 -31.11
C THR S 127 4.80 11.43 -32.39
N LEU S 128 4.08 10.45 -32.92
CA LEU S 128 4.51 9.76 -34.14
C LEU S 128 4.48 10.74 -35.31
N TYR S 129 3.53 11.67 -35.30
CA TYR S 129 3.49 12.72 -36.29
C TYR S 129 4.76 13.56 -36.31
N LEU S 130 5.30 13.86 -35.13
CA LEU S 130 6.50 14.68 -35.03
C LEU S 130 7.75 13.92 -35.45
N LYS S 131 7.86 12.68 -34.99
CA LYS S 131 8.94 11.80 -35.43
C LYS S 131 8.96 11.70 -36.95
N GLU S 132 7.79 11.50 -37.54
CA GLU S 132 7.65 11.39 -39.00
C GLU S 132 8.12 12.64 -39.73
N LYS S 133 7.74 13.80 -39.19
CA LYS S 133 8.08 15.10 -39.78
C LYS S 133 9.46 15.59 -39.38
N LYS S 134 10.16 14.77 -38.60
CA LYS S 134 11.50 15.10 -38.11
C LYS S 134 11.50 16.42 -37.35
N TYR S 135 10.47 16.60 -36.51
CA TYR S 135 10.37 17.73 -35.60
C TYR S 135 10.62 19.06 -36.27
N SER S 136 10.12 19.21 -37.49
CA SER S 136 10.24 20.47 -38.20
C SER S 136 9.45 21.56 -37.49
N PRO S 137 9.86 22.83 -37.65
CA PRO S 137 9.15 23.97 -37.06
C PRO S 137 7.67 23.99 -37.39
N CYS S 138 7.35 23.60 -38.62
CA CYS S 138 5.96 23.50 -39.08
C CYS S 138 5.19 22.44 -38.33
N ALA S 139 5.76 21.24 -38.25
CA ALA S 139 5.17 20.15 -37.51
C ALA S 139 4.86 20.62 -36.10
N TRP S 140 5.83 21.27 -35.49
CA TRP S 140 5.67 21.81 -34.16
C TRP S 140 4.54 22.81 -34.08
N GLU S 141 4.38 23.61 -35.12
CA GLU S 141 3.35 24.62 -35.13
C GLU S 141 1.99 23.98 -35.20
N VAL S 142 1.86 23.01 -36.10
CA VAL S 142 0.63 22.21 -36.21
C VAL S 142 0.25 21.63 -34.85
N VAL S 143 1.22 21.04 -34.19
CA VAL S 143 0.96 20.39 -32.92
C VAL S 143 0.57 21.42 -31.86
N ARG S 144 1.32 22.50 -31.77
CA ARG S 144 1.00 23.59 -30.85
C ARG S 144 -0.47 24.03 -31.05
N ALA S 145 -0.85 24.25 -32.30
CA ALA S 145 -2.19 24.72 -32.61
C ALA S 145 -3.25 23.73 -32.21
N GLU S 146 -2.92 22.44 -32.28
CA GLU S 146 -3.88 21.39 -31.98
C GLU S 146 -4.14 21.36 -30.49
N ILE S 147 -3.05 21.23 -29.75
CA ILE S 147 -3.13 21.14 -28.31
C ILE S 147 -3.89 22.34 -27.80
N MET S 148 -3.51 23.49 -28.33
CA MET S 148 -4.17 24.72 -28.04
C MET S 148 -5.69 24.54 -28.16
N ARG S 149 -6.13 24.02 -29.31
CA ARG S 149 -7.54 23.83 -29.55
C ARG S 149 -8.13 22.77 -28.63
N SER S 150 -7.53 21.59 -28.66
CA SER S 150 -8.08 20.46 -27.94
C SER S 150 -8.06 20.71 -26.45
N PHE S 151 -7.15 21.53 -25.98
CA PHE S 151 -7.17 21.92 -24.57
C PHE S 151 -8.40 22.77 -24.23
N SER S 152 -8.71 23.73 -25.08
CA SER S 152 -9.88 24.57 -24.87
C SER S 152 -11.13 23.72 -24.81
N LEU S 153 -11.19 22.72 -25.70
CA LEU S 153 -12.34 21.83 -25.78
C LEU S 153 -12.47 21.06 -24.48
N SER S 154 -11.37 20.49 -24.04
CA SER S 154 -11.29 19.82 -22.73
C SER S 154 -11.88 20.61 -21.57
N THR S 155 -11.67 21.92 -21.57
CA THR S 155 -11.94 22.72 -20.39
C THR S 155 -13.23 23.56 -20.45
N ASN S 156 -14.00 23.42 -21.51
CA ASN S 156 -15.29 24.11 -21.57
C ASN S 156 -16.40 23.28 -22.19
N ASP T 1 -24.33 21.93 -28.64
CA ASP T 1 -23.19 22.07 -29.58
C ASP T 1 -23.29 23.36 -30.42
N ILE T 2 -22.22 23.66 -31.14
CA ILE T 2 -22.05 25.01 -31.68
C ILE T 2 -22.92 25.22 -32.90
N GLN T 3 -23.78 26.24 -32.80
CA GLN T 3 -24.69 26.62 -33.86
C GLN T 3 -24.24 27.97 -34.39
N MET T 4 -24.53 28.24 -35.66
CA MET T 4 -24.15 29.54 -36.24
C MET T 4 -25.23 30.16 -37.09
N THR T 5 -25.33 31.47 -36.96
CA THR T 5 -26.37 32.25 -37.59
C THR T 5 -25.75 33.26 -38.54
N GLN T 6 -26.02 33.11 -39.83
CA GLN T 6 -25.57 34.08 -40.82
C GLN T 6 -26.59 35.17 -41.03
N SER T 7 -26.11 36.31 -41.50
CA SER T 7 -26.97 37.44 -41.78
C SER T 7 -26.30 38.33 -42.82
N PRO T 8 -27.08 38.79 -43.82
CA PRO T 8 -28.51 38.54 -43.98
C PRO T 8 -28.74 37.14 -44.52
N SER T 9 -29.98 36.69 -44.50
CA SER T 9 -30.33 35.39 -45.09
C SER T 9 -30.25 35.47 -46.60
N SER T 10 -30.53 36.66 -47.11
CA SER T 10 -30.71 36.85 -48.53
C SER T 10 -30.34 38.29 -48.84
N LEU T 11 -29.87 38.52 -50.06
CA LEU T 11 -29.14 39.75 -50.34
C LEU T 11 -29.00 40.02 -51.83
N SER T 12 -29.11 41.30 -52.19
CA SER T 12 -29.08 41.73 -53.58
C SER T 12 -28.17 42.94 -53.75
N ALA T 13 -27.33 42.90 -54.79
CA ALA T 13 -26.32 43.96 -55.01
C ALA T 13 -25.89 44.02 -56.47
N SER T 14 -25.47 45.19 -56.92
CA SER T 14 -25.09 45.38 -58.32
C SER T 14 -23.65 44.94 -58.52
N VAL T 15 -23.29 44.65 -59.76
CA VAL T 15 -21.91 44.28 -60.07
C VAL T 15 -20.98 45.43 -59.69
N GLY T 16 -19.86 45.07 -59.07
CA GLY T 16 -18.89 46.05 -58.63
C GLY T 16 -19.06 46.37 -57.15
N ASP T 17 -20.27 46.14 -56.63
CA ASP T 17 -20.55 46.48 -55.24
C ASP T 17 -19.73 45.68 -54.26
N ARG T 18 -19.58 46.27 -53.08
CA ARG T 18 -18.96 45.63 -51.95
C ARG T 18 -20.04 44.91 -51.18
N VAL T 19 -19.77 43.67 -50.81
CA VAL T 19 -20.76 42.85 -50.13
C VAL T 19 -20.19 42.27 -48.87
N THR T 20 -21.03 42.20 -47.84
CA THR T 20 -20.62 41.73 -46.54
C THR T 20 -21.63 40.77 -45.96
N ILE T 21 -21.15 39.59 -45.61
CA ILE T 21 -21.94 38.56 -44.96
C ILE T 21 -21.29 38.32 -43.63
N THR T 22 -22.08 38.16 -42.58
CA THR T 22 -21.53 37.87 -41.27
C THR T 22 -22.04 36.53 -40.77
N CYS T 23 -21.33 35.95 -39.83
CA CYS T 23 -21.64 34.63 -39.29
C CYS T 23 -21.37 34.73 -37.79
N ARG T 24 -22.32 34.25 -37.00
CA ARG T 24 -22.26 34.40 -35.55
C ARG T 24 -22.36 33.07 -34.85
N ALA T 25 -21.26 32.65 -34.22
CA ALA T 25 -21.21 31.37 -33.52
C ALA T 25 -21.80 31.48 -32.12
N SER T 26 -22.51 30.45 -31.71
CA SER T 26 -23.15 30.42 -30.40
C SER T 26 -22.14 30.45 -29.24
N GLN T 27 -20.86 30.17 -29.52
CA GLN T 27 -19.74 30.34 -28.54
C GLN T 27 -18.35 30.46 -29.20
N SER T 28 -17.27 30.87 -28.49
CA SER T 28 -15.97 31.04 -29.19
C SER T 28 -15.53 29.77 -29.92
N VAL T 29 -15.05 30.00 -31.15
CA VAL T 29 -14.59 29.03 -32.14
C VAL T 29 -13.12 29.43 -32.37
N SER T 30 -12.58 30.23 -31.42
CA SER T 30 -11.19 30.65 -31.45
C SER T 30 -10.34 30.33 -30.22
N THR T 31 -9.10 30.06 -30.61
CA THR T 31 -7.87 30.11 -29.85
C THR T 31 -7.37 31.54 -29.96
N SER T 32 -6.49 31.97 -29.07
CA SER T 32 -5.91 33.33 -29.16
C SER T 32 -5.09 33.53 -30.43
N SER T 33 -4.68 32.43 -31.07
CA SER T 33 -3.85 32.45 -32.27
C SER T 33 -4.58 32.07 -33.58
N TYR T 34 -5.58 31.20 -33.52
CA TYR T 34 -6.33 30.79 -34.74
C TYR T 34 -7.83 30.68 -34.53
N SER T 35 -8.56 31.00 -35.59
CA SER T 35 -10.01 30.85 -35.61
C SER T 35 -10.36 29.71 -36.56
N TYR T 36 -11.18 28.78 -36.07
CA TYR T 36 -11.54 27.57 -36.81
C TYR T 36 -12.92 27.68 -37.44
N MET T 37 -13.04 28.68 -38.32
CA MET T 37 -14.27 28.98 -39.05
C MET T 37 -13.92 29.13 -40.53
N HIS T 38 -14.69 28.49 -41.39
CA HIS T 38 -14.38 28.49 -42.82
C HIS T 38 -15.60 28.86 -43.62
N TRP T 39 -15.39 29.41 -44.81
CA TRP T 39 -16.47 29.86 -45.67
C TRP T 39 -16.52 29.07 -46.97
N TYR T 40 -17.72 28.68 -47.39
CA TYR T 40 -17.92 28.01 -48.67
C TYR T 40 -18.84 28.75 -49.59
N GLN T 41 -18.78 28.37 -50.86
CA GLN T 41 -19.66 28.92 -51.88
C GLN T 41 -20.33 27.75 -52.58
N GLN T 42 -21.65 27.78 -52.64
CA GLN T 42 -22.39 26.76 -53.37
C GLN T 42 -23.23 27.39 -54.47
N LYS T 43 -22.86 27.07 -55.69
CA LYS T 43 -23.64 27.47 -56.85
C LYS T 43 -24.77 26.46 -57.04
N PRO T 44 -25.89 26.89 -57.63
CA PRO T 44 -27.03 25.98 -57.68
C PRO T 44 -26.74 24.67 -58.40
N GLY T 45 -27.17 23.58 -57.78
CA GLY T 45 -27.05 22.25 -58.35
C GLY T 45 -25.63 21.74 -58.31
N LYS T 46 -24.82 22.29 -57.43
CA LYS T 46 -23.41 21.95 -57.37
C LYS T 46 -22.95 21.82 -55.94
N ALA T 47 -21.89 21.04 -55.75
CA ALA T 47 -21.33 20.85 -54.42
C ALA T 47 -20.69 22.16 -53.98
N PRO T 48 -20.61 22.39 -52.66
CA PRO T 48 -19.89 23.54 -52.15
C PRO T 48 -18.43 23.57 -52.56
N LYS T 49 -17.83 24.74 -52.39
CA LYS T 49 -16.45 24.97 -52.74
C LYS T 49 -15.88 25.91 -51.70
N VAL T 50 -14.84 25.47 -51.00
CA VAL T 50 -14.23 26.28 -49.97
C VAL T 50 -13.63 27.55 -50.60
N LEU T 51 -13.76 28.66 -49.88
CA LEU T 51 -13.21 29.95 -50.31
C LEU T 51 -12.14 30.47 -49.36
N ILE T 52 -12.52 30.56 -48.09
CA ILE T 52 -11.66 31.06 -47.03
C ILE T 52 -11.52 29.93 -46.04
N SER T 53 -10.29 29.66 -45.64
CA SER T 53 -10.07 28.74 -44.55
C SER T 53 -9.52 29.51 -43.37
N TYR T 54 -9.79 28.98 -42.17
CA TYR T 54 -9.42 29.57 -40.89
C TYR T 54 -9.71 31.07 -40.82
N ALA T 55 -10.95 31.42 -41.11
CA ALA T 55 -11.44 32.80 -40.98
C ALA T 55 -10.95 33.80 -42.03
N SER T 56 -9.66 33.71 -42.40
CA SER T 56 -9.04 34.74 -43.25
C SER T 56 -8.03 34.25 -44.28
N ASN T 57 -7.73 32.95 -44.28
CA ASN T 57 -6.77 32.44 -45.24
C ASN T 57 -7.45 32.13 -46.54
N LEU T 58 -7.12 32.90 -47.57
CA LEU T 58 -7.77 32.78 -48.87
C LEU T 58 -7.26 31.53 -49.54
N GLU T 59 -8.17 30.66 -49.93
CA GLU T 59 -7.77 29.40 -50.52
C GLU T 59 -7.19 29.57 -51.91
N SER T 60 -6.36 28.59 -52.29
CA SER T 60 -5.65 28.59 -53.55
C SER T 60 -6.62 28.60 -54.73
N GLY T 61 -6.42 29.56 -55.64
CA GLY T 61 -7.25 29.66 -56.84
C GLY T 61 -8.51 30.50 -56.69
N VAL T 62 -8.83 30.92 -55.46
CA VAL T 62 -9.96 31.81 -55.24
C VAL T 62 -9.57 33.24 -55.59
N PRO T 63 -10.46 33.96 -56.33
CA PRO T 63 -10.26 35.38 -56.67
C PRO T 63 -10.06 36.27 -55.47
N SER T 64 -9.26 37.31 -55.67
CA SER T 64 -8.82 38.18 -54.59
C SER T 64 -9.92 39.09 -54.00
N ARG T 65 -11.01 39.31 -54.73
CA ARG T 65 -12.13 40.08 -54.17
C ARG T 65 -12.66 39.44 -52.88
N PHE T 66 -12.47 38.14 -52.72
CA PHE T 66 -12.91 37.43 -51.53
C PHE T 66 -11.93 37.60 -50.40
N SER T 67 -12.47 37.87 -49.21
CA SER T 67 -11.67 37.94 -48.00
C SER T 67 -12.54 37.72 -46.78
N GLY T 68 -11.88 37.24 -45.73
CA GLY T 68 -12.55 36.94 -44.47
C GLY T 68 -11.82 37.59 -43.31
N SER T 69 -12.58 38.15 -42.39
CA SER T 69 -12.01 38.63 -41.13
C SER T 69 -12.86 38.08 -40.00
N GLY T 70 -12.40 38.33 -38.78
CA GLY T 70 -13.16 38.00 -37.58
C GLY T 70 -12.43 37.04 -36.66
N SER T 71 -12.88 37.01 -35.41
CA SER T 71 -12.39 36.04 -34.44
C SER T 71 -13.41 35.88 -33.32
N GLY T 72 -13.21 34.82 -32.54
CA GLY T 72 -14.08 34.51 -31.42
C GLY T 72 -15.39 33.96 -31.94
N THR T 73 -16.42 34.77 -31.88
CA THR T 73 -17.76 34.35 -32.29
C THR T 73 -18.28 35.08 -33.54
N ASP T 74 -17.67 36.19 -33.92
CA ASP T 74 -18.18 37.04 -35.00
C ASP T 74 -17.23 37.06 -36.21
N PHE T 75 -17.73 36.59 -37.35
CA PHE T 75 -16.93 36.46 -38.57
C PHE T 75 -17.63 37.05 -39.78
N THR T 76 -16.82 37.44 -40.76
CA THR T 76 -17.29 38.23 -41.89
C THR T 76 -16.65 37.84 -43.20
N LEU T 77 -17.47 37.38 -44.13
CA LEU T 77 -17.02 37.23 -45.50
C LEU T 77 -17.30 38.52 -46.26
N THR T 78 -16.29 38.97 -47.01
CA THR T 78 -16.41 40.19 -47.83
C THR T 78 -16.02 39.95 -49.28
N ILE T 79 -16.95 40.27 -50.18
CA ILE T 79 -16.66 40.31 -51.61
C ILE T 79 -16.55 41.77 -51.98
N SER T 80 -15.36 42.21 -52.35
CA SER T 80 -15.10 43.63 -52.55
C SER T 80 -15.63 44.22 -53.85
N SER T 81 -15.75 43.39 -54.89
CA SER T 81 -16.20 43.83 -56.20
C SER T 81 -17.07 42.75 -56.81
N LEU T 82 -18.35 42.75 -56.46
CA LEU T 82 -19.26 41.68 -56.83
C LEU T 82 -19.33 41.48 -58.34
N GLN T 83 -19.35 40.21 -58.74
CA GLN T 83 -19.37 39.80 -60.16
C GLN T 83 -20.57 38.90 -60.44
N PRO T 84 -20.99 38.79 -61.72
CA PRO T 84 -22.15 37.96 -62.05
C PRO T 84 -21.97 36.49 -61.67
N GLU T 85 -20.77 35.99 -61.89
CA GLU T 85 -20.43 34.59 -61.57
C GLU T 85 -20.40 34.30 -60.06
N ASP T 86 -20.50 35.35 -59.25
CA ASP T 86 -20.53 35.21 -57.78
C ASP T 86 -21.93 34.94 -57.22
N PHE T 87 -22.93 34.87 -58.09
CA PHE T 87 -24.25 34.41 -57.68
C PHE T 87 -24.15 33.01 -57.10
N ALA T 88 -24.45 32.90 -55.81
CA ALA T 88 -24.46 31.62 -55.10
C ALA T 88 -24.98 31.82 -53.68
N THR T 89 -25.12 30.72 -52.96
CA THR T 89 -25.38 30.76 -51.53
C THR T 89 -24.06 30.49 -50.83
N TYR T 90 -23.83 31.22 -49.75
CA TYR T 90 -22.58 31.16 -49.00
C TYR T 90 -22.82 30.65 -47.60
N TYR T 91 -21.99 29.71 -47.17
CA TYR T 91 -22.10 29.09 -45.87
C TYR T 91 -20.83 29.29 -45.06
N CYS T 92 -20.98 29.31 -43.75
CA CYS T 92 -19.86 29.25 -42.84
C CYS T 92 -19.95 27.90 -42.13
N GLN T 93 -18.82 27.28 -41.86
CA GLN T 93 -18.76 26.15 -40.92
C GLN T 93 -17.53 26.19 -40.02
N HIS T 94 -17.67 25.54 -38.87
CA HIS T 94 -16.63 25.50 -37.87
C HIS T 94 -16.06 24.10 -37.73
N SER T 95 -14.79 24.04 -37.32
CA SER T 95 -14.10 22.80 -37.01
C SER T 95 -13.53 22.91 -35.60
N TRP T 96 -14.30 23.58 -34.74
CA TRP T 96 -14.06 23.61 -33.31
C TRP T 96 -14.74 22.41 -32.68
N GLY T 97 -14.15 21.24 -32.89
CA GLY T 97 -14.67 20.00 -32.35
C GLY T 97 -15.87 19.49 -33.12
N ILE T 98 -16.71 18.75 -32.39
CA ILE T 98 -17.75 17.94 -32.96
C ILE T 98 -19.06 18.23 -32.24
N PRO T 99 -20.18 18.28 -32.97
CA PRO T 99 -20.28 18.09 -34.41
C PRO T 99 -19.89 19.33 -35.22
N ARG T 100 -19.57 19.07 -36.47
CA ARG T 100 -19.32 20.12 -37.43
C ARG T 100 -20.67 20.63 -37.87
N THR T 101 -20.85 21.94 -37.85
CA THR T 101 -22.12 22.52 -38.21
C THR T 101 -21.87 23.66 -39.16
N PHE T 102 -22.85 23.86 -40.06
CA PHE T 102 -22.83 24.98 -40.99
C PHE T 102 -23.82 26.02 -40.53
N GLY T 103 -23.72 27.21 -41.12
CA GLY T 103 -24.76 28.22 -40.97
C GLY T 103 -25.89 27.91 -41.93
N GLN T 104 -26.99 28.66 -41.83
CA GLN T 104 -28.16 28.41 -42.68
C GLN T 104 -27.92 28.81 -44.14
N GLY T 105 -26.95 29.68 -44.36
CA GLY T 105 -26.58 30.10 -45.70
C GLY T 105 -27.11 31.49 -46.03
N THR T 106 -26.44 32.15 -46.96
CA THR T 106 -26.82 33.47 -47.40
C THR T 106 -26.89 33.52 -48.91
N LYS T 107 -28.11 33.69 -49.43
CA LYS T 107 -28.33 33.82 -50.87
C LYS T 107 -27.89 35.20 -51.36
N VAL T 108 -27.01 35.19 -52.34
CA VAL T 108 -26.54 36.43 -52.96
C VAL T 108 -27.00 36.48 -54.39
N GLU T 109 -27.83 37.47 -54.69
CA GLU T 109 -28.32 37.67 -56.04
C GLU T 109 -27.86 38.99 -56.62
N ILE T 110 -27.65 39.00 -57.93
CA ILE T 110 -27.04 40.13 -58.64
C ILE T 110 -28.12 41.11 -59.11
N GLU U 1 -6.18 12.50 -60.15
CA GLU U 1 -7.35 13.44 -60.08
C GLU U 1 -8.42 12.89 -59.16
N VAL U 2 -8.65 13.60 -58.06
CA VAL U 2 -9.49 13.08 -56.99
C VAL U 2 -10.91 13.01 -57.47
N GLN U 3 -11.59 11.96 -57.06
CA GLN U 3 -12.95 11.72 -57.49
C GLN U 3 -13.73 10.86 -56.50
N LEU U 4 -14.87 11.39 -56.05
CA LEU U 4 -15.73 10.75 -55.07
C LEU U 4 -17.07 10.46 -55.71
N VAL U 5 -17.48 9.21 -55.65
CA VAL U 5 -18.66 8.76 -56.35
C VAL U 5 -19.60 8.04 -55.40
N GLU U 6 -20.64 8.74 -54.97
CA GLU U 6 -21.64 8.12 -54.12
C GLU U 6 -22.72 7.47 -54.99
N SER U 7 -23.28 6.38 -54.47
CA SER U 7 -24.31 5.61 -55.15
C SER U 7 -25.14 4.85 -54.12
N GLY U 8 -26.25 4.28 -54.57
CA GLY U 8 -27.16 3.54 -53.68
C GLY U 8 -28.35 4.35 -53.21
N GLY U 9 -28.47 5.59 -53.70
CA GLY U 9 -29.61 6.45 -53.36
C GLY U 9 -30.87 5.99 -54.07
N GLY U 10 -32.02 6.50 -53.63
CA GLY U 10 -33.30 6.10 -54.21
C GLY U 10 -34.46 6.29 -53.26
N LEU U 11 -35.44 5.41 -53.36
CA LEU U 11 -36.68 5.50 -52.60
C LEU U 11 -36.74 4.41 -51.54
N VAL U 12 -37.15 4.79 -50.33
CA VAL U 12 -37.44 3.84 -49.29
C VAL U 12 -38.66 4.26 -48.53
N GLN U 13 -39.39 3.29 -48.05
CA GLN U 13 -40.49 3.67 -47.19
C GLN U 13 -40.05 3.99 -45.79
N PRO U 14 -40.87 4.76 -45.05
CA PRO U 14 -40.48 5.10 -43.69
C PRO U 14 -40.29 3.87 -42.81
N GLY U 15 -39.31 3.94 -41.91
CA GLY U 15 -38.95 2.78 -41.09
C GLY U 15 -38.01 1.81 -41.79
N GLY U 16 -37.86 1.97 -43.11
CA GLY U 16 -36.98 1.13 -43.90
C GLY U 16 -35.52 1.52 -43.71
N SER U 17 -34.65 0.82 -44.43
CA SER U 17 -33.22 1.03 -44.30
C SER U 17 -32.55 1.12 -45.67
N LEU U 18 -31.39 1.78 -45.70
CA LEU U 18 -30.64 2.00 -46.93
C LEU U 18 -29.16 1.95 -46.68
N ARG U 19 -28.40 1.64 -47.73
CA ARG U 19 -26.96 1.69 -47.65
C ARG U 19 -26.36 2.50 -48.79
N LEU U 20 -25.85 3.66 -48.45
CA LEU U 20 -25.09 4.47 -49.38
C LEU U 20 -23.65 4.05 -49.37
N SER U 21 -23.04 4.10 -50.54
CA SER U 21 -21.64 3.79 -50.68
C SER U 21 -20.96 4.92 -51.44
N CYS U 22 -19.69 5.15 -51.13
CA CYS U 22 -18.90 6.17 -51.77
C CYS U 22 -17.57 5.57 -52.22
N ALA U 23 -17.37 5.54 -53.52
CA ALA U 23 -16.17 4.97 -54.11
C ALA U 23 -15.22 6.08 -54.48
N THR U 24 -14.01 6.02 -53.92
CA THR U 24 -13.05 7.10 -54.12
C THR U 24 -11.98 6.67 -55.10
N SER U 25 -11.23 7.65 -55.61
CA SER U 25 -10.15 7.40 -56.56
C SER U 25 -9.26 8.63 -56.72
N GLY U 26 -8.00 8.40 -57.09
CA GLY U 26 -7.10 9.48 -57.50
C GLY U 26 -6.28 10.12 -56.41
N TYR U 27 -6.18 9.45 -55.27
CA TYR U 27 -5.34 9.91 -54.15
C TYR U 27 -4.99 8.71 -53.25
N THR U 28 -3.99 8.86 -52.39
CA THR U 28 -3.68 7.77 -51.44
C THR U 28 -4.78 7.66 -50.40
N PHE U 29 -5.44 6.51 -50.40
CA PHE U 29 -6.69 6.35 -49.66
C PHE U 29 -6.62 6.77 -48.19
N THR U 30 -5.54 6.39 -47.51
CA THR U 30 -5.40 6.62 -46.07
C THR U 30 -5.20 8.08 -45.72
N GLU U 31 -4.99 8.93 -46.71
CA GLU U 31 -4.64 10.31 -46.45
C GLU U 31 -5.82 11.20 -46.14
N TYR U 32 -7.00 10.87 -46.67
CA TYR U 32 -8.17 11.70 -46.47
C TYR U 32 -9.20 11.05 -45.57
N ILE U 33 -9.81 11.89 -44.75
CA ILE U 33 -10.98 11.51 -43.98
C ILE U 33 -12.19 11.69 -44.83
N ILE U 34 -13.05 10.68 -44.82
CA ILE U 34 -14.25 10.70 -45.63
C ILE U 34 -15.44 11.05 -44.75
N HIS U 35 -16.29 11.92 -45.28
CA HIS U 35 -17.44 12.42 -44.58
C HIS U 35 -18.69 12.13 -45.36
N TRP U 36 -19.81 12.13 -44.64
CA TRP U 36 -21.11 12.23 -45.26
C TRP U 36 -21.76 13.50 -44.77
N VAL U 37 -22.30 14.26 -45.71
CA VAL U 37 -22.96 15.51 -45.44
C VAL U 37 -24.24 15.54 -46.27
N ARG U 38 -25.36 15.82 -45.64
CA ARG U 38 -26.62 15.84 -46.37
C ARG U 38 -27.23 17.22 -46.43
N GLN U 39 -28.20 17.34 -47.32
CA GLN U 39 -28.88 18.60 -47.58
C GLN U 39 -30.32 18.35 -48.01
N ALA U 40 -31.26 18.67 -47.14
CA ALA U 40 -32.67 18.55 -47.50
C ALA U 40 -32.98 19.50 -48.65
N PRO U 41 -33.94 19.12 -49.53
CA PRO U 41 -34.22 19.96 -50.69
C PRO U 41 -34.70 21.35 -50.30
N GLY U 42 -33.96 22.36 -50.77
CA GLY U 42 -34.22 23.75 -50.41
C GLY U 42 -33.47 24.19 -49.17
N LYS U 43 -33.15 23.25 -48.28
CA LYS U 43 -32.61 23.57 -46.97
C LYS U 43 -31.08 23.63 -46.98
N GLY U 44 -30.52 23.82 -45.79
CA GLY U 44 -29.10 23.95 -45.58
C GLY U 44 -28.37 22.63 -45.44
N LEU U 45 -27.11 22.72 -45.03
CA LEU U 45 -26.20 21.59 -44.98
C LEU U 45 -26.08 21.02 -43.59
N GLU U 46 -25.98 19.70 -43.50
CA GLU U 46 -25.92 19.02 -42.21
C GLU U 46 -24.90 17.90 -42.25
N TRP U 47 -23.92 18.00 -41.36
CA TRP U 47 -22.90 16.98 -41.24
C TRP U 47 -23.47 15.77 -40.55
N VAL U 48 -23.18 14.60 -41.10
CA VAL U 48 -23.72 13.35 -40.59
C VAL U 48 -22.67 12.57 -39.80
N ALA U 49 -21.60 12.20 -40.48
CA ALA U 49 -20.56 11.37 -39.88
C ALA U 49 -19.30 11.46 -40.68
N SER U 50 -18.20 11.07 -40.03
CA SER U 50 -16.89 10.95 -40.68
C SER U 50 -16.14 9.73 -40.22
N ILE U 51 -15.27 9.21 -41.09
CA ILE U 51 -14.44 8.06 -40.77
C ILE U 51 -13.01 8.29 -41.23
N ASN U 52 -12.06 7.86 -40.41
CA ASN U 52 -10.62 8.04 -40.66
C ASN U 52 -9.94 6.71 -41.02
N PRO U 53 -9.60 6.53 -42.31
CA PRO U 53 -9.07 5.26 -42.79
C PRO U 53 -7.66 4.95 -42.29
N ASP U 54 -6.90 5.98 -41.95
CA ASP U 54 -5.52 5.81 -41.53
C ASP U 54 -5.48 5.17 -40.16
N TYR U 55 -6.21 5.77 -39.24
CA TYR U 55 -6.40 5.20 -37.92
C TYR U 55 -7.62 4.28 -38.04
N ASP U 56 -8.65 4.49 -37.23
CA ASP U 56 -9.93 3.82 -37.48
C ASP U 56 -11.04 4.55 -36.78
N ILE U 57 -10.81 5.83 -36.54
CA ILE U 57 -11.70 6.65 -35.73
C ILE U 57 -12.93 6.97 -36.57
N THR U 58 -14.07 7.03 -35.91
CA THR U 58 -15.30 7.50 -36.53
C THR U 58 -15.92 8.55 -35.64
N ASN U 59 -16.71 9.43 -36.24
CA ASN U 59 -17.43 10.43 -35.49
C ASN U 59 -18.82 10.60 -36.07
N TYR U 60 -19.77 10.90 -35.18
CA TYR U 60 -21.16 11.01 -35.58
C TYR U 60 -21.76 12.31 -35.06
N ASN U 61 -22.68 12.85 -35.85
CA ASN U 61 -23.60 13.84 -35.33
C ASN U 61 -24.56 13.12 -34.40
N GLN U 62 -24.69 13.59 -33.16
CA GLN U 62 -25.52 12.93 -32.14
C GLN U 62 -26.96 12.61 -32.58
N ARG U 63 -27.52 13.43 -33.46
CA ARG U 63 -28.83 13.15 -34.04
C ARG U 63 -28.94 11.74 -34.61
N PHE U 64 -27.89 11.29 -35.29
CA PHE U 64 -27.89 10.02 -36.02
C PHE U 64 -27.14 8.87 -35.34
N LYS U 65 -26.75 9.06 -34.09
CA LYS U 65 -25.94 8.07 -33.36
C LYS U 65 -26.58 6.68 -33.38
N GLY U 66 -27.87 6.61 -33.06
CA GLY U 66 -28.58 5.33 -33.00
C GLY U 66 -28.77 4.63 -34.34
N ARG U 67 -29.05 5.40 -35.38
CA ARG U 67 -29.61 4.84 -36.61
C ARG U 67 -28.58 4.63 -37.71
N PHE U 68 -27.66 5.59 -37.87
CA PHE U 68 -26.71 5.57 -38.98
C PHE U 68 -25.39 4.97 -38.55
N THR U 69 -24.77 4.23 -39.47
CA THR U 69 -23.44 3.67 -39.25
C THR U 69 -22.57 3.94 -40.47
N ILE U 70 -21.41 4.51 -40.21
CA ILE U 70 -20.41 4.74 -41.23
C ILE U 70 -19.35 3.68 -41.04
N SER U 71 -18.77 3.23 -42.15
CA SER U 71 -17.80 2.14 -42.13
C SER U 71 -17.12 2.16 -43.47
N LEU U 72 -16.08 1.35 -43.64
CA LEU U 72 -15.41 1.32 -44.92
C LEU U 72 -14.72 0.01 -45.28
N ASP U 73 -14.39 -0.11 -46.56
CA ASP U 73 -13.65 -1.23 -47.09
C ASP U 73 -12.43 -0.71 -47.84
N LYS U 74 -11.28 -0.84 -47.21
CA LYS U 74 -10.05 -0.24 -47.69
C LYS U 74 -9.61 -0.84 -49.01
N SER U 75 -9.73 -2.15 -49.16
CA SER U 75 -9.36 -2.79 -50.42
C SER U 75 -10.19 -2.24 -51.58
N LYS U 76 -11.48 -1.96 -51.34
CA LYS U 76 -12.36 -1.40 -52.38
C LYS U 76 -12.36 0.14 -52.44
N ARG U 77 -11.47 0.76 -51.66
CA ARG U 77 -11.39 2.22 -51.58
C ARG U 77 -12.79 2.82 -51.47
N THR U 78 -13.59 2.27 -50.58
CA THR U 78 -15.01 2.61 -50.52
C THR U 78 -15.50 2.80 -49.10
N ALA U 79 -16.22 3.89 -48.88
CA ALA U 79 -16.91 4.14 -47.60
C ALA U 79 -18.42 3.96 -47.73
N TYR U 80 -19.05 3.52 -46.66
CA TYR U 80 -20.44 3.17 -46.66
C TYR U 80 -21.16 3.90 -45.56
N LEU U 81 -22.40 4.29 -45.83
CA LEU U 81 -23.29 4.83 -44.81
C LEU U 81 -24.55 4.01 -44.74
N GLN U 82 -24.68 3.25 -43.67
CA GLN U 82 -25.86 2.44 -43.44
C GLN U 82 -26.88 3.23 -42.65
N MET U 83 -28.04 3.46 -43.26
CA MET U 83 -29.11 4.18 -42.60
C MET U 83 -30.25 3.22 -42.24
N ASN U 84 -30.81 3.43 -41.05
CA ASN U 84 -31.92 2.63 -40.52
C ASN U 84 -33.09 3.45 -40.06
N SER U 85 -34.23 2.78 -39.87
CA SER U 85 -35.40 3.40 -39.30
C SER U 85 -35.60 4.80 -39.86
N LEU U 86 -35.54 4.90 -41.18
CA LEU U 86 -35.59 6.18 -41.86
C LEU U 86 -36.94 6.88 -41.66
N ARG U 87 -36.87 8.12 -41.19
CA ARG U 87 -38.02 9.00 -41.10
C ARG U 87 -38.14 9.79 -42.39
N ALA U 88 -39.24 10.51 -42.55
CA ALA U 88 -39.45 11.34 -43.73
C ALA U 88 -38.51 12.56 -43.76
N GLU U 89 -38.02 12.99 -42.59
CA GLU U 89 -37.13 14.14 -42.47
C GLU U 89 -35.70 13.79 -42.85
N ASP U 90 -35.48 12.56 -43.26
CA ASP U 90 -34.17 12.13 -43.70
C ASP U 90 -34.03 12.28 -45.20
N THR U 91 -35.14 12.58 -45.86
CA THR U 91 -35.11 12.86 -47.29
C THR U 91 -34.15 14.01 -47.52
N ALA U 92 -33.08 13.73 -48.26
CA ALA U 92 -32.08 14.73 -48.57
C ALA U 92 -31.13 14.18 -49.62
N VAL U 93 -30.32 15.09 -50.18
CA VAL U 93 -29.21 14.71 -51.05
C VAL U 93 -28.08 14.39 -50.11
N TYR U 94 -27.46 13.24 -50.31
CA TYR U 94 -26.36 12.84 -49.46
C TYR U 94 -25.06 13.00 -50.22
N TYR U 95 -24.22 13.91 -49.73
CA TYR U 95 -22.92 14.13 -50.32
C TYR U 95 -21.87 13.29 -49.59
N CYS U 96 -20.94 12.79 -50.39
CA CYS U 96 -19.73 12.20 -49.90
C CYS U 96 -18.68 13.29 -50.03
N ALA U 97 -17.97 13.58 -48.94
CA ALA U 97 -16.95 14.63 -48.96
C ALA U 97 -15.68 14.20 -48.24
N SER U 98 -14.56 14.81 -48.62
CA SER U 98 -13.26 14.45 -48.05
C SER U 98 -12.52 15.66 -47.55
N TRP U 99 -11.66 15.43 -46.55
CA TRP U 99 -10.76 16.47 -46.10
C TRP U 99 -9.50 15.86 -45.55
N ILE U 100 -8.47 16.68 -45.48
CA ILE U 100 -7.26 16.33 -44.74
C ILE U 100 -7.43 16.82 -43.32
N SER U 101 -7.93 18.04 -43.18
CA SER U 101 -8.24 18.58 -41.87
C SER U 101 -9.06 19.85 -41.97
N ASP U 102 -9.98 20.00 -41.03
CA ASP U 102 -10.76 21.25 -40.79
C ASP U 102 -11.82 21.62 -41.81
N PHE U 103 -11.45 21.63 -43.08
CA PHE U 103 -12.38 22.02 -44.13
C PHE U 103 -12.30 21.05 -45.30
N PHE U 104 -13.39 20.98 -46.06
CA PHE U 104 -13.54 19.98 -47.10
C PHE U 104 -12.83 20.37 -48.38
N ASP U 105 -12.02 19.43 -48.86
CA ASP U 105 -11.23 19.60 -50.07
C ASP U 105 -11.94 19.08 -51.32
N TYR U 106 -12.77 18.04 -51.16
CA TYR U 106 -13.45 17.40 -52.30
C TYR U 106 -14.83 16.90 -51.97
N TRP U 107 -15.65 16.78 -53.02
CA TRP U 107 -17.06 16.40 -52.90
C TRP U 107 -17.49 15.42 -53.98
N GLY U 108 -18.54 14.66 -53.69
CA GLY U 108 -19.24 13.92 -54.74
C GLY U 108 -20.23 14.83 -55.45
N GLN U 109 -21.01 14.22 -56.34
CA GLN U 109 -22.07 14.92 -57.05
C GLN U 109 -23.37 14.91 -56.24
N GLY U 110 -23.41 14.06 -55.21
CA GLY U 110 -24.60 13.89 -54.37
C GLY U 110 -25.47 12.76 -54.89
N THR U 111 -26.19 12.09 -53.98
CA THR U 111 -27.14 11.04 -54.35
C THR U 111 -28.42 11.27 -53.55
N LEU U 112 -29.57 11.24 -54.24
CA LEU U 112 -30.83 11.64 -53.61
C LEU U 112 -31.50 10.45 -52.94
N VAL U 113 -31.83 10.63 -51.67
CA VAL U 113 -32.58 9.65 -50.89
C VAL U 113 -33.94 10.21 -50.56
N THR U 114 -34.98 9.50 -50.97
CA THR U 114 -36.36 9.93 -50.78
C THR U 114 -37.06 8.93 -49.87
N VAL U 115 -37.52 9.40 -48.72
CA VAL U 115 -38.28 8.56 -47.79
C VAL U 115 -39.79 8.81 -47.93
N SER U 116 -40.49 7.87 -48.54
CA SER U 116 -41.92 8.04 -48.79
C SER U 116 -42.64 6.71 -48.95
N SER U 117 -43.91 6.71 -48.55
CA SER U 117 -44.77 5.54 -48.67
C SER U 117 -45.38 5.48 -50.07
N LEU V 9 -32.12 -21.53 -74.39
CA LEU V 9 -31.18 -20.36 -74.40
C LEU V 9 -31.77 -19.09 -75.04
N GLY V 10 -32.89 -19.22 -75.75
CA GLY V 10 -33.78 -18.08 -75.98
C GLY V 10 -34.82 -17.96 -74.86
N SER V 11 -34.67 -18.77 -73.83
CA SER V 11 -35.37 -18.59 -72.55
C SER V 11 -34.60 -17.60 -71.67
N ARG V 12 -33.29 -17.56 -71.83
CA ARG V 12 -32.45 -16.55 -71.17
C ARG V 12 -32.94 -15.16 -71.56
N ARG V 13 -33.45 -15.06 -72.79
CA ARG V 13 -33.96 -13.83 -73.36
C ARG V 13 -35.23 -13.39 -72.65
N THR V 14 -36.06 -14.36 -72.28
CA THR V 14 -37.34 -14.10 -71.61
C THR V 14 -37.14 -13.52 -70.20
N LEU V 15 -36.15 -14.03 -69.49
CA LEU V 15 -35.81 -13.53 -68.16
C LEU V 15 -35.23 -12.11 -68.23
N MET V 16 -34.39 -11.90 -69.24
CA MET V 16 -33.77 -10.60 -69.44
C MET V 16 -34.85 -9.52 -69.62
N LEU V 17 -35.88 -9.86 -70.39
CA LEU V 17 -36.98 -8.92 -70.65
C LEU V 17 -37.80 -8.67 -69.39
N LEU V 18 -38.11 -9.73 -68.67
CA LEU V 18 -38.77 -9.59 -67.39
C LEU V 18 -38.00 -8.68 -66.44
N ALA V 19 -36.68 -8.77 -66.49
CA ALA V 19 -35.83 -7.95 -65.64
C ALA V 19 -35.99 -6.48 -65.96
N GLN V 20 -35.98 -6.18 -67.26
CA GLN V 20 -36.05 -4.80 -67.73
C GLN V 20 -37.39 -4.16 -67.43
N MET V 21 -38.42 -4.98 -67.29
CA MET V 21 -39.74 -4.49 -66.98
C MET V 21 -39.87 -3.94 -65.57
N ARG V 22 -38.93 -4.27 -64.69
CA ARG V 22 -39.04 -3.81 -63.32
C ARG V 22 -39.13 -2.29 -63.30
N LYS V 23 -40.05 -1.81 -62.47
CA LYS V 23 -40.22 -0.38 -62.25
C LYS V 23 -39.93 0.03 -60.82
N ILE V 24 -40.35 -0.78 -59.86
CA ILE V 24 -40.15 -0.46 -58.45
C ILE V 24 -39.42 -1.57 -57.72
N SER V 25 -38.78 -1.21 -56.61
CA SER V 25 -38.07 -2.18 -55.80
C SER V 25 -39.02 -2.92 -54.88
N LEU V 26 -38.75 -4.21 -54.73
CA LEU V 26 -39.47 -5.07 -53.81
C LEU V 26 -39.25 -4.64 -52.37
N PHE V 27 -38.18 -3.89 -52.13
CA PHE V 27 -37.86 -3.46 -50.80
C PHE V 27 -38.80 -2.38 -50.30
N SER V 28 -39.46 -1.70 -51.23
CA SER V 28 -40.53 -0.77 -50.88
C SER V 28 -41.90 -1.47 -50.78
N CYS V 29 -41.94 -2.75 -51.13
CA CYS V 29 -43.17 -3.54 -51.10
C CYS V 29 -43.15 -4.68 -50.08
N LEU V 30 -42.36 -4.55 -49.04
CA LEU V 30 -42.19 -5.69 -48.15
C LEU V 30 -43.49 -6.08 -47.47
N LYS V 31 -44.33 -5.10 -47.19
CA LYS V 31 -45.70 -5.33 -46.67
C LYS V 31 -46.48 -6.36 -47.51
N ASP V 32 -46.23 -6.39 -48.80
CA ASP V 32 -47.03 -7.18 -49.74
C ASP V 32 -46.45 -8.53 -50.18
N ARG V 33 -45.30 -8.92 -49.63
CA ARG V 33 -44.69 -10.21 -50.05
C ARG V 33 -45.64 -11.36 -49.76
N HIS V 34 -45.48 -12.45 -50.49
CA HIS V 34 -46.47 -13.50 -50.48
C HIS V 34 -45.86 -14.81 -50.93
N ASP V 35 -46.22 -15.90 -50.26
CA ASP V 35 -45.80 -17.23 -50.70
C ASP V 35 -46.91 -17.83 -51.55
N PHE V 36 -46.59 -18.10 -52.81
CA PHE V 36 -47.54 -18.63 -53.77
C PHE V 36 -47.51 -20.14 -53.91
N GLY V 37 -46.57 -20.79 -53.24
CA GLY V 37 -46.46 -22.25 -53.28
C GLY V 37 -46.28 -22.79 -54.68
N PHE V 38 -45.20 -22.39 -55.33
CA PHE V 38 -44.89 -22.89 -56.66
C PHE V 38 -44.67 -24.42 -56.63
N PRO V 39 -45.43 -25.19 -57.45
CA PRO V 39 -45.36 -26.64 -57.42
C PRO V 39 -44.15 -27.15 -58.16
N GLN V 40 -42.98 -26.95 -57.55
CA GLN V 40 -41.69 -27.20 -58.17
C GLN V 40 -41.43 -28.68 -58.39
N GLU V 41 -41.89 -29.50 -57.46
CA GLU V 41 -41.78 -30.97 -57.53
C GLU V 41 -42.12 -31.49 -58.92
N GLU V 42 -43.04 -30.79 -59.58
CA GLU V 42 -43.57 -31.21 -60.88
C GLU V 42 -42.62 -31.08 -62.07
N PHE V 43 -41.44 -30.51 -61.86
CA PHE V 43 -40.48 -30.29 -62.96
C PHE V 43 -39.20 -31.14 -62.82
N GLY V 44 -38.12 -30.52 -62.35
CA GLY V 44 -36.76 -30.97 -62.65
C GLY V 44 -36.27 -32.41 -62.49
N ASN V 45 -36.85 -33.18 -61.56
CA ASN V 45 -36.02 -34.14 -60.76
C ASN V 45 -35.82 -35.64 -61.03
N GLN V 46 -36.83 -36.31 -61.60
CA GLN V 46 -36.73 -37.72 -61.97
C GLN V 46 -37.28 -37.81 -63.37
N PHE V 47 -38.46 -37.22 -63.52
CA PHE V 47 -38.97 -36.79 -64.80
C PHE V 47 -37.93 -35.81 -65.40
N GLN V 48 -36.68 -36.27 -65.58
CA GLN V 48 -35.54 -35.35 -65.81
C GLN V 48 -35.77 -34.51 -67.06
N LYS V 49 -35.19 -34.98 -68.17
CA LYS V 49 -35.34 -34.29 -69.43
C LYS V 49 -36.73 -34.70 -69.84
N ALA V 50 -37.49 -33.78 -70.42
CA ALA V 50 -38.27 -34.18 -71.57
C ALA V 50 -39.62 -34.80 -71.22
N GLU V 51 -39.71 -35.45 -70.07
CA GLU V 51 -41.00 -35.91 -69.58
C GLU V 51 -41.78 -34.75 -68.94
N THR V 52 -41.15 -33.57 -68.83
CA THR V 52 -41.74 -32.40 -68.19
C THR V 52 -42.10 -31.29 -69.19
N ILE V 53 -42.15 -31.66 -70.46
CA ILE V 53 -42.51 -30.72 -71.50
C ILE V 53 -43.95 -30.19 -71.32
N PRO V 54 -44.94 -31.09 -71.22
CA PRO V 54 -46.31 -30.62 -71.09
C PRO V 54 -46.56 -29.66 -69.93
N VAL V 55 -45.78 -29.81 -68.86
CA VAL V 55 -45.93 -28.97 -67.66
C VAL V 55 -45.34 -27.61 -67.98
N LEU V 56 -44.19 -27.65 -68.63
CA LEU V 56 -43.51 -26.44 -69.02
C LEU V 56 -44.36 -25.69 -70.04
N HIS V 57 -44.95 -26.44 -70.95
CA HIS V 57 -45.85 -25.89 -71.94
C HIS V 57 -46.98 -25.13 -71.27
N GLU V 58 -47.57 -25.71 -70.23
CA GLU V 58 -48.67 -25.06 -69.53
C GLU V 58 -48.22 -23.81 -68.83
N MET V 59 -46.99 -23.84 -68.32
CA MET V 59 -46.43 -22.70 -67.65
C MET V 59 -46.40 -21.49 -68.56
N ILE V 60 -45.79 -21.67 -69.72
CA ILE V 60 -45.57 -20.60 -70.66
C ILE V 60 -46.93 -20.04 -71.04
N GLN V 61 -47.82 -20.95 -71.41
CA GLN V 61 -49.23 -20.65 -71.63
C GLN V 61 -49.78 -19.70 -70.58
N GLN V 62 -49.63 -20.08 -69.32
CA GLN V 62 -50.20 -19.31 -68.23
C GLN V 62 -49.60 -17.92 -68.11
N ILE V 63 -48.29 -17.85 -68.30
CA ILE V 63 -47.56 -16.59 -68.25
C ILE V 63 -48.04 -15.67 -69.35
N PHE V 64 -48.13 -16.23 -70.54
CA PHE V 64 -48.61 -15.50 -71.69
C PHE V 64 -50.00 -14.93 -71.42
N ASN V 65 -50.86 -15.77 -70.86
CA ASN V 65 -52.21 -15.36 -70.49
C ASN V 65 -52.16 -14.19 -69.51
N LEU V 66 -51.37 -14.38 -68.47
CA LEU V 66 -51.24 -13.39 -67.40
C LEU V 66 -50.87 -12.00 -67.90
N PHE V 67 -49.80 -11.95 -68.70
CA PHE V 67 -49.21 -10.69 -69.11
C PHE V 67 -49.88 -10.07 -70.32
N SER V 68 -50.95 -10.70 -70.80
CA SER V 68 -51.69 -10.20 -71.95
C SER V 68 -52.91 -9.38 -71.56
N THR V 69 -53.27 -9.41 -70.28
CA THR V 69 -54.47 -8.71 -69.81
C THR V 69 -54.30 -7.21 -69.96
N LYS V 70 -55.42 -6.51 -70.05
CA LYS V 70 -55.38 -5.04 -70.11
C LYS V 70 -54.87 -4.45 -68.79
N ASP V 71 -54.98 -5.22 -67.71
CA ASP V 71 -54.37 -4.86 -66.43
C ASP V 71 -52.84 -4.92 -66.48
N SER V 72 -52.32 -5.91 -67.20
CA SER V 72 -50.88 -6.07 -67.41
C SER V 72 -50.30 -4.96 -68.29
N SER V 73 -51.05 -4.58 -69.32
CA SER V 73 -50.65 -3.46 -70.17
C SER V 73 -50.51 -2.18 -69.36
N ALA V 74 -51.47 -1.97 -68.46
CA ALA V 74 -51.48 -0.80 -67.59
C ALA V 74 -50.27 -0.80 -66.65
N ALA V 75 -49.81 -1.99 -66.29
CA ALA V 75 -48.73 -2.15 -65.32
C ALA V 75 -47.34 -2.03 -65.93
N TRP V 76 -47.17 -2.48 -67.17
CA TRP V 76 -45.82 -2.60 -67.75
C TRP V 76 -45.66 -1.87 -69.08
N ASP V 77 -44.40 -1.63 -69.42
CA ASP V 77 -44.04 -0.90 -70.62
C ASP V 77 -44.52 -1.62 -71.87
N GLU V 78 -45.31 -0.92 -72.68
CA GLU V 78 -45.90 -1.48 -73.90
C GLU V 78 -44.86 -2.07 -74.86
N THR V 79 -43.71 -1.40 -75.03
CA THR V 79 -42.65 -1.86 -75.93
C THR V 79 -42.05 -3.18 -75.46
N LEU V 80 -41.81 -3.28 -74.16
CA LEU V 80 -41.18 -4.46 -73.60
C LEU V 80 -42.12 -5.63 -73.65
N LEU V 81 -43.39 -5.39 -73.30
CA LEU V 81 -44.42 -6.43 -73.37
C LEU V 81 -44.47 -7.06 -74.75
N ASP V 82 -44.28 -6.26 -75.79
CA ASP V 82 -44.28 -6.78 -77.16
C ASP V 82 -43.16 -7.77 -77.41
N LYS V 83 -41.93 -7.32 -77.15
CA LYS V 83 -40.74 -8.16 -77.27
C LYS V 83 -40.90 -9.43 -76.43
N PHE V 84 -41.56 -9.28 -75.29
CA PHE V 84 -41.87 -10.37 -74.39
C PHE V 84 -42.81 -11.39 -75.01
N TYR V 85 -43.90 -10.92 -75.62
CA TYR V 85 -44.86 -11.84 -76.24
C TYR V 85 -44.22 -12.60 -77.36
N THR V 86 -43.50 -11.89 -78.23
CA THR V 86 -42.73 -12.53 -79.29
C THR V 86 -41.97 -13.72 -78.74
N GLU V 87 -41.31 -13.51 -77.61
CA GLU V 87 -40.44 -14.52 -77.03
C GLU V 87 -41.21 -15.69 -76.46
N LEU V 88 -42.32 -15.39 -75.79
CA LEU V 88 -43.20 -16.43 -75.27
C LEU V 88 -43.76 -17.28 -76.41
N TYR V 89 -44.29 -16.62 -77.44
CA TYR V 89 -44.83 -17.31 -78.61
C TYR V 89 -43.86 -18.32 -79.18
N GLN V 90 -42.64 -17.88 -79.39
CA GLN V 90 -41.59 -18.73 -79.91
C GLN V 90 -41.57 -20.05 -79.14
N GLN V 91 -41.52 -19.94 -77.82
CA GLN V 91 -41.39 -21.10 -76.96
C GLN V 91 -42.69 -21.85 -76.91
N LEU V 92 -43.77 -21.13 -76.65
CA LEU V 92 -45.13 -21.69 -76.64
C LEU V 92 -45.38 -22.59 -77.85
N ASN V 93 -45.00 -22.10 -79.03
CA ASN V 93 -45.20 -22.84 -80.26
C ASN V 93 -44.33 -24.07 -80.38
N ASP V 94 -43.07 -23.95 -79.98
CA ASP V 94 -42.14 -25.07 -80.04
C ASP V 94 -42.55 -26.19 -79.11
N LEU V 95 -42.93 -25.82 -77.90
CA LEU V 95 -43.39 -26.78 -76.88
C LEU V 95 -44.68 -27.45 -77.27
N GLU V 96 -45.60 -26.69 -77.85
CA GLU V 96 -46.85 -27.28 -78.31
C GLU V 96 -46.61 -28.34 -79.38
N ALA V 97 -45.75 -28.04 -80.34
CA ALA V 97 -45.38 -29.00 -81.39
C ALA V 97 -44.91 -30.33 -80.82
N CYS V 98 -44.19 -30.28 -79.72
CA CYS V 98 -43.69 -31.48 -79.07
C CYS V 98 -44.81 -32.24 -78.39
N VAL V 99 -45.61 -31.53 -77.61
CA VAL V 99 -46.81 -32.09 -76.97
C VAL V 99 -47.69 -32.77 -78.01
N ILE V 100 -47.89 -32.11 -79.14
CA ILE V 100 -48.66 -32.67 -80.26
C ILE V 100 -48.08 -33.99 -80.69
N GLN V 101 -46.77 -34.00 -80.91
CA GLN V 101 -46.06 -35.21 -81.29
C GLN V 101 -46.02 -36.20 -80.13
N GLY V 102 -45.39 -37.35 -80.36
CA GLY V 102 -45.25 -38.39 -79.33
C GLY V 102 -44.92 -37.84 -77.94
N MET V 111 -50.95 -38.92 -64.36
CA MET V 111 -50.82 -37.78 -63.47
C MET V 111 -50.01 -36.61 -64.07
N LYS V 112 -49.67 -36.73 -65.36
CA LYS V 112 -49.31 -35.55 -66.19
C LYS V 112 -50.42 -34.48 -66.14
N GLU V 113 -51.67 -34.94 -65.97
CA GLU V 113 -52.84 -34.08 -65.70
C GLU V 113 -52.74 -33.39 -64.33
N ASP V 114 -52.42 -34.17 -63.30
CA ASP V 114 -52.14 -33.64 -61.96
C ASP V 114 -51.09 -32.55 -61.96
N SER V 115 -50.04 -32.75 -62.77
CA SER V 115 -48.98 -31.77 -62.92
C SER V 115 -49.47 -30.47 -63.52
N ILE V 116 -50.22 -30.59 -64.60
CA ILE V 116 -50.81 -29.44 -65.28
C ILE V 116 -51.81 -28.72 -64.37
N LEU V 117 -52.63 -29.49 -63.69
CA LEU V 117 -53.57 -28.95 -62.70
C LEU V 117 -52.86 -28.12 -61.66
N ALA V 118 -51.73 -28.63 -61.15
CA ALA V 118 -50.93 -27.94 -60.14
C ALA V 118 -50.44 -26.57 -60.63
N VAL V 119 -49.99 -26.53 -61.88
CA VAL V 119 -49.52 -25.28 -62.46
C VAL V 119 -50.65 -24.27 -62.55
N ARG V 120 -51.79 -24.74 -63.04
CA ARG V 120 -52.93 -23.88 -63.20
C ARG V 120 -53.42 -23.30 -61.87
N LYS V 121 -53.51 -24.14 -60.86
CA LYS V 121 -53.85 -23.67 -59.52
C LYS V 121 -52.87 -22.60 -59.02
N TYR V 122 -51.60 -22.80 -59.32
CA TYR V 122 -50.56 -21.83 -58.98
C TYR V 122 -50.87 -20.46 -59.57
N PHE V 123 -51.16 -20.44 -60.86
CA PHE V 123 -51.50 -19.17 -61.50
C PHE V 123 -52.85 -18.60 -61.10
N GLN V 124 -53.74 -19.48 -60.69
CA GLN V 124 -55.00 -19.02 -60.12
C GLN V 124 -54.69 -18.20 -58.87
N ARG V 125 -53.84 -18.75 -58.02
CA ARG V 125 -53.46 -18.08 -56.79
C ARG V 125 -52.85 -16.73 -57.07
N ILE V 126 -52.05 -16.67 -58.12
CA ILE V 126 -51.38 -15.43 -58.50
C ILE V 126 -52.38 -14.38 -58.89
N THR V 127 -53.32 -14.79 -59.73
CA THR V 127 -54.38 -13.92 -60.21
C THR V 127 -55.24 -13.40 -59.07
N LEU V 128 -55.67 -14.29 -58.19
CA LEU V 128 -56.52 -13.89 -57.07
C LEU V 128 -55.77 -12.91 -56.18
N TYR V 129 -54.46 -13.13 -56.02
CA TYR V 129 -53.60 -12.21 -55.27
C TYR V 129 -53.66 -10.80 -55.84
N LEU V 130 -53.68 -10.68 -57.17
CA LEU V 130 -53.70 -9.37 -57.82
C LEU V 130 -55.05 -8.67 -57.72
N LYS V 131 -56.11 -9.43 -57.92
CA LYS V 131 -57.48 -8.95 -57.69
C LYS V 131 -57.64 -8.40 -56.27
N GLU V 132 -57.16 -9.18 -55.30
CA GLU V 132 -57.22 -8.82 -53.88
C GLU V 132 -56.48 -7.50 -53.58
N LYS V 133 -55.30 -7.36 -54.18
CA LYS V 133 -54.45 -6.18 -54.00
C LYS V 133 -54.85 -5.02 -54.91
N LYS V 134 -55.90 -5.22 -55.71
CA LYS V 134 -56.40 -4.23 -56.67
C LYS V 134 -55.30 -3.79 -57.64
N TYR V 135 -54.50 -4.76 -58.08
CA TYR V 135 -53.47 -4.56 -59.09
C TYR V 135 -52.53 -3.41 -58.79
N SER V 136 -52.16 -3.27 -57.52
CA SER V 136 -51.23 -2.20 -57.14
C SER V 136 -49.87 -2.47 -57.77
N PRO V 137 -49.08 -1.40 -57.99
CA PRO V 137 -47.71 -1.53 -58.50
C PRO V 137 -46.88 -2.50 -57.71
N CYS V 138 -47.06 -2.49 -56.40
CA CYS V 138 -46.36 -3.41 -55.50
C CYS V 138 -46.76 -4.85 -55.74
N ALA V 139 -48.06 -5.10 -55.80
CA ALA V 139 -48.58 -6.43 -56.08
C ALA V 139 -47.97 -6.95 -57.37
N TRP V 140 -47.97 -6.07 -58.37
CA TRP V 140 -47.37 -6.39 -59.65
C TRP V 140 -45.89 -6.71 -59.54
N GLU V 141 -45.19 -5.99 -58.68
CA GLU V 141 -43.77 -6.22 -58.51
C GLU V 141 -43.49 -7.56 -57.86
N VAL V 142 -44.24 -7.87 -56.81
CA VAL V 142 -44.20 -9.19 -56.16
C VAL V 142 -44.41 -10.32 -57.17
N VAL V 143 -45.42 -10.16 -58.01
CA VAL V 143 -45.75 -11.18 -58.98
C VAL V 143 -44.62 -11.32 -60.01
N ARG V 144 -44.18 -10.19 -60.55
CA ARG V 144 -43.07 -10.17 -61.49
C ARG V 144 -41.88 -10.93 -60.91
N ALA V 145 -41.54 -10.62 -59.67
CA ALA V 145 -40.40 -11.26 -59.02
C ALA V 145 -40.58 -12.75 -58.86
N GLU V 146 -41.82 -13.18 -58.66
CA GLU V 146 -42.10 -14.59 -58.45
C GLU V 146 -41.90 -15.33 -59.74
N ILE V 147 -42.62 -14.88 -60.76
CA ILE V 147 -42.58 -15.52 -62.06
C ILE V 147 -41.14 -15.62 -62.49
N MET V 148 -40.45 -14.52 -62.31
CA MET V 148 -39.04 -14.44 -62.60
C MET V 148 -38.31 -15.62 -61.96
N ARG V 149 -38.55 -15.82 -60.67
CA ARG V 149 -37.90 -16.90 -59.95
C ARG V 149 -38.40 -18.27 -60.40
N SER V 150 -39.69 -18.46 -60.34
CA SER V 150 -40.27 -19.76 -60.62
C SER V 150 -40.01 -20.17 -62.06
N PHE V 151 -39.83 -19.21 -62.96
CA PHE V 151 -39.45 -19.53 -64.34
C PHE V 151 -38.05 -20.11 -64.41
N SER V 152 -37.12 -19.50 -63.69
CA SER V 152 -35.75 -19.99 -63.64
C SER V 152 -35.72 -21.41 -63.11
N LEU V 153 -36.54 -21.68 -62.11
CA LEU V 153 -36.61 -22.99 -61.51
C LEU V 153 -37.10 -24.01 -62.52
N SER V 154 -38.20 -23.66 -63.21
CA SER V 154 -38.73 -24.46 -64.30
C SER V 154 -37.67 -24.90 -65.30
N THR V 155 -36.75 -24.01 -65.64
CA THR V 155 -35.87 -24.22 -66.78
C THR V 155 -34.42 -24.66 -66.47
N ASN V 156 -34.04 -24.74 -65.19
CA ASN V 156 -32.63 -25.03 -64.84
C ASN V 156 -32.36 -26.25 -63.95
N LEU V 157 -32.57 -27.45 -64.46
CA LEU V 157 -32.07 -28.70 -63.80
C LEU V 157 -31.93 -29.90 -64.78
N GLN V 158 -31.71 -29.62 -66.07
CA GLN V 158 -31.61 -30.68 -67.08
C GLN V 158 -30.54 -30.47 -68.21
N GLU V 159 -29.84 -29.32 -68.25
CA GLU V 159 -28.83 -29.04 -69.30
C GLU V 159 -27.89 -27.82 -69.07
N SER V 160 -26.57 -28.06 -69.11
CA SER V 160 -25.50 -27.02 -69.29
C SER V 160 -24.72 -26.58 -68.02
N LEU V 161 -23.52 -27.16 -67.80
CA LEU V 161 -22.60 -26.70 -66.74
C LEU V 161 -21.65 -25.66 -67.33
N ASP W 1 -30.04 -30.67 -54.00
CA ASP W 1 -30.63 -29.37 -53.57
C ASP W 1 -29.57 -28.45 -52.99
N ILE W 2 -29.94 -27.20 -52.76
CA ILE W 2 -28.96 -26.15 -52.53
C ILE W 2 -28.41 -26.19 -51.12
N GLN W 3 -27.09 -26.35 -51.06
CA GLN W 3 -26.34 -26.43 -49.81
C GLN W 3 -25.53 -25.16 -49.71
N MET W 4 -25.23 -24.74 -48.49
CA MET W 4 -24.39 -23.55 -48.29
C MET W 4 -23.33 -23.73 -47.23
N THR W 5 -22.18 -23.13 -47.50
CA THR W 5 -21.00 -23.25 -46.67
C THR W 5 -20.59 -21.88 -46.20
N GLN W 6 -20.66 -21.66 -44.89
CA GLN W 6 -20.16 -20.43 -44.29
C GLN W 6 -18.69 -20.55 -43.89
N SER W 7 -18.04 -19.39 -43.82
CA SER W 7 -16.64 -19.32 -43.43
C SER W 7 -16.33 -17.93 -42.87
N PRO W 8 -15.64 -17.89 -41.74
CA PRO W 8 -15.09 -19.03 -41.03
C PRO W 8 -16.18 -19.75 -40.22
N SER W 9 -15.87 -20.95 -39.72
CA SER W 9 -16.80 -21.65 -38.85
C SER W 9 -16.89 -20.95 -37.51
N SER W 10 -15.77 -20.35 -37.12
CA SER W 10 -15.58 -19.82 -35.79
C SER W 10 -14.59 -18.66 -35.87
N LEU W 11 -14.75 -17.70 -34.96
CA LEU W 11 -14.15 -16.39 -35.16
C LEU W 11 -14.13 -15.58 -33.89
N SER W 12 -13.03 -14.84 -33.71
CA SER W 12 -12.79 -14.05 -32.51
C SER W 12 -12.31 -12.66 -32.89
N ALA W 13 -12.88 -11.65 -32.23
CA ALA W 13 -12.58 -10.25 -32.54
C ALA W 13 -12.89 -9.33 -31.36
N SER W 14 -12.14 -8.23 -31.28
CA SER W 14 -12.30 -7.28 -30.17
C SER W 14 -13.50 -6.36 -30.43
N VAL W 15 -14.03 -5.74 -29.37
CA VAL W 15 -15.10 -4.78 -29.53
C VAL W 15 -14.63 -3.63 -30.39
N GLY W 16 -15.48 -3.22 -31.34
CA GLY W 16 -15.16 -2.14 -32.25
C GLY W 16 -14.70 -2.66 -33.60
N ASP W 17 -14.17 -3.88 -33.61
CA ASP W 17 -13.63 -4.47 -34.84
C ASP W 17 -14.68 -4.64 -35.90
N ARG W 18 -14.20 -4.69 -37.13
CA ARG W 18 -14.99 -5.01 -38.29
C ARG W 18 -14.94 -6.50 -38.50
N VAL W 19 -16.09 -7.10 -38.73
CA VAL W 19 -16.16 -8.54 -38.86
C VAL W 19 -16.86 -8.91 -40.16
N THR W 20 -16.38 -9.97 -40.79
CA THR W 20 -16.91 -10.42 -42.06
C THR W 20 -17.11 -11.93 -42.09
N ILE W 21 -18.35 -12.32 -42.37
CA ILE W 21 -18.72 -13.71 -42.51
C ILE W 21 -19.17 -13.87 -43.94
N THR W 22 -18.78 -14.95 -44.59
CA THR W 22 -19.25 -15.20 -45.95
C THR W 22 -20.03 -16.49 -45.99
N CYS W 23 -20.87 -16.61 -47.01
CA CYS W 23 -21.76 -17.75 -47.20
C CYS W 23 -21.72 -18.09 -48.67
N ARG W 24 -21.52 -19.37 -48.99
CA ARG W 24 -21.32 -19.80 -50.38
C ARG W 24 -22.34 -20.85 -50.77
N ALA W 25 -23.23 -20.50 -51.69
CA ALA W 25 -24.27 -21.42 -52.13
C ALA W 25 -23.76 -22.34 -53.22
N SER W 26 -24.22 -23.59 -53.19
CA SER W 26 -23.79 -24.60 -54.16
C SER W 26 -24.21 -24.26 -55.60
N GLN W 27 -25.18 -23.34 -55.76
CA GLN W 27 -25.57 -22.80 -57.09
C GLN W 27 -26.27 -21.43 -57.01
N SER W 28 -26.47 -20.68 -58.12
CA SER W 28 -27.10 -19.34 -57.96
C SER W 28 -28.48 -19.37 -57.26
N VAL W 29 -28.62 -18.43 -56.35
CA VAL W 29 -29.77 -18.22 -55.46
C VAL W 29 -30.28 -16.82 -55.84
N SER W 30 -29.84 -16.37 -57.03
CA SER W 30 -30.22 -15.08 -57.57
C SER W 30 -30.83 -15.07 -58.96
N THR W 31 -31.78 -14.12 -59.02
CA THR W 31 -32.36 -13.45 -60.17
C THR W 31 -31.44 -12.27 -60.46
N SER W 32 -31.52 -11.73 -61.67
CA SER W 32 -30.73 -10.55 -62.03
C SER W 32 -31.10 -9.33 -61.16
N SER W 33 -32.28 -9.36 -60.57
CA SER W 33 -32.81 -8.25 -59.76
C SER W 33 -32.79 -8.49 -58.25
N TYR W 34 -32.98 -9.74 -57.80
CA TYR W 34 -32.99 -10.05 -56.35
C TYR W 34 -32.25 -11.32 -55.98
N SER W 35 -31.65 -11.31 -54.79
CA SER W 35 -30.99 -12.47 -54.20
C SER W 35 -31.81 -13.00 -53.01
N TYR W 36 -32.12 -14.28 -53.03
CA TYR W 36 -33.00 -14.87 -52.03
C TYR W 36 -32.20 -15.60 -50.97
N MET W 37 -31.36 -14.84 -50.28
CA MET W 37 -30.50 -15.32 -49.21
C MET W 37 -30.71 -14.40 -48.01
N HIS W 38 -30.87 -14.99 -46.83
CA HIS W 38 -31.11 -14.20 -45.62
C HIS W 38 -30.17 -14.59 -44.49
N TRP W 39 -29.92 -13.67 -43.58
CA TRP W 39 -29.01 -13.91 -42.45
C TRP W 39 -29.73 -13.85 -41.12
N TYR W 40 -29.45 -14.82 -40.24
CA TYR W 40 -30.02 -14.82 -38.89
C TYR W 40 -28.94 -14.76 -37.84
N GLN W 41 -29.35 -14.43 -36.63
CA GLN W 41 -28.48 -14.43 -35.46
C GLN W 41 -29.13 -15.27 -34.38
N GLN W 42 -28.40 -16.24 -33.85
CA GLN W 42 -28.90 -17.05 -32.76
C GLN W 42 -28.02 -16.93 -31.54
N LYS W 43 -28.57 -16.34 -30.50
CA LYS W 43 -27.88 -16.25 -29.22
C LYS W 43 -28.14 -17.55 -28.48
N PRO W 44 -27.21 -17.95 -27.60
CA PRO W 44 -27.33 -19.27 -27.00
C PRO W 44 -28.65 -19.48 -26.23
N GLY W 45 -29.25 -20.63 -26.46
CA GLY W 45 -30.48 -21.02 -25.77
C GLY W 45 -31.69 -20.23 -26.25
N LYS W 46 -31.61 -19.67 -27.45
CA LYS W 46 -32.67 -18.82 -27.96
C LYS W 46 -32.91 -19.09 -29.43
N ALA W 47 -34.12 -18.77 -29.86
CA ALA W 47 -34.49 -18.96 -31.25
C ALA W 47 -33.72 -17.96 -32.09
N PRO W 48 -33.47 -18.29 -33.36
CA PRO W 48 -32.87 -17.34 -34.28
C PRO W 48 -33.67 -16.07 -34.45
N LYS W 49 -33.03 -15.07 -35.01
CA LYS W 49 -33.63 -13.79 -35.22
C LYS W 49 -33.08 -13.26 -36.53
N VAL W 50 -33.98 -12.97 -37.46
CA VAL W 50 -33.56 -12.48 -38.77
C VAL W 50 -32.90 -11.11 -38.62
N LEU W 51 -31.85 -10.89 -39.41
CA LEU W 51 -31.11 -9.63 -39.41
C LEU W 51 -31.18 -8.93 -40.76
N ILE W 52 -30.80 -9.66 -41.80
CA ILE W 52 -30.78 -9.14 -43.15
C ILE W 52 -31.71 -10.03 -43.93
N SER W 53 -32.60 -9.41 -44.70
CA SER W 53 -33.41 -10.16 -45.64
C SER W 53 -33.00 -9.80 -47.06
N TYR W 54 -33.18 -10.75 -47.96
CA TYR W 54 -32.77 -10.66 -49.36
C TYR W 54 -31.39 -10.09 -49.56
N ALA W 55 -30.42 -10.71 -48.90
CA ALA W 55 -28.99 -10.41 -49.08
C ALA W 55 -28.51 -9.09 -48.46
N SER W 56 -29.30 -8.02 -48.56
CA SER W 56 -28.86 -6.69 -48.17
C SER W 56 -29.89 -5.78 -47.53
N ASN W 57 -31.13 -6.25 -47.41
CA ASN W 57 -32.17 -5.44 -46.78
C ASN W 57 -32.13 -5.64 -45.28
N LEU W 58 -31.74 -4.57 -44.58
CA LEU W 58 -31.60 -4.61 -43.14
C LEU W 58 -33.00 -4.61 -42.54
N GLU W 59 -33.27 -5.61 -41.71
CA GLU W 59 -34.59 -5.75 -41.13
C GLU W 59 -34.86 -4.68 -40.08
N SER W 60 -36.15 -4.45 -39.87
CA SER W 60 -36.61 -3.42 -38.97
C SER W 60 -36.14 -3.68 -37.55
N GLY W 61 -35.52 -2.69 -36.92
CA GLY W 61 -35.08 -2.78 -35.53
C GLY W 61 -33.67 -3.28 -35.35
N VAL W 62 -33.06 -3.80 -36.41
CA VAL W 62 -31.68 -4.28 -36.34
C VAL W 62 -30.74 -3.08 -36.37
N PRO W 63 -29.70 -3.08 -35.48
CA PRO W 63 -28.66 -2.05 -35.47
C PRO W 63 -27.93 -1.90 -36.80
N SER W 64 -27.54 -0.66 -37.09
CA SER W 64 -26.99 -0.32 -38.39
C SER W 64 -25.59 -0.91 -38.66
N ARG W 65 -24.86 -1.32 -37.62
CA ARG W 65 -23.56 -1.97 -37.83
C ARG W 65 -23.67 -3.22 -38.69
N PHE W 66 -24.87 -3.81 -38.73
CA PHE W 66 -25.13 -4.99 -39.55
C PHE W 66 -25.44 -4.60 -40.98
N SER W 67 -24.82 -5.31 -41.92
CA SER W 67 -25.10 -5.12 -43.33
C SER W 67 -24.72 -6.38 -44.11
N GLY W 68 -25.39 -6.55 -45.24
CA GLY W 68 -25.17 -7.70 -46.11
C GLY W 68 -24.96 -7.24 -47.53
N SER W 69 -23.99 -7.87 -48.20
CA SER W 69 -23.82 -7.68 -49.63
C SER W 69 -23.75 -9.05 -50.28
N GLY W 70 -23.71 -9.04 -51.60
CA GLY W 70 -23.50 -10.26 -52.38
C GLY W 70 -24.62 -10.56 -53.35
N SER W 71 -24.31 -11.41 -54.33
CA SER W 71 -25.31 -11.94 -55.24
C SER W 71 -24.82 -13.22 -55.89
N GLY W 72 -25.75 -13.94 -56.49
CA GLY W 72 -25.43 -15.19 -57.15
C GLY W 72 -25.23 -16.29 -56.12
N THR W 73 -23.96 -16.66 -55.91
CA THR W 73 -23.62 -17.73 -54.97
C THR W 73 -22.81 -17.25 -53.78
N ASP W 74 -22.24 -16.05 -53.83
CA ASP W 74 -21.32 -15.57 -52.78
C ASP W 74 -21.89 -14.37 -52.03
N PHE W 75 -22.10 -14.55 -50.72
CA PHE W 75 -22.75 -13.54 -49.87
C PHE W 75 -21.95 -13.29 -48.61
N THR W 76 -22.14 -12.10 -48.06
CA THR W 76 -21.32 -11.57 -46.97
C THR W 76 -22.12 -10.80 -45.95
N LEU W 77 -22.11 -11.29 -44.71
CA LEU W 77 -22.57 -10.51 -43.58
C LEU W 77 -21.42 -9.74 -42.94
N THR W 78 -21.64 -8.46 -42.71
CA THR W 78 -20.63 -7.59 -42.13
C THR W 78 -21.12 -6.87 -40.89
N ILE W 79 -20.41 -7.06 -39.78
CA ILE W 79 -20.63 -6.26 -38.59
C ILE W 79 -19.49 -5.26 -38.49
N SER W 80 -19.82 -3.98 -38.67
CA SER W 80 -18.79 -2.96 -38.83
C SER W 80 -18.14 -2.55 -37.51
N SER W 81 -18.88 -2.66 -36.40
CA SER W 81 -18.35 -2.25 -35.09
C SER W 81 -18.82 -3.24 -34.04
N LEU W 82 -18.07 -4.32 -33.90
CA LEU W 82 -18.48 -5.44 -33.06
C LEU W 82 -18.71 -5.04 -31.61
N GLN W 83 -19.81 -5.55 -31.04
CA GLN W 83 -20.22 -5.23 -29.67
C GLN W 83 -20.32 -6.51 -28.86
N PRO W 84 -20.24 -6.39 -27.52
CA PRO W 84 -20.34 -7.57 -26.65
C PRO W 84 -21.63 -8.34 -26.82
N GLU W 85 -22.74 -7.63 -26.98
CA GLU W 85 -24.07 -8.23 -27.17
C GLU W 85 -24.19 -8.98 -28.50
N ASP W 86 -23.22 -8.79 -29.40
CA ASP W 86 -23.22 -9.47 -30.71
C ASP W 86 -22.61 -10.87 -30.68
N PHE W 87 -22.23 -11.31 -29.49
CA PHE W 87 -21.84 -12.71 -29.34
C PHE W 87 -23.04 -13.59 -29.67
N ALA W 88 -22.87 -14.40 -30.72
CA ALA W 88 -23.87 -15.36 -31.17
C ALA W 88 -23.34 -16.20 -32.32
N THR W 89 -24.14 -17.17 -32.76
CA THR W 89 -23.84 -17.89 -33.99
C THR W 89 -24.71 -17.33 -35.10
N TYR W 90 -24.14 -17.20 -36.28
CA TYR W 90 -24.83 -16.57 -37.39
C TYR W 90 -25.01 -17.56 -38.52
N TYR W 91 -26.22 -17.59 -39.08
CA TYR W 91 -26.59 -18.52 -40.13
C TYR W 91 -27.07 -17.77 -41.36
N CYS W 92 -26.85 -18.36 -42.52
CA CYS W 92 -27.48 -17.91 -43.76
C CYS W 92 -28.47 -18.97 -44.16
N GLN W 93 -29.61 -18.56 -44.72
CA GLN W 93 -30.52 -19.48 -45.42
C GLN W 93 -31.07 -18.89 -46.70
N HIS W 94 -31.45 -19.79 -47.61
CA HIS W 94 -32.00 -19.41 -48.88
C HIS W 94 -33.47 -19.76 -49.01
N SER W 95 -34.17 -18.98 -49.83
CA SER W 95 -35.56 -19.25 -50.18
C SER W 95 -35.70 -19.31 -51.70
N TRP W 96 -34.67 -19.88 -52.32
CA TRP W 96 -34.67 -20.24 -53.73
C TRP W 96 -35.26 -21.63 -53.89
N GLY W 97 -36.56 -21.73 -53.67
CA GLY W 97 -37.25 -22.99 -53.79
C GLY W 97 -37.06 -23.90 -52.59
N ILE W 98 -37.18 -25.19 -52.83
CA ILE W 98 -37.32 -26.19 -51.79
C ILE W 98 -36.34 -27.31 -52.02
N PRO W 99 -35.73 -27.83 -50.94
CA PRO W 99 -35.91 -27.45 -49.56
C PRO W 99 -35.14 -26.22 -49.14
N ARG W 100 -35.62 -25.61 -48.07
CA ARG W 100 -34.95 -24.50 -47.46
C ARG W 100 -33.83 -25.08 -46.64
N THR W 101 -32.64 -24.52 -46.81
CA THR W 101 -31.49 -25.01 -46.08
C THR W 101 -30.74 -23.85 -45.49
N PHE W 102 -30.11 -24.12 -44.35
CA PHE W 102 -29.25 -23.14 -43.68
C PHE W 102 -27.78 -23.52 -43.90
N GLY W 103 -26.90 -22.58 -43.60
CA GLY W 103 -25.48 -22.88 -43.53
C GLY W 103 -25.20 -23.52 -42.19
N GLN W 104 -23.97 -23.97 -41.99
CA GLN W 104 -23.58 -24.66 -40.73
C GLN W 104 -23.48 -23.72 -39.55
N GLY W 105 -23.33 -22.43 -39.84
CA GLY W 105 -23.27 -21.41 -38.82
C GLY W 105 -21.84 -20.93 -38.56
N THR W 106 -21.74 -19.72 -38.04
CA THR W 106 -20.46 -19.13 -37.71
C THR W 106 -20.49 -18.56 -36.31
N LYS W 107 -19.75 -19.21 -35.41
CA LYS W 107 -19.61 -18.74 -34.03
C LYS W 107 -18.75 -17.51 -33.94
N VAL W 108 -19.30 -16.46 -33.35
CA VAL W 108 -18.57 -15.21 -33.16
C VAL W 108 -18.39 -14.96 -31.70
N GLU W 109 -17.13 -14.95 -31.27
CA GLU W 109 -16.79 -14.68 -29.88
C GLU W 109 -15.97 -13.40 -29.74
N ILE W 110 -16.18 -12.74 -28.60
CA ILE W 110 -15.64 -11.40 -28.36
C ILE W 110 -14.27 -11.53 -27.69
N LYS W 111 -13.34 -10.68 -28.13
CA LYS W 111 -11.94 -10.72 -27.72
C LYS W 111 -11.61 -9.48 -26.89
N ARG W 112 -11.69 -9.62 -25.55
CA ARG W 112 -11.49 -8.49 -24.63
C ARG W 112 -10.16 -8.59 -23.86
N THR W 113 -9.96 -7.68 -22.91
CA THR W 113 -8.79 -7.74 -22.03
C THR W 113 -8.90 -8.91 -21.06
N VAL W 114 -7.75 -9.39 -20.61
CA VAL W 114 -7.67 -10.57 -19.74
C VAL W 114 -8.14 -10.24 -18.31
N ALA W 115 -8.72 -11.23 -17.63
CA ALA W 115 -9.14 -11.11 -16.22
C ALA W 115 -9.12 -12.47 -15.49
N ALA W 116 -8.55 -12.49 -14.28
CA ALA W 116 -8.38 -13.72 -13.49
C ALA W 116 -9.67 -14.15 -12.76
N PRO W 117 -9.88 -15.47 -12.57
CA PRO W 117 -11.14 -15.99 -12.02
C PRO W 117 -11.28 -15.89 -10.50
N SER W 118 -12.44 -15.44 -10.03
CA SER W 118 -12.79 -15.50 -8.60
C SER W 118 -13.11 -16.94 -8.20
N VAL W 119 -12.19 -17.58 -7.47
CA VAL W 119 -12.30 -18.99 -7.13
C VAL W 119 -12.99 -19.20 -5.77
N PHE W 120 -13.96 -20.12 -5.73
CA PHE W 120 -14.62 -20.58 -4.49
C PHE W 120 -14.57 -22.10 -4.42
N ILE W 121 -14.94 -22.67 -3.26
CA ILE W 121 -15.01 -24.13 -3.11
C ILE W 121 -16.16 -24.56 -2.18
N PHE W 122 -16.90 -25.58 -2.59
CA PHE W 122 -18.08 -26.07 -1.86
C PHE W 122 -17.97 -27.55 -1.52
N PRO W 123 -18.06 -27.89 -0.22
CA PRO W 123 -18.04 -29.29 0.17
C PRO W 123 -19.44 -29.92 -0.01
N PRO W 124 -19.53 -31.25 0.06
CA PRO W 124 -20.84 -31.92 -0.04
C PRO W 124 -21.72 -31.71 1.19
N SER W 125 -23.00 -31.40 0.96
CA SER W 125 -23.97 -31.27 2.04
C SER W 125 -24.18 -32.63 2.74
N ASP W 126 -24.60 -32.59 4.00
CA ASP W 126 -24.67 -33.80 4.81
C ASP W 126 -25.69 -34.82 4.30
N GLU W 127 -26.79 -34.33 3.74
CA GLU W 127 -27.86 -35.22 3.24
C GLU W 127 -27.51 -35.95 1.94
N GLN W 128 -26.47 -35.50 1.24
CA GLN W 128 -25.91 -36.24 0.10
C GLN W 128 -25.08 -37.42 0.59
N LEU W 129 -24.39 -37.21 1.71
CA LEU W 129 -23.55 -38.23 2.32
C LEU W 129 -24.43 -39.32 2.97
N LYS W 130 -25.64 -38.92 3.37
CA LYS W 130 -26.71 -39.88 3.69
C LYS W 130 -26.85 -40.93 2.56
N SER W 131 -27.00 -40.45 1.33
CA SER W 131 -27.02 -41.33 0.15
C SER W 131 -25.58 -41.75 -0.25
N GLY W 132 -25.49 -42.57 -1.29
CA GLY W 132 -24.26 -43.29 -1.61
C GLY W 132 -23.00 -42.52 -1.96
N THR W 133 -23.13 -41.25 -2.31
CA THR W 133 -22.01 -40.50 -2.88
C THR W 133 -21.63 -39.21 -2.14
N ALA W 134 -20.48 -38.66 -2.54
CA ALA W 134 -19.97 -37.37 -2.07
C ALA W 134 -19.31 -36.62 -3.23
N SER W 135 -19.77 -35.39 -3.49
CA SER W 135 -19.31 -34.59 -4.63
C SER W 135 -18.82 -33.20 -4.19
N VAL W 136 -17.66 -32.79 -4.71
CA VAL W 136 -17.03 -31.50 -4.36
C VAL W 136 -16.85 -30.62 -5.59
N VAL W 137 -17.16 -29.34 -5.45
CA VAL W 137 -17.22 -28.40 -6.57
C VAL W 137 -16.23 -27.24 -6.40
N CYS W 138 -15.57 -26.88 -7.51
CA CYS W 138 -14.69 -25.71 -7.54
C CYS W 138 -15.20 -24.76 -8.64
N LEU W 139 -15.46 -23.50 -8.27
CA LEU W 139 -16.13 -22.52 -9.15
C LEU W 139 -15.21 -21.39 -9.56
N LEU W 140 -15.09 -21.14 -10.87
CA LEU W 140 -14.26 -20.06 -11.40
C LEU W 140 -15.14 -18.97 -11.99
N ASN W 141 -15.34 -17.89 -11.25
CA ASN W 141 -16.27 -16.85 -11.66
C ASN W 141 -15.60 -15.75 -12.48
N ASN W 142 -16.13 -15.53 -13.69
CA ASN W 142 -15.80 -14.37 -14.54
C ASN W 142 -14.34 -14.26 -14.97
N PHE W 143 -14.00 -14.94 -16.07
CA PHE W 143 -12.63 -14.91 -16.61
C PHE W 143 -12.57 -15.09 -18.13
N TYR W 144 -11.63 -14.37 -18.74
CA TYR W 144 -11.25 -14.56 -20.14
C TYR W 144 -9.73 -14.71 -20.14
N PRO W 145 -9.15 -15.51 -21.07
CA PRO W 145 -9.76 -16.41 -22.04
C PRO W 145 -10.29 -17.70 -21.41
N ARG W 146 -11.08 -18.44 -22.19
CA ARG W 146 -11.69 -19.69 -21.72
C ARG W 146 -10.63 -20.74 -21.35
N GLU W 147 -9.51 -20.70 -22.07
CA GLU W 147 -8.42 -21.66 -21.91
C GLU W 147 -7.90 -21.64 -20.48
N ALA W 148 -8.38 -22.59 -19.67
CA ALA W 148 -7.90 -22.80 -18.32
C ALA W 148 -7.60 -24.28 -18.11
N LYS W 149 -7.20 -24.65 -16.89
CA LYS W 149 -6.86 -26.02 -16.58
C LYS W 149 -6.98 -26.24 -15.07
N VAL W 150 -8.05 -26.89 -14.64
CA VAL W 150 -8.23 -27.20 -13.23
C VAL W 150 -7.44 -28.47 -12.90
N GLN W 151 -7.07 -28.60 -11.63
CA GLN W 151 -6.37 -29.78 -11.11
C GLN W 151 -6.91 -30.09 -9.71
N TRP W 152 -7.41 -31.31 -9.51
CA TRP W 152 -8.00 -31.70 -8.23
C TRP W 152 -6.97 -32.36 -7.30
N LYS W 153 -6.85 -31.83 -6.08
CA LYS W 153 -5.93 -32.38 -5.08
C LYS W 153 -6.66 -32.86 -3.84
N VAL W 154 -6.29 -34.07 -3.40
CA VAL W 154 -6.76 -34.63 -2.13
C VAL W 154 -5.54 -35.00 -1.30
N ASP W 155 -5.39 -34.36 -0.15
CA ASP W 155 -4.23 -34.54 0.73
C ASP W 155 -2.90 -34.38 -0.03
N ASN W 156 -2.93 -33.51 -1.05
CA ASN W 156 -1.77 -33.18 -1.87
C ASN W 156 -1.41 -34.20 -2.97
N ALA W 157 -2.26 -35.19 -3.21
CA ALA W 157 -2.09 -36.11 -4.34
C ALA W 157 -3.07 -35.75 -5.47
N LEU W 158 -2.57 -35.72 -6.71
CA LEU W 158 -3.39 -35.35 -7.88
C LEU W 158 -4.41 -36.43 -8.20
N GLN W 159 -5.44 -36.05 -8.96
CA GLN W 159 -6.53 -36.95 -9.32
C GLN W 159 -6.74 -36.93 -10.82
N SER W 160 -7.44 -37.95 -11.33
CA SER W 160 -7.82 -37.99 -12.75
C SER W 160 -8.77 -39.14 -13.07
N GLY W 161 -9.57 -38.95 -14.11
CA GLY W 161 -10.57 -39.94 -14.55
C GLY W 161 -11.91 -39.83 -13.86
N ASN W 162 -11.93 -39.19 -12.69
CA ASN W 162 -13.08 -39.18 -11.80
C ASN W 162 -13.69 -37.78 -11.63
N SER W 163 -13.57 -36.97 -12.68
CA SER W 163 -14.14 -35.62 -12.66
C SER W 163 -14.63 -35.20 -14.05
N GLN W 164 -15.50 -34.19 -14.09
CA GLN W 164 -16.01 -33.62 -15.33
C GLN W 164 -16.32 -32.14 -15.13
N GLU W 165 -16.17 -31.35 -16.19
CA GLU W 165 -16.35 -29.91 -16.09
C GLU W 165 -17.42 -29.38 -17.05
N SER W 166 -17.90 -28.18 -16.77
CA SER W 166 -18.86 -27.49 -17.63
C SER W 166 -18.51 -26.02 -17.70
N VAL W 167 -18.80 -25.41 -18.85
CA VAL W 167 -18.41 -24.02 -19.11
C VAL W 167 -19.59 -23.20 -19.64
N THR W 168 -19.94 -22.11 -18.96
CA THR W 168 -21.00 -21.24 -19.47
C THR W 168 -20.62 -20.68 -20.83
N GLU W 169 -21.63 -20.31 -21.59
CA GLU W 169 -21.43 -19.56 -22.81
C GLU W 169 -20.92 -18.19 -22.41
N GLN W 170 -20.25 -17.51 -23.33
CA GLN W 170 -19.77 -16.16 -23.08
C GLN W 170 -20.91 -15.21 -22.73
N ASP W 171 -20.65 -14.30 -21.80
CA ASP W 171 -21.63 -13.29 -21.41
C ASP W 171 -21.74 -12.23 -22.50
N SER W 172 -22.88 -11.53 -22.54
CA SER W 172 -23.15 -10.54 -23.57
C SER W 172 -23.20 -9.08 -23.07
N LYS W 173 -22.78 -8.86 -21.84
CA LYS W 173 -22.57 -7.50 -21.32
C LYS W 173 -21.12 -7.22 -20.95
N ASP W 174 -20.38 -8.23 -20.47
CA ASP W 174 -18.95 -8.07 -20.14
C ASP W 174 -18.00 -9.09 -20.79
N SER W 175 -18.55 -10.14 -21.40
CA SER W 175 -17.81 -11.08 -22.25
C SER W 175 -16.82 -11.98 -21.49
N THR W 176 -17.31 -12.57 -20.40
CA THR W 176 -16.51 -13.45 -19.54
C THR W 176 -17.11 -14.86 -19.46
N TYR W 177 -16.25 -15.86 -19.36
CA TYR W 177 -16.68 -17.24 -19.16
C TYR W 177 -16.62 -17.60 -17.68
N SER W 178 -17.48 -18.51 -17.25
CA SER W 178 -17.38 -19.12 -15.93
C SER W 178 -17.39 -20.63 -16.11
N LEU W 179 -16.77 -21.35 -15.18
CA LEU W 179 -16.60 -22.81 -15.30
C LEU W 179 -16.79 -23.49 -13.96
N SER W 180 -17.17 -24.77 -13.99
CA SER W 180 -17.32 -25.56 -12.76
C SER W 180 -16.94 -27.02 -12.99
N SER W 181 -15.94 -27.50 -12.25
CA SER W 181 -15.50 -28.90 -12.29
C SER W 181 -16.16 -29.68 -11.18
N THR W 182 -16.43 -30.96 -11.41
CA THR W 182 -17.05 -31.82 -10.40
C THR W 182 -16.32 -33.15 -10.29
N LEU W 183 -16.00 -33.52 -9.04
CA LEU W 183 -15.22 -34.71 -8.71
C LEU W 183 -16.08 -35.69 -7.88
N THR W 184 -16.17 -36.94 -8.34
CA THR W 184 -17.12 -37.93 -7.78
C THR W 184 -16.45 -39.20 -7.26
N LEU W 185 -16.96 -39.70 -6.12
CA LEU W 185 -16.40 -40.87 -5.42
C LEU W 185 -17.53 -41.78 -4.87
N SER W 186 -17.25 -42.47 -3.77
CA SER W 186 -18.28 -42.98 -2.88
C SER W 186 -18.16 -42.26 -1.53
N LYS W 187 -19.25 -42.21 -0.77
CA LYS W 187 -19.27 -41.64 0.59
C LYS W 187 -18.14 -42.21 1.48
N ALA W 188 -17.79 -43.47 1.26
CA ALA W 188 -16.68 -44.12 1.96
C ALA W 188 -15.32 -43.57 1.54
N ASP W 189 -15.04 -43.64 0.23
CA ASP W 189 -13.79 -43.12 -0.34
C ASP W 189 -13.57 -41.62 -0.04
N TYR W 190 -14.64 -40.92 0.30
CA TYR W 190 -14.57 -39.53 0.77
C TYR W 190 -14.14 -39.48 2.23
N GLU W 191 -14.84 -40.26 3.06
CA GLU W 191 -14.59 -40.31 4.50
C GLU W 191 -13.40 -41.20 4.89
N LYS W 192 -12.41 -41.29 4.00
CA LYS W 192 -11.09 -41.85 4.33
C LYS W 192 -10.02 -40.77 4.11
N HIS W 193 -10.41 -39.51 4.10
CA HIS W 193 -9.50 -38.39 3.83
C HIS W 193 -9.95 -37.11 4.57
N LYS W 194 -9.14 -36.06 4.50
CA LYS W 194 -9.37 -34.83 5.26
C LYS W 194 -9.17 -33.54 4.46
N VAL W 195 -7.98 -33.40 3.86
CA VAL W 195 -7.63 -32.21 3.07
C VAL W 195 -8.13 -32.34 1.62
N TYR W 196 -8.77 -31.27 1.12
CA TYR W 196 -9.26 -31.22 -0.27
C TYR W 196 -8.91 -29.86 -0.87
N ALA W 197 -8.31 -29.88 -2.07
CA ALA W 197 -7.84 -28.66 -2.71
C ALA W 197 -8.02 -28.69 -4.23
N CYS W 198 -8.52 -27.59 -4.78
CA CYS W 198 -8.56 -27.43 -6.23
C CYS W 198 -7.64 -26.27 -6.62
N GLU W 199 -6.71 -26.55 -7.54
CA GLU W 199 -5.67 -25.59 -7.96
C GLU W 199 -5.86 -25.17 -9.42
N VAL W 200 -5.95 -23.86 -9.65
CA VAL W 200 -6.27 -23.28 -10.96
C VAL W 200 -5.00 -22.88 -11.75
N THR W 201 -5.03 -23.04 -13.08
CA THR W 201 -3.98 -22.56 -13.98
C THR W 201 -4.59 -21.64 -15.03
N HIS W 202 -3.93 -20.52 -15.29
CA HIS W 202 -4.48 -19.49 -16.16
C HIS W 202 -3.41 -18.47 -16.49
N GLN W 203 -3.66 -17.71 -17.56
CA GLN W 203 -2.80 -16.59 -17.92
C GLN W 203 -3.02 -15.41 -16.96
N GLY W 204 -4.27 -15.19 -16.57
CA GLY W 204 -4.61 -14.16 -15.59
C GLY W 204 -4.03 -14.36 -14.20
N LEU W 205 -3.65 -15.61 -13.89
CA LEU W 205 -2.93 -15.92 -12.66
C LEU W 205 -1.43 -16.06 -12.92
N SER W 206 -0.64 -15.32 -12.14
CA SER W 206 0.82 -15.31 -12.27
C SER W 206 1.41 -16.70 -12.07
N SER W 207 1.09 -17.30 -10.93
CA SER W 207 1.27 -18.72 -10.72
C SER W 207 -0.01 -19.25 -10.08
N PRO W 208 -0.29 -20.56 -10.21
CA PRO W 208 -1.52 -21.18 -9.71
C PRO W 208 -2.01 -20.71 -8.32
N VAL W 209 -3.33 -20.60 -8.15
CA VAL W 209 -3.96 -20.15 -6.89
C VAL W 209 -4.98 -21.21 -6.39
N THR W 210 -4.72 -21.76 -5.20
CA THR W 210 -5.51 -22.85 -4.63
C THR W 210 -6.54 -22.34 -3.61
N LYS W 211 -7.73 -22.93 -3.63
CA LYS W 211 -8.70 -22.80 -2.53
C LYS W 211 -8.96 -24.18 -1.94
N SER W 212 -9.22 -24.24 -0.64
CA SER W 212 -9.36 -25.52 0.07
C SER W 212 -10.12 -25.45 1.40
N PHE W 213 -10.56 -26.62 1.85
CA PHE W 213 -11.24 -26.76 3.12
C PHE W 213 -10.84 -28.09 3.73
N ASN W 214 -11.01 -28.22 5.05
CA ASN W 214 -10.76 -29.48 5.75
C ASN W 214 -12.07 -30.16 6.13
N ARG W 215 -12.03 -31.49 6.26
CA ARG W 215 -13.24 -32.29 6.49
C ARG W 215 -13.74 -32.12 7.93
N GLY W 216 -15.05 -31.88 8.08
CA GLY W 216 -15.64 -31.45 9.35
C GLY W 216 -16.20 -30.02 9.27
N GLU W 217 -15.59 -29.20 8.41
CA GLU W 217 -16.00 -27.83 8.18
C GLU W 217 -16.31 -27.62 6.70
N GLU X 1 -50.21 -9.16 -30.81
CA GLU X 1 -48.80 -9.55 -30.57
C GLU X 1 -48.61 -11.03 -30.88
N VAL X 2 -47.79 -11.31 -31.89
CA VAL X 2 -47.68 -12.67 -32.43
C VAL X 2 -46.97 -13.56 -31.42
N GLN X 3 -47.46 -14.79 -31.32
CA GLN X 3 -46.95 -15.71 -30.33
C GLN X 3 -47.17 -17.15 -30.75
N LEU X 4 -46.08 -17.91 -30.77
CA LEU X 4 -46.08 -19.31 -31.18
C LEU X 4 -45.65 -20.14 -30.00
N VAL X 5 -46.46 -21.14 -29.68
CA VAL X 5 -46.24 -21.94 -28.48
C VAL X 5 -46.25 -23.41 -28.81
N GLU X 6 -45.08 -24.00 -28.92
CA GLU X 6 -44.98 -25.42 -29.19
C GLU X 6 -45.02 -26.18 -27.86
N SER X 7 -45.60 -27.37 -27.91
CA SER X 7 -45.73 -28.24 -26.74
C SER X 7 -45.84 -29.70 -27.20
N GLY X 8 -45.73 -30.62 -26.24
CA GLY X 8 -45.77 -32.05 -26.54
C GLY X 8 -44.40 -32.71 -26.62
N GLY X 9 -43.34 -31.95 -26.36
CA GLY X 9 -41.99 -32.49 -26.33
C GLY X 9 -41.77 -33.39 -25.13
N GLY X 10 -40.68 -34.13 -25.15
CA GLY X 10 -40.34 -35.01 -24.03
C GLY X 10 -39.46 -36.17 -24.44
N LEU X 11 -39.68 -37.31 -23.79
CA LEU X 11 -38.88 -38.51 -23.99
C LEU X 11 -39.69 -39.56 -24.74
N VAL X 12 -39.04 -40.19 -25.71
CA VAL X 12 -39.60 -41.37 -26.37
C VAL X 12 -38.51 -42.36 -26.61
N GLN X 13 -38.88 -43.62 -26.60
CA GLN X 13 -37.91 -44.59 -26.99
C GLN X 13 -37.77 -44.72 -28.49
N PRO X 14 -36.62 -45.25 -28.95
CA PRO X 14 -36.44 -45.37 -30.38
C PRO X 14 -37.51 -46.25 -31.02
N GLY X 15 -37.93 -45.89 -32.22
CA GLY X 15 -39.00 -46.60 -32.89
C GLY X 15 -40.37 -46.11 -32.47
N GLY X 16 -40.42 -45.33 -31.39
CA GLY X 16 -41.67 -44.78 -30.90
C GLY X 16 -42.12 -43.61 -31.73
N SER X 17 -43.24 -43.01 -31.32
CA SER X 17 -43.84 -41.90 -32.05
C SER X 17 -44.22 -40.76 -31.11
N LEU X 18 -44.31 -39.56 -31.67
CA LEU X 18 -44.63 -38.35 -30.90
C LEU X 18 -45.47 -37.38 -31.71
N ARG X 19 -46.22 -36.54 -31.02
CA ARG X 19 -46.96 -35.49 -31.70
C ARG X 19 -46.71 -34.12 -31.07
N LEU X 20 -45.98 -33.30 -31.79
CA LEU X 20 -45.77 -31.91 -31.40
C LEU X 20 -46.90 -31.05 -31.94
N SER X 21 -47.31 -30.09 -31.13
CA SER X 21 -48.35 -29.16 -31.51
C SER X 21 -47.84 -27.75 -31.31
N CYS X 22 -48.30 -26.85 -32.15
CA CYS X 22 -47.92 -25.45 -32.08
C CYS X 22 -49.16 -24.58 -32.09
N ALA X 23 -49.41 -23.90 -30.98
CA ALA X 23 -50.58 -23.06 -30.84
C ALA X 23 -50.17 -21.64 -31.13
N THR X 24 -50.84 -21.01 -32.09
CA THR X 24 -50.50 -19.65 -32.48
C THR X 24 -51.52 -18.65 -31.93
N SER X 25 -51.15 -17.36 -31.96
CA SER X 25 -52.03 -16.29 -31.51
C SER X 25 -51.50 -14.94 -31.94
N GLY X 26 -52.40 -13.97 -32.08
CA GLY X 26 -52.02 -12.56 -32.25
C GLY X 26 -51.90 -12.08 -33.68
N TYR X 27 -52.39 -12.86 -34.64
CA TYR X 27 -52.37 -12.49 -36.07
C TYR X 27 -53.47 -13.27 -36.81
N THR X 28 -53.85 -12.83 -38.00
CA THR X 28 -54.85 -13.56 -38.78
C THR X 28 -54.26 -14.90 -39.25
N PHE X 29 -54.85 -15.98 -38.78
CA PHE X 29 -54.27 -17.32 -38.92
C PHE X 29 -53.82 -17.70 -40.34
N THR X 30 -54.67 -17.40 -41.31
CA THR X 30 -54.44 -17.80 -42.71
C THR X 30 -53.31 -17.02 -43.38
N GLU X 31 -52.81 -15.99 -42.70
CA GLU X 31 -51.83 -15.13 -43.33
C GLU X 31 -50.40 -15.66 -43.27
N TYR X 32 -50.08 -16.48 -42.27
CA TYR X 32 -48.73 -16.99 -42.13
C TYR X 32 -48.65 -18.47 -42.41
N ILE X 33 -47.56 -18.85 -43.06
CA ILE X 33 -47.15 -20.24 -43.21
C ILE X 33 -46.39 -20.68 -41.98
N ILE X 34 -46.78 -21.82 -41.46
CA ILE X 34 -46.18 -22.34 -40.24
C ILE X 34 -45.19 -23.43 -40.61
N HIS X 35 -44.04 -23.37 -39.96
CA HIS X 35 -42.94 -24.28 -40.22
C HIS X 35 -42.54 -25.00 -38.97
N TRP X 36 -41.88 -26.12 -39.16
CA TRP X 36 -41.14 -26.76 -38.09
C TRP X 36 -39.68 -26.79 -38.49
N VAL X 37 -38.84 -26.39 -37.55
CA VAL X 37 -37.41 -26.34 -37.74
C VAL X 37 -36.79 -26.90 -36.50
N ARG X 38 -35.87 -27.85 -36.68
CA ARG X 38 -35.22 -28.45 -35.53
C ARG X 38 -33.73 -28.17 -35.49
N GLN X 39 -33.17 -28.42 -34.32
CA GLN X 39 -31.77 -28.16 -34.04
C GLN X 39 -31.25 -29.17 -33.02
N ALA X 40 -30.40 -30.08 -33.48
CA ALA X 40 -29.74 -31.02 -32.56
C ALA X 40 -28.87 -30.25 -31.57
N PRO X 41 -28.74 -30.76 -30.32
CA PRO X 41 -27.98 -30.01 -29.31
C PRO X 41 -26.52 -29.82 -29.71
N GLY X 42 -26.12 -28.55 -29.76
CA GLY X 42 -24.78 -28.17 -30.23
C GLY X 42 -24.73 -27.93 -31.73
N LYS X 43 -25.62 -28.58 -32.48
CA LYS X 43 -25.55 -28.58 -33.95
C LYS X 43 -26.31 -27.42 -34.57
N GLY X 44 -26.38 -27.43 -35.90
CA GLY X 44 -27.04 -26.39 -36.68
C GLY X 44 -28.53 -26.62 -36.86
N LEU X 45 -29.10 -25.84 -37.75
CA LEU X 45 -30.53 -25.78 -37.94
C LEU X 45 -30.96 -26.60 -39.12
N GLU X 46 -32.11 -27.24 -38.99
CA GLU X 46 -32.61 -28.10 -40.07
C GLU X 46 -34.12 -27.90 -40.25
N TRP X 47 -34.49 -27.52 -41.46
CA TRP X 47 -35.90 -27.35 -41.81
C TRP X 47 -36.56 -28.70 -41.96
N VAL X 48 -37.74 -28.83 -41.37
CA VAL X 48 -38.43 -30.12 -41.39
C VAL X 48 -39.57 -30.10 -42.40
N ALA X 49 -40.54 -29.21 -42.16
CA ALA X 49 -41.74 -29.13 -42.98
C ALA X 49 -42.42 -27.80 -42.80
N SER X 50 -43.31 -27.49 -43.73
CA SER X 50 -44.16 -26.31 -43.66
C SER X 50 -45.53 -26.63 -44.15
N ILE X 51 -46.51 -25.87 -43.64
CA ILE X 51 -47.91 -25.98 -44.06
C ILE X 51 -48.53 -24.59 -44.29
N ASN X 52 -49.35 -24.48 -45.32
CA ASN X 52 -50.01 -23.23 -45.69
C ASN X 52 -51.50 -23.28 -45.41
N PRO X 53 -51.94 -22.57 -44.36
CA PRO X 53 -53.31 -22.64 -43.90
C PRO X 53 -54.29 -21.98 -44.85
N ASP X 54 -53.83 -21.05 -45.67
CA ASP X 54 -54.68 -20.28 -46.56
C ASP X 54 -55.15 -21.19 -47.67
N TYR X 55 -54.17 -21.82 -48.32
CA TYR X 55 -54.44 -22.82 -49.33
C TYR X 55 -54.55 -24.13 -48.56
N ASP X 56 -53.77 -25.13 -48.92
CA ASP X 56 -53.65 -26.29 -48.05
C ASP X 56 -52.34 -27.02 -48.35
N ILE X 57 -51.39 -26.29 -48.89
CA ILE X 57 -50.18 -26.88 -49.41
C ILE X 57 -49.28 -27.24 -48.24
N THR X 58 -48.58 -28.35 -48.38
CA THR X 58 -47.57 -28.74 -47.42
C THR X 58 -46.30 -29.06 -48.15
N ASN X 59 -45.18 -28.92 -47.46
CA ASN X 59 -43.89 -29.25 -48.01
C ASN X 59 -43.06 -29.94 -46.96
N TYR X 60 -42.21 -30.86 -47.42
CA TYR X 60 -41.38 -31.65 -46.53
C TYR X 60 -39.94 -31.66 -46.99
N ASN X 61 -39.05 -31.70 -46.00
CA ASN X 61 -37.68 -32.08 -46.28
C ASN X 61 -37.67 -33.57 -46.58
N GLN X 62 -37.13 -33.95 -47.74
CA GLN X 62 -37.16 -35.35 -48.18
C GLN X 62 -36.67 -36.37 -47.16
N ARG X 63 -35.75 -35.98 -46.29
CA ARG X 63 -35.30 -36.84 -45.19
C ARG X 63 -36.47 -37.40 -44.36
N PHE X 64 -37.47 -36.57 -44.11
CA PHE X 64 -38.57 -36.93 -43.22
C PHE X 64 -39.89 -37.30 -43.93
N LYS X 65 -39.84 -37.44 -45.26
CA LYS X 65 -41.06 -37.66 -46.05
C LYS X 65 -41.88 -38.83 -45.53
N GLY X 66 -41.22 -39.96 -45.29
CA GLY X 66 -41.90 -41.18 -44.84
C GLY X 66 -42.49 -41.10 -43.44
N ARG X 67 -41.76 -40.45 -42.52
CA ARG X 67 -42.02 -40.60 -41.08
C ARG X 67 -42.85 -39.46 -40.47
N PHE X 68 -42.56 -38.23 -40.87
CA PHE X 68 -43.17 -37.06 -40.26
C PHE X 68 -44.37 -36.60 -41.06
N THR X 69 -45.40 -36.13 -40.36
CA THR X 69 -46.57 -35.56 -40.98
C THR X 69 -46.94 -34.25 -40.32
N ILE X 70 -47.06 -33.22 -41.13
CA ILE X 70 -47.50 -31.92 -40.66
C ILE X 70 -48.95 -31.77 -41.07
N SER X 71 -49.73 -31.09 -40.24
CA SER X 71 -51.15 -30.97 -40.44
C SER X 71 -51.63 -29.86 -39.52
N LEU X 72 -52.87 -29.44 -39.66
CA LEU X 72 -53.36 -28.41 -38.76
C LEU X 72 -54.86 -28.43 -38.46
N ASP X 73 -55.22 -27.69 -37.42
CA ASP X 73 -56.60 -27.48 -37.04
C ASP X 73 -56.90 -25.99 -36.94
N LYS X 74 -57.56 -25.48 -37.97
CA LYS X 74 -57.76 -24.05 -38.14
C LYS X 74 -58.60 -23.45 -37.02
N SER X 75 -59.64 -24.16 -36.61
CA SER X 75 -60.47 -23.68 -35.50
C SER X 75 -59.65 -23.51 -34.22
N LYS X 76 -58.71 -24.42 -33.97
CA LYS X 76 -57.85 -24.32 -32.79
C LYS X 76 -56.60 -23.50 -33.03
N ARG X 77 -56.48 -22.86 -34.19
CA ARG X 77 -55.31 -22.09 -34.54
C ARG X 77 -54.04 -22.85 -34.19
N THR X 78 -54.00 -24.12 -34.56
CA THR X 78 -52.94 -24.99 -34.11
C THR X 78 -52.42 -25.86 -35.22
N ALA X 79 -51.09 -25.92 -35.34
CA ALA X 79 -50.40 -26.86 -36.26
C ALA X 79 -49.73 -28.00 -35.49
N TYR X 80 -49.67 -29.16 -36.13
CA TYR X 80 -49.18 -30.37 -35.49
C TYR X 80 -48.09 -31.02 -36.31
N LEU X 81 -47.11 -31.58 -35.63
CA LEU X 81 -46.11 -32.40 -36.30
C LEU X 81 -46.08 -33.79 -35.70
N GLN X 82 -46.57 -34.75 -36.46
CA GLN X 82 -46.59 -36.13 -36.05
C GLN X 82 -45.30 -36.82 -36.49
N MET X 83 -44.53 -37.29 -35.50
CA MET X 83 -43.29 -37.99 -35.78
C MET X 83 -43.41 -39.46 -35.46
N ASN X 84 -42.89 -40.29 -36.37
CA ASN X 84 -42.93 -41.74 -36.24
C ASN X 84 -41.57 -42.39 -36.35
N SER X 85 -41.49 -43.64 -35.92
CA SER X 85 -40.27 -44.45 -36.06
C SER X 85 -39.03 -43.63 -35.72
N LEU X 86 -39.09 -42.97 -34.57
CA LEU X 86 -38.04 -42.04 -34.19
C LEU X 86 -36.72 -42.75 -33.95
N ARG X 87 -35.69 -42.26 -34.61
CA ARG X 87 -34.32 -42.69 -34.41
C ARG X 87 -33.70 -41.81 -33.33
N ALA X 88 -32.51 -42.17 -32.89
CA ALA X 88 -31.79 -41.38 -31.88
C ALA X 88 -31.26 -40.05 -32.45
N GLU X 89 -31.09 -39.98 -33.77
CA GLU X 89 -30.60 -38.76 -34.45
C GLU X 89 -31.70 -37.72 -34.61
N ASP X 90 -32.89 -38.03 -34.11
CA ASP X 90 -34.01 -37.10 -34.17
C ASP X 90 -34.08 -36.27 -32.91
N THR X 91 -33.26 -36.62 -31.92
CA THR X 91 -33.13 -35.82 -30.72
C THR X 91 -32.73 -34.42 -31.09
N ALA X 92 -33.60 -33.47 -30.82
CA ALA X 92 -33.34 -32.07 -31.12
C ALA X 92 -34.37 -31.20 -30.46
N VAL X 93 -34.10 -29.90 -30.45
CA VAL X 93 -35.11 -28.92 -30.07
C VAL X 93 -35.93 -28.64 -31.30
N TYR X 94 -37.23 -28.69 -31.17
CA TYR X 94 -38.10 -28.47 -32.32
C TYR X 94 -38.74 -27.11 -32.20
N TYR X 95 -38.41 -26.24 -33.15
CA TYR X 95 -38.97 -24.92 -33.16
C TYR X 95 -40.16 -24.87 -34.09
N CYS X 96 -41.14 -24.10 -33.67
CA CYS X 96 -42.27 -23.73 -34.47
C CYS X 96 -41.94 -22.33 -34.97
N ALA X 97 -42.01 -22.12 -36.27
CA ALA X 97 -41.69 -20.82 -36.87
C ALA X 97 -42.70 -20.40 -37.92
N SER X 98 -42.80 -19.11 -38.17
CA SER X 98 -43.76 -18.60 -39.15
C SER X 98 -43.13 -17.65 -40.14
N TRP X 99 -43.71 -17.58 -41.30
CA TRP X 99 -43.30 -16.58 -42.26
C TRP X 99 -44.46 -16.21 -43.16
N ILE X 100 -44.35 -15.04 -43.79
CA ILE X 100 -45.23 -14.68 -44.87
C ILE X 100 -44.62 -15.18 -46.17
N SER X 101 -43.32 -14.96 -46.31
CA SER X 101 -42.59 -15.47 -47.45
C SER X 101 -41.09 -15.37 -47.26
N ASP X 102 -40.38 -16.37 -47.78
CA ASP X 102 -38.92 -16.39 -47.91
C ASP X 102 -38.10 -16.53 -46.63
N PHE X 103 -38.40 -15.70 -45.64
CA PHE X 103 -37.65 -15.73 -44.39
C PHE X 103 -38.58 -15.67 -43.20
N PHE X 104 -38.10 -16.18 -42.06
CA PHE X 104 -38.92 -16.36 -40.87
C PHE X 104 -39.10 -15.09 -40.08
N ASP X 105 -40.37 -14.78 -39.81
CA ASP X 105 -40.75 -13.57 -39.07
C ASP X 105 -40.88 -13.83 -37.57
N TYR X 106 -41.28 -15.05 -37.19
CA TYR X 106 -41.54 -15.38 -35.79
C TYR X 106 -41.13 -16.80 -35.43
N TRP X 107 -40.92 -17.03 -34.14
CA TRP X 107 -40.46 -18.30 -33.61
C TRP X 107 -41.11 -18.65 -32.29
N GLY X 108 -41.15 -19.93 -31.98
CA GLY X 108 -41.48 -20.37 -30.64
C GLY X 108 -40.23 -20.34 -29.75
N GLN X 109 -40.38 -20.84 -28.54
CA GLN X 109 -39.27 -20.93 -27.60
C GLN X 109 -38.52 -22.25 -27.82
N GLY X 110 -39.13 -23.17 -28.56
CA GLY X 110 -38.56 -24.49 -28.81
C GLY X 110 -39.04 -25.50 -27.78
N THR X 111 -39.14 -26.76 -28.20
CA THR X 111 -39.54 -27.86 -27.30
C THR X 111 -38.56 -29.01 -27.55
N LEU X 112 -38.02 -29.57 -26.48
CA LEU X 112 -36.98 -30.58 -26.59
C LEU X 112 -37.58 -31.98 -26.71
N VAL X 113 -37.14 -32.68 -27.74
CA VAL X 113 -37.48 -34.07 -27.96
C VAL X 113 -36.24 -34.91 -27.78
N THR X 114 -36.30 -35.87 -26.86
CA THR X 114 -35.19 -36.76 -26.55
C THR X 114 -35.58 -38.20 -26.92
N VAL X 115 -34.85 -38.79 -27.85
CA VAL X 115 -35.09 -40.18 -28.21
C VAL X 115 -34.05 -41.08 -27.52
N SER X 116 -34.50 -41.83 -26.52
CA SER X 116 -33.61 -42.67 -25.75
C SER X 116 -34.35 -43.81 -25.09
N SER X 117 -33.63 -44.92 -24.93
CA SER X 117 -34.16 -46.11 -24.28
C SER X 117 -34.07 -46.02 -22.74
N ALA X 118 -33.37 -45.01 -22.24
CA ALA X 118 -33.40 -44.71 -20.81
C ALA X 118 -34.78 -44.24 -20.47
N SER X 119 -35.29 -44.61 -19.31
CA SER X 119 -36.57 -44.10 -18.86
C SER X 119 -36.33 -42.89 -17.97
N THR X 120 -37.43 -42.26 -17.55
CA THR X 120 -37.38 -40.96 -16.88
C THR X 120 -37.05 -41.05 -15.37
N LYS X 121 -36.30 -40.06 -14.86
CA LYS X 121 -35.95 -39.99 -13.43
C LYS X 121 -35.87 -38.57 -12.88
N GLY X 122 -36.46 -38.37 -11.70
CA GLY X 122 -36.46 -37.08 -11.04
C GLY X 122 -35.16 -36.79 -10.32
N PRO X 123 -34.73 -35.52 -10.30
CA PRO X 123 -33.47 -35.15 -9.68
C PRO X 123 -33.56 -35.08 -8.17
N SER X 124 -32.39 -34.91 -7.55
CA SER X 124 -32.29 -34.46 -6.18
C SER X 124 -31.55 -33.13 -6.19
N VAL X 125 -32.06 -32.15 -5.45
CA VAL X 125 -31.45 -30.82 -5.36
C VAL X 125 -30.69 -30.70 -4.04
N PHE X 126 -29.42 -30.29 -4.10
CA PHE X 126 -28.58 -30.10 -2.91
C PHE X 126 -28.13 -28.64 -2.78
N PRO X 127 -27.97 -28.14 -1.52
CA PRO X 127 -27.34 -26.83 -1.34
C PRO X 127 -25.81 -26.87 -1.47
N LEU X 128 -25.25 -25.74 -1.87
CA LEU X 128 -23.81 -25.52 -1.87
C LEU X 128 -23.58 -24.39 -0.87
N ALA X 129 -23.21 -24.76 0.36
CA ALA X 129 -23.19 -23.82 1.48
C ALA X 129 -21.99 -22.86 1.42
N PRO X 130 -22.24 -21.55 1.63
CA PRO X 130 -21.22 -20.49 1.44
C PRO X 130 -20.09 -20.48 2.48
N SER X 131 -19.16 -19.53 2.33
CA SER X 131 -17.99 -19.41 3.21
C SER X 131 -18.10 -18.23 4.21
N SER X 132 -18.66 -17.10 3.76
CA SER X 132 -18.83 -15.89 4.58
C SER X 132 -17.50 -15.29 5.05
N GLY X 137 -15.69 -11.34 5.52
CA GLY X 137 -16.43 -11.51 4.27
C GLY X 137 -16.41 -10.28 3.39
N GLY X 138 -16.94 -10.41 2.17
CA GLY X 138 -16.99 -9.32 1.20
C GLY X 138 -18.14 -9.48 0.21
N THR X 139 -17.83 -10.10 -0.95
CA THR X 139 -18.87 -10.53 -1.89
C THR X 139 -18.86 -12.06 -1.97
N ALA X 140 -19.93 -12.67 -1.47
CA ALA X 140 -19.98 -14.13 -1.31
C ALA X 140 -20.45 -14.82 -2.58
N ALA X 141 -20.30 -16.15 -2.60
CA ALA X 141 -20.73 -17.00 -3.70
C ALA X 141 -21.37 -18.31 -3.21
N LEU X 142 -22.60 -18.57 -3.64
CA LEU X 142 -23.35 -19.78 -3.26
C LEU X 142 -24.06 -20.36 -4.47
N GLY X 143 -24.76 -21.48 -4.29
CA GLY X 143 -25.56 -22.07 -5.38
C GLY X 143 -26.33 -23.34 -5.04
N CYS X 144 -27.02 -23.88 -6.04
CA CYS X 144 -27.72 -25.16 -5.92
C CYS X 144 -27.03 -26.21 -6.78
N LEU X 145 -27.09 -27.46 -6.34
CA LEU X 145 -26.59 -28.59 -7.11
C LEU X 145 -27.73 -29.55 -7.44
N VAL X 146 -28.02 -29.72 -8.73
CA VAL X 146 -29.06 -30.62 -9.20
C VAL X 146 -28.41 -31.87 -9.80
N LYS X 147 -28.75 -33.05 -9.28
CA LYS X 147 -28.02 -34.27 -9.60
C LYS X 147 -28.93 -35.46 -9.86
N ASP X 148 -28.47 -36.34 -10.74
CA ASP X 148 -29.14 -37.60 -11.07
C ASP X 148 -30.55 -37.40 -11.60
N TYR X 149 -30.63 -36.97 -12.86
CA TYR X 149 -31.91 -36.85 -13.53
C TYR X 149 -31.75 -37.15 -15.02
N PHE X 150 -32.82 -37.67 -15.59
CA PHE X 150 -32.91 -37.82 -17.04
C PHE X 150 -34.37 -37.64 -17.43
N PRO X 151 -34.66 -36.92 -18.52
CA PRO X 151 -33.74 -36.28 -19.46
C PRO X 151 -33.54 -34.81 -19.15
N GLU X 152 -32.93 -34.09 -20.07
CA GLU X 152 -33.02 -32.65 -20.10
C GLU X 152 -34.48 -32.29 -20.37
N PRO X 153 -34.90 -31.06 -20.03
CA PRO X 153 -34.18 -30.02 -19.34
C PRO X 153 -34.61 -29.87 -17.91
N VAL X 154 -33.81 -29.13 -17.15
CA VAL X 154 -34.21 -28.68 -15.83
C VAL X 154 -33.96 -27.17 -15.75
N THR X 155 -34.93 -26.46 -15.18
CA THR X 155 -34.89 -24.98 -15.13
C THR X 155 -34.75 -24.50 -13.69
N VAL X 156 -33.72 -23.69 -13.44
CA VAL X 156 -33.46 -23.14 -12.11
C VAL X 156 -33.61 -21.63 -12.14
N SER X 157 -34.67 -21.15 -11.47
CA SER X 157 -34.82 -19.73 -11.19
C SER X 157 -34.56 -19.51 -9.71
N TRP X 158 -34.13 -18.30 -9.35
CA TRP X 158 -33.86 -17.96 -7.96
C TRP X 158 -34.89 -16.96 -7.48
N ASN X 159 -35.49 -17.26 -6.33
CA ASN X 159 -36.54 -16.42 -5.74
C ASN X 159 -37.71 -16.21 -6.74
N SER X 160 -38.02 -17.26 -7.49
CA SER X 160 -39.08 -17.27 -8.52
C SER X 160 -38.88 -16.28 -9.68
N GLY X 161 -37.64 -16.17 -10.16
CA GLY X 161 -37.31 -15.34 -11.32
C GLY X 161 -36.98 -13.89 -11.02
N ALA X 162 -36.93 -13.54 -9.72
CA ALA X 162 -36.63 -12.17 -9.29
C ALA X 162 -35.14 -11.92 -9.27
N LEU X 163 -34.40 -12.84 -8.67
CA LEU X 163 -32.94 -12.80 -8.68
C LEU X 163 -32.43 -13.41 -9.99
N THR X 164 -32.28 -12.57 -11.01
CA THR X 164 -31.72 -13.02 -12.29
C THR X 164 -30.33 -12.45 -12.54
N SER X 165 -30.01 -11.31 -11.91
CA SER X 165 -28.71 -10.68 -12.09
C SER X 165 -27.64 -11.42 -11.28
N GLY X 166 -26.45 -11.56 -11.87
CA GLY X 166 -25.35 -12.31 -11.26
C GLY X 166 -25.47 -13.83 -11.31
N VAL X 167 -26.64 -14.33 -11.70
CA VAL X 167 -26.97 -15.76 -11.64
C VAL X 167 -26.30 -16.52 -12.78
N HIS X 168 -25.85 -17.74 -12.50
CA HIS X 168 -25.17 -18.57 -13.50
C HIS X 168 -25.64 -20.02 -13.48
N THR X 169 -26.55 -20.34 -14.40
CA THR X 169 -26.93 -21.71 -14.65
C THR X 169 -25.86 -22.33 -15.57
N PHE X 170 -25.23 -23.42 -15.13
CA PHE X 170 -24.17 -24.11 -15.91
C PHE X 170 -24.74 -25.23 -16.79
N PRO X 171 -24.23 -25.37 -18.03
CA PRO X 171 -24.70 -26.46 -18.89
C PRO X 171 -24.59 -27.81 -18.19
N ALA X 172 -25.64 -28.63 -18.31
CA ALA X 172 -25.64 -29.97 -17.71
C ALA X 172 -24.66 -30.87 -18.45
N VAL X 173 -24.01 -31.78 -17.71
CA VAL X 173 -23.05 -32.73 -18.29
C VAL X 173 -23.58 -34.15 -18.15
N LEU X 174 -23.22 -35.00 -19.11
CA LEU X 174 -23.63 -36.38 -19.08
C LEU X 174 -22.65 -37.19 -18.25
N GLN X 175 -23.11 -37.63 -17.08
CA GLN X 175 -22.28 -38.45 -16.20
C GLN X 175 -22.02 -39.80 -16.85
N SER X 176 -20.94 -40.44 -16.41
CA SER X 176 -20.61 -41.81 -16.80
C SER X 176 -21.78 -42.74 -16.53
N SER X 177 -22.60 -42.40 -15.53
CA SER X 177 -23.80 -43.16 -15.21
C SER X 177 -24.96 -42.93 -16.18
N GLY X 178 -24.77 -42.09 -17.20
CA GLY X 178 -25.83 -41.82 -18.18
C GLY X 178 -26.94 -40.89 -17.70
N LEU X 179 -26.74 -40.28 -16.52
CA LEU X 179 -27.65 -39.28 -15.98
C LEU X 179 -27.03 -37.89 -16.07
N TYR X 180 -27.87 -36.88 -16.19
CA TYR X 180 -27.40 -35.51 -16.23
C TYR X 180 -27.17 -35.00 -14.83
N SER X 181 -26.25 -34.05 -14.70
CA SER X 181 -26.00 -33.42 -13.42
C SER X 181 -25.43 -32.02 -13.63
N LEU X 182 -26.04 -31.05 -12.95
CA LEU X 182 -25.87 -29.64 -13.28
C LEU X 182 -25.71 -28.81 -12.02
N SER X 183 -25.14 -27.61 -12.14
CA SER X 183 -25.07 -26.67 -11.03
C SER X 183 -25.56 -25.28 -11.45
N SER X 184 -26.16 -24.55 -10.51
CA SER X 184 -26.57 -23.17 -10.74
C SER X 184 -26.08 -22.34 -9.56
N VAL X 185 -25.51 -21.17 -9.85
CA VAL X 185 -24.92 -20.30 -8.81
C VAL X 185 -25.34 -18.83 -8.96
N VAL X 186 -24.83 -18.00 -8.05
CA VAL X 186 -25.00 -16.55 -8.07
C VAL X 186 -24.04 -15.97 -7.03
N THR X 187 -23.70 -14.68 -7.14
CA THR X 187 -22.89 -13.98 -6.12
C THR X 187 -23.62 -12.78 -5.52
N VAL X 188 -23.36 -12.51 -4.24
CA VAL X 188 -24.02 -11.42 -3.50
C VAL X 188 -23.04 -10.75 -2.54
N PRO X 189 -23.41 -9.58 -2.00
CA PRO X 189 -22.62 -9.02 -0.88
C PRO X 189 -22.68 -9.95 0.34
N SER X 190 -21.64 -9.95 1.16
CA SER X 190 -21.58 -10.84 2.33
C SER X 190 -22.51 -10.40 3.47
N SER X 191 -22.75 -9.10 3.57
CA SER X 191 -23.61 -8.53 4.64
C SER X 191 -25.02 -9.11 4.64
N SER X 192 -25.51 -9.48 3.45
CA SER X 192 -26.89 -9.98 3.27
C SER X 192 -27.08 -11.44 3.72
N LEU X 193 -26.92 -11.69 5.01
CA LEU X 193 -27.41 -12.93 5.59
C LEU X 193 -28.93 -12.80 5.80
N GLY X 194 -29.44 -11.55 5.80
CA GLY X 194 -30.88 -11.29 5.95
C GLY X 194 -31.38 -9.98 5.33
N THR X 195 -31.86 -10.07 4.09
CA THR X 195 -32.60 -8.98 3.41
C THR X 195 -33.82 -9.58 2.69
N GLN X 196 -33.54 -10.50 1.78
CA GLN X 196 -34.55 -11.36 1.17
C GLN X 196 -33.93 -12.73 0.97
N THR X 197 -34.32 -13.68 1.81
CA THR X 197 -33.88 -15.09 1.76
C THR X 197 -33.60 -15.63 0.35
N TYR X 198 -32.65 -16.56 0.24
CA TYR X 198 -32.20 -17.08 -1.06
C TYR X 198 -32.64 -18.52 -1.36
N ILE X 199 -33.73 -18.62 -2.10
CA ILE X 199 -34.29 -19.90 -2.58
C ILE X 199 -33.95 -20.08 -4.05
N CYS X 200 -33.60 -21.31 -4.45
CA CYS X 200 -33.44 -21.64 -5.87
C CYS X 200 -34.60 -22.54 -6.29
N ASN X 201 -35.18 -22.28 -7.46
CA ASN X 201 -36.41 -22.94 -7.91
C ASN X 201 -36.19 -23.93 -9.03
N VAL X 202 -35.87 -25.16 -8.66
CA VAL X 202 -35.57 -26.22 -9.62
C VAL X 202 -36.85 -26.88 -10.09
N ASN X 203 -37.09 -26.88 -11.40
CA ASN X 203 -38.23 -27.59 -11.96
C ASN X 203 -37.81 -28.52 -13.10
N HIS X 204 -38.10 -29.81 -12.93
CA HIS X 204 -37.83 -30.85 -13.94
C HIS X 204 -39.17 -31.35 -14.48
N LYS X 205 -39.63 -30.72 -15.57
CA LYS X 205 -40.90 -31.04 -16.19
C LYS X 205 -41.11 -32.55 -16.39
N PRO X 206 -40.18 -33.21 -17.10
CA PRO X 206 -40.31 -34.64 -17.42
C PRO X 206 -40.69 -35.58 -16.27
N SER X 207 -40.36 -35.23 -15.03
CA SER X 207 -40.72 -36.06 -13.87
C SER X 207 -41.71 -35.37 -12.93
N ASN X 208 -42.34 -34.29 -13.38
CA ASN X 208 -43.21 -33.47 -12.53
C ASN X 208 -42.56 -33.11 -11.19
N THR X 209 -41.23 -33.13 -11.14
CA THR X 209 -40.49 -32.89 -9.90
C THR X 209 -40.22 -31.40 -9.76
N LYS X 210 -40.98 -30.73 -8.91
CA LYS X 210 -40.82 -29.30 -8.66
C LYS X 210 -40.26 -29.06 -7.26
N VAL X 211 -38.97 -28.73 -7.18
CA VAL X 211 -38.24 -28.60 -5.90
C VAL X 211 -37.73 -27.16 -5.67
N ASP X 212 -37.88 -26.67 -4.44
CA ASP X 212 -37.35 -25.38 -4.02
C ASP X 212 -36.41 -25.57 -2.82
N LYS X 213 -35.12 -25.33 -3.02
CA LYS X 213 -34.13 -25.52 -1.95
C LYS X 213 -33.68 -24.19 -1.35
N LYS X 214 -34.00 -24.01 -0.07
CA LYS X 214 -33.57 -22.86 0.70
C LYS X 214 -32.14 -23.09 1.19
N VAL X 215 -31.20 -22.31 0.65
CA VAL X 215 -29.79 -22.40 1.04
C VAL X 215 -29.54 -21.39 2.16
N GLU X 216 -28.64 -21.72 3.09
CA GLU X 216 -28.36 -20.89 4.27
C GLU X 216 -26.88 -20.97 4.72
N PRO X 217 -26.40 -19.94 5.46
CA PRO X 217 -24.99 -19.90 5.88
C PRO X 217 -24.69 -20.86 7.03
#